data_3VD7
#
_entry.id   3VD7
#
_cell.length_a   128.460
_cell.length_b   152.370
_cell.length_c   135.110
_cell.angle_alpha   90.00
_cell.angle_beta   104.25
_cell.angle_gamma   90.00
#
_symmetry.space_group_name_H-M   'P 1 21 1'
#
loop_
_entity.id
_entity.type
_entity.pdbx_description
1 polymer Beta-galactosidase
2 non-polymer '(5R, 6S, 7S, 8S)-5-HYDROXYMETHYL-6,7,8-TRIHYDROXY-TETRAZOLO[1,5-A]PIPERIDINE'
3 non-polymer 'MAGNESIUM ION'
4 non-polymer 'SODIUM ION'
5 non-polymer 'DIMETHYL SULFOXIDE'
6 water water
#
_entity_poly.entity_id   1
_entity_poly.type   'polypeptide(L)'
_entity_poly.pdbx_seq_one_letter_code
;MGGSHHHHHHGMASMTGGQQMGRDLYDDDDKDPMIDPVVLQRRDWENPGVTQLNRLAAHPPFASWRNSEEARTDRPSQQL
RSLNGEWRFAWFPAPEAVPESWLECDLPEADTVVVPSNWQMHGYDAPIYTNVTYPITVNPPFVPTENPTGCYSLTFNVDE
SWLQEGQTRIIFDGVNSAFHLWCNGRWVGYGQDSRLPSEFDLSAFLRAGENRLAVMVLRWSDGSYLEDQDMWRMSGIFRD
VSLLHKPTTQISDFHVATRFNDDFSRAVLEAEVQMCGELRDYLRVTVSLWQGETQVASGTAPFGGEIIDERGGYADRVTL
RLNVENPKLWSAEIPNLYRAVVELHTADGTLIEAEACDVGFREVRIENGLLLLNGKPLLIRGVNRHEHHPLHGQVMDEQT
MVQDILLMKQNNFNAVRCSHYPNHPLWYTLCDRYGLYVVDEANIETHGMVPMNRLTDDPRWLPAMSERVTRMVQRDRNHP
SVIIWSLGSESGHGANHDALYRWIKSVDPSRPVQYEGGGADTTATDIICPMYARVDEDQPFPAVPKWSIKKWLSLPGETR
PLILCEYAHAMGNSLGGFAKYWQAFRQYPRLQGGFVWDWVDQSLIKYDENGNPWSAYGGDFGDTPNDRQFCMNGLVFADR
TPHPALTEAKHQQQFFQFRLSGQTIEVTSEYLFRHSDNELLHWMVALDGKPLASGEVPLDVAPQGKQLIELPELPQPESA
GQLWLTVRVVQPNATAWSEAGHISAWQQWRLAENLSVTLPAASHAIPHLTTSEMDFCIELGNKRWQFNRQSGFLSQMWIG
DKKQLLTPLRDQFTRAPLDNDIGVSEATRIDPNAWVERWKAAGHYQAEAALLQCTADTLADAVLITTAHAWQHQGKTLFI
SRKTYRIDGSGQMAITVDVEVASDTPHPARIGLNCQLAQVAERVNWLGLGPQENYPDRLTAACFDRWDLPLSDMYTPYVF
PSENGLRCGTRELNYGPHQWRGDFQFNISRYSQQQLMETSHRHLLHAEEGTWLNIDGFHMGIGGDDSWSPSVSAEFQLSA
GRYHYQLVWCQK
;
_entity_poly.pdbx_strand_id   A,B,C,D
#
loop_
_chem_comp.id
_chem_comp.type
_chem_comp.name
_chem_comp.formula
DMS non-polymer 'DIMETHYL SULFOXIDE' 'C2 H6 O S'
GTZ non-polymer '(5R, 6S, 7S, 8S)-5-HYDROXYMETHYL-6,7,8-TRIHYDROXY-TETRAZOLO[1,5-A]PIPERIDINE' 'C6 H10 N4 O4'
MG non-polymer 'MAGNESIUM ION' 'Mg 2'
NA non-polymer 'SODIUM ION' 'Na 1'
#
# COMPACT_ATOMS: atom_id res chain seq x y z
N ARG A 42 -26.36 -27.91 -39.41
CA ARG A 42 -25.73 -27.25 -38.23
C ARG A 42 -25.29 -28.29 -37.21
N ARG A 43 -24.06 -28.19 -36.73
CA ARG A 43 -23.52 -29.17 -35.79
C ARG A 43 -23.09 -28.48 -34.49
N ASP A 44 -24.08 -28.24 -33.64
CA ASP A 44 -23.91 -27.37 -32.46
C ASP A 44 -23.05 -27.96 -31.37
N TRP A 45 -23.02 -29.29 -31.32
CA TRP A 45 -22.17 -30.00 -30.38
C TRP A 45 -20.70 -29.90 -30.74
N GLU A 46 -20.41 -29.50 -31.99
CA GLU A 46 -19.04 -29.29 -32.46
C GLU A 46 -18.76 -27.81 -32.72
N ASN A 47 -19.22 -26.95 -31.79
CA ASN A 47 -19.09 -25.49 -31.90
C ASN A 47 -19.19 -24.82 -30.53
N PRO A 48 -18.05 -24.31 -30.03
CA PRO A 48 -18.08 -23.74 -28.68
C PRO A 48 -18.73 -22.36 -28.64
N GLY A 49 -19.16 -21.86 -29.80
CA GLY A 49 -19.86 -20.58 -29.89
C GLY A 49 -21.30 -20.76 -29.44
N VAL A 50 -21.85 -21.93 -29.73
CA VAL A 50 -23.20 -22.28 -29.32
C VAL A 50 -23.13 -23.19 -28.10
N THR A 51 -23.69 -22.73 -27.00
CA THR A 51 -23.70 -23.46 -25.73
C THR A 51 -25.13 -23.62 -25.21
N GLN A 52 -26.06 -22.99 -25.89
CA GLN A 52 -27.50 -23.15 -25.65
C GLN A 52 -28.26 -22.47 -26.77
N LEU A 53 -29.49 -22.92 -26.99
CA LEU A 53 -30.41 -22.21 -27.85
C LEU A 53 -31.73 -22.15 -27.12
N ASN A 54 -32.31 -20.94 -27.05
CA ASN A 54 -33.57 -20.64 -26.33
C ASN A 54 -33.62 -21.00 -24.85
N ARG A 55 -32.47 -21.17 -24.21
CA ARG A 55 -32.46 -21.46 -22.78
C ARG A 55 -32.85 -20.20 -21.98
N LEU A 56 -33.63 -20.39 -20.92
CA LEU A 56 -33.93 -19.28 -20.01
C LEU A 56 -32.80 -19.01 -19.01
N ALA A 57 -32.69 -17.75 -18.61
CA ALA A 57 -31.71 -17.26 -17.63
C ALA A 57 -31.56 -18.15 -16.40
N ALA A 58 -30.32 -18.29 -15.94
CA ALA A 58 -30.03 -18.96 -14.68
C ALA A 58 -30.56 -18.14 -13.49
N HIS A 59 -30.85 -18.83 -12.39
CA HIS A 59 -31.44 -18.19 -11.22
C HIS A 59 -31.34 -19.09 -9.99
N PRO A 60 -31.55 -18.51 -8.80
CA PRO A 60 -31.65 -19.31 -7.58
C PRO A 60 -32.81 -20.32 -7.69
N PRO A 61 -32.89 -21.30 -6.78
CA PRO A 61 -34.02 -22.25 -6.76
C PRO A 61 -35.41 -21.58 -6.60
N PHE A 62 -36.25 -21.78 -7.62
CA PHE A 62 -37.66 -21.31 -7.63
C PHE A 62 -38.62 -22.46 -7.36
N ALA A 63 -39.77 -22.15 -6.76
CA ALA A 63 -40.82 -23.15 -6.59
C ALA A 63 -42.21 -22.60 -6.90
N SER A 64 -42.28 -21.28 -7.12
CA SER A 64 -43.53 -20.58 -7.41
C SER A 64 -44.72 -20.98 -6.53
N TRP A 65 -44.53 -20.91 -5.21
CA TRP A 65 -45.65 -21.09 -4.29
C TRP A 65 -46.74 -20.05 -4.55
N ARG A 66 -47.97 -20.41 -4.23
CA ARG A 66 -49.06 -19.46 -4.34
C ARG A 66 -49.64 -19.22 -2.97
N ASN A 67 -49.07 -19.90 -1.97
CA ASN A 67 -49.41 -19.70 -0.56
C ASN A 67 -48.13 -19.38 0.22
N SER A 68 -48.16 -18.26 0.92
CA SER A 68 -46.99 -17.78 1.68
C SER A 68 -46.49 -18.78 2.73
N GLU A 69 -47.44 -19.38 3.45
CA GLU A 69 -47.11 -20.34 4.50
C GLU A 69 -46.40 -21.58 3.96
N GLU A 70 -46.81 -22.03 2.77
CA GLU A 70 -46.18 -23.17 2.12
C GLU A 70 -44.74 -22.85 1.75
N ALA A 71 -44.49 -21.60 1.38
CA ALA A 71 -43.16 -21.13 1.10
C ALA A 71 -42.34 -21.04 2.40
N ARG A 72 -42.91 -20.40 3.43
CA ARG A 72 -42.22 -20.28 4.72
C ARG A 72 -41.75 -21.61 5.28
N THR A 73 -42.64 -22.59 5.32
CA THR A 73 -42.32 -23.88 5.93
C THR A 73 -41.52 -24.77 5.00
N ASP A 74 -41.40 -24.35 3.74
CA ASP A 74 -40.68 -25.10 2.69
C ASP A 74 -41.38 -26.42 2.34
N ARG A 75 -42.71 -26.46 2.49
CA ARG A 75 -43.48 -27.63 2.05
C ARG A 75 -43.50 -27.71 0.51
N PRO A 76 -43.82 -28.89 -0.07
CA PRO A 76 -43.80 -29.02 -1.53
C PRO A 76 -44.81 -28.08 -2.21
N SER A 77 -44.54 -27.76 -3.47
CA SER A 77 -45.35 -26.80 -4.21
C SER A 77 -46.08 -27.48 -5.34
N GLN A 78 -47.34 -27.12 -5.50
CA GLN A 78 -48.18 -27.63 -6.59
C GLN A 78 -47.64 -27.19 -7.95
N GLN A 79 -46.88 -26.11 -7.97
CA GLN A 79 -46.44 -25.46 -9.21
C GLN A 79 -45.10 -26.00 -9.68
N LEU A 80 -44.54 -26.91 -8.89
CA LEU A 80 -43.31 -27.60 -9.25
C LEU A 80 -43.52 -29.12 -9.29
N ARG A 81 -43.57 -29.68 -10.50
CA ARG A 81 -43.84 -31.13 -10.69
C ARG A 81 -42.62 -31.90 -11.13
N SER A 82 -42.35 -33.01 -10.43
CA SER A 82 -41.25 -33.89 -10.82
C SER A 82 -41.63 -34.83 -11.97
N LEU A 83 -40.80 -34.83 -13.01
CA LEU A 83 -40.99 -35.73 -14.15
C LEU A 83 -40.11 -36.98 -14.04
N ASN A 84 -39.48 -37.13 -12.88
CA ASN A 84 -38.67 -38.31 -12.59
C ASN A 84 -39.54 -39.57 -12.59
N GLY A 85 -39.00 -40.67 -13.11
CA GLY A 85 -39.74 -41.93 -13.19
C GLY A 85 -39.51 -42.69 -14.47
N GLU A 86 -40.58 -43.29 -15.00
CA GLU A 86 -40.45 -44.19 -16.13
C GLU A 86 -40.54 -43.50 -17.49
N TRP A 87 -39.41 -43.50 -18.18
CA TRP A 87 -39.24 -42.84 -19.47
C TRP A 87 -38.86 -43.87 -20.52
N ARG A 88 -38.96 -43.48 -21.79
CA ARG A 88 -38.61 -44.35 -22.90
C ARG A 88 -37.25 -44.00 -23.49
N PHE A 89 -36.36 -45.00 -23.58
CA PHE A 89 -34.97 -44.79 -24.02
C PHE A 89 -34.52 -45.68 -25.18
N ALA A 90 -33.65 -45.13 -26.02
CA ALA A 90 -33.08 -45.88 -27.15
C ALA A 90 -31.71 -45.33 -27.60
N TRP A 91 -30.67 -46.09 -27.27
CA TRP A 91 -29.29 -45.81 -27.68
C TRP A 91 -29.07 -45.90 -29.19
N PHE A 92 -28.13 -45.11 -29.70
CA PHE A 92 -27.71 -45.17 -31.10
C PHE A 92 -26.19 -44.89 -31.21
N PRO A 93 -25.56 -45.26 -32.36
CA PRO A 93 -24.11 -45.04 -32.48
C PRO A 93 -23.70 -43.60 -32.82
N ALA A 94 -24.61 -42.86 -33.44
CA ALA A 94 -24.39 -41.46 -33.81
C ALA A 94 -25.74 -40.75 -33.85
N PRO A 95 -25.75 -39.40 -33.95
CA PRO A 95 -27.03 -38.70 -34.13
C PRO A 95 -27.65 -38.89 -35.53
N GLU A 96 -26.81 -39.02 -36.56
CA GLU A 96 -27.29 -39.29 -37.92
C GLU A 96 -27.90 -40.68 -38.09
N ALA A 97 -27.98 -41.44 -36.99
CA ALA A 97 -28.58 -42.76 -36.96
C ALA A 97 -29.91 -42.77 -36.21
N VAL A 98 -30.40 -41.59 -35.83
CA VAL A 98 -31.70 -41.47 -35.16
C VAL A 98 -32.76 -41.26 -36.23
N PRO A 99 -33.79 -42.13 -36.26
CA PRO A 99 -34.88 -42.03 -37.25
C PRO A 99 -35.75 -40.79 -37.07
N GLU A 100 -36.05 -40.11 -38.18
CA GLU A 100 -36.81 -38.86 -38.18
C GLU A 100 -38.21 -39.01 -37.56
N SER A 101 -38.59 -40.26 -37.28
CA SER A 101 -39.92 -40.61 -36.78
C SER A 101 -40.03 -40.51 -35.28
N TRP A 102 -38.88 -40.55 -34.62
CA TRP A 102 -38.80 -40.57 -33.16
C TRP A 102 -39.26 -39.26 -32.53
N LEU A 103 -39.19 -38.18 -33.31
CA LEU A 103 -39.76 -36.90 -32.91
C LEU A 103 -41.25 -37.11 -32.70
N GLU A 104 -41.90 -37.63 -33.75
CA GLU A 104 -43.36 -37.74 -33.84
C GLU A 104 -43.97 -38.72 -32.83
N CYS A 105 -43.42 -39.94 -32.78
CA CYS A 105 -43.94 -40.98 -31.89
C CYS A 105 -42.90 -41.97 -31.39
N ASP A 106 -43.28 -42.70 -30.35
CA ASP A 106 -42.39 -43.61 -29.63
C ASP A 106 -41.82 -44.67 -30.56
N LEU A 107 -40.57 -45.04 -30.31
CA LEU A 107 -39.96 -46.15 -31.03
C LEU A 107 -40.34 -47.46 -30.33
N PRO A 108 -40.83 -48.45 -31.11
CA PRO A 108 -41.22 -49.74 -30.52
C PRO A 108 -40.02 -50.47 -29.93
N GLU A 109 -38.87 -50.33 -30.60
CA GLU A 109 -37.60 -50.92 -30.18
C GLU A 109 -37.02 -50.31 -28.87
N ALA A 110 -37.61 -49.20 -28.42
CA ALA A 110 -37.14 -48.50 -27.21
C ALA A 110 -37.45 -49.26 -25.92
N ASP A 111 -36.54 -49.18 -24.95
CA ASP A 111 -36.76 -49.78 -23.63
C ASP A 111 -37.47 -48.78 -22.70
N THR A 112 -38.03 -49.28 -21.59
CA THR A 112 -38.58 -48.39 -20.56
C THR A 112 -37.59 -48.34 -19.40
N VAL A 113 -37.11 -47.15 -19.09
CA VAL A 113 -36.04 -46.98 -18.10
C VAL A 113 -36.31 -45.88 -17.07
N VAL A 114 -35.67 -46.00 -15.91
CA VAL A 114 -35.74 -44.98 -14.86
C VAL A 114 -34.88 -43.75 -15.19
N VAL A 115 -35.48 -42.58 -15.02
CA VAL A 115 -34.81 -41.28 -15.17
C VAL A 115 -35.02 -40.48 -13.87
N PRO A 116 -33.95 -39.94 -13.28
CA PRO A 116 -32.61 -39.78 -13.84
C PRO A 116 -31.75 -41.02 -13.70
N SER A 117 -30.71 -41.08 -14.53
CA SER A 117 -29.74 -42.17 -14.51
C SER A 117 -28.64 -41.93 -15.56
N ASN A 118 -27.58 -42.69 -15.46
CA ASN A 118 -26.56 -42.74 -16.51
C ASN A 118 -26.83 -43.96 -17.39
N TRP A 119 -26.91 -43.77 -18.70
CA TRP A 119 -27.23 -44.91 -19.56
C TRP A 119 -26.15 -46.00 -19.57
N GLN A 120 -24.93 -45.63 -19.17
CA GLN A 120 -23.83 -46.60 -18.96
C GLN A 120 -24.20 -47.58 -17.84
N MET A 121 -24.96 -47.12 -16.86
CA MET A 121 -25.35 -47.95 -15.72
C MET A 121 -26.47 -48.93 -16.09
N HIS A 122 -27.07 -48.70 -17.25
CA HIS A 122 -28.04 -49.60 -17.84
C HIS A 122 -27.38 -50.49 -18.88
N GLY A 123 -26.07 -50.29 -19.05
CA GLY A 123 -25.24 -51.11 -19.91
C GLY A 123 -25.54 -50.99 -21.40
N TYR A 124 -25.73 -49.77 -21.89
CA TYR A 124 -25.91 -49.55 -23.32
C TYR A 124 -24.58 -49.30 -24.02
N ASP A 125 -23.65 -48.70 -23.30
CA ASP A 125 -22.23 -48.72 -23.68
C ASP A 125 -21.35 -48.73 -22.44
N ALA A 126 -20.05 -48.52 -22.64
CA ALA A 126 -19.08 -48.61 -21.56
C ALA A 126 -18.83 -47.27 -20.85
N PRO A 127 -18.83 -47.28 -19.50
CA PRO A 127 -18.27 -46.16 -18.76
C PRO A 127 -16.74 -46.19 -18.82
N ILE A 128 -16.14 -45.09 -19.27
CA ILE A 128 -14.70 -45.01 -19.46
C ILE A 128 -14.08 -44.31 -18.26
N TYR A 129 -13.09 -44.95 -17.63
CA TYR A 129 -12.29 -44.22 -16.66
C TYR A 129 -10.89 -43.83 -17.15
N THR A 130 -10.76 -42.55 -17.49
CA THR A 130 -9.48 -41.94 -17.82
C THR A 130 -9.23 -40.75 -16.91
N ASN A 131 -8.00 -40.64 -16.43
CA ASN A 131 -7.59 -39.51 -15.58
C ASN A 131 -7.30 -38.24 -16.38
N VAL A 132 -6.12 -38.18 -17.00
CA VAL A 132 -5.66 -36.98 -17.67
C VAL A 132 -6.06 -36.95 -19.14
N THR A 133 -5.63 -37.96 -19.90
CA THR A 133 -5.89 -37.99 -21.34
C THR A 133 -7.38 -37.95 -21.61
N TYR A 134 -7.78 -37.18 -22.62
CA TYR A 134 -9.17 -37.08 -23.03
C TYR A 134 -9.68 -38.39 -23.62
N PRO A 135 -10.97 -38.72 -23.36
CA PRO A 135 -11.58 -39.96 -23.84
C PRO A 135 -11.89 -39.95 -25.34
N ILE A 136 -11.68 -38.80 -25.98
CA ILE A 136 -11.83 -38.61 -27.42
C ILE A 136 -10.53 -38.08 -27.99
N THR A 137 -10.39 -38.11 -29.31
CA THR A 137 -9.24 -37.49 -29.97
C THR A 137 -9.20 -35.99 -29.63
N VAL A 138 -8.01 -35.50 -29.27
CA VAL A 138 -7.79 -34.08 -28.94
C VAL A 138 -7.69 -33.23 -30.23
N ASN A 139 -8.84 -32.71 -30.65
CA ASN A 139 -8.95 -31.96 -31.90
C ASN A 139 -10.10 -30.95 -31.79
N PRO A 140 -9.86 -29.84 -31.06
CA PRO A 140 -10.96 -28.90 -30.78
C PRO A 140 -11.40 -28.06 -31.99
N PRO A 141 -12.72 -27.80 -32.10
CA PRO A 141 -13.77 -28.21 -31.18
C PRO A 141 -14.55 -29.46 -31.64
N PHE A 142 -13.87 -30.37 -32.34
CA PHE A 142 -14.51 -31.53 -32.95
C PHE A 142 -14.50 -32.76 -32.05
N VAL A 143 -15.63 -33.45 -32.02
CA VAL A 143 -15.73 -34.73 -31.33
C VAL A 143 -15.85 -35.82 -32.40
N PRO A 144 -15.65 -37.10 -32.02
CA PRO A 144 -15.70 -38.17 -33.02
C PRO A 144 -17.05 -38.30 -33.75
N THR A 145 -17.00 -38.77 -34.99
CA THR A 145 -18.21 -38.99 -35.78
C THR A 145 -19.07 -40.09 -35.16
N GLU A 146 -18.41 -41.09 -34.57
CA GLU A 146 -19.09 -42.15 -33.83
C GLU A 146 -19.39 -41.67 -32.41
N ASN A 147 -20.49 -40.93 -32.28
CA ASN A 147 -20.84 -40.23 -31.05
C ASN A 147 -22.09 -40.85 -30.41
N PRO A 148 -21.90 -41.71 -29.38
CA PRO A 148 -23.01 -42.36 -28.69
C PRO A 148 -24.16 -41.39 -28.37
N THR A 149 -25.33 -41.66 -28.94
CA THR A 149 -26.49 -40.80 -28.79
C THR A 149 -27.61 -41.48 -28.01
N GLY A 150 -28.09 -40.83 -26.95
CA GLY A 150 -29.22 -41.35 -26.19
C GLY A 150 -30.55 -40.70 -26.58
N CYS A 151 -31.55 -41.52 -26.87
CA CYS A 151 -32.87 -41.01 -27.19
C CYS A 151 -33.84 -41.22 -26.05
N TYR A 152 -34.10 -40.14 -25.30
CA TYR A 152 -35.04 -40.12 -24.20
C TYR A 152 -36.36 -39.51 -24.66
N SER A 153 -37.46 -40.07 -24.17
CA SER A 153 -38.79 -39.53 -24.47
C SER A 153 -39.75 -39.87 -23.36
N LEU A 154 -40.75 -39.02 -23.17
CA LEU A 154 -41.76 -39.21 -22.14
C LEU A 154 -43.11 -38.70 -22.63
N THR A 155 -44.14 -39.51 -22.42
CA THR A 155 -45.52 -39.10 -22.69
C THR A 155 -46.11 -38.80 -21.33
N PHE A 156 -46.62 -37.58 -21.17
CA PHE A 156 -47.07 -37.15 -19.85
C PHE A 156 -48.30 -36.28 -19.90
N ASN A 157 -48.88 -36.06 -18.72
CA ASN A 157 -50.10 -35.29 -18.54
C ASN A 157 -49.83 -33.85 -18.07
N VAL A 158 -50.47 -32.90 -18.75
CA VAL A 158 -50.45 -31.49 -18.36
C VAL A 158 -51.88 -31.05 -18.14
N ASP A 159 -52.18 -30.57 -16.93
CA ASP A 159 -53.51 -30.06 -16.60
C ASP A 159 -53.86 -28.81 -17.43
N GLU A 160 -55.15 -28.59 -17.67
CA GLU A 160 -55.62 -27.43 -18.45
C GLU A 160 -55.32 -26.11 -17.73
N SER A 161 -55.45 -26.12 -16.41
CA SER A 161 -55.20 -24.93 -15.59
C SER A 161 -53.87 -24.26 -15.92
N TRP A 162 -52.84 -25.08 -16.12
CA TRP A 162 -51.46 -24.63 -16.42
C TRP A 162 -51.30 -23.94 -17.77
N LEU A 163 -52.20 -24.25 -18.71
CA LEU A 163 -52.09 -23.65 -20.04
C LEU A 163 -52.91 -22.39 -20.21
N GLN A 164 -54.04 -22.30 -19.49
CA GLN A 164 -54.94 -21.15 -19.63
C GLN A 164 -54.23 -19.80 -19.51
N GLU A 165 -53.29 -19.70 -18.55
CA GLU A 165 -52.48 -18.50 -18.35
C GLU A 165 -51.19 -18.79 -17.59
N GLY A 166 -50.21 -17.89 -17.72
CA GLY A 166 -48.94 -18.04 -17.04
C GLY A 166 -47.88 -18.69 -17.90
N GLN A 167 -46.83 -19.16 -17.25
CA GLN A 167 -45.68 -19.66 -17.97
C GLN A 167 -45.30 -21.04 -17.44
N THR A 168 -45.11 -21.98 -18.35
CA THR A 168 -44.75 -23.33 -17.97
C THR A 168 -43.40 -23.66 -18.58
N ARG A 169 -42.47 -24.03 -17.72
CA ARG A 169 -41.11 -24.33 -18.14
C ARG A 169 -40.69 -25.73 -17.71
N ILE A 170 -39.73 -26.29 -18.44
CA ILE A 170 -39.11 -27.55 -18.05
C ILE A 170 -37.70 -27.30 -17.56
N ILE A 171 -37.31 -28.00 -16.50
CA ILE A 171 -35.98 -27.87 -15.93
C ILE A 171 -35.24 -29.19 -16.01
N PHE A 172 -34.11 -29.18 -16.71
CA PHE A 172 -33.19 -30.33 -16.71
C PHE A 172 -32.01 -30.06 -15.80
N ASP A 173 -32.01 -30.67 -14.63
CA ASP A 173 -31.00 -30.39 -13.61
C ASP A 173 -29.59 -30.88 -13.95
N GLY A 174 -29.49 -31.78 -14.92
CA GLY A 174 -28.21 -32.36 -15.34
C GLY A 174 -28.31 -33.29 -16.54
N VAL A 175 -27.68 -32.89 -17.64
CA VAL A 175 -27.73 -33.64 -18.90
C VAL A 175 -26.34 -33.71 -19.50
N ASN A 176 -25.74 -34.90 -19.49
CA ASN A 176 -24.35 -35.08 -19.87
C ASN A 176 -24.25 -35.64 -21.30
N SER A 177 -23.66 -34.91 -22.25
CA SER A 177 -23.03 -33.59 -22.04
C SER A 177 -23.71 -32.45 -22.82
N ALA A 178 -24.61 -32.81 -23.73
CA ALA A 178 -25.37 -31.85 -24.54
C ALA A 178 -26.66 -32.48 -25.09
N PHE A 179 -27.66 -31.65 -25.39
CA PHE A 179 -28.97 -32.15 -25.82
C PHE A 179 -29.84 -31.15 -26.58
N HIS A 180 -30.54 -31.64 -27.60
CA HIS A 180 -31.63 -30.90 -28.25
C HIS A 180 -32.93 -31.35 -27.60
N LEU A 181 -33.91 -30.46 -27.56
CA LEU A 181 -35.17 -30.81 -26.93
C LEU A 181 -36.34 -30.53 -27.84
N TRP A 182 -37.21 -31.52 -27.99
CA TRP A 182 -38.41 -31.39 -28.78
C TRP A 182 -39.63 -31.60 -27.91
N CYS A 183 -40.64 -30.77 -28.12
CA CYS A 183 -41.94 -31.02 -27.51
C CYS A 183 -43.00 -31.22 -28.58
N ASN A 184 -43.77 -32.29 -28.42
CA ASN A 184 -44.83 -32.63 -29.37
C ASN A 184 -44.33 -32.47 -30.81
N GLY A 185 -43.14 -32.97 -31.07
CA GLY A 185 -42.55 -32.96 -32.41
C GLY A 185 -41.88 -31.66 -32.85
N ARG A 186 -42.22 -30.55 -32.19
CA ARG A 186 -41.61 -29.24 -32.52
C ARG A 186 -40.30 -29.02 -31.74
N TRP A 187 -39.35 -28.32 -32.37
CA TRP A 187 -38.06 -28.02 -31.74
C TRP A 187 -38.14 -26.88 -30.71
N VAL A 188 -37.59 -27.13 -29.53
CA VAL A 188 -37.63 -26.15 -28.43
C VAL A 188 -36.31 -25.41 -28.25
N GLY A 189 -35.22 -26.16 -28.10
CA GLY A 189 -33.90 -25.58 -27.84
C GLY A 189 -32.79 -26.57 -27.52
N TYR A 190 -31.58 -26.05 -27.38
CA TYR A 190 -30.34 -26.83 -27.18
C TYR A 190 -29.67 -26.44 -25.86
N GLY A 191 -28.78 -27.29 -25.35
CA GLY A 191 -28.08 -27.01 -24.08
C GLY A 191 -26.75 -27.74 -23.87
N GLN A 192 -25.80 -27.07 -23.22
CA GLN A 192 -24.53 -27.67 -22.79
C GLN A 192 -24.23 -27.35 -21.34
N ASP A 193 -23.03 -27.70 -20.89
CA ASP A 193 -22.66 -27.72 -19.46
C ASP A 193 -23.52 -28.73 -18.71
N SER A 194 -22.98 -29.94 -18.57
CA SER A 194 -23.71 -31.06 -18.00
C SER A 194 -23.99 -30.99 -16.50
N ARG A 195 -23.56 -29.91 -15.84
CA ARG A 195 -23.64 -29.88 -14.38
C ARG A 195 -24.46 -28.74 -13.79
N LEU A 196 -25.22 -28.07 -14.65
CA LEU A 196 -26.14 -26.97 -14.27
C LEU A 196 -27.46 -27.03 -15.05
N PRO A 197 -28.57 -26.67 -14.38
CA PRO A 197 -29.91 -26.81 -14.93
C PRO A 197 -30.18 -25.99 -16.16
N SER A 198 -30.52 -26.64 -17.27
CA SER A 198 -30.96 -25.95 -18.47
C SER A 198 -32.47 -25.93 -18.49
N GLU A 199 -33.04 -24.74 -18.66
CA GLU A 199 -34.48 -24.55 -18.57
C GLU A 199 -35.06 -23.96 -19.86
N PHE A 200 -36.23 -24.45 -20.27
CA PHE A 200 -36.91 -23.93 -21.46
C PHE A 200 -38.39 -23.67 -21.25
N ASP A 201 -38.91 -22.66 -21.96
CA ASP A 201 -40.32 -22.30 -21.94
C ASP A 201 -41.10 -23.19 -22.90
N LEU A 202 -41.98 -24.02 -22.34
CA LEU A 202 -42.82 -24.92 -23.13
C LEU A 202 -44.25 -24.42 -23.34
N SER A 203 -44.53 -23.19 -22.90
CA SER A 203 -45.90 -22.67 -22.82
C SER A 203 -46.62 -22.60 -24.16
N ALA A 204 -45.86 -22.31 -25.22
CA ALA A 204 -46.42 -22.25 -26.57
C ALA A 204 -46.30 -23.61 -27.25
N PHE A 205 -45.70 -24.57 -26.56
CA PHE A 205 -45.46 -25.90 -27.15
C PHE A 205 -46.47 -26.98 -26.71
N LEU A 206 -46.95 -26.89 -25.48
CA LEU A 206 -47.83 -27.90 -24.94
C LEU A 206 -49.28 -27.69 -25.38
N ARG A 207 -50.04 -28.78 -25.37
CA ARG A 207 -51.49 -28.73 -25.53
C ARG A 207 -52.15 -29.46 -24.36
N ALA A 208 -53.45 -29.22 -24.16
CA ALA A 208 -54.20 -29.82 -23.07
C ALA A 208 -54.12 -31.35 -23.08
N GLY A 209 -53.86 -31.94 -21.92
CA GLY A 209 -53.89 -33.40 -21.76
C GLY A 209 -52.57 -34.11 -21.93
N GLU A 210 -52.33 -34.67 -23.11
CA GLU A 210 -51.13 -35.49 -23.33
C GLU A 210 -50.09 -34.86 -24.25
N ASN A 211 -48.85 -34.82 -23.75
CA ASN A 211 -47.72 -34.21 -24.45
C ASN A 211 -46.52 -35.15 -24.52
N ARG A 212 -45.66 -34.95 -25.52
CA ARG A 212 -44.49 -35.81 -25.69
C ARG A 212 -43.16 -35.07 -25.81
N LEU A 213 -42.29 -35.34 -24.84
CA LEU A 213 -40.94 -34.78 -24.82
C LEU A 213 -39.98 -35.69 -25.55
N ALA A 214 -39.14 -35.10 -26.40
CA ALA A 214 -38.07 -35.84 -27.05
C ALA A 214 -36.76 -35.16 -26.72
N VAL A 215 -35.92 -35.87 -25.98
CA VAL A 215 -34.59 -35.40 -25.60
C VAL A 215 -33.53 -36.22 -26.32
N MET A 216 -32.73 -35.58 -27.18
CA MET A 216 -31.60 -36.24 -27.82
C MET A 216 -30.30 -35.85 -27.12
N VAL A 217 -29.78 -36.76 -26.30
CA VAL A 217 -28.61 -36.51 -25.43
C VAL A 217 -27.33 -37.04 -26.05
N LEU A 218 -26.49 -36.14 -26.55
CA LEU A 218 -25.20 -36.50 -27.13
C LEU A 218 -24.13 -36.71 -26.05
N ARG A 219 -23.35 -37.78 -26.17
CA ARG A 219 -22.33 -38.10 -25.18
C ARG A 219 -21.19 -37.09 -25.24
N TRP A 220 -20.64 -36.87 -26.43
CA TRP A 220 -19.55 -35.92 -26.60
C TRP A 220 -20.04 -34.64 -27.26
N SER A 221 -19.42 -33.53 -26.87
CA SER A 221 -19.68 -32.21 -27.45
C SER A 221 -18.48 -31.33 -27.23
N ASP A 222 -18.51 -30.13 -27.80
CA ASP A 222 -17.46 -29.14 -27.60
C ASP A 222 -17.30 -28.87 -26.10
N GLY A 223 -18.40 -29.05 -25.35
CA GLY A 223 -18.40 -28.92 -23.90
C GLY A 223 -17.57 -29.99 -23.20
N SER A 224 -17.43 -31.14 -23.84
CA SER A 224 -16.60 -32.22 -23.31
C SER A 224 -15.14 -31.81 -23.12
N TYR A 225 -14.66 -30.88 -23.93
CA TYR A 225 -13.30 -30.38 -23.80
C TYR A 225 -13.10 -29.66 -22.48
N LEU A 226 -14.17 -29.03 -21.99
CA LEU A 226 -14.12 -28.32 -20.73
C LEU A 226 -14.52 -29.20 -19.56
N GLU A 227 -14.86 -30.46 -19.85
CA GLU A 227 -15.29 -31.40 -18.80
C GLU A 227 -14.40 -32.65 -18.71
N ASP A 228 -13.11 -32.43 -18.42
CA ASP A 228 -12.12 -33.51 -18.41
C ASP A 228 -11.66 -33.85 -16.98
N GLN A 229 -12.61 -33.82 -16.04
CA GLN A 229 -12.37 -34.18 -14.64
C GLN A 229 -11.92 -35.65 -14.47
N ASP A 230 -11.18 -35.93 -13.38
CA ASP A 230 -10.72 -37.29 -13.08
C ASP A 230 -11.86 -38.09 -12.47
N MET A 231 -12.56 -38.81 -13.33
CA MET A 231 -13.77 -39.54 -12.96
C MET A 231 -14.27 -40.40 -14.13
N TRP A 232 -15.21 -41.30 -13.87
CA TRP A 232 -15.89 -42.05 -14.93
C TRP A 232 -16.58 -41.13 -15.94
N ARG A 233 -16.45 -41.45 -17.23
CA ARG A 233 -17.05 -40.65 -18.28
C ARG A 233 -18.38 -41.25 -18.75
N MET A 234 -19.44 -40.91 -18.02
CA MET A 234 -20.78 -41.41 -18.32
C MET A 234 -21.55 -40.37 -19.08
N SER A 235 -22.89 -40.51 -19.12
CA SER A 235 -23.73 -39.59 -19.86
C SER A 235 -25.21 -39.89 -19.68
N GLY A 236 -26.04 -38.97 -20.16
CA GLY A 236 -27.49 -39.11 -20.08
C GLY A 236 -28.10 -38.15 -19.09
N ILE A 237 -29.40 -38.28 -18.87
CA ILE A 237 -30.11 -37.41 -17.96
C ILE A 237 -29.94 -37.93 -16.53
N PHE A 238 -28.99 -37.33 -15.81
CA PHE A 238 -28.59 -37.86 -14.52
C PHE A 238 -29.02 -37.00 -13.33
N ARG A 239 -29.78 -35.94 -13.62
CA ARG A 239 -30.42 -35.16 -12.55
C ARG A 239 -31.89 -34.88 -12.82
N ASP A 240 -32.61 -34.59 -11.74
CA ASP A 240 -34.06 -34.37 -11.75
C ASP A 240 -34.55 -33.59 -12.97
N VAL A 241 -35.56 -34.11 -13.64
CA VAL A 241 -36.29 -33.35 -14.65
C VAL A 241 -37.61 -32.89 -14.03
N SER A 242 -38.08 -31.70 -14.40
CA SER A 242 -39.32 -31.15 -13.80
C SER A 242 -40.02 -30.07 -14.63
N LEU A 243 -41.23 -29.72 -14.21
CA LEU A 243 -41.98 -28.62 -14.77
C LEU A 243 -42.32 -27.59 -13.69
N LEU A 244 -42.04 -26.31 -13.97
CA LEU A 244 -42.36 -25.22 -13.05
C LEU A 244 -43.30 -24.21 -13.69
N HIS A 245 -44.38 -23.92 -12.98
CA HIS A 245 -45.38 -23.00 -13.46
C HIS A 245 -45.26 -21.69 -12.70
N LYS A 246 -44.96 -20.62 -13.44
CA LYS A 246 -44.85 -19.28 -12.88
C LYS A 246 -45.97 -18.44 -13.47
N PRO A 247 -46.48 -17.44 -12.73
CA PRO A 247 -47.44 -16.50 -13.32
C PRO A 247 -46.75 -15.68 -14.41
N THR A 248 -47.50 -14.94 -15.21
CA THR A 248 -46.87 -14.11 -16.27
C THR A 248 -46.14 -12.92 -15.66
N THR A 249 -46.71 -12.37 -14.60
CA THR A 249 -46.05 -11.38 -13.80
C THR A 249 -45.38 -12.18 -12.69
N GLN A 250 -44.05 -12.14 -12.64
CA GLN A 250 -43.28 -13.11 -11.85
C GLN A 250 -42.00 -12.55 -11.28
N ILE A 251 -41.56 -13.14 -10.17
CA ILE A 251 -40.22 -12.97 -9.64
C ILE A 251 -39.24 -13.71 -10.54
N SER A 252 -38.30 -12.99 -11.16
CA SER A 252 -37.37 -13.58 -12.12
C SER A 252 -35.96 -13.72 -11.55
N ASP A 253 -35.73 -13.10 -10.41
CA ASP A 253 -34.46 -13.22 -9.70
C ASP A 253 -34.57 -12.59 -8.32
N PHE A 254 -33.79 -13.10 -7.37
CA PHE A 254 -33.60 -12.43 -6.08
C PHE A 254 -32.25 -12.77 -5.44
N HIS A 255 -31.60 -11.76 -4.86
CA HIS A 255 -30.30 -11.93 -4.21
C HIS A 255 -30.40 -11.51 -2.77
N VAL A 256 -29.80 -12.30 -1.88
CA VAL A 256 -29.75 -11.97 -0.46
C VAL A 256 -28.31 -11.70 -0.02
N ALA A 257 -28.13 -10.65 0.79
CA ALA A 257 -26.84 -10.33 1.34
C ALA A 257 -27.02 -9.86 2.78
N THR A 258 -26.01 -10.12 3.61
CA THR A 258 -26.04 -9.68 5.00
C THR A 258 -24.74 -8.99 5.32
N ARG A 259 -24.84 -7.77 5.86
CA ARG A 259 -23.69 -7.02 6.37
C ARG A 259 -23.81 -6.94 7.87
N PHE A 260 -22.71 -6.55 8.53
CA PHE A 260 -22.64 -6.49 9.99
C PHE A 260 -21.86 -5.30 10.50
N ASN A 261 -22.08 -4.97 11.78
CA ASN A 261 -21.27 -3.99 12.49
C ASN A 261 -19.98 -4.65 12.98
N ASP A 262 -19.14 -3.89 13.68
CA ASP A 262 -17.82 -4.38 14.12
C ASP A 262 -17.80 -5.68 14.94
N ASP A 263 -18.84 -5.93 15.73
CA ASP A 263 -18.83 -7.08 16.65
C ASP A 263 -19.94 -8.09 16.40
N PHE A 264 -20.69 -7.90 15.31
CA PHE A 264 -21.74 -8.83 14.88
C PHE A 264 -22.99 -8.82 15.78
N SER A 265 -23.23 -7.70 16.45
CA SER A 265 -24.46 -7.58 17.22
C SER A 265 -25.57 -6.85 16.43
N ARG A 266 -25.22 -6.31 15.26
CA ARG A 266 -26.20 -5.68 14.37
C ARG A 266 -26.01 -6.15 12.95
N ALA A 267 -27.13 -6.46 12.29
CA ALA A 267 -27.09 -6.90 10.91
C ALA A 267 -28.14 -6.17 10.09
N VAL A 268 -27.82 -5.98 8.82
CA VAL A 268 -28.77 -5.48 7.82
C VAL A 268 -28.79 -6.56 6.74
N LEU A 269 -29.98 -7.09 6.47
CA LEU A 269 -30.18 -8.02 5.38
C LEU A 269 -30.66 -7.21 4.20
N GLU A 270 -30.02 -7.39 3.05
CA GLU A 270 -30.44 -6.76 1.80
C GLU A 270 -30.98 -7.81 0.82
N ALA A 271 -32.20 -7.58 0.31
CA ALA A 271 -32.78 -8.45 -0.71
C ALA A 271 -33.06 -7.67 -1.99
N GLU A 272 -32.37 -8.03 -3.05
CA GLU A 272 -32.64 -7.41 -4.35
C GLU A 272 -33.53 -8.36 -5.10
N VAL A 273 -34.68 -7.83 -5.50
CA VAL A 273 -35.68 -8.63 -6.19
C VAL A 273 -35.94 -8.07 -7.57
N GLN A 274 -35.79 -8.92 -8.59
CA GLN A 274 -36.03 -8.57 -9.99
C GLN A 274 -37.27 -9.29 -10.47
N MET A 275 -37.97 -8.69 -11.44
CA MET A 275 -39.19 -9.28 -11.97
C MET A 275 -39.27 -9.21 -13.50
N CYS A 276 -40.02 -10.15 -14.06
CA CYS A 276 -40.40 -10.12 -15.48
C CYS A 276 -41.87 -9.76 -15.61
N GLY A 277 -42.29 -9.47 -16.85
CA GLY A 277 -43.69 -9.14 -17.11
C GLY A 277 -43.92 -7.64 -17.09
N GLU A 278 -45.20 -7.25 -17.09
CA GLU A 278 -45.56 -5.85 -17.25
C GLU A 278 -45.64 -5.10 -15.92
N LEU A 279 -44.84 -4.04 -15.82
CA LEU A 279 -44.73 -3.22 -14.61
C LEU A 279 -45.99 -2.43 -14.31
N ARG A 280 -46.39 -2.42 -13.05
CA ARG A 280 -47.65 -1.77 -12.64
C ARG A 280 -47.51 -1.03 -11.33
N ASP A 281 -48.18 0.10 -11.24
CA ASP A 281 -48.17 0.94 -10.04
C ASP A 281 -48.65 0.20 -8.77
N TYR A 282 -49.46 -0.83 -8.95
CA TYR A 282 -50.07 -1.54 -7.81
C TYR A 282 -49.16 -2.66 -7.28
N LEU A 283 -48.25 -3.13 -8.12
CA LEU A 283 -47.31 -4.19 -7.75
C LEU A 283 -46.45 -3.80 -6.56
N ARG A 284 -46.18 -4.78 -5.71
CA ARG A 284 -45.42 -4.62 -4.46
C ARG A 284 -44.53 -5.82 -4.23
N VAL A 285 -43.45 -5.64 -3.47
CA VAL A 285 -42.68 -6.78 -2.97
C VAL A 285 -42.55 -6.75 -1.46
N THR A 286 -42.73 -7.91 -0.84
CA THR A 286 -42.50 -8.03 0.57
C THR A 286 -41.45 -9.10 0.84
N VAL A 287 -40.40 -8.73 1.56
CA VAL A 287 -39.45 -9.71 2.04
C VAL A 287 -39.61 -9.74 3.55
N SER A 288 -39.84 -10.92 4.09
CA SER A 288 -40.04 -11.07 5.53
C SER A 288 -39.11 -12.15 6.06
N LEU A 289 -38.53 -11.90 7.23
CA LEU A 289 -37.56 -12.81 7.80
C LEU A 289 -38.07 -13.55 9.03
N TRP A 290 -38.13 -14.88 8.91
CA TRP A 290 -38.64 -15.74 9.97
C TRP A 290 -37.54 -16.56 10.61
N GLN A 291 -37.53 -16.57 11.93
CA GLN A 291 -36.76 -17.53 12.71
C GLN A 291 -37.77 -18.50 13.30
N GLY A 292 -37.85 -19.70 12.71
CA GLY A 292 -38.88 -20.68 13.08
C GLY A 292 -40.27 -20.17 12.74
N GLU A 293 -41.10 -19.96 13.76
CA GLU A 293 -42.47 -19.47 13.58
C GLU A 293 -42.61 -18.02 14.05
N THR A 294 -41.48 -17.36 14.29
CA THR A 294 -41.51 -15.98 14.74
C THR A 294 -41.09 -15.15 13.55
N GLN A 295 -41.73 -14.01 13.35
CA GLN A 295 -41.40 -13.12 12.26
C GLN A 295 -40.57 -12.01 12.87
N VAL A 296 -39.32 -11.89 12.41
CA VAL A 296 -38.35 -11.00 13.05
C VAL A 296 -38.25 -9.61 12.41
N ALA A 297 -38.43 -9.56 11.10
CA ALA A 297 -38.32 -8.30 10.37
C ALA A 297 -39.03 -8.42 9.02
N SER A 298 -39.59 -7.30 8.56
CA SER A 298 -40.42 -7.28 7.35
C SER A 298 -40.29 -5.95 6.63
N GLY A 299 -40.23 -6.02 5.31
CA GLY A 299 -40.17 -4.84 4.46
C GLY A 299 -41.04 -4.98 3.23
N THR A 300 -41.63 -3.86 2.83
CA THR A 300 -42.55 -3.80 1.69
C THR A 300 -42.26 -2.54 0.87
N ALA A 301 -42.13 -2.71 -0.44
CA ALA A 301 -41.91 -1.57 -1.32
C ALA A 301 -42.44 -1.83 -2.73
N PRO A 302 -42.74 -0.73 -3.45
CA PRO A 302 -43.02 -0.87 -4.86
C PRO A 302 -41.72 -1.11 -5.67
N PHE A 303 -41.86 -1.51 -6.93
CA PHE A 303 -40.71 -1.64 -7.82
C PHE A 303 -40.16 -0.30 -8.26
N GLY A 304 -38.83 -0.23 -8.33
CA GLY A 304 -38.13 0.99 -8.72
C GLY A 304 -36.86 1.16 -7.92
N GLY A 305 -35.76 0.60 -8.44
CA GLY A 305 -34.44 0.69 -7.81
C GLY A 305 -33.88 2.09 -7.95
N GLU A 306 -32.89 2.42 -7.13
CA GLU A 306 -32.32 3.78 -7.11
C GLU A 306 -31.65 4.13 -8.43
N ILE A 307 -31.35 5.41 -8.61
CA ILE A 307 -30.66 5.83 -9.82
C ILE A 307 -29.29 5.19 -9.81
N ILE A 308 -28.98 4.41 -10.84
CA ILE A 308 -27.65 3.83 -10.94
C ILE A 308 -26.71 4.56 -11.89
N ASP A 309 -27.25 5.12 -12.97
CA ASP A 309 -26.44 5.92 -13.90
C ASP A 309 -27.24 7.03 -14.60
N GLU A 310 -26.63 7.68 -15.58
CA GLU A 310 -27.25 8.82 -16.27
C GLU A 310 -28.64 8.53 -16.88
N ARG A 311 -28.98 7.26 -17.05
CA ARG A 311 -30.27 6.89 -17.68
C ARG A 311 -31.39 6.51 -16.70
N GLY A 312 -31.19 6.80 -15.42
CA GLY A 312 -32.13 6.39 -14.35
C GLY A 312 -31.67 5.12 -13.64
N GLY A 313 -32.63 4.31 -13.17
CA GLY A 313 -32.33 3.02 -12.53
C GLY A 313 -33.21 1.90 -13.06
N TYR A 314 -33.17 0.74 -12.39
CA TYR A 314 -33.99 -0.43 -12.75
C TYR A 314 -35.44 -0.32 -12.25
N ALA A 315 -36.38 -0.08 -13.16
CA ALA A 315 -37.79 -0.07 -12.81
C ALA A 315 -38.31 -1.49 -12.51
N ASP A 316 -37.62 -2.50 -13.02
CA ASP A 316 -38.01 -3.88 -12.84
C ASP A 316 -37.33 -4.54 -11.63
N ARG A 317 -36.89 -3.73 -10.67
CA ARG A 317 -36.11 -4.19 -9.52
C ARG A 317 -36.43 -3.38 -8.31
N VAL A 318 -36.30 -3.98 -7.14
CA VAL A 318 -36.41 -3.26 -5.89
C VAL A 318 -35.52 -3.97 -4.89
N THR A 319 -34.85 -3.20 -4.04
CA THR A 319 -34.05 -3.76 -2.96
C THR A 319 -34.69 -3.49 -1.61
N LEU A 320 -34.96 -4.55 -0.86
CA LEU A 320 -35.46 -4.41 0.50
C LEU A 320 -34.31 -4.48 1.53
N ARG A 321 -34.36 -3.63 2.55
CA ARG A 321 -33.40 -3.65 3.65
C ARG A 321 -34.13 -3.91 4.97
N LEU A 322 -33.67 -4.88 5.74
CA LEU A 322 -34.28 -5.16 7.04
C LEU A 322 -33.20 -5.19 8.11
N ASN A 323 -33.44 -4.46 9.20
CA ASN A 323 -32.56 -4.48 10.37
C ASN A 323 -32.83 -5.67 11.27
N VAL A 324 -31.76 -6.34 11.69
CA VAL A 324 -31.86 -7.45 12.60
C VAL A 324 -30.89 -7.28 13.76
N GLU A 325 -31.42 -7.13 14.98
CA GLU A 325 -30.60 -6.95 16.18
C GLU A 325 -30.13 -8.29 16.74
N ASN A 326 -28.96 -8.30 17.39
CA ASN A 326 -28.32 -9.53 17.87
C ASN A 326 -28.66 -10.74 17.00
N PRO A 327 -28.21 -10.76 15.73
CA PRO A 327 -28.56 -11.90 14.89
C PRO A 327 -27.83 -13.18 15.28
N LYS A 328 -28.57 -14.30 15.25
CA LYS A 328 -28.01 -15.62 15.46
C LYS A 328 -27.26 -16.01 14.20
N LEU A 329 -25.95 -16.25 14.37
CA LEU A 329 -25.03 -16.36 13.24
C LEU A 329 -24.86 -17.77 12.77
N TRP A 330 -24.44 -17.91 11.52
CA TRP A 330 -24.30 -19.21 10.91
C TRP A 330 -22.83 -19.62 10.89
N SER A 331 -22.62 -20.91 11.09
CA SER A 331 -21.31 -21.51 10.91
C SER A 331 -21.50 -23.02 10.77
N ALA A 332 -20.41 -23.74 10.51
CA ALA A 332 -20.48 -25.19 10.47
C ALA A 332 -20.66 -25.70 11.89
N GLU A 333 -20.20 -24.90 12.84
CA GLU A 333 -20.27 -25.22 14.25
C GLU A 333 -21.71 -25.14 14.72
N ILE A 334 -22.35 -23.99 14.50
CA ILE A 334 -23.76 -23.81 14.82
C ILE A 334 -24.48 -23.16 13.64
N PRO A 335 -25.16 -23.98 12.83
CA PRO A 335 -25.75 -23.50 11.59
C PRO A 335 -27.14 -22.86 11.74
N ASN A 336 -27.25 -21.93 12.69
CA ASN A 336 -28.45 -21.12 12.87
C ASN A 336 -28.89 -20.54 11.55
N LEU A 337 -30.09 -20.91 11.11
CA LEU A 337 -30.67 -20.43 9.85
C LEU A 337 -31.96 -19.64 10.06
N TYR A 338 -32.21 -18.69 9.16
CA TYR A 338 -33.50 -18.01 9.10
C TYR A 338 -34.19 -18.38 7.79
N ARG A 339 -35.45 -17.97 7.63
CA ARG A 339 -36.19 -18.19 6.40
C ARG A 339 -36.69 -16.87 5.80
N ALA A 340 -36.20 -16.56 4.61
CA ALA A 340 -36.64 -15.35 3.91
C ALA A 340 -37.71 -15.71 2.89
N VAL A 341 -38.89 -15.08 3.04
CA VAL A 341 -39.98 -15.25 2.08
C VAL A 341 -40.17 -14.01 1.19
N VAL A 342 -39.99 -14.22 -0.11
CA VAL A 342 -40.13 -13.15 -1.11
C VAL A 342 -41.51 -13.21 -1.80
N GLU A 343 -42.39 -12.27 -1.45
CA GLU A 343 -43.77 -12.25 -1.96
C GLU A 343 -43.99 -11.20 -3.03
N LEU A 344 -44.25 -11.61 -4.27
CA LEU A 344 -44.77 -10.68 -5.26
C LEU A 344 -46.28 -10.58 -5.03
N HIS A 345 -46.80 -9.36 -4.86
CA HIS A 345 -48.22 -9.16 -4.56
C HIS A 345 -48.73 -7.76 -4.88
N THR A 346 -50.04 -7.58 -4.90
CA THR A 346 -50.65 -6.28 -5.17
C THR A 346 -50.80 -5.48 -3.89
N ALA A 347 -50.82 -4.15 -4.01
CA ALA A 347 -51.01 -3.30 -2.84
C ALA A 347 -52.30 -3.72 -2.11
N ASP A 348 -53.35 -3.95 -2.89
CA ASP A 348 -54.69 -4.29 -2.37
C ASP A 348 -54.68 -5.53 -1.48
N GLY A 349 -53.86 -6.53 -1.84
CA GLY A 349 -53.67 -7.72 -1.01
C GLY A 349 -53.56 -9.07 -1.69
N THR A 350 -53.47 -9.11 -3.02
CA THR A 350 -53.47 -10.39 -3.71
C THR A 350 -52.07 -10.96 -3.96
N LEU A 351 -51.77 -12.10 -3.33
CA LEU A 351 -50.50 -12.79 -3.57
C LEU A 351 -50.39 -13.38 -4.97
N ILE A 352 -49.48 -12.82 -5.76
CA ILE A 352 -49.22 -13.32 -7.11
C ILE A 352 -48.35 -14.56 -7.04
N GLU A 353 -47.32 -14.52 -6.19
CA GLU A 353 -46.45 -15.68 -5.96
C GLU A 353 -45.43 -15.45 -4.85
N ALA A 354 -44.92 -16.55 -4.32
CA ALA A 354 -43.90 -16.48 -3.28
C ALA A 354 -42.71 -17.34 -3.64
N GLU A 355 -41.52 -16.77 -3.52
CA GLU A 355 -40.29 -17.54 -3.55
C GLU A 355 -39.67 -17.42 -2.17
N ALA A 356 -38.68 -18.26 -1.88
CA ALA A 356 -37.98 -18.21 -0.59
C ALA A 356 -36.65 -18.96 -0.52
N CYS A 357 -35.93 -18.77 0.59
CA CYS A 357 -34.65 -19.45 0.83
C CYS A 357 -34.27 -19.45 2.32
N ASP A 358 -33.49 -20.45 2.72
CA ASP A 358 -32.85 -20.45 4.03
C ASP A 358 -31.76 -19.39 4.01
N VAL A 359 -31.74 -18.55 5.04
CA VAL A 359 -30.76 -17.48 5.12
C VAL A 359 -29.82 -17.74 6.28
N GLY A 360 -28.52 -17.74 5.98
CA GLY A 360 -27.52 -17.89 7.04
C GLY A 360 -26.73 -16.61 7.23
N PHE A 361 -26.93 -15.96 8.39
CA PHE A 361 -26.18 -14.75 8.73
C PHE A 361 -24.69 -15.03 8.98
N ARG A 362 -23.85 -14.70 8.01
CA ARG A 362 -22.41 -14.88 8.10
C ARG A 362 -21.63 -13.94 7.16
N GLU A 363 -20.44 -13.52 7.59
CA GLU A 363 -19.55 -12.70 6.80
C GLU A 363 -18.26 -13.48 6.57
N VAL A 364 -17.86 -13.61 5.32
CA VAL A 364 -16.60 -14.24 4.96
C VAL A 364 -15.73 -13.20 4.29
N ARG A 365 -14.58 -12.90 4.89
CA ARG A 365 -13.62 -11.98 4.28
C ARG A 365 -12.18 -12.39 4.61
N ILE A 366 -11.26 -12.03 3.71
CA ILE A 366 -9.83 -12.16 3.96
C ILE A 366 -9.34 -10.84 4.52
N GLU A 367 -8.56 -10.90 5.59
CA GLU A 367 -7.99 -9.69 6.17
C GLU A 367 -6.62 -9.98 6.79
N ASN A 368 -5.65 -9.15 6.44
CA ASN A 368 -4.29 -9.27 6.92
C ASN A 368 -3.77 -10.70 6.78
N GLY A 369 -4.03 -11.31 5.64
CA GLY A 369 -3.50 -12.64 5.34
C GLY A 369 -4.33 -13.83 5.83
N LEU A 370 -5.37 -13.58 6.62
CA LEU A 370 -6.19 -14.65 7.17
C LEU A 370 -7.61 -14.68 6.63
N LEU A 371 -8.15 -15.88 6.41
CA LEU A 371 -9.55 -16.03 6.02
C LEU A 371 -10.39 -16.05 7.30
N LEU A 372 -11.39 -15.18 7.35
CA LEU A 372 -12.21 -15.04 8.56
C LEU A 372 -13.67 -15.35 8.31
N LEU A 373 -14.27 -16.07 9.24
CA LEU A 373 -15.72 -16.23 9.24
C LEU A 373 -16.24 -15.55 10.49
N ASN A 374 -17.18 -14.64 10.31
CA ASN A 374 -17.67 -13.81 11.40
C ASN A 374 -16.50 -13.39 12.28
N GLY A 375 -15.50 -12.78 11.62
CA GLY A 375 -14.32 -12.24 12.27
C GLY A 375 -13.33 -13.21 12.89
N LYS A 376 -13.52 -14.52 12.70
CA LYS A 376 -12.62 -15.50 13.31
C LYS A 376 -11.89 -16.35 12.28
N PRO A 377 -10.59 -16.62 12.52
CA PRO A 377 -9.80 -17.40 11.57
C PRO A 377 -10.23 -18.87 11.46
N LEU A 378 -10.78 -19.22 10.31
CA LEU A 378 -11.20 -20.58 10.04
C LEU A 378 -10.02 -21.54 10.01
N LEU A 379 -10.27 -22.79 10.36
CA LEU A 379 -9.32 -23.87 10.12
C LEU A 379 -10.03 -24.97 9.36
N ILE A 380 -9.75 -25.04 8.05
CA ILE A 380 -10.49 -25.91 7.16
C ILE A 380 -10.10 -27.38 7.33
N ARG A 381 -10.99 -28.13 7.99
CA ARG A 381 -10.86 -29.57 8.07
C ARG A 381 -11.74 -30.10 6.95
N GLY A 382 -11.18 -30.16 5.75
CA GLY A 382 -12.02 -30.42 4.60
C GLY A 382 -11.70 -31.65 3.80
N VAL A 383 -12.55 -31.92 2.82
CA VAL A 383 -12.36 -33.03 1.90
C VAL A 383 -13.00 -32.72 0.54
N ASN A 384 -12.50 -33.36 -0.50
CA ASN A 384 -13.10 -33.29 -1.81
C ASN A 384 -14.11 -34.41 -1.96
N ARG A 385 -15.26 -34.11 -2.59
CA ARG A 385 -16.30 -35.10 -2.78
C ARG A 385 -16.82 -35.08 -4.20
N HIS A 386 -16.59 -36.16 -4.93
CA HIS A 386 -17.24 -36.39 -6.21
C HIS A 386 -18.65 -36.92 -5.97
N GLU A 387 -19.52 -36.70 -6.95
CA GLU A 387 -20.87 -37.24 -6.92
C GLU A 387 -20.85 -38.65 -7.48
N HIS A 388 -20.84 -39.63 -6.58
CA HIS A 388 -20.65 -41.03 -6.98
C HIS A 388 -21.49 -42.01 -6.16
N HIS A 389 -22.07 -42.97 -6.89
CA HIS A 389 -22.77 -44.10 -6.30
C HIS A 389 -22.29 -45.37 -7.03
N PRO A 390 -22.03 -46.45 -6.28
CA PRO A 390 -21.53 -47.68 -6.92
C PRO A 390 -22.55 -48.39 -7.83
N LEU A 391 -23.84 -48.21 -7.53
CA LEU A 391 -24.93 -48.79 -8.33
C LEU A 391 -25.42 -47.82 -9.41
N HIS A 392 -25.75 -46.60 -9.01
CA HIS A 392 -26.45 -45.68 -9.92
C HIS A 392 -25.55 -44.82 -10.82
N GLY A 393 -24.28 -44.70 -10.45
CA GLY A 393 -23.29 -43.95 -11.22
C GLY A 393 -23.07 -42.53 -10.71
N GLN A 394 -23.42 -41.55 -11.56
CA GLN A 394 -23.28 -40.15 -11.22
C GLN A 394 -24.61 -39.49 -10.85
N VAL A 395 -25.60 -40.34 -10.60
CA VAL A 395 -26.92 -39.92 -10.15
C VAL A 395 -26.92 -39.87 -8.63
N MET A 396 -27.25 -38.71 -8.09
CA MET A 396 -27.22 -38.54 -6.64
C MET A 396 -28.60 -38.64 -6.07
N ASP A 397 -28.70 -39.06 -4.82
CA ASP A 397 -29.96 -39.13 -4.11
C ASP A 397 -29.78 -38.55 -2.72
N GLU A 398 -30.88 -38.11 -2.12
CA GLU A 398 -30.84 -37.59 -0.75
C GLU A 398 -30.16 -38.54 0.23
N GLN A 399 -30.59 -39.79 0.26
CA GLN A 399 -30.12 -40.74 1.27
C GLN A 399 -28.57 -40.89 1.31
N THR A 400 -27.96 -40.98 0.12
CA THR A 400 -26.50 -41.01 -0.02
C THR A 400 -25.85 -39.74 0.52
N MET A 401 -26.45 -38.60 0.17
CA MET A 401 -25.93 -37.31 0.58
C MET A 401 -25.94 -37.21 2.09
N VAL A 402 -27.11 -37.45 2.68
CA VAL A 402 -27.27 -37.36 4.12
C VAL A 402 -26.28 -38.31 4.79
N GLN A 403 -26.17 -39.51 4.23
CA GLN A 403 -25.21 -40.48 4.72
C GLN A 403 -23.81 -39.85 4.73
N ASP A 404 -23.35 -39.39 3.57
CA ASP A 404 -22.04 -38.75 3.48
C ASP A 404 -21.84 -37.68 4.55
N ILE A 405 -22.79 -36.76 4.68
CA ILE A 405 -22.66 -35.61 5.59
C ILE A 405 -22.53 -36.01 7.06
N LEU A 406 -23.34 -37.00 7.48
CA LEU A 406 -23.21 -37.55 8.83
C LEU A 406 -21.83 -38.14 9.04
N LEU A 407 -21.42 -39.05 8.17
CA LEU A 407 -20.06 -39.60 8.22
C LEU A 407 -18.99 -38.51 8.31
N MET A 408 -19.13 -37.47 7.49
CA MET A 408 -18.17 -36.39 7.46
C MET A 408 -18.11 -35.68 8.79
N LYS A 409 -19.25 -35.15 9.25
CA LYS A 409 -19.30 -34.42 10.50
C LYS A 409 -18.90 -35.28 11.69
N GLN A 410 -19.22 -36.56 11.63
CA GLN A 410 -18.83 -37.50 12.67
C GLN A 410 -17.32 -37.68 12.70
N ASN A 411 -16.69 -37.61 11.53
CA ASN A 411 -15.24 -37.78 11.44
C ASN A 411 -14.43 -36.46 11.45
N ASN A 412 -14.99 -35.44 12.11
CA ASN A 412 -14.33 -34.17 12.32
C ASN A 412 -13.98 -33.38 11.06
N PHE A 413 -14.83 -33.52 10.05
CA PHE A 413 -14.78 -32.67 8.87
C PHE A 413 -15.79 -31.53 9.02
N ASN A 414 -15.39 -30.35 8.55
CA ASN A 414 -16.23 -29.17 8.63
C ASN A 414 -16.33 -28.45 7.29
N ALA A 415 -15.71 -29.02 6.26
CA ALA A 415 -15.73 -28.39 4.95
C ALA A 415 -15.64 -29.39 3.82
N VAL A 416 -16.33 -29.09 2.72
CA VAL A 416 -16.34 -29.93 1.54
C VAL A 416 -16.04 -29.08 0.29
N ARG A 417 -15.43 -29.68 -0.72
CA ARG A 417 -15.16 -28.98 -1.99
C ARG A 417 -15.73 -29.70 -3.19
N CYS A 418 -16.70 -29.06 -3.86
CA CYS A 418 -17.42 -29.65 -5.00
C CYS A 418 -16.54 -29.87 -6.23
N SER A 419 -15.71 -30.91 -6.13
CA SER A 419 -14.76 -31.25 -7.16
C SER A 419 -15.43 -32.10 -8.24
N HIS A 420 -15.52 -31.61 -9.48
CA HIS A 420 -15.10 -30.28 -9.87
C HIS A 420 -16.20 -29.74 -10.74
N TYR A 421 -17.31 -29.40 -10.10
CA TYR A 421 -18.51 -28.95 -10.80
C TYR A 421 -19.56 -28.53 -9.78
N PRO A 422 -20.53 -27.68 -10.18
CA PRO A 422 -21.58 -27.40 -9.24
C PRO A 422 -22.34 -28.70 -8.99
N ASN A 423 -22.76 -28.92 -7.76
CA ASN A 423 -23.41 -30.16 -7.37
C ASN A 423 -24.91 -30.10 -7.53
N HIS A 424 -25.53 -31.27 -7.40
CA HIS A 424 -26.98 -31.41 -7.26
C HIS A 424 -27.52 -30.39 -6.25
N PRO A 425 -28.60 -29.68 -6.62
CA PRO A 425 -29.14 -28.57 -5.82
C PRO A 425 -29.31 -28.90 -4.34
N LEU A 426 -29.86 -30.07 -4.04
CA LEU A 426 -30.11 -30.47 -2.65
C LEU A 426 -28.88 -30.42 -1.76
N TRP A 427 -27.71 -30.73 -2.33
CA TRP A 427 -26.44 -30.71 -1.61
C TRP A 427 -26.17 -29.41 -0.82
N TYR A 428 -26.33 -28.27 -1.48
CA TYR A 428 -26.22 -26.96 -0.82
C TYR A 428 -27.26 -26.77 0.29
N THR A 429 -28.46 -27.30 0.08
CA THR A 429 -29.51 -27.21 1.10
C THR A 429 -29.14 -28.01 2.34
N LEU A 430 -28.57 -29.19 2.14
CA LEU A 430 -28.18 -30.03 3.26
C LEU A 430 -27.01 -29.43 4.05
N CYS A 431 -26.00 -28.94 3.32
CA CYS A 431 -24.84 -28.27 3.91
C CYS A 431 -25.20 -27.04 4.72
N ASP A 432 -26.18 -26.26 4.26
CA ASP A 432 -26.72 -25.11 5.00
C ASP A 432 -27.31 -25.55 6.33
N ARG A 433 -28.10 -26.62 6.31
CA ARG A 433 -28.82 -27.07 7.50
C ARG A 433 -27.98 -27.82 8.52
N TYR A 434 -27.09 -28.69 8.04
CA TYR A 434 -26.26 -29.54 8.89
C TYR A 434 -24.99 -28.81 9.34
N GLY A 435 -24.51 -27.87 8.52
CA GLY A 435 -23.34 -27.07 8.85
C GLY A 435 -22.03 -27.60 8.27
N LEU A 436 -21.74 -27.23 7.04
CA LEU A 436 -20.44 -27.43 6.44
C LEU A 436 -20.10 -26.25 5.55
N TYR A 437 -18.81 -25.93 5.45
CA TYR A 437 -18.35 -24.88 4.55
C TYR A 437 -18.12 -25.49 3.18
N VAL A 438 -18.62 -24.82 2.14
CA VAL A 438 -18.62 -25.37 0.79
C VAL A 438 -17.85 -24.49 -0.16
N VAL A 439 -16.99 -25.10 -0.95
CA VAL A 439 -16.34 -24.39 -2.05
C VAL A 439 -17.06 -24.78 -3.31
N ASP A 440 -17.73 -23.82 -3.94
CA ASP A 440 -18.50 -24.10 -5.14
C ASP A 440 -17.57 -23.90 -6.31
N GLU A 441 -17.55 -24.87 -7.23
CA GLU A 441 -16.54 -24.90 -8.28
C GLU A 441 -17.14 -25.04 -9.68
N ALA A 442 -16.78 -24.13 -10.57
CA ALA A 442 -17.28 -24.15 -11.95
C ALA A 442 -16.97 -25.45 -12.67
N ASN A 443 -17.83 -25.84 -13.58
CA ASN A 443 -17.61 -27.04 -14.35
C ASN A 443 -16.61 -26.75 -15.47
N ILE A 444 -15.35 -26.56 -15.09
CA ILE A 444 -14.28 -26.32 -16.05
C ILE A 444 -13.05 -27.12 -15.67
N GLU A 445 -12.65 -28.03 -16.54
CA GLU A 445 -11.35 -28.69 -16.44
C GLU A 445 -10.89 -29.12 -17.82
N THR A 446 -9.64 -28.81 -18.12
CA THR A 446 -9.06 -29.06 -19.42
C THR A 446 -7.67 -29.67 -19.25
N HIS A 447 -7.56 -30.59 -18.28
CA HIS A 447 -6.29 -31.22 -17.89
C HIS A 447 -5.50 -31.81 -19.06
N GLY A 448 -6.20 -32.46 -19.98
CA GLY A 448 -5.54 -33.18 -21.07
C GLY A 448 -4.97 -32.34 -22.19
N MET A 449 -5.24 -31.04 -22.19
CA MET A 449 -4.72 -30.15 -23.23
C MET A 449 -3.21 -29.97 -23.10
N VAL A 450 -2.59 -29.47 -24.16
CA VAL A 450 -1.14 -29.23 -24.20
C VAL A 450 -0.87 -27.87 -24.88
N PRO A 451 -0.36 -26.88 -24.14
CA PRO A 451 -0.15 -26.89 -22.68
C PRO A 451 -1.49 -26.76 -21.95
N MET A 452 -1.50 -26.93 -20.64
CA MET A 452 -2.77 -27.00 -19.91
C MET A 452 -3.71 -25.81 -20.15
N ASN A 453 -3.15 -24.66 -20.52
CA ASN A 453 -3.97 -23.46 -20.68
C ASN A 453 -4.35 -23.13 -22.11
N ARG A 454 -4.11 -24.05 -23.05
CA ARG A 454 -4.36 -23.79 -24.47
C ARG A 454 -5.77 -23.29 -24.77
N LEU A 455 -6.75 -23.79 -24.02
CA LEU A 455 -8.13 -23.37 -24.21
C LEU A 455 -8.48 -22.16 -23.36
N THR A 456 -8.00 -22.15 -22.11
CA THR A 456 -8.42 -21.11 -21.17
C THR A 456 -7.69 -19.81 -21.39
N ASP A 457 -6.64 -19.85 -22.22
CA ASP A 457 -5.93 -18.63 -22.62
C ASP A 457 -6.43 -18.15 -23.98
N ASP A 458 -7.33 -18.90 -24.58
CA ASP A 458 -7.89 -18.55 -25.88
C ASP A 458 -9.20 -17.79 -25.69
N PRO A 459 -9.28 -16.56 -26.22
CA PRO A 459 -10.51 -15.75 -26.11
C PRO A 459 -11.73 -16.39 -26.76
N ARG A 460 -11.51 -17.30 -27.70
CA ARG A 460 -12.63 -17.93 -28.37
C ARG A 460 -13.35 -18.92 -27.45
N TRP A 461 -12.70 -19.24 -26.33
CA TRP A 461 -13.27 -20.15 -25.33
C TRP A 461 -13.79 -19.43 -24.09
N LEU A 462 -13.69 -18.10 -24.10
CA LEU A 462 -14.18 -17.29 -23.00
C LEU A 462 -15.68 -17.41 -22.78
N PRO A 463 -16.49 -17.29 -23.86
CA PRO A 463 -17.94 -17.41 -23.70
C PRO A 463 -18.37 -18.69 -22.98
N ALA A 464 -17.92 -19.83 -23.49
CA ALA A 464 -18.35 -21.11 -22.97
C ALA A 464 -17.99 -21.25 -21.50
N MET A 465 -16.78 -20.77 -21.15
CA MET A 465 -16.33 -20.78 -19.76
C MET A 465 -17.17 -19.83 -18.94
N SER A 466 -17.38 -18.62 -19.44
CA SER A 466 -18.11 -17.63 -18.67
C SER A 466 -19.46 -18.18 -18.21
N GLU A 467 -20.18 -18.82 -19.12
CA GLU A 467 -21.46 -19.42 -18.77
C GLU A 467 -21.32 -20.46 -17.67
N ARG A 468 -20.20 -21.18 -17.64
CA ARG A 468 -20.00 -22.20 -16.62
C ARG A 468 -19.75 -21.60 -15.26
N VAL A 469 -19.22 -20.38 -15.23
CA VAL A 469 -18.97 -19.66 -13.99
C VAL A 469 -20.19 -18.83 -13.57
N THR A 470 -20.65 -17.98 -14.48
CA THR A 470 -21.75 -17.04 -14.20
C THR A 470 -23.04 -17.74 -13.79
N ARG A 471 -23.38 -18.82 -14.48
CA ARG A 471 -24.60 -19.57 -14.20
C ARG A 471 -24.51 -20.32 -12.87
N MET A 472 -23.29 -20.69 -12.48
CA MET A 472 -23.04 -21.25 -11.14
C MET A 472 -23.39 -20.17 -10.08
N VAL A 473 -22.72 -19.02 -10.16
CA VAL A 473 -22.93 -17.95 -9.18
C VAL A 473 -24.41 -17.58 -9.13
N GLN A 474 -25.01 -17.34 -10.28
CA GLN A 474 -26.41 -16.96 -10.36
C GLN A 474 -27.36 -17.94 -9.68
N ARG A 475 -27.03 -19.23 -9.76
CA ARG A 475 -27.84 -20.27 -9.13
C ARG A 475 -27.59 -20.44 -7.63
N ASP A 476 -26.33 -20.31 -7.20
CA ASP A 476 -25.95 -20.73 -5.85
C ASP A 476 -25.60 -19.62 -4.88
N ARG A 477 -25.58 -18.38 -5.35
CA ARG A 477 -25.16 -17.21 -4.54
C ARG A 477 -25.94 -16.96 -3.26
N ASN A 478 -27.02 -17.69 -3.01
CA ASN A 478 -27.86 -17.41 -1.84
C ASN A 478 -27.69 -18.38 -0.68
N HIS A 479 -26.90 -19.43 -0.93
CA HIS A 479 -26.60 -20.49 0.03
C HIS A 479 -25.47 -20.10 0.97
N PRO A 480 -25.78 -19.93 2.27
CA PRO A 480 -24.78 -19.57 3.29
C PRO A 480 -23.55 -20.49 3.34
N SER A 481 -23.74 -21.78 3.09
CA SER A 481 -22.66 -22.75 3.18
C SER A 481 -21.56 -22.49 2.17
N VAL A 482 -21.92 -21.92 1.02
CA VAL A 482 -20.92 -21.55 0.04
C VAL A 482 -20.18 -20.32 0.52
N ILE A 483 -18.91 -20.53 0.86
CA ILE A 483 -18.08 -19.45 1.37
C ILE A 483 -17.04 -19.02 0.36
N ILE A 484 -16.73 -19.89 -0.59
CA ILE A 484 -15.66 -19.61 -1.56
C ILE A 484 -16.05 -20.04 -2.96
N TRP A 485 -15.84 -19.19 -3.95
CA TRP A 485 -16.03 -19.62 -5.34
C TRP A 485 -14.72 -20.13 -5.93
N SER A 486 -14.82 -21.13 -6.78
CA SER A 486 -13.66 -21.65 -7.48
C SER A 486 -13.90 -21.60 -8.99
N LEU A 487 -12.84 -21.28 -9.73
CA LEU A 487 -12.98 -21.09 -11.18
C LEU A 487 -13.01 -22.40 -11.98
N GLY A 488 -12.80 -23.52 -11.31
CA GLY A 488 -12.63 -24.79 -12.01
C GLY A 488 -11.45 -25.59 -11.50
N SER A 489 -10.88 -26.41 -12.36
CA SER A 489 -9.84 -27.33 -11.94
C SER A 489 -8.86 -27.58 -13.07
N GLU A 490 -7.60 -27.76 -12.71
CA GLU A 490 -6.54 -28.14 -13.64
C GLU A 490 -6.77 -27.73 -15.10
N SER A 491 -6.78 -26.42 -15.32
CA SER A 491 -6.93 -25.86 -16.67
C SER A 491 -5.85 -24.83 -16.92
N GLY A 492 -4.69 -25.03 -16.30
CA GLY A 492 -3.60 -24.04 -16.32
C GLY A 492 -4.04 -22.66 -15.88
N HIS A 493 -3.31 -21.63 -16.29
CA HIS A 493 -3.77 -20.25 -16.09
C HIS A 493 -3.91 -19.50 -17.41
N GLY A 494 -5.16 -19.16 -17.73
CA GLY A 494 -5.43 -18.39 -18.93
C GLY A 494 -5.92 -16.99 -18.61
N ALA A 495 -5.94 -16.13 -19.63
CA ALA A 495 -6.50 -14.80 -19.46
C ALA A 495 -7.98 -14.93 -19.08
N ASN A 496 -8.69 -15.86 -19.71
CA ASN A 496 -10.06 -16.17 -19.34
C ASN A 496 -10.25 -16.35 -17.82
N HIS A 497 -9.27 -16.95 -17.15
CA HIS A 497 -9.35 -17.06 -15.68
C HIS A 497 -9.41 -15.68 -15.02
N ASP A 498 -8.42 -14.85 -15.34
CA ASP A 498 -8.34 -13.51 -14.77
C ASP A 498 -9.62 -12.73 -14.96
N ALA A 499 -10.16 -12.77 -16.17
CA ALA A 499 -11.37 -12.07 -16.51
C ALA A 499 -12.55 -12.56 -15.67
N LEU A 500 -12.66 -13.87 -15.51
CA LEU A 500 -13.79 -14.42 -14.81
C LEU A 500 -13.64 -14.23 -13.29
N TYR A 501 -12.41 -14.36 -12.81
CA TYR A 501 -12.08 -13.99 -11.43
C TYR A 501 -12.63 -12.61 -11.12
N ARG A 502 -12.26 -11.65 -11.96
CA ARG A 502 -12.65 -10.27 -11.73
C ARG A 502 -14.17 -10.16 -11.76
N TRP A 503 -14.79 -10.93 -12.64
CA TRP A 503 -16.24 -10.89 -12.78
C TRP A 503 -16.92 -11.32 -11.47
N ILE A 504 -16.44 -12.41 -10.87
CA ILE A 504 -17.03 -12.84 -9.61
C ILE A 504 -16.78 -11.78 -8.55
N LYS A 505 -15.57 -11.23 -8.53
CA LYS A 505 -15.19 -10.18 -7.55
C LYS A 505 -16.14 -9.01 -7.62
N SER A 506 -16.52 -8.64 -8.83
CA SER A 506 -17.46 -7.58 -9.05
C SER A 506 -18.86 -7.95 -8.55
N VAL A 507 -19.37 -9.10 -9.02
CA VAL A 507 -20.78 -9.49 -8.82
C VAL A 507 -21.11 -9.96 -7.40
N ASP A 508 -20.17 -10.62 -6.75
CA ASP A 508 -20.36 -11.07 -5.37
C ASP A 508 -19.14 -10.78 -4.48
N PRO A 509 -19.07 -9.57 -3.91
CA PRO A 509 -17.92 -9.31 -3.03
C PRO A 509 -17.97 -10.07 -1.69
N SER A 510 -19.06 -10.79 -1.45
CA SER A 510 -19.27 -11.51 -0.18
C SER A 510 -18.41 -12.75 0.02
N ARG A 511 -17.86 -13.28 -1.07
CA ARG A 511 -17.09 -14.52 -1.07
C ARG A 511 -15.76 -14.34 -1.80
N PRO A 512 -14.66 -14.88 -1.24
CA PRO A 512 -13.38 -14.93 -1.92
C PRO A 512 -13.44 -15.91 -3.07
N VAL A 513 -12.49 -15.80 -3.98
CA VAL A 513 -12.44 -16.63 -5.17
C VAL A 513 -11.08 -17.29 -5.25
N GLN A 514 -11.04 -18.62 -5.34
CA GLN A 514 -9.79 -19.35 -5.48
C GLN A 514 -9.74 -20.16 -6.78
N TYR A 515 -8.55 -20.60 -7.14
CA TYR A 515 -8.34 -21.37 -8.34
C TYR A 515 -6.87 -21.76 -8.38
N GLU A 516 -6.60 -23.02 -8.71
CA GLU A 516 -5.27 -23.62 -8.50
C GLU A 516 -4.35 -23.62 -9.74
N GLY A 517 -4.96 -23.69 -10.92
CA GLY A 517 -4.21 -23.74 -12.16
C GLY A 517 -3.13 -22.68 -12.30
N GLY A 518 -2.06 -23.05 -13.01
CA GLY A 518 -0.97 -22.13 -13.27
C GLY A 518 0.04 -21.86 -12.15
N GLY A 519 -0.03 -22.65 -11.08
CA GLY A 519 0.98 -22.56 -10.03
C GLY A 519 0.44 -22.26 -8.66
N ALA A 520 -0.88 -22.23 -8.53
CA ALA A 520 -1.58 -22.16 -7.22
C ALA A 520 -1.53 -20.80 -6.48
N ASP A 521 -0.81 -19.83 -7.05
CA ASP A 521 -0.73 -18.50 -6.47
C ASP A 521 -0.79 -17.40 -7.55
N THR A 522 -1.47 -17.67 -8.66
CA THR A 522 -1.56 -16.70 -9.75
C THR A 522 -2.48 -15.56 -9.35
N THR A 523 -2.62 -14.60 -10.27
CA THR A 523 -3.42 -13.39 -10.04
C THR A 523 -4.93 -13.69 -10.09
N ALA A 524 -5.30 -14.97 -10.31
CA ALA A 524 -6.72 -15.36 -10.34
C ALA A 524 -7.20 -16.06 -9.06
N THR A 525 -6.47 -15.89 -7.97
CA THR A 525 -6.82 -16.52 -6.69
C THR A 525 -6.55 -15.65 -5.45
N ASP A 526 -7.56 -15.54 -4.60
CA ASP A 526 -7.43 -14.80 -3.36
C ASP A 526 -6.71 -15.62 -2.29
N ILE A 527 -6.59 -16.93 -2.52
CA ILE A 527 -5.98 -17.86 -1.56
C ILE A 527 -4.92 -18.71 -2.28
N ILE A 528 -3.81 -18.99 -1.62
CA ILE A 528 -2.82 -19.92 -2.16
C ILE A 528 -3.35 -21.32 -1.92
N CYS A 529 -3.81 -21.94 -3.00
CA CYS A 529 -4.54 -23.18 -2.90
C CYS A 529 -3.85 -24.34 -3.65
N PRO A 530 -2.64 -24.72 -3.23
CA PRO A 530 -1.94 -25.74 -4.00
C PRO A 530 -2.56 -27.14 -3.82
N MET A 531 -2.11 -28.08 -4.65
CA MET A 531 -2.48 -29.47 -4.54
C MET A 531 -1.26 -30.37 -4.28
N TYR A 532 -1.35 -31.15 -3.20
CA TYR A 532 -0.32 -32.13 -2.83
C TYR A 532 1.07 -31.52 -2.57
N ALA A 533 1.08 -30.24 -2.18
CA ALA A 533 2.31 -29.62 -1.71
C ALA A 533 2.70 -30.28 -0.39
N ARG A 534 3.96 -30.67 -0.27
CA ARG A 534 4.42 -31.30 0.95
C ARG A 534 4.67 -30.29 2.07
N VAL A 535 4.59 -30.76 3.32
CA VAL A 535 4.78 -29.88 4.49
C VAL A 535 6.16 -29.23 4.55
N ASP A 536 7.21 -30.05 4.51
CA ASP A 536 8.57 -29.53 4.70
C ASP A 536 9.40 -29.50 3.44
N GLU A 537 9.16 -30.45 2.54
CA GLU A 537 9.96 -30.63 1.33
C GLU A 537 9.45 -29.79 0.13
N ASP A 538 10.37 -29.16 -0.59
CA ASP A 538 10.04 -28.40 -1.80
C ASP A 538 10.15 -29.27 -3.03
N GLN A 539 9.19 -29.16 -3.93
CA GLN A 539 9.32 -29.78 -5.26
C GLN A 539 9.37 -28.67 -6.30
N PRO A 540 10.58 -28.17 -6.62
CA PRO A 540 10.70 -27.04 -7.54
C PRO A 540 10.52 -27.48 -8.99
N PHE A 541 9.27 -27.72 -9.38
CA PHE A 541 8.94 -27.97 -10.78
C PHE A 541 9.20 -26.69 -11.58
N PRO A 542 9.55 -26.84 -12.88
CA PRO A 542 9.73 -25.66 -13.71
C PRO A 542 8.40 -24.96 -13.97
N ALA A 543 8.38 -23.63 -13.83
CA ALA A 543 7.22 -22.77 -14.12
C ALA A 543 6.04 -22.90 -13.15
N VAL A 544 5.79 -24.11 -12.67
CA VAL A 544 4.71 -24.33 -11.71
C VAL A 544 5.19 -25.12 -10.48
N PRO A 545 6.13 -24.54 -9.69
CA PRO A 545 6.75 -25.31 -8.62
C PRO A 545 5.79 -25.53 -7.45
N LYS A 546 5.84 -26.70 -6.84
CA LYS A 546 5.12 -26.94 -5.60
C LYS A 546 6.06 -26.78 -4.41
N TRP A 547 6.00 -25.63 -3.74
CA TRP A 547 6.85 -25.38 -2.56
C TRP A 547 6.30 -26.10 -1.34
N SER A 548 7.13 -26.18 -0.29
CA SER A 548 6.63 -26.53 1.02
C SER A 548 5.68 -25.43 1.43
N ILE A 549 4.58 -25.83 2.06
CA ILE A 549 3.53 -24.92 2.48
C ILE A 549 4.02 -23.92 3.53
N LYS A 550 5.00 -24.34 4.34
CA LYS A 550 5.66 -23.45 5.31
C LYS A 550 6.57 -22.42 4.63
N LYS A 551 7.25 -22.83 3.57
CA LYS A 551 8.05 -21.91 2.78
C LYS A 551 7.20 -20.97 1.92
N TRP A 552 6.14 -21.52 1.33
CA TRP A 552 5.28 -20.77 0.42
C TRP A 552 4.78 -19.47 1.00
N LEU A 553 4.25 -19.53 2.22
CA LEU A 553 3.64 -18.38 2.88
C LEU A 553 4.52 -17.14 2.95
N SER A 554 5.84 -17.36 3.07
CA SER A 554 6.76 -16.27 3.40
C SER A 554 7.67 -15.86 2.25
N LEU A 555 7.41 -16.40 1.06
CA LEU A 555 8.08 -15.94 -0.17
C LEU A 555 7.94 -14.43 -0.29
N PRO A 556 9.00 -13.76 -0.83
CA PRO A 556 8.99 -12.31 -0.90
C PRO A 556 7.70 -11.78 -1.53
N GLY A 557 7.05 -10.89 -0.80
CA GLY A 557 5.92 -10.15 -1.34
C GLY A 557 4.59 -10.85 -1.19
N GLU A 558 4.63 -12.09 -0.73
CA GLU A 558 3.42 -12.90 -0.63
C GLU A 558 2.78 -12.69 0.74
N THR A 559 1.46 -12.53 0.74
CA THR A 559 0.69 -12.19 1.94
C THR A 559 -0.58 -13.02 2.13
N ARG A 560 -0.98 -13.77 1.09
CA ARG A 560 -2.28 -14.45 1.10
C ARG A 560 -2.26 -15.66 2.05
N PRO A 561 -3.46 -16.12 2.50
CA PRO A 561 -3.58 -17.37 3.22
C PRO A 561 -3.35 -18.56 2.30
N LEU A 562 -3.03 -19.70 2.88
CA LEU A 562 -2.82 -20.91 2.11
C LEU A 562 -3.73 -22.01 2.66
N ILE A 563 -4.52 -22.59 1.77
CA ILE A 563 -5.39 -23.70 2.10
C ILE A 563 -5.28 -24.67 0.95
N LEU A 564 -4.78 -25.87 1.19
CA LEU A 564 -4.54 -26.82 0.10
C LEU A 564 -5.89 -27.20 -0.49
N CYS A 565 -5.99 -27.18 -1.82
CA CYS A 565 -7.25 -27.53 -2.46
C CYS A 565 -7.37 -29.05 -2.57
N GLU A 566 -6.22 -29.73 -2.53
CA GLU A 566 -6.16 -31.18 -2.54
C GLU A 566 -4.89 -31.64 -1.84
N TYR A 567 -5.02 -32.48 -0.80
CA TYR A 567 -3.86 -33.02 -0.09
C TYR A 567 -4.15 -34.35 0.57
N ALA A 568 -3.07 -35.04 0.95
CA ALA A 568 -3.13 -36.40 1.48
C ALA A 568 -3.93 -37.34 0.59
N HIS A 569 -3.41 -37.59 -0.61
CA HIS A 569 -4.02 -38.54 -1.53
C HIS A 569 -4.27 -39.87 -0.79
N ALA A 570 -5.54 -40.23 -0.66
CA ALA A 570 -5.97 -41.37 0.18
C ALA A 570 -6.12 -42.66 -0.60
N MET A 571 -5.26 -42.87 -1.59
CA MET A 571 -5.35 -44.02 -2.49
C MET A 571 -4.82 -45.29 -1.85
N GLY A 572 -5.67 -46.31 -1.83
CA GLY A 572 -5.37 -47.56 -1.15
C GLY A 572 -4.97 -47.36 0.30
N ASN A 573 -4.00 -48.15 0.74
CA ASN A 573 -3.38 -48.01 2.04
C ASN A 573 -2.58 -46.71 2.02
N SER A 574 -3.06 -45.70 2.74
CA SER A 574 -2.49 -44.35 2.63
C SER A 574 -2.82 -43.40 3.80
N LEU A 575 -2.57 -42.11 3.58
CA LEU A 575 -2.61 -41.06 4.59
C LEU A 575 -1.43 -41.09 5.55
N GLY A 576 -0.35 -41.75 5.15
CA GLY A 576 0.88 -41.75 5.92
C GLY A 576 1.53 -40.38 5.93
N GLY A 577 1.81 -39.88 7.12
CA GLY A 577 2.38 -38.55 7.32
C GLY A 577 1.33 -37.46 7.50
N PHE A 578 0.06 -37.87 7.56
CA PHE A 578 -1.08 -36.94 7.71
C PHE A 578 -0.99 -36.05 8.95
N ALA A 579 -0.35 -36.54 10.00
CA ALA A 579 -0.23 -35.77 11.26
C ALA A 579 0.62 -34.53 11.07
N LYS A 580 1.64 -34.66 10.21
CA LYS A 580 2.56 -33.59 9.88
C LYS A 580 1.80 -32.37 9.36
N TYR A 581 0.87 -32.59 8.46
CA TYR A 581 0.05 -31.50 7.96
C TYR A 581 -0.68 -30.78 9.08
N TRP A 582 -1.28 -31.55 9.98
CA TRP A 582 -2.10 -30.95 11.03
C TRP A 582 -1.29 -30.23 12.09
N GLN A 583 -0.12 -30.78 12.40
CA GLN A 583 0.85 -30.09 13.25
C GLN A 583 1.14 -28.72 12.66
N ALA A 584 1.34 -28.68 11.35
CA ALA A 584 1.76 -27.47 10.66
C ALA A 584 0.59 -26.50 10.58
N PHE A 585 -0.61 -27.03 10.33
CA PHE A 585 -1.80 -26.20 10.26
C PHE A 585 -1.93 -25.40 11.56
N ARG A 586 -1.74 -26.07 12.69
CA ARG A 586 -1.92 -25.44 13.99
C ARG A 586 -0.80 -24.44 14.33
N GLN A 587 0.42 -24.71 13.88
CA GLN A 587 1.52 -23.82 14.24
C GLN A 587 1.47 -22.50 13.48
N TYR A 588 1.20 -22.59 12.18
CA TYR A 588 1.15 -21.41 11.33
C TYR A 588 -0.26 -20.86 11.23
N PRO A 589 -0.44 -19.60 11.67
CA PRO A 589 -1.73 -18.94 11.48
C PRO A 589 -2.21 -18.94 10.01
N ARG A 590 -1.33 -18.58 9.09
CA ARG A 590 -1.75 -18.43 7.69
C ARG A 590 -1.97 -19.76 6.94
N LEU A 591 -1.54 -20.86 7.55
CA LEU A 591 -1.86 -22.20 7.06
C LEU A 591 -3.22 -22.56 7.66
N GLN A 592 -4.24 -22.63 6.82
CA GLN A 592 -5.62 -22.75 7.31
C GLN A 592 -6.33 -24.02 6.84
N GLY A 593 -5.54 -25.07 6.61
CA GLY A 593 -6.08 -26.40 6.39
C GLY A 593 -6.06 -26.82 4.95
N GLY A 594 -6.83 -27.85 4.64
CA GLY A 594 -6.94 -28.32 3.28
C GLY A 594 -8.14 -29.20 3.04
N PHE A 595 -8.28 -29.65 1.80
CA PHE A 595 -9.33 -30.54 1.43
C PHE A 595 -8.64 -31.83 1.02
N VAL A 596 -8.91 -32.89 1.78
CA VAL A 596 -8.33 -34.22 1.55
C VAL A 596 -8.86 -34.79 0.23
N TRP A 597 -8.00 -35.47 -0.51
CA TRP A 597 -8.44 -36.11 -1.73
C TRP A 597 -8.34 -37.61 -1.58
N ASP A 598 -9.49 -38.30 -1.60
CA ASP A 598 -10.80 -37.67 -1.53
C ASP A 598 -11.76 -38.49 -0.66
N TRP A 599 -13.07 -38.28 -0.85
CA TRP A 599 -14.06 -38.83 0.05
C TRP A 599 -14.39 -40.31 -0.18
N VAL A 600 -14.77 -40.65 -1.41
CA VAL A 600 -15.31 -41.98 -1.71
C VAL A 600 -14.63 -42.63 -2.92
N ASP A 601 -14.28 -43.91 -2.77
CA ASP A 601 -13.82 -44.72 -3.89
C ASP A 601 -14.82 -44.62 -5.04
N GLN A 602 -14.31 -44.52 -6.26
CA GLN A 602 -15.18 -44.45 -7.44
C GLN A 602 -15.29 -45.80 -8.12
N SER A 603 -15.50 -46.85 -7.32
CA SER A 603 -15.70 -48.20 -7.84
C SER A 603 -17.15 -48.41 -8.23
N LEU A 604 -17.34 -48.98 -9.43
CA LEU A 604 -18.66 -49.37 -9.90
C LEU A 604 -18.85 -50.87 -9.65
N ILE A 605 -20.09 -51.28 -9.40
CA ILE A 605 -20.43 -52.69 -9.17
C ILE A 605 -20.47 -53.47 -10.49
N LYS A 606 -19.90 -54.67 -10.47
CA LYS A 606 -20.11 -55.64 -11.54
C LYS A 606 -20.54 -57.00 -10.98
N TYR A 607 -21.14 -57.83 -11.83
CA TYR A 607 -21.67 -59.14 -11.40
C TYR A 607 -20.97 -60.30 -12.11
N ASP A 608 -20.47 -61.27 -11.33
CA ASP A 608 -19.75 -62.42 -11.89
C ASP A 608 -20.70 -63.47 -12.52
N GLU A 609 -20.20 -64.70 -12.68
CA GLU A 609 -20.99 -65.80 -13.24
C GLU A 609 -22.18 -66.18 -12.35
N ASN A 610 -21.99 -66.17 -11.03
CA ASN A 610 -23.04 -66.56 -10.07
C ASN A 610 -23.97 -65.41 -9.62
N GLY A 611 -23.87 -64.27 -10.29
CA GLY A 611 -24.65 -63.08 -9.93
C GLY A 611 -24.21 -62.46 -8.62
N ASN A 612 -22.91 -62.52 -8.33
CA ASN A 612 -22.35 -61.91 -7.13
C ASN A 612 -21.65 -60.58 -7.43
N PRO A 613 -21.91 -59.54 -6.61
CA PRO A 613 -21.39 -58.20 -6.87
C PRO A 613 -19.94 -57.97 -6.39
N TRP A 614 -19.11 -57.43 -7.28
CA TRP A 614 -17.74 -57.03 -6.93
C TRP A 614 -17.41 -55.59 -7.37
N SER A 615 -16.44 -54.97 -6.68
CA SER A 615 -16.05 -53.59 -6.94
C SER A 615 -15.01 -53.48 -8.07
N ALA A 616 -15.42 -52.88 -9.19
CA ALA A 616 -14.60 -52.77 -10.39
C ALA A 616 -13.98 -51.39 -10.52
N TYR A 617 -12.87 -51.31 -11.24
CA TYR A 617 -12.26 -50.01 -11.57
C TYR A 617 -11.98 -49.84 -13.06
N GLY A 618 -11.05 -48.95 -13.38
CA GLY A 618 -10.69 -48.67 -14.75
C GLY A 618 -10.29 -49.94 -15.49
N GLY A 619 -10.79 -50.06 -16.71
CA GLY A 619 -10.46 -51.18 -17.59
C GLY A 619 -11.47 -52.30 -17.55
N ASP A 620 -12.15 -52.44 -16.42
CA ASP A 620 -13.06 -53.56 -16.19
C ASP A 620 -14.35 -53.55 -17.02
N PHE A 621 -14.50 -52.55 -17.89
CA PHE A 621 -15.69 -52.45 -18.77
C PHE A 621 -15.32 -52.46 -20.26
N GLY A 622 -14.14 -52.98 -20.57
CA GLY A 622 -13.61 -52.99 -21.93
C GLY A 622 -13.10 -51.63 -22.34
N ASP A 623 -13.07 -50.71 -21.37
CA ASP A 623 -12.68 -49.34 -21.61
C ASP A 623 -11.16 -49.20 -21.78
N THR A 624 -10.76 -48.54 -22.88
CA THR A 624 -9.36 -48.38 -23.26
C THR A 624 -9.17 -47.11 -24.11
N PRO A 625 -8.15 -46.29 -23.81
CA PRO A 625 -7.21 -46.40 -22.67
C PRO A 625 -7.81 -45.95 -21.33
N ASN A 626 -7.37 -46.60 -20.25
CA ASN A 626 -7.86 -46.34 -18.89
C ASN A 626 -6.71 -46.10 -17.91
N ASP A 627 -7.04 -45.68 -16.69
CA ASP A 627 -6.03 -45.47 -15.64
C ASP A 627 -6.25 -46.38 -14.42
N ARG A 628 -6.67 -47.61 -14.71
CA ARG A 628 -6.84 -48.68 -13.71
C ARG A 628 -7.47 -48.25 -12.39
N GLN A 629 -6.71 -48.31 -11.31
CA GLN A 629 -7.26 -48.08 -9.97
C GLN A 629 -7.29 -46.61 -9.57
N PHE A 630 -6.74 -45.74 -10.41
CA PHE A 630 -6.60 -44.34 -10.04
C PHE A 630 -7.90 -43.63 -9.72
N CYS A 631 -9.03 -44.30 -9.96
CA CYS A 631 -10.34 -43.80 -9.56
C CYS A 631 -10.70 -44.07 -8.08
N MET A 632 -9.90 -44.86 -7.39
CA MET A 632 -10.15 -45.17 -5.97
C MET A 632 -9.18 -44.45 -5.03
N ASN A 633 -9.60 -43.28 -4.54
CA ASN A 633 -8.75 -42.48 -3.66
C ASN A 633 -9.57 -42.07 -2.44
N GLY A 634 -10.53 -42.92 -2.09
CA GLY A 634 -11.51 -42.57 -1.09
C GLY A 634 -11.03 -42.79 0.32
N LEU A 635 -11.56 -42.00 1.24
CA LEU A 635 -11.47 -42.28 2.65
C LEU A 635 -12.50 -43.36 3.05
N VAL A 636 -13.54 -43.52 2.23
CA VAL A 636 -14.53 -44.58 2.45
C VAL A 636 -14.67 -45.37 1.15
N PHE A 637 -15.06 -46.64 1.27
CA PHE A 637 -15.36 -47.48 0.09
C PHE A 637 -16.61 -46.95 -0.60
N ALA A 638 -16.80 -47.34 -1.85
CA ALA A 638 -18.01 -46.97 -2.60
C ALA A 638 -19.32 -47.09 -1.79
N ASP A 639 -19.35 -48.01 -0.83
CA ASP A 639 -20.56 -48.22 -0.03
C ASP A 639 -20.55 -47.46 1.29
N ARG A 640 -19.60 -46.53 1.40
CA ARG A 640 -19.46 -45.68 2.58
C ARG A 640 -19.03 -46.45 3.84
N THR A 641 -18.39 -47.60 3.64
CA THR A 641 -17.66 -48.27 4.72
C THR A 641 -16.32 -47.56 4.85
N PRO A 642 -15.93 -47.18 6.09
CA PRO A 642 -14.63 -46.50 6.30
C PRO A 642 -13.43 -47.32 5.84
N HIS A 643 -12.45 -46.65 5.22
CA HIS A 643 -11.10 -47.19 5.14
C HIS A 643 -10.47 -47.01 6.54
N PRO A 644 -9.33 -47.64 6.80
CA PRO A 644 -8.64 -47.36 8.07
C PRO A 644 -8.04 -45.95 8.14
N ALA A 645 -7.80 -45.34 6.97
CA ALA A 645 -7.35 -43.95 6.89
C ALA A 645 -8.27 -42.97 7.66
N LEU A 646 -9.58 -43.20 7.59
CA LEU A 646 -10.58 -42.27 8.10
C LEU A 646 -10.39 -41.92 9.57
N THR A 647 -10.08 -42.93 10.38
CA THR A 647 -9.90 -42.68 11.80
C THR A 647 -8.67 -41.80 12.11
N GLU A 648 -7.69 -41.81 11.20
CA GLU A 648 -6.53 -40.91 11.33
C GLU A 648 -6.94 -39.47 11.01
N ALA A 649 -7.87 -39.30 10.06
CA ALA A 649 -8.40 -37.98 9.77
C ALA A 649 -9.16 -37.44 10.98
N LYS A 650 -10.12 -38.22 11.46
CA LYS A 650 -10.93 -37.86 12.63
C LYS A 650 -10.08 -37.45 13.83
N HIS A 651 -9.02 -38.22 14.10
CA HIS A 651 -8.12 -37.93 15.20
C HIS A 651 -7.34 -36.63 14.98
N GLN A 652 -6.75 -36.45 13.80
CA GLN A 652 -5.98 -35.22 13.53
C GLN A 652 -6.86 -33.97 13.41
N GLN A 653 -8.09 -34.14 12.92
CA GLN A 653 -9.01 -33.02 12.75
C GLN A 653 -9.86 -32.72 14.00
N GLN A 654 -9.52 -33.34 15.13
CA GLN A 654 -10.17 -33.07 16.42
C GLN A 654 -10.33 -31.60 16.75
N PHE A 655 -11.36 -31.27 17.53
CA PHE A 655 -11.64 -29.87 17.90
C PHE A 655 -11.21 -29.55 19.33
N PHE A 656 -10.62 -30.53 20.02
CA PHE A 656 -10.04 -30.33 21.35
C PHE A 656 -8.60 -30.80 21.41
N GLN A 657 -7.73 -29.95 21.93
CA GLN A 657 -6.31 -30.29 22.04
C GLN A 657 -5.91 -30.44 23.50
N PHE A 658 -5.02 -31.40 23.75
CA PHE A 658 -4.70 -31.81 25.11
C PHE A 658 -3.22 -31.70 25.42
N ARG A 659 -2.94 -31.42 26.69
CA ARG A 659 -1.59 -31.53 27.25
C ARG A 659 -1.64 -32.19 28.62
N LEU A 660 -0.56 -32.88 28.98
CA LEU A 660 -0.45 -33.47 30.30
C LEU A 660 0.77 -32.92 31.02
N SER A 661 0.57 -32.48 32.26
CA SER A 661 1.64 -31.86 33.04
C SER A 661 1.57 -32.27 34.51
N GLY A 662 2.22 -33.37 34.82
CA GLY A 662 2.12 -33.99 36.14
C GLY A 662 0.87 -34.84 36.13
N GLN A 663 -0.16 -34.37 36.82
CA GLN A 663 -1.46 -35.02 36.74
C GLN A 663 -2.56 -34.03 36.35
N THR A 664 -2.15 -32.98 35.65
CA THR A 664 -3.06 -31.96 35.16
C THR A 664 -3.27 -32.16 33.67
N ILE A 665 -4.53 -32.24 33.27
CA ILE A 665 -4.87 -32.27 31.86
C ILE A 665 -5.39 -30.90 31.43
N GLU A 666 -4.65 -30.27 30.53
CA GLU A 666 -5.06 -29.01 29.93
C GLU A 666 -5.82 -29.34 28.65
N VAL A 667 -7.13 -29.06 28.66
CA VAL A 667 -7.95 -29.24 27.49
C VAL A 667 -8.16 -27.89 26.85
N THR A 668 -7.77 -27.78 25.57
CA THR A 668 -7.97 -26.55 24.81
C THR A 668 -9.03 -26.74 23.72
N SER A 669 -9.91 -25.75 23.58
CA SER A 669 -10.94 -25.77 22.53
C SER A 669 -10.41 -25.16 21.25
N GLU A 670 -10.73 -25.78 20.13
CA GLU A 670 -10.37 -25.23 18.83
C GLU A 670 -11.59 -24.71 18.09
N TYR A 671 -12.75 -24.77 18.75
CA TYR A 671 -13.98 -24.20 18.22
C TYR A 671 -13.91 -22.68 18.19
N LEU A 672 -14.60 -22.08 17.22
CA LEU A 672 -14.57 -20.64 17.05
C LEU A 672 -15.76 -19.96 17.69
N PHE A 673 -16.92 -20.64 17.69
CA PHE A 673 -18.18 -20.01 18.10
C PHE A 673 -18.94 -20.73 19.19
N ARG A 674 -18.88 -22.06 19.23
CA ARG A 674 -19.65 -22.78 20.25
C ARG A 674 -18.87 -23.00 21.54
N HIS A 675 -19.61 -23.02 22.65
CA HIS A 675 -19.11 -23.43 23.94
C HIS A 675 -19.18 -24.96 23.97
N SER A 676 -18.42 -25.61 24.85
CA SER A 676 -18.40 -27.07 24.87
C SER A 676 -19.65 -27.63 25.57
N ASP A 677 -20.82 -27.36 25.01
CA ASP A 677 -22.09 -27.56 25.71
C ASP A 677 -22.71 -28.97 25.59
N ASN A 678 -22.00 -29.89 24.96
CA ASN A 678 -22.45 -31.26 24.80
C ASN A 678 -21.23 -32.18 24.81
N GLU A 679 -20.39 -32.01 25.83
CA GLU A 679 -19.13 -32.74 25.92
C GLU A 679 -18.76 -33.08 27.35
N LEU A 680 -18.36 -34.33 27.58
CA LEU A 680 -17.74 -34.70 28.84
C LEU A 680 -16.51 -35.54 28.64
N LEU A 681 -15.53 -35.34 29.52
CA LEU A 681 -14.24 -36.01 29.47
C LEU A 681 -14.26 -37.29 30.30
N HIS A 682 -13.54 -38.29 29.80
CA HIS A 682 -13.72 -39.65 30.25
C HIS A 682 -12.35 -40.32 30.25
N TRP A 683 -11.64 -40.21 31.37
CA TRP A 683 -10.27 -40.75 31.45
C TRP A 683 -10.21 -42.17 32.02
N MET A 684 -9.15 -42.90 31.69
CA MET A 684 -8.84 -44.19 32.35
C MET A 684 -7.38 -44.65 32.28
N VAL A 685 -6.81 -44.92 33.45
CA VAL A 685 -5.46 -45.46 33.55
C VAL A 685 -5.53 -46.97 33.49
N ALA A 686 -4.69 -47.58 32.65
CA ALA A 686 -4.61 -49.04 32.54
C ALA A 686 -3.16 -49.54 32.55
N LEU A 687 -2.93 -50.69 33.16
CA LEU A 687 -1.61 -51.33 33.14
C LEU A 687 -1.64 -52.54 32.23
N ASP A 688 -0.92 -52.47 31.12
CA ASP A 688 -0.89 -53.52 30.11
C ASP A 688 -2.29 -54.01 29.77
N GLY A 689 -3.23 -53.06 29.68
CA GLY A 689 -4.60 -53.39 29.32
C GLY A 689 -5.51 -53.70 30.48
N LYS A 690 -5.00 -53.57 31.71
CA LYS A 690 -5.78 -53.81 32.93
C LYS A 690 -6.18 -52.47 33.54
N PRO A 691 -7.48 -52.12 33.49
CA PRO A 691 -7.90 -50.85 34.05
C PRO A 691 -7.54 -50.79 35.51
N LEU A 692 -7.18 -49.60 35.97
CA LEU A 692 -6.94 -49.34 37.36
C LEU A 692 -8.00 -48.40 37.86
N ALA A 693 -7.76 -47.10 37.72
CA ALA A 693 -8.78 -46.10 38.02
C ALA A 693 -9.42 -45.55 36.74
N SER A 694 -10.63 -45.02 36.88
CA SER A 694 -11.28 -44.28 35.79
C SER A 694 -12.14 -43.15 36.37
N GLY A 695 -12.58 -42.24 35.51
CA GLY A 695 -13.35 -41.07 35.93
C GLY A 695 -14.13 -40.42 34.82
N GLU A 696 -14.87 -39.37 35.18
CA GLU A 696 -15.76 -38.68 34.27
C GLU A 696 -15.88 -37.22 34.74
N VAL A 697 -15.54 -36.29 33.85
CA VAL A 697 -15.61 -34.84 34.16
C VAL A 697 -16.26 -34.08 32.98
N PRO A 698 -17.27 -33.22 33.27
CA PRO A 698 -17.91 -32.52 32.16
C PRO A 698 -17.00 -31.42 31.60
N LEU A 699 -17.08 -31.18 30.30
CA LEU A 699 -16.31 -30.11 29.67
C LEU A 699 -17.01 -28.76 29.71
N ASP A 700 -16.29 -27.74 30.13
CA ASP A 700 -16.81 -26.37 30.17
C ASP A 700 -15.78 -25.36 29.61
N VAL A 701 -15.54 -25.44 28.31
CA VAL A 701 -14.57 -24.58 27.62
C VAL A 701 -15.25 -23.61 26.67
N ALA A 702 -14.92 -22.32 26.79
CA ALA A 702 -15.29 -21.31 25.78
C ALA A 702 -14.53 -21.61 24.48
N PRO A 703 -15.10 -21.22 23.32
CA PRO A 703 -14.31 -21.39 22.10
C PRO A 703 -12.97 -20.68 22.30
N GLN A 704 -11.88 -21.31 21.85
CA GLN A 704 -10.51 -20.81 22.06
C GLN A 704 -10.02 -20.91 23.50
N GLY A 705 -10.83 -21.44 24.41
CA GLY A 705 -10.50 -21.48 25.84
C GLY A 705 -9.74 -22.71 26.32
N LYS A 706 -9.34 -22.67 27.59
CA LYS A 706 -8.61 -23.77 28.21
C LYS A 706 -9.30 -24.23 29.50
N GLN A 707 -9.25 -25.53 29.78
CA GLN A 707 -9.76 -26.06 31.02
C GLN A 707 -8.68 -26.90 31.67
N LEU A 708 -8.45 -26.69 32.96
CA LEU A 708 -7.50 -27.49 33.73
C LEU A 708 -8.24 -28.55 34.53
N ILE A 709 -7.89 -29.81 34.28
CA ILE A 709 -8.49 -30.92 34.98
C ILE A 709 -7.43 -31.64 35.81
N GLU A 710 -7.58 -31.53 37.14
CA GLU A 710 -6.68 -32.18 38.08
C GLU A 710 -7.17 -33.59 38.41
N LEU A 711 -6.33 -34.59 38.13
CA LEU A 711 -6.65 -35.99 38.39
C LEU A 711 -6.55 -36.34 39.88
N PRO A 712 -7.34 -37.33 40.34
CA PRO A 712 -7.19 -37.79 41.73
C PRO A 712 -5.87 -38.55 41.90
N GLU A 713 -5.38 -38.62 43.13
CA GLU A 713 -4.15 -39.36 43.44
C GLU A 713 -4.18 -40.73 42.77
N LEU A 714 -3.34 -40.87 41.74
CA LEU A 714 -3.26 -42.09 40.95
C LEU A 714 -2.55 -43.16 41.75
N PRO A 715 -3.29 -44.22 42.15
CA PRO A 715 -2.72 -45.23 43.04
C PRO A 715 -1.77 -46.15 42.28
N GLN A 716 -0.46 -45.90 42.44
CA GLN A 716 0.57 -46.67 41.75
C GLN A 716 0.36 -48.18 41.95
N PRO A 717 0.60 -48.98 40.90
CA PRO A 717 0.45 -50.43 41.04
C PRO A 717 1.77 -51.09 41.43
N GLU A 718 1.67 -52.29 42.00
CA GLU A 718 2.83 -53.03 42.50
C GLU A 718 3.65 -53.71 41.38
N SER A 719 2.95 -54.31 40.42
CA SER A 719 3.55 -55.18 39.41
C SER A 719 4.24 -54.43 38.28
N ALA A 720 4.95 -55.19 37.44
CA ALA A 720 5.68 -54.65 36.31
C ALA A 720 4.77 -54.32 35.13
N GLY A 721 5.19 -53.34 34.33
CA GLY A 721 4.47 -52.90 33.14
C GLY A 721 4.32 -51.40 33.01
N GLN A 722 3.79 -50.97 31.87
CA GLN A 722 3.66 -49.55 31.49
C GLN A 722 2.26 -49.02 31.76
N LEU A 723 2.16 -47.90 32.49
CA LEU A 723 0.85 -47.28 32.68
C LEU A 723 0.52 -46.35 31.50
N TRP A 724 -0.76 -46.32 31.13
CA TRP A 724 -1.24 -45.53 30.01
C TRP A 724 -2.49 -44.74 30.39
N LEU A 725 -2.41 -43.41 30.27
CA LEU A 725 -3.58 -42.56 30.39
C LEU A 725 -4.27 -42.44 29.04
N THR A 726 -5.54 -42.79 29.00
CA THR A 726 -6.35 -42.60 27.81
C THR A 726 -7.53 -41.70 28.15
N VAL A 727 -7.63 -40.56 27.45
CA VAL A 727 -8.78 -39.68 27.61
C VAL A 727 -9.62 -39.65 26.34
N ARG A 728 -10.93 -39.53 26.52
CA ARG A 728 -11.86 -39.45 25.39
C ARG A 728 -12.92 -38.40 25.65
N VAL A 729 -13.38 -37.76 24.58
CA VAL A 729 -14.44 -36.81 24.71
C VAL A 729 -15.69 -37.42 24.10
N VAL A 730 -16.77 -37.44 24.88
CA VAL A 730 -18.01 -38.10 24.49
C VAL A 730 -19.12 -37.06 24.49
N GLN A 731 -20.00 -37.16 23.49
CA GLN A 731 -21.18 -36.31 23.39
C GLN A 731 -22.39 -37.03 24.00
N PRO A 732 -22.76 -36.69 25.26
CA PRO A 732 -23.83 -37.41 25.94
C PRO A 732 -25.13 -37.38 25.16
N ASN A 733 -25.51 -36.22 24.64
CA ASN A 733 -26.75 -36.12 23.88
C ASN A 733 -26.56 -36.30 22.39
N ALA A 734 -27.60 -36.81 21.74
CA ALA A 734 -27.61 -36.92 20.29
C ALA A 734 -27.72 -35.52 19.69
N THR A 735 -27.32 -35.40 18.43
CA THR A 735 -27.39 -34.17 17.63
C THR A 735 -28.08 -34.48 16.31
N ALA A 736 -28.13 -33.50 15.41
CA ALA A 736 -28.67 -33.72 14.05
C ALA A 736 -27.83 -34.75 13.32
N TRP A 737 -26.52 -34.73 13.58
CA TRP A 737 -25.54 -35.51 12.82
C TRP A 737 -24.97 -36.72 13.55
N SER A 738 -25.00 -36.68 14.89
CA SER A 738 -24.43 -37.79 15.70
C SER A 738 -25.40 -38.41 16.71
N GLU A 739 -25.26 -39.72 16.90
CA GLU A 739 -25.94 -40.46 17.96
C GLU A 739 -25.41 -40.09 19.33
N ALA A 740 -26.17 -40.36 20.38
CA ALA A 740 -25.74 -40.09 21.75
C ALA A 740 -24.49 -40.91 22.08
N GLY A 741 -23.65 -40.39 22.97
CA GLY A 741 -22.44 -41.09 23.38
C GLY A 741 -21.34 -41.21 22.32
N HIS A 742 -21.51 -40.47 21.22
CA HIS A 742 -20.49 -40.36 20.17
C HIS A 742 -19.18 -39.78 20.71
N ILE A 743 -18.06 -40.38 20.31
CA ILE A 743 -16.73 -39.95 20.74
C ILE A 743 -16.15 -39.00 19.70
N SER A 744 -15.74 -37.82 20.15
CA SER A 744 -15.31 -36.76 19.21
C SER A 744 -13.80 -36.52 19.20
N ALA A 745 -13.13 -37.01 20.23
CA ALA A 745 -11.69 -36.82 20.41
C ALA A 745 -11.14 -37.85 21.40
N TRP A 746 -9.87 -38.21 21.22
CA TRP A 746 -9.14 -38.96 22.23
C TRP A 746 -7.66 -38.65 22.24
N GLN A 747 -6.97 -39.07 23.30
CA GLN A 747 -5.51 -38.92 23.40
C GLN A 747 -4.87 -39.83 24.47
N GLN A 748 -3.65 -40.29 24.18
CA GLN A 748 -2.92 -41.13 25.11
C GLN A 748 -1.64 -40.48 25.60
N TRP A 749 -1.24 -40.85 26.81
CA TRP A 749 0.10 -40.54 27.31
C TRP A 749 0.63 -41.72 28.10
N ARG A 750 1.91 -42.02 27.91
CA ARG A 750 2.60 -42.94 28.81
C ARG A 750 2.73 -42.25 30.16
N LEU A 751 2.40 -42.97 31.22
CA LEU A 751 2.58 -42.48 32.58
C LEU A 751 3.81 -43.15 33.20
N ALA A 752 3.67 -43.66 34.42
CA ALA A 752 4.77 -44.39 35.06
C ALA A 752 5.01 -45.75 34.41
N GLU A 753 6.26 -46.17 34.42
CA GLU A 753 6.64 -47.52 34.01
C GLU A 753 7.46 -48.15 35.12
N ASN A 754 7.08 -49.35 35.51
CA ASN A 754 7.89 -50.17 36.43
C ASN A 754 8.56 -51.29 35.64
N LEU A 755 9.88 -51.29 35.63
CA LEU A 755 10.62 -52.27 34.84
C LEU A 755 10.66 -53.64 35.52
N SER A 756 10.43 -54.68 34.72
CA SER A 756 10.44 -56.07 35.18
C SER A 756 11.85 -56.50 35.61
N VAL A 757 12.01 -56.75 36.90
CA VAL A 757 13.33 -57.05 37.48
C VAL A 757 13.43 -58.45 38.08
N THR A 758 12.33 -59.20 38.04
CA THR A 758 12.27 -60.49 38.71
C THR A 758 12.47 -61.65 37.75
N LEU A 759 13.21 -62.65 38.21
CA LEU A 759 13.52 -63.85 37.41
C LEU A 759 12.39 -64.88 37.47
N PRO A 760 11.95 -65.38 36.30
CA PRO A 760 10.98 -66.49 36.25
C PRO A 760 11.53 -67.74 36.95
N ALA A 761 10.65 -68.46 37.65
CA ALA A 761 11.02 -69.64 38.44
C ALA A 761 11.88 -70.63 37.65
N ALA A 762 13.01 -71.03 38.24
CA ALA A 762 14.01 -71.90 37.60
C ALA A 762 13.39 -73.09 36.86
N SER A 763 13.80 -73.27 35.61
CA SER A 763 13.28 -74.31 34.73
C SER A 763 13.38 -75.69 35.36
N HIS A 764 12.21 -76.28 35.62
CA HIS A 764 12.11 -77.59 36.24
C HIS A 764 12.77 -78.67 35.37
N ALA A 765 12.45 -78.65 34.08
CA ALA A 765 12.96 -79.62 33.12
C ALA A 765 14.06 -79.03 32.22
N ILE A 766 14.62 -79.88 31.34
CA ILE A 766 15.70 -79.49 30.43
C ILE A 766 15.49 -80.14 29.05
N PRO A 767 15.44 -79.33 27.98
CA PRO A 767 15.10 -79.85 26.65
C PRO A 767 16.22 -80.68 26.04
N HIS A 768 15.84 -81.63 25.19
CA HIS A 768 16.80 -82.59 24.64
C HIS A 768 17.08 -82.30 23.18
N LEU A 769 18.37 -82.30 22.83
CA LEU A 769 18.83 -82.08 21.47
C LEU A 769 19.03 -83.41 20.73
N THR A 770 18.48 -83.52 19.51
CA THR A 770 18.64 -84.72 18.71
C THR A 770 19.26 -84.42 17.35
N THR A 771 20.59 -84.35 17.36
CA THR A 771 21.37 -84.03 16.16
C THR A 771 21.25 -85.12 15.10
N SER A 772 21.12 -84.67 13.85
CA SER A 772 21.01 -85.53 12.68
C SER A 772 21.63 -84.79 11.51
N GLU A 773 21.95 -85.49 10.43
CA GLU A 773 22.53 -84.86 9.25
C GLU A 773 21.55 -83.87 8.60
N MET A 774 20.28 -84.26 8.54
CA MET A 774 19.24 -83.45 7.89
C MET A 774 18.55 -82.47 8.83
N ASP A 775 18.53 -82.77 10.13
CA ASP A 775 17.75 -81.97 11.10
C ASP A 775 18.39 -81.83 12.49
N PHE A 776 18.13 -80.69 13.14
CA PHE A 776 18.32 -80.54 14.59
C PHE A 776 16.93 -80.64 15.21
N CYS A 777 16.73 -81.60 16.11
CA CYS A 777 15.41 -81.81 16.69
C CYS A 777 15.42 -81.59 18.21
N ILE A 778 14.73 -80.54 18.64
CA ILE A 778 14.62 -80.20 20.06
C ILE A 778 13.30 -80.73 20.59
N GLU A 779 13.34 -81.31 21.79
CA GLU A 779 12.15 -81.91 22.39
C GLU A 779 12.06 -81.55 23.87
N LEU A 780 10.87 -81.10 24.28
CA LEU A 780 10.60 -80.78 25.68
C LEU A 780 9.12 -80.99 25.99
N GLY A 781 8.83 -81.98 26.83
CA GLY A 781 7.46 -82.40 27.11
C GLY A 781 6.84 -83.11 25.91
N ASN A 782 5.71 -82.58 25.45
CA ASN A 782 5.06 -83.04 24.22
C ASN A 782 5.42 -82.15 23.02
N LYS A 783 6.10 -81.03 23.31
CA LYS A 783 6.50 -80.05 22.31
C LYS A 783 7.81 -80.42 21.59
N ARG A 784 7.81 -80.26 20.27
CA ARG A 784 8.98 -80.53 19.43
C ARG A 784 9.27 -79.38 18.47
N TRP A 785 10.56 -79.09 18.30
CA TRP A 785 11.02 -78.04 17.40
C TRP A 785 11.99 -78.59 16.35
N GLN A 786 11.58 -78.54 15.09
CA GLN A 786 12.41 -79.04 13.99
C GLN A 786 13.12 -77.90 13.26
N PHE A 787 14.45 -77.97 13.21
CA PHE A 787 15.25 -77.05 12.41
C PHE A 787 15.88 -77.77 11.24
N ASN A 788 15.48 -77.41 10.03
CA ASN A 788 16.11 -77.93 8.83
C ASN A 788 17.54 -77.38 8.71
N ARG A 789 18.53 -78.28 8.78
CA ARG A 789 19.96 -77.92 8.74
C ARG A 789 20.42 -77.50 7.35
N GLN A 790 19.59 -77.79 6.35
CA GLN A 790 19.95 -77.57 4.95
C GLN A 790 19.39 -76.23 4.43
N SER A 791 18.43 -75.68 5.15
CA SER A 791 17.86 -74.38 4.80
C SER A 791 18.18 -73.33 5.88
N GLY A 792 18.26 -73.78 7.12
CA GLY A 792 18.59 -72.92 8.26
C GLY A 792 17.39 -72.31 8.97
N PHE A 793 16.20 -72.74 8.58
CA PHE A 793 14.96 -72.20 9.13
C PHE A 793 14.26 -73.20 10.04
N LEU A 794 13.57 -72.68 11.03
CA LEU A 794 12.61 -73.44 11.83
C LEU A 794 11.58 -73.99 10.86
N SER A 795 11.68 -75.28 10.54
CA SER A 795 10.84 -75.90 9.52
C SER A 795 9.53 -76.52 10.01
N GLN A 796 9.45 -76.83 11.31
CA GLN A 796 8.22 -77.37 11.90
C GLN A 796 8.22 -77.38 13.42
N MET A 797 7.03 -77.15 13.98
CA MET A 797 6.76 -77.22 15.41
C MET A 797 5.70 -78.28 15.71
N TRP A 798 5.70 -78.80 16.93
CA TRP A 798 4.78 -79.86 17.32
C TRP A 798 4.24 -79.70 18.75
N ILE A 799 2.94 -79.90 18.92
CA ILE A 799 2.31 -80.00 20.24
C ILE A 799 1.49 -81.29 20.26
N GLY A 800 2.09 -82.35 20.79
CA GLY A 800 1.53 -83.70 20.66
C GLY A 800 1.90 -84.30 19.31
N ASP A 801 0.89 -84.59 18.50
CA ASP A 801 1.11 -85.12 17.14
C ASP A 801 0.54 -84.16 16.09
N LYS A 802 0.51 -82.88 16.44
CA LYS A 802 -0.11 -81.85 15.61
C LYS A 802 0.93 -80.89 14.98
N LYS A 803 1.03 -80.92 13.66
CA LYS A 803 1.92 -80.04 12.89
C LYS A 803 1.40 -78.60 12.96
N GLN A 804 2.27 -77.67 13.38
CA GLN A 804 1.87 -76.27 13.63
C GLN A 804 2.08 -75.34 12.43
N LEU A 805 3.07 -75.65 11.60
CA LEU A 805 3.45 -74.80 10.49
C LEU A 805 3.25 -75.51 9.14
N LEU A 806 2.91 -74.73 8.12
CA LEU A 806 2.77 -75.25 6.76
C LEU A 806 3.98 -74.85 5.90
N THR A 807 4.55 -73.68 6.19
CA THR A 807 5.83 -73.25 5.63
C THR A 807 6.72 -72.76 6.76
N PRO A 808 8.04 -73.02 6.65
CA PRO A 808 9.00 -72.68 7.72
C PRO A 808 9.04 -71.19 8.07
N LEU A 809 9.56 -70.88 9.25
CA LEU A 809 9.73 -69.48 9.69
C LEU A 809 10.92 -68.83 8.98
N ARG A 810 10.60 -67.96 8.01
CA ARG A 810 11.59 -67.36 7.11
C ARG A 810 11.62 -65.83 7.22
N ASP A 811 12.80 -65.24 7.01
CA ASP A 811 12.94 -63.79 7.00
C ASP A 811 12.18 -63.19 5.84
N GLN A 812 11.54 -62.06 6.09
CA GLN A 812 10.90 -61.31 5.00
C GLN A 812 11.36 -59.86 4.95
N PHE A 813 11.62 -59.38 3.73
CA PHE A 813 12.14 -58.03 3.49
C PHE A 813 11.32 -57.22 2.48
N THR A 814 10.30 -57.86 1.92
CA THR A 814 9.44 -57.21 0.95
C THR A 814 8.01 -57.15 1.49
N ARG A 815 7.17 -56.43 0.78
CA ARG A 815 5.74 -56.43 1.05
C ARG A 815 5.01 -56.35 -0.29
N ALA A 816 3.74 -56.76 -0.28
CA ALA A 816 2.90 -56.59 -1.44
C ALA A 816 2.69 -55.09 -1.63
N PRO A 817 3.19 -54.54 -2.76
CA PRO A 817 3.27 -53.10 -3.03
C PRO A 817 1.94 -52.37 -2.87
N LEU A 818 1.96 -51.30 -2.08
CA LEU A 818 0.80 -50.42 -1.92
C LEU A 818 0.67 -49.57 -3.17
N ASP A 819 -0.50 -49.00 -3.38
CA ASP A 819 -0.69 -48.05 -4.47
C ASP A 819 0.38 -46.93 -4.44
N ASN A 820 0.69 -46.43 -3.23
CA ASN A 820 1.79 -45.47 -3.04
C ASN A 820 3.18 -46.00 -3.43
N ASP A 821 3.46 -47.28 -3.17
CA ASP A 821 4.73 -47.89 -3.59
C ASP A 821 4.84 -47.97 -5.11
N ILE A 822 3.71 -48.19 -5.76
CA ILE A 822 3.63 -48.40 -7.21
C ILE A 822 3.69 -47.10 -8.01
N GLY A 823 2.98 -46.08 -7.53
CA GLY A 823 2.86 -44.82 -8.27
C GLY A 823 2.14 -45.05 -9.58
N VAL A 824 2.71 -44.52 -10.66
CA VAL A 824 2.11 -44.64 -11.99
C VAL A 824 2.85 -45.66 -12.87
N SER A 825 3.61 -46.55 -12.24
CA SER A 825 4.33 -47.59 -12.97
C SER A 825 3.39 -48.73 -13.42
N GLU A 826 3.38 -48.98 -14.72
CA GLU A 826 2.61 -50.07 -15.32
C GLU A 826 3.59 -51.13 -15.90
N ALA A 827 3.07 -52.12 -16.61
CA ALA A 827 3.93 -53.11 -17.28
C ALA A 827 4.56 -52.55 -18.56
N THR A 828 3.86 -51.61 -19.19
CA THR A 828 4.28 -50.99 -20.45
C THR A 828 4.87 -49.59 -20.23
N ARG A 829 4.77 -49.08 -19.01
CA ARG A 829 5.22 -47.73 -18.67
C ARG A 829 5.97 -47.76 -17.34
N ILE A 830 7.18 -48.31 -17.37
CA ILE A 830 8.03 -48.49 -16.19
C ILE A 830 8.55 -47.15 -15.65
N ASP A 831 8.13 -46.78 -14.43
CA ASP A 831 8.71 -45.62 -13.74
C ASP A 831 9.78 -46.07 -12.75
N PRO A 832 11.06 -45.91 -13.12
CA PRO A 832 12.18 -46.39 -12.32
C PRO A 832 12.20 -45.84 -10.89
N ASN A 833 11.51 -44.71 -10.68
CA ASN A 833 11.61 -43.99 -9.41
C ASN A 833 10.75 -44.57 -8.30
N ALA A 834 9.58 -45.08 -8.67
CA ALA A 834 8.66 -45.69 -7.71
C ALA A 834 9.37 -46.76 -6.89
N TRP A 835 8.97 -46.90 -5.62
CA TRP A 835 9.60 -47.86 -4.70
C TRP A 835 9.58 -49.29 -5.25
N VAL A 836 8.40 -49.74 -5.66
CA VAL A 836 8.23 -51.06 -6.23
C VAL A 836 9.26 -51.34 -7.34
N GLU A 837 9.53 -50.34 -8.18
CA GLU A 837 10.44 -50.47 -9.31
C GLU A 837 11.89 -50.46 -8.89
N ARG A 838 12.19 -49.79 -7.78
CA ARG A 838 13.52 -49.87 -7.21
C ARG A 838 13.64 -51.28 -6.67
N TRP A 839 12.65 -51.68 -5.90
CA TRP A 839 12.63 -52.99 -5.25
C TRP A 839 12.82 -54.15 -6.22
N LYS A 840 12.04 -54.19 -7.29
CA LYS A 840 12.17 -55.23 -8.32
C LYS A 840 13.58 -55.25 -8.94
N ALA A 841 14.08 -54.05 -9.28
CA ALA A 841 15.36 -53.91 -9.96
C ALA A 841 16.56 -54.24 -9.08
N ALA A 842 16.43 -54.05 -7.78
CA ALA A 842 17.49 -54.43 -6.84
C ALA A 842 17.46 -55.92 -6.50
N GLY A 843 16.43 -56.60 -7.00
CA GLY A 843 16.27 -58.04 -6.83
C GLY A 843 15.65 -58.48 -5.52
N HIS A 844 14.97 -57.56 -4.84
CA HIS A 844 14.38 -57.83 -3.52
C HIS A 844 13.34 -58.95 -3.53
N TYR A 845 12.67 -59.13 -4.67
CA TYR A 845 11.62 -60.14 -4.80
C TYR A 845 12.15 -61.50 -5.22
N GLN A 846 13.29 -61.52 -5.92
CA GLN A 846 13.93 -62.75 -6.36
C GLN A 846 14.87 -63.31 -5.29
N ALA A 847 15.42 -62.41 -4.47
CA ALA A 847 16.50 -62.73 -3.52
C ALA A 847 16.22 -63.94 -2.66
N GLU A 848 16.97 -65.02 -2.95
CA GLU A 848 16.88 -66.25 -2.17
C GLU A 848 17.97 -66.28 -1.10
N ALA A 849 17.63 -66.89 0.04
CA ALA A 849 18.56 -66.99 1.17
C ALA A 849 19.60 -68.08 0.91
N ALA A 850 20.88 -67.73 1.09
CA ALA A 850 21.95 -68.72 1.09
C ALA A 850 22.40 -68.91 2.53
N LEU A 851 22.55 -70.16 2.94
CA LEU A 851 22.95 -70.46 4.31
C LEU A 851 24.46 -70.27 4.49
N LEU A 852 24.84 -69.56 5.54
CA LEU A 852 26.23 -69.34 5.86
C LEU A 852 26.69 -70.19 7.02
N GLN A 853 25.78 -70.43 7.96
CA GLN A 853 26.10 -71.06 9.23
C GLN A 853 24.82 -71.55 9.89
N CYS A 854 24.84 -72.78 10.39
CA CYS A 854 23.74 -73.35 11.15
C CYS A 854 24.27 -74.33 12.20
N THR A 855 24.12 -74.00 13.47
CA THR A 855 24.75 -74.77 14.55
C THR A 855 23.86 -75.00 15.76
N ALA A 856 24.15 -76.07 16.51
CA ALA A 856 23.45 -76.36 17.75
C ALA A 856 24.43 -76.54 18.90
N ASP A 857 23.99 -76.13 20.08
CA ASP A 857 24.76 -76.26 21.32
C ASP A 857 23.80 -76.54 22.46
N THR A 858 24.29 -77.26 23.49
CA THR A 858 23.47 -77.53 24.67
C THR A 858 24.00 -76.70 25.84
N LEU A 859 23.09 -76.06 26.57
CA LEU A 859 23.47 -75.26 27.74
C LEU A 859 23.17 -75.98 29.05
N ALA A 860 23.34 -75.26 30.15
CA ALA A 860 22.98 -75.75 31.46
C ALA A 860 21.48 -76.03 31.54
N ASP A 861 20.67 -75.15 30.94
CA ASP A 861 19.21 -75.27 31.01
C ASP A 861 18.46 -74.88 29.72
N ALA A 862 19.10 -75.05 28.56
CA ALA A 862 18.48 -74.69 27.29
C ALA A 862 19.24 -75.23 26.07
N VAL A 863 18.59 -75.14 24.92
CA VAL A 863 19.24 -75.42 23.64
C VAL A 863 19.42 -74.08 22.92
N LEU A 864 20.59 -73.86 22.34
CA LEU A 864 20.90 -72.65 21.57
C LEU A 864 21.18 -72.98 20.11
N ILE A 865 20.31 -72.50 19.22
CA ILE A 865 20.58 -72.58 17.79
C ILE A 865 21.05 -71.21 17.31
N THR A 866 22.17 -71.19 16.58
CA THR A 866 22.67 -69.96 15.94
C THR A 866 22.66 -70.16 14.43
N THR A 867 22.05 -69.23 13.71
CA THR A 867 22.00 -69.30 12.25
C THR A 867 22.55 -68.03 11.61
N ALA A 868 22.83 -68.10 10.31
CA ALA A 868 23.20 -66.95 9.50
C ALA A 868 22.89 -67.21 8.04
N HIS A 869 22.27 -66.23 7.38
CA HIS A 869 22.00 -66.31 5.94
C HIS A 869 22.38 -65.01 5.24
N ALA A 870 22.37 -65.05 3.91
CA ALA A 870 22.66 -63.88 3.09
C ALA A 870 21.75 -63.90 1.87
N TRP A 871 20.89 -62.90 1.74
CA TRP A 871 20.08 -62.77 0.53
C TRP A 871 20.90 -62.08 -0.54
N GLN A 872 20.95 -62.70 -1.71
CA GLN A 872 21.86 -62.28 -2.77
C GLN A 872 21.17 -62.18 -4.12
N HIS A 873 21.66 -61.28 -4.95
CA HIS A 873 21.11 -61.10 -6.29
C HIS A 873 22.19 -60.60 -7.23
N GLN A 874 22.33 -61.28 -8.37
CA GLN A 874 23.42 -61.06 -9.34
C GLN A 874 24.79 -61.00 -8.65
N GLY A 875 24.98 -61.83 -7.63
CA GLY A 875 26.25 -61.86 -6.89
C GLY A 875 26.45 -60.65 -5.99
N LYS A 876 25.37 -59.91 -5.74
CA LYS A 876 25.38 -58.77 -4.83
C LYS A 876 24.67 -59.14 -3.52
N THR A 877 25.37 -58.97 -2.39
CA THR A 877 24.77 -59.26 -1.09
C THR A 877 23.83 -58.14 -0.69
N LEU A 878 22.56 -58.46 -0.49
CA LEU A 878 21.55 -57.47 -0.12
C LEU A 878 21.35 -57.37 1.38
N PHE A 879 21.06 -58.52 2.01
CA PHE A 879 20.82 -58.57 3.45
C PHE A 879 21.51 -59.76 4.10
N ILE A 880 22.02 -59.54 5.32
CA ILE A 880 22.54 -60.63 6.15
C ILE A 880 21.63 -60.74 7.37
N SER A 881 21.30 -61.97 7.75
CA SER A 881 20.39 -62.22 8.88
C SER A 881 20.95 -63.18 9.95
N ARG A 882 21.45 -62.60 11.06
CA ARG A 882 22.06 -63.36 12.16
C ARG A 882 21.12 -63.59 13.35
N LYS A 883 20.67 -64.84 13.50
CA LYS A 883 19.73 -65.23 14.57
C LYS A 883 20.32 -66.14 15.63
N THR A 884 19.74 -66.10 16.83
CA THR A 884 19.89 -67.16 17.82
C THR A 884 18.52 -67.54 18.39
N TYR A 885 18.11 -68.79 18.19
CA TYR A 885 16.93 -69.32 18.88
C TYR A 885 17.37 -70.01 20.17
N ARG A 886 16.75 -69.62 21.29
CA ARG A 886 17.08 -70.17 22.59
C ARG A 886 15.83 -70.80 23.22
N ILE A 887 15.80 -72.14 23.26
CA ILE A 887 14.67 -72.89 23.84
C ILE A 887 14.98 -73.41 25.25
N ASP A 888 14.56 -72.65 26.25
CA ASP A 888 14.82 -73.00 27.65
C ASP A 888 13.88 -74.09 28.15
N GLY A 889 14.05 -74.44 29.44
CA GLY A 889 13.27 -75.50 30.07
C GLY A 889 11.81 -75.14 30.34
N SER A 890 11.52 -73.86 30.40
CA SER A 890 10.14 -73.40 30.61
C SER A 890 9.28 -73.47 29.34
N GLY A 891 9.87 -73.88 28.23
CA GLY A 891 9.14 -74.09 26.98
C GLY A 891 8.94 -72.84 26.14
N GLN A 892 9.78 -71.83 26.35
CA GLN A 892 9.71 -70.57 25.62
C GLN A 892 10.89 -70.46 24.68
N MET A 893 10.62 -70.17 23.41
CA MET A 893 11.68 -70.03 22.41
C MET A 893 12.01 -68.55 22.17
N ALA A 894 13.15 -68.11 22.68
CA ALA A 894 13.59 -66.69 22.57
C ALA A 894 14.48 -66.42 21.35
N ILE A 895 13.85 -65.86 20.30
CA ILE A 895 14.54 -65.55 19.05
C ILE A 895 15.17 -64.15 19.06
N THR A 896 16.44 -64.09 18.69
CA THR A 896 17.17 -62.84 18.60
C THR A 896 17.60 -62.68 17.15
N VAL A 897 17.14 -61.60 16.51
CA VAL A 897 17.48 -61.32 15.10
C VAL A 897 18.29 -60.05 14.93
N ASP A 898 19.36 -60.15 14.14
CA ASP A 898 20.21 -59.01 13.79
C ASP A 898 20.40 -58.96 12.29
N VAL A 899 19.80 -57.97 11.65
CA VAL A 899 19.92 -57.84 10.20
C VAL A 899 20.89 -56.72 9.79
N GLU A 900 21.59 -56.95 8.69
CA GLU A 900 22.38 -55.94 8.01
C GLU A 900 21.75 -55.66 6.64
N VAL A 901 21.68 -54.38 6.28
CA VAL A 901 21.22 -53.96 4.97
C VAL A 901 22.33 -53.17 4.29
N ALA A 902 22.67 -53.57 3.06
CA ALA A 902 23.68 -52.89 2.26
C ALA A 902 23.25 -51.44 2.02
N SER A 903 24.13 -50.51 2.38
CA SER A 903 23.80 -49.10 2.37
C SER A 903 23.34 -48.61 1.00
N ASP A 904 23.80 -49.27 -0.06
CA ASP A 904 23.50 -48.82 -1.43
C ASP A 904 22.35 -49.56 -2.11
N THR A 905 21.63 -50.40 -1.36
CA THR A 905 20.42 -51.00 -1.88
C THR A 905 19.23 -50.13 -1.46
N PRO A 906 18.21 -50.00 -2.33
CA PRO A 906 17.06 -49.19 -1.93
C PRO A 906 16.47 -49.75 -0.65
N HIS A 907 16.23 -48.89 0.31
CA HIS A 907 15.74 -49.31 1.63
C HIS A 907 14.60 -50.33 1.56
N PRO A 908 14.66 -51.35 2.41
CA PRO A 908 13.65 -52.40 2.37
C PRO A 908 12.30 -51.98 2.94
N ALA A 909 11.26 -52.68 2.49
CA ALA A 909 9.88 -52.43 2.86
C ALA A 909 9.62 -52.84 4.30
N ARG A 910 10.24 -53.93 4.72
CA ARG A 910 10.09 -54.42 6.09
C ARG A 910 11.31 -55.22 6.52
N ILE A 911 11.48 -55.35 7.84
CA ILE A 911 12.45 -56.26 8.39
C ILE A 911 11.79 -57.10 9.47
N GLY A 912 11.47 -58.35 9.12
CA GLY A 912 10.88 -59.29 10.06
C GLY A 912 10.87 -60.71 9.59
N LEU A 913 9.93 -61.49 10.14
CA LEU A 913 9.77 -62.92 9.81
C LEU A 913 8.35 -63.28 9.39
N ASN A 914 8.23 -64.31 8.56
CA ASN A 914 6.93 -64.83 8.19
C ASN A 914 6.84 -66.36 8.31
N CYS A 915 5.62 -66.87 8.38
CA CYS A 915 5.33 -68.29 8.25
C CYS A 915 3.85 -68.50 7.92
N GLN A 916 3.49 -69.74 7.60
CA GLN A 916 2.11 -70.12 7.42
C GLN A 916 1.74 -71.04 8.57
N LEU A 917 0.98 -70.52 9.53
CA LEU A 917 0.51 -71.35 10.63
C LEU A 917 -0.59 -72.29 10.14
N ALA A 918 -0.52 -73.55 10.52
CA ALA A 918 -1.56 -74.53 10.17
C ALA A 918 -2.88 -74.23 10.87
N GLN A 919 -2.79 -73.76 12.12
CA GLN A 919 -3.98 -73.39 12.88
C GLN A 919 -4.75 -72.23 12.26
N VAL A 920 -6.07 -72.28 12.42
CA VAL A 920 -6.93 -71.17 12.09
C VAL A 920 -7.90 -70.96 13.26
N ALA A 921 -7.58 -69.97 14.09
CA ALA A 921 -8.47 -69.58 15.19
C ALA A 921 -9.53 -68.63 14.66
N GLU A 922 -10.46 -68.25 15.55
CA GLU A 922 -11.54 -67.34 15.16
C GLU A 922 -11.28 -65.91 15.63
N ARG A 923 -10.45 -65.78 16.66
CA ARG A 923 -10.16 -64.49 17.27
C ARG A 923 -8.66 -64.12 17.27
N VAL A 924 -8.38 -62.82 17.27
CA VAL A 924 -7.00 -62.31 17.40
C VAL A 924 -6.92 -61.39 18.61
N ASN A 925 -5.90 -61.56 19.43
CA ASN A 925 -5.76 -60.81 20.66
C ASN A 925 -4.37 -60.22 20.73
N TRP A 926 -4.28 -58.93 21.07
CA TRP A 926 -2.97 -58.27 21.15
C TRP A 926 -2.88 -57.05 22.07
N LEU A 927 -1.75 -56.94 22.77
CA LEU A 927 -1.47 -55.75 23.55
C LEU A 927 -0.59 -54.85 22.70
N GLY A 928 -1.24 -54.00 21.90
CA GLY A 928 -0.56 -53.09 20.98
C GLY A 928 -1.41 -51.90 20.58
N LEU A 929 -0.95 -51.17 19.57
CA LEU A 929 -1.75 -50.10 19.00
C LEU A 929 -2.87 -50.71 18.16
N GLY A 930 -4.08 -50.19 18.36
CA GLY A 930 -5.28 -50.65 17.67
C GLY A 930 -6.41 -49.70 18.00
N PRO A 931 -7.66 -50.08 17.68
CA PRO A 931 -8.05 -51.37 17.13
C PRO A 931 -7.77 -51.53 15.64
N GLN A 932 -7.85 -50.43 14.89
CA GLN A 932 -7.77 -50.51 13.43
C GLN A 932 -6.34 -50.65 12.93
N GLU A 933 -6.23 -50.87 11.62
CA GLU A 933 -4.96 -50.92 10.91
C GLU A 933 -4.12 -49.69 11.21
N ASN A 934 -2.83 -49.90 11.46
CA ASN A 934 -1.89 -48.79 11.63
C ASN A 934 -0.45 -49.11 11.25
N TYR A 935 0.19 -48.13 10.59
CA TYR A 935 1.56 -48.20 10.10
C TYR A 935 2.40 -47.10 10.74
N PRO A 936 3.75 -47.18 10.66
CA PRO A 936 4.58 -46.22 11.41
C PRO A 936 4.23 -44.75 11.15
N ASP A 937 4.07 -44.34 9.89
CA ASP A 937 3.71 -42.97 9.56
C ASP A 937 2.18 -42.71 9.61
N ARG A 938 1.45 -43.61 10.26
CA ARG A 938 0.01 -43.42 10.43
C ARG A 938 -0.51 -44.16 11.65
N LEU A 939 -0.03 -43.78 12.83
CA LEU A 939 -0.46 -44.45 14.06
C LEU A 939 -0.80 -43.50 15.21
N THR A 940 -1.06 -42.23 14.90
CA THR A 940 -1.42 -41.26 15.94
C THR A 940 -2.82 -41.54 16.47
N ALA A 941 -3.67 -42.04 15.57
CA ALA A 941 -5.08 -42.28 15.85
C ALA A 941 -5.29 -43.55 16.65
N ALA A 942 -4.37 -44.49 16.48
CA ALA A 942 -4.41 -45.76 17.19
C ALA A 942 -4.13 -45.59 18.68
N CYS A 943 -4.78 -46.42 19.49
CA CYS A 943 -4.56 -46.43 20.93
C CYS A 943 -3.84 -47.72 21.34
N PHE A 944 -3.04 -47.62 22.39
CA PHE A 944 -2.41 -48.78 22.98
C PHE A 944 -3.31 -49.31 24.10
N ASP A 945 -3.73 -50.57 23.93
CA ASP A 945 -4.63 -51.24 24.87
C ASP A 945 -4.69 -52.73 24.53
N ARG A 946 -5.49 -53.49 25.28
CA ARG A 946 -5.74 -54.89 24.98
C ARG A 946 -6.83 -54.95 23.91
N TRP A 947 -6.56 -55.66 22.81
CA TRP A 947 -7.49 -55.72 21.69
C TRP A 947 -7.86 -57.17 21.32
N ASP A 948 -9.14 -57.37 20.97
CA ASP A 948 -9.66 -58.67 20.57
C ASP A 948 -10.63 -58.45 19.40
N LEU A 949 -10.34 -59.04 18.26
CA LEU A 949 -11.18 -58.90 17.08
C LEU A 949 -11.25 -60.20 16.29
N PRO A 950 -12.37 -60.41 15.56
CA PRO A 950 -12.42 -61.57 14.68
C PRO A 950 -11.37 -61.45 13.59
N LEU A 951 -10.70 -62.57 13.30
CA LEU A 951 -9.62 -62.63 12.31
C LEU A 951 -9.84 -61.79 11.04
N SER A 952 -11.10 -61.69 10.60
CA SER A 952 -11.45 -60.98 9.38
C SER A 952 -11.17 -59.46 9.46
N ASP A 953 -11.33 -58.88 10.66
CA ASP A 953 -11.03 -57.47 10.91
C ASP A 953 -9.56 -57.11 10.68
N MET A 954 -8.71 -58.11 10.86
CA MET A 954 -7.27 -57.97 10.71
C MET A 954 -6.86 -57.92 9.25
N TYR A 955 -7.82 -58.17 8.37
CA TYR A 955 -7.63 -58.00 6.95
C TYR A 955 -8.41 -56.74 6.56
N THR A 956 -7.81 -55.92 5.69
CA THR A 956 -8.48 -54.72 5.20
C THR A 956 -8.72 -54.82 3.70
N PRO A 957 -10.01 -54.84 3.30
CA PRO A 957 -10.41 -55.19 1.94
C PRO A 957 -10.14 -54.14 0.84
N TYR A 958 -8.91 -53.63 0.74
CA TYR A 958 -8.57 -52.66 -0.31
C TYR A 958 -8.91 -53.26 -1.67
N VAL A 959 -9.77 -52.60 -2.43
CA VAL A 959 -10.24 -53.14 -3.71
C VAL A 959 -9.07 -53.59 -4.58
N PHE A 960 -7.99 -52.81 -4.60
CA PHE A 960 -6.72 -53.31 -5.13
C PHE A 960 -5.91 -53.91 -3.96
N PRO A 961 -5.75 -55.25 -3.95
CA PRO A 961 -5.12 -55.91 -2.81
C PRO A 961 -3.63 -55.57 -2.68
N SER A 962 -3.19 -55.36 -1.43
CA SER A 962 -1.82 -54.96 -1.09
C SER A 962 -1.55 -55.29 0.39
N GLU A 963 -0.30 -55.13 0.83
CA GLU A 963 0.02 -55.22 2.25
C GLU A 963 -1.01 -54.43 3.07
N ASN A 964 -1.56 -55.05 4.10
CA ASN A 964 -2.69 -54.50 4.85
C ASN A 964 -2.84 -55.07 6.25
N GLY A 965 -3.43 -54.29 7.16
CA GLY A 965 -3.82 -54.80 8.45
C GLY A 965 -2.71 -54.90 9.47
N LEU A 966 -1.55 -54.31 9.16
CA LEU A 966 -0.48 -54.21 10.14
C LEU A 966 -0.98 -53.43 11.34
N ARG A 967 -0.48 -53.82 12.50
CA ARG A 967 -0.63 -53.04 13.70
C ARG A 967 0.76 -52.87 14.26
N CYS A 968 0.99 -51.73 14.90
CA CYS A 968 2.32 -51.35 15.35
C CYS A 968 2.34 -51.20 16.87
N GLY A 969 3.55 -51.11 17.44
CA GLY A 969 3.74 -51.01 18.89
C GLY A 969 3.24 -52.22 19.68
N THR A 970 3.28 -53.40 19.07
CA THR A 970 2.71 -54.60 19.68
C THR A 970 3.70 -55.31 20.61
N ARG A 971 3.24 -55.57 21.84
CA ARG A 971 4.08 -56.16 22.88
C ARG A 971 3.68 -57.60 23.24
N GLU A 972 2.45 -57.98 22.86
CA GLU A 972 1.94 -59.33 23.08
C GLU A 972 0.95 -59.62 21.97
N LEU A 973 1.03 -60.82 21.40
CA LEU A 973 0.09 -61.26 20.38
C LEU A 973 -0.36 -62.70 20.62
N ASN A 974 -1.67 -62.94 20.60
CA ASN A 974 -2.26 -64.26 20.83
C ASN A 974 -3.06 -64.78 19.64
N TYR A 975 -2.94 -66.07 19.38
CA TYR A 975 -3.66 -66.74 18.28
C TYR A 975 -3.80 -68.23 18.54
N GLY A 976 -4.92 -68.60 19.16
CA GLY A 976 -5.13 -69.97 19.62
C GLY A 976 -4.11 -70.36 20.69
N PRO A 977 -3.31 -71.40 20.42
CA PRO A 977 -2.29 -71.85 21.37
C PRO A 977 -1.10 -70.89 21.49
N HIS A 978 -0.88 -70.07 20.47
CA HIS A 978 0.36 -69.29 20.32
C HIS A 978 0.35 -67.95 21.05
N GLN A 979 1.53 -67.54 21.52
CA GLN A 979 1.74 -66.21 22.07
C GLN A 979 3.16 -65.68 21.82
N TRP A 980 3.26 -64.56 21.10
CA TRP A 980 4.54 -63.89 20.89
C TRP A 980 4.67 -62.64 21.76
N ARG A 981 5.79 -62.50 22.44
CA ARG A 981 6.08 -61.31 23.26
C ARG A 981 7.32 -60.59 22.77
N GLY A 982 7.29 -59.26 22.81
CA GLY A 982 8.39 -58.42 22.31
C GLY A 982 7.97 -56.99 22.06
N ASP A 983 8.41 -56.44 20.93
CA ASP A 983 8.09 -55.06 20.52
C ASP A 983 8.16 -55.04 19.00
N PHE A 984 7.01 -55.22 18.35
CA PHE A 984 7.01 -55.46 16.93
C PHE A 984 5.74 -54.97 16.24
N GLN A 985 5.75 -55.05 14.92
CA GLN A 985 4.58 -54.75 14.11
C GLN A 985 4.16 -56.07 13.50
N PHE A 986 2.86 -56.28 13.32
CA PHE A 986 2.37 -57.55 12.77
C PHE A 986 1.10 -57.46 11.90
N ASN A 987 1.01 -58.32 10.89
CA ASN A 987 -0.27 -58.57 10.25
C ASN A 987 -0.54 -60.07 10.26
N ILE A 988 -1.81 -60.44 10.05
CA ILE A 988 -2.27 -61.81 10.21
C ILE A 988 -3.59 -61.99 9.46
N SER A 989 -3.55 -62.82 8.43
CA SER A 989 -4.69 -62.94 7.52
C SER A 989 -4.69 -64.30 6.85
N ARG A 990 -5.72 -64.55 6.04
CA ARG A 990 -5.81 -65.80 5.29
C ARG A 990 -5.14 -65.73 3.91
N TYR A 991 -4.27 -64.73 3.70
CA TYR A 991 -3.67 -64.48 2.39
C TYR A 991 -2.19 -64.13 2.51
N SER A 992 -1.35 -64.86 1.77
CA SER A 992 0.09 -64.60 1.74
C SER A 992 0.42 -63.30 1.00
N GLN A 993 1.57 -62.72 1.36
CA GLN A 993 2.06 -61.54 0.64
C GLN A 993 2.13 -61.82 -0.86
N GLN A 994 2.66 -62.98 -1.22
CA GLN A 994 2.77 -63.38 -2.62
C GLN A 994 1.42 -63.34 -3.35
N GLN A 995 0.35 -63.80 -2.70
CA GLN A 995 -0.97 -63.81 -3.32
C GLN A 995 -1.52 -62.40 -3.51
N LEU A 996 -1.50 -61.59 -2.43
CA LEU A 996 -1.93 -60.18 -2.50
C LEU A 996 -1.23 -59.48 -3.66
N MET A 997 0.09 -59.65 -3.73
CA MET A 997 0.93 -59.13 -4.81
C MET A 997 0.45 -59.50 -6.22
N GLU A 998 0.02 -60.74 -6.43
CA GLU A 998 -0.31 -61.26 -7.77
C GLU A 998 -1.76 -61.08 -8.22
N THR A 999 -2.65 -60.69 -7.29
CA THR A 999 -4.07 -60.54 -7.60
C THR A 999 -4.51 -59.08 -7.75
N SER A 1000 -5.10 -58.77 -8.90
CA SER A 1000 -5.48 -57.39 -9.25
C SER A 1000 -6.67 -56.84 -8.47
N HIS A 1001 -7.68 -57.67 -8.22
CA HIS A 1001 -8.89 -57.25 -7.49
C HIS A 1001 -9.10 -58.13 -6.26
N ARG A 1002 -9.74 -57.58 -5.25
CA ARG A 1002 -9.90 -58.30 -3.99
C ARG A 1002 -10.84 -59.49 -4.07
N HIS A 1003 -11.75 -59.49 -5.04
CA HIS A 1003 -12.79 -60.51 -5.11
C HIS A 1003 -12.24 -61.82 -5.67
N LEU A 1004 -11.09 -61.76 -6.33
CA LEU A 1004 -10.46 -62.97 -6.86
C LEU A 1004 -9.54 -63.64 -5.84
N LEU A 1005 -9.44 -63.05 -4.66
CA LEU A 1005 -8.61 -63.61 -3.59
C LEU A 1005 -9.30 -64.83 -2.97
N HIS A 1006 -8.52 -65.87 -2.70
CA HIS A 1006 -9.05 -67.09 -2.10
C HIS A 1006 -8.34 -67.39 -0.78
N ALA A 1007 -9.14 -67.74 0.23
CA ALA A 1007 -8.61 -68.10 1.54
C ALA A 1007 -7.60 -69.22 1.41
N GLU A 1008 -6.40 -69.01 1.93
CA GLU A 1008 -5.37 -70.03 1.89
C GLU A 1008 -5.45 -70.91 3.13
N GLU A 1009 -5.18 -72.20 2.92
CA GLU A 1009 -5.10 -73.17 4.01
C GLU A 1009 -4.21 -72.61 5.10
N GLY A 1010 -4.67 -72.69 6.34
CA GLY A 1010 -3.92 -72.13 7.44
C GLY A 1010 -4.08 -70.62 7.55
N THR A 1011 -3.11 -70.00 8.22
CA THR A 1011 -3.10 -68.57 8.48
C THR A 1011 -1.70 -68.05 8.23
N TRP A 1012 -1.60 -66.94 7.49
CA TRP A 1012 -0.31 -66.27 7.25
C TRP A 1012 -0.05 -65.19 8.30
N LEU A 1013 1.13 -65.25 8.91
CA LEU A 1013 1.54 -64.28 9.91
C LEU A 1013 2.79 -63.56 9.46
N ASN A 1014 2.74 -62.23 9.53
CA ASN A 1014 3.90 -61.39 9.30
C ASN A 1014 4.23 -60.65 10.57
N ILE A 1015 5.40 -60.94 11.13
CA ILE A 1015 5.92 -60.20 12.28
C ILE A 1015 7.14 -59.42 11.84
N ASP A 1016 7.07 -58.11 12.00
CA ASP A 1016 8.14 -57.21 11.59
C ASP A 1016 8.76 -56.54 12.81
N GLY A 1017 10.10 -56.58 12.86
CA GLY A 1017 10.83 -55.75 13.81
C GLY A 1017 10.63 -54.30 13.42
N PHE A 1018 10.59 -54.06 12.11
CA PHE A 1018 10.49 -52.73 11.50
C PHE A 1018 9.73 -52.77 10.18
N HIS A 1019 8.89 -51.77 9.95
CA HIS A 1019 8.14 -51.63 8.70
C HIS A 1019 8.31 -50.21 8.15
N MET A 1020 8.48 -50.10 6.84
CA MET A 1020 8.59 -48.79 6.17
C MET A 1020 7.26 -48.01 6.26
N GLY A 1021 7.34 -46.68 6.28
CA GLY A 1021 6.12 -45.86 6.21
C GLY A 1021 5.30 -46.10 4.95
N ILE A 1022 4.07 -45.58 4.90
CA ILE A 1022 3.20 -45.87 3.76
C ILE A 1022 3.10 -44.75 2.71
N GLY A 1023 3.58 -43.56 3.06
CA GLY A 1023 3.50 -42.40 2.16
C GLY A 1023 2.10 -41.83 1.93
N GLY A 1024 1.92 -41.19 0.78
CA GLY A 1024 0.60 -40.74 0.36
C GLY A 1024 0.38 -39.24 0.35
N ASP A 1025 1.45 -38.46 0.51
CA ASP A 1025 1.40 -37.01 0.26
C ASP A 1025 0.90 -36.80 -1.17
N ASP A 1026 1.35 -37.70 -2.05
CA ASP A 1026 0.71 -37.97 -3.33
C ASP A 1026 0.96 -39.44 -3.63
N SER A 1027 0.36 -39.93 -4.72
CA SER A 1027 0.52 -41.32 -5.13
C SER A 1027 1.10 -41.51 -6.53
N TRP A 1028 1.95 -40.59 -6.96
CA TRP A 1028 2.60 -40.72 -8.28
C TRP A 1028 4.11 -40.52 -8.23
N SER A 1029 4.63 -40.21 -7.04
CA SER A 1029 6.07 -40.23 -6.79
C SER A 1029 6.36 -40.63 -5.33
N PRO A 1030 7.60 -41.12 -5.05
CA PRO A 1030 7.96 -41.50 -3.69
C PRO A 1030 7.50 -40.46 -2.67
N SER A 1031 6.68 -40.88 -1.71
CA SER A 1031 6.16 -39.93 -0.73
C SER A 1031 6.43 -40.31 0.72
N VAL A 1032 7.10 -41.43 0.94
CA VAL A 1032 7.46 -41.84 2.30
C VAL A 1032 8.60 -40.96 2.80
N SER A 1033 8.34 -40.29 3.92
CA SER A 1033 9.29 -39.40 4.53
C SER A 1033 10.55 -40.13 4.99
N ALA A 1034 11.67 -39.41 4.98
CA ALA A 1034 12.99 -39.94 5.37
C ALA A 1034 13.02 -40.71 6.70
N GLU A 1035 12.41 -40.14 7.73
CA GLU A 1035 12.41 -40.73 9.08
C GLU A 1035 11.59 -42.02 9.16
N PHE A 1036 10.89 -42.35 8.09
CA PHE A 1036 10.08 -43.56 8.05
C PHE A 1036 10.58 -44.55 7.01
N GLN A 1037 11.74 -44.24 6.42
CA GLN A 1037 12.43 -45.16 5.54
C GLN A 1037 13.36 -46.00 6.40
N LEU A 1038 13.62 -47.24 5.99
CA LEU A 1038 14.45 -48.17 6.78
C LEU A 1038 15.91 -48.16 6.36
N SER A 1039 16.65 -47.20 6.90
CA SER A 1039 17.95 -46.82 6.37
C SER A 1039 19.13 -47.01 7.34
N ALA A 1040 18.84 -47.30 8.62
CA ALA A 1040 19.86 -47.36 9.67
C ALA A 1040 21.00 -48.32 9.35
N GLY A 1041 20.72 -49.30 8.49
CA GLY A 1041 21.74 -50.22 7.97
C GLY A 1041 21.91 -51.47 8.79
N ARG A 1042 21.75 -51.34 10.10
CA ARG A 1042 21.84 -52.47 11.01
C ARG A 1042 20.68 -52.41 11.96
N TYR A 1043 19.87 -53.49 11.97
CA TYR A 1043 18.65 -53.55 12.77
C TYR A 1043 18.67 -54.69 13.78
N HIS A 1044 17.89 -54.53 14.84
CA HIS A 1044 17.80 -55.52 15.91
C HIS A 1044 16.38 -55.68 16.45
N TYR A 1045 15.90 -56.91 16.52
CA TYR A 1045 14.65 -57.20 17.22
C TYR A 1045 14.64 -58.58 17.83
N GLN A 1046 13.96 -58.70 18.98
CA GLN A 1046 13.85 -59.96 19.72
C GLN A 1046 12.41 -60.33 20.05
N LEU A 1047 12.10 -61.60 19.87
CA LEU A 1047 10.77 -62.15 20.15
C LEU A 1047 10.90 -63.34 21.11
N VAL A 1048 9.80 -63.66 21.81
CA VAL A 1048 9.71 -64.90 22.60
C VAL A 1048 8.44 -65.66 22.21
N TRP A 1049 8.62 -66.90 21.73
CA TRP A 1049 7.52 -67.73 21.22
C TRP A 1049 7.21 -68.89 22.16
N CYS A 1050 6.17 -68.72 22.98
CA CYS A 1050 5.72 -69.77 23.91
C CYS A 1050 4.28 -70.19 23.65
N GLN A 1051 3.93 -71.39 24.11
CA GLN A 1051 2.62 -71.99 23.86
C GLN A 1051 1.77 -72.11 25.09
N LYS A 1052 1.57 -70.99 25.78
CA LYS A 1052 0.67 -70.96 26.93
C LYS A 1052 -0.77 -71.31 26.48
N ARG B 42 29.59 20.64 41.27
CA ARG B 42 28.75 19.79 40.38
C ARG B 42 29.38 18.42 40.30
N ARG B 43 28.54 17.39 40.35
CA ARG B 43 28.99 16.02 40.19
C ARG B 43 28.46 15.53 38.84
N ASP B 44 29.16 15.93 37.79
CA ASP B 44 28.69 15.74 36.41
C ASP B 44 28.52 14.29 36.03
N TRP B 45 29.23 13.42 36.73
CA TRP B 45 29.16 11.99 36.45
C TRP B 45 27.93 11.35 37.06
N GLU B 46 27.09 12.14 37.72
CA GLU B 46 25.81 11.65 38.25
C GLU B 46 24.63 12.39 37.63
N ASN B 47 24.82 12.89 36.41
CA ASN B 47 23.79 13.66 35.71
C ASN B 47 23.69 13.32 34.20
N PRO B 48 22.64 12.56 33.82
CA PRO B 48 22.53 12.14 32.41
C PRO B 48 22.14 13.29 31.50
N GLY B 49 22.13 14.51 32.04
CA GLY B 49 21.95 15.72 31.26
C GLY B 49 23.29 16.31 30.88
N VAL B 50 24.32 15.98 31.65
CA VAL B 50 25.69 16.33 31.28
C VAL B 50 26.41 15.06 30.82
N THR B 51 26.57 14.93 29.51
CA THR B 51 27.35 13.84 28.93
C THR B 51 28.74 14.29 28.54
N GLN B 52 28.92 15.62 28.48
CA GLN B 52 30.20 16.20 28.09
C GLN B 52 30.24 17.71 28.33
N LEU B 53 31.45 18.26 28.41
CA LEU B 53 31.64 19.70 28.48
C LEU B 53 32.84 20.13 27.63
N ASN B 54 32.61 21.10 26.74
CA ASN B 54 33.63 21.64 25.83
C ASN B 54 34.13 20.63 24.80
N ARG B 55 33.44 19.52 24.67
CA ARG B 55 33.83 18.49 23.71
C ARG B 55 33.55 18.96 22.28
N LEU B 56 34.49 18.69 21.39
CA LEU B 56 34.33 19.01 19.97
C LEU B 56 33.40 18.02 19.27
N ALA B 57 32.82 18.46 18.15
CA ALA B 57 31.89 17.64 17.37
C ALA B 57 32.55 16.42 16.79
N ALA B 58 31.85 15.30 16.84
CA ALA B 58 32.27 14.08 16.17
C ALA B 58 32.29 14.28 14.64
N HIS B 59 33.12 13.49 13.97
CA HIS B 59 33.39 13.65 12.55
C HIS B 59 34.06 12.37 12.11
N PRO B 60 34.19 12.15 10.79
CA PRO B 60 34.90 10.95 10.33
C PRO B 60 36.39 11.10 10.62
N PRO B 61 37.19 10.01 10.50
CA PRO B 61 38.64 10.05 10.81
C PRO B 61 39.41 11.14 10.06
N PHE B 62 40.20 11.91 10.79
CA PHE B 62 41.04 12.96 10.20
C PHE B 62 42.56 12.70 10.34
N ALA B 63 43.35 13.41 9.54
CA ALA B 63 44.82 13.39 9.65
C ALA B 63 45.42 14.75 9.36
N SER B 64 44.60 15.67 8.85
CA SER B 64 45.06 16.98 8.40
C SER B 64 46.38 16.96 7.63
N TRP B 65 46.47 16.09 6.63
CA TRP B 65 47.61 16.07 5.74
C TRP B 65 47.81 17.43 5.07
N ARG B 66 49.06 17.85 4.92
CA ARG B 66 49.42 19.06 4.18
C ARG B 66 50.07 18.76 2.82
N ASN B 67 49.94 17.52 2.37
CA ASN B 67 50.43 17.10 1.08
C ASN B 67 49.42 16.10 0.56
N SER B 68 48.86 16.38 -0.62
CA SER B 68 47.80 15.56 -1.17
C SER B 68 48.30 14.16 -1.52
N GLU B 69 49.57 14.07 -1.89
CA GLU B 69 50.14 12.78 -2.22
C GLU B 69 50.12 11.86 -1.01
N GLU B 70 50.38 12.42 0.17
CA GLU B 70 50.41 11.64 1.40
C GLU B 70 48.99 11.17 1.69
N ALA B 71 48.04 12.10 1.61
CA ALA B 71 46.61 11.81 1.74
C ALA B 71 46.17 10.68 0.84
N ARG B 72 46.50 10.79 -0.45
CA ARG B 72 46.13 9.77 -1.44
C ARG B 72 46.67 8.38 -1.08
N THR B 73 47.93 8.34 -0.67
CA THR B 73 48.62 7.07 -0.43
C THR B 73 48.42 6.57 0.99
N ASP B 74 47.78 7.38 1.85
CA ASP B 74 47.44 6.97 3.24
C ASP B 74 48.72 6.78 4.08
N ARG B 75 49.72 7.61 3.81
CA ARG B 75 50.94 7.56 4.58
C ARG B 75 50.74 8.33 5.89
N PRO B 76 51.58 8.09 6.92
CA PRO B 76 51.42 8.84 8.18
C PRO B 76 51.37 10.35 7.96
N SER B 77 50.70 11.06 8.85
CA SER B 77 50.70 12.52 8.79
C SER B 77 51.46 13.12 9.96
N GLN B 78 52.33 14.07 9.65
CA GLN B 78 53.04 14.83 10.66
C GLN B 78 52.10 15.58 11.61
N GLN B 79 50.88 15.85 11.16
CA GLN B 79 49.91 16.64 11.92
C GLN B 79 49.12 15.76 12.87
N LEU B 80 49.54 14.50 12.96
CA LEU B 80 48.90 13.55 13.84
C LEU B 80 49.95 12.82 14.65
N ARG B 81 49.88 12.97 15.97
CA ARG B 81 50.88 12.44 16.90
C ARG B 81 50.22 11.55 17.92
N SER B 82 50.76 10.35 18.08
CA SER B 82 50.33 9.45 19.14
C SER B 82 50.89 9.98 20.46
N LEU B 83 50.06 10.03 21.49
CA LEU B 83 50.55 10.24 22.85
C LEU B 83 50.60 8.92 23.60
N ASN B 84 50.60 7.83 22.83
CA ASN B 84 50.76 6.49 23.39
C ASN B 84 52.17 6.23 23.90
N GLY B 85 52.27 5.45 24.98
CA GLY B 85 53.54 5.13 25.60
C GLY B 85 53.45 5.10 27.11
N GLU B 86 54.50 5.58 27.78
CA GLU B 86 54.58 5.57 29.23
C GLU B 86 53.89 6.77 29.86
N TRP B 87 52.90 6.52 30.70
CA TRP B 87 52.16 7.56 31.41
C TRP B 87 52.32 7.39 32.92
N ARG B 88 51.92 8.41 33.67
CA ARG B 88 51.98 8.37 35.14
C ARG B 88 50.58 8.14 35.68
N PHE B 89 50.41 7.05 36.43
CA PHE B 89 49.11 6.61 36.91
C PHE B 89 49.07 6.39 38.42
N ALA B 90 47.93 6.72 39.02
CA ALA B 90 47.68 6.50 40.44
C ALA B 90 46.20 6.29 40.69
N TRP B 91 45.91 5.29 41.52
CA TRP B 91 44.55 4.89 41.82
C TRP B 91 44.07 5.56 43.12
N PHE B 92 42.78 5.86 43.19
CA PHE B 92 42.16 6.45 44.38
C PHE B 92 40.78 5.84 44.55
N PRO B 93 40.27 5.78 45.81
CA PRO B 93 39.02 5.06 46.03
C PRO B 93 37.77 5.84 45.60
N ALA B 94 37.93 7.15 45.44
CA ALA B 94 36.85 8.08 45.15
C ALA B 94 37.42 9.44 44.70
N PRO B 95 36.69 10.18 43.83
CA PRO B 95 37.22 11.44 43.29
C PRO B 95 37.55 12.47 44.36
N GLU B 96 36.96 12.33 45.55
CA GLU B 96 37.19 13.26 46.67
C GLU B 96 38.58 13.07 47.29
N ALA B 97 39.11 11.86 47.16
CA ALA B 97 40.41 11.48 47.73
C ALA B 97 41.62 12.00 46.95
N VAL B 98 41.39 12.48 45.73
CA VAL B 98 42.47 12.96 44.87
C VAL B 98 43.03 14.31 45.36
N PRO B 99 44.36 14.39 45.60
CA PRO B 99 44.98 15.63 46.09
C PRO B 99 44.98 16.78 45.08
N GLU B 100 44.74 18.00 45.56
CA GLU B 100 44.81 19.21 44.74
C GLU B 100 46.15 19.33 43.99
N SER B 101 47.21 18.77 44.56
CA SER B 101 48.53 18.93 44.00
C SER B 101 48.70 18.24 42.65
N TRP B 102 47.90 17.22 42.42
CA TRP B 102 48.00 16.41 41.22
C TRP B 102 47.72 17.20 39.93
N LEU B 103 46.90 18.23 40.03
CA LEU B 103 46.61 19.06 38.88
C LEU B 103 47.89 19.72 38.43
N GLU B 104 48.61 20.28 39.41
CA GLU B 104 49.78 21.10 39.12
C GLU B 104 51.03 20.28 38.83
N CYS B 105 51.32 19.25 39.64
CA CYS B 105 52.53 18.43 39.42
C CYS B 105 52.44 16.94 39.82
N ASP B 106 53.27 16.15 39.16
CA ASP B 106 53.35 14.71 39.33
C ASP B 106 53.39 14.24 40.78
N LEU B 107 52.60 13.20 41.07
CA LEU B 107 52.55 12.56 42.39
C LEU B 107 53.71 11.59 42.56
N PRO B 108 54.52 11.77 43.62
CA PRO B 108 55.62 10.84 43.90
C PRO B 108 55.13 9.39 44.04
N GLU B 109 53.88 9.24 44.51
CA GLU B 109 53.26 7.94 44.77
C GLU B 109 52.77 7.21 43.50
N ALA B 110 52.70 7.95 42.39
CA ALA B 110 52.22 7.40 41.13
C ALA B 110 53.25 6.51 40.44
N ASP B 111 52.78 5.43 39.80
CA ASP B 111 53.64 4.53 39.02
C ASP B 111 53.80 5.02 37.58
N THR B 112 54.57 4.29 36.79
CA THR B 112 54.68 4.56 35.36
C THR B 112 54.05 3.39 34.59
N VAL B 113 52.97 3.66 33.87
CA VAL B 113 52.28 2.60 33.13
C VAL B 113 52.17 2.84 31.63
N VAL B 114 51.78 1.80 30.91
CA VAL B 114 51.52 1.89 29.47
C VAL B 114 50.07 2.35 29.22
N VAL B 115 49.91 3.24 28.25
CA VAL B 115 48.60 3.68 27.76
C VAL B 115 48.57 3.54 26.22
N PRO B 116 47.51 2.90 25.69
CA PRO B 116 46.29 2.49 26.36
C PRO B 116 46.45 1.27 27.27
N SER B 117 45.50 1.12 28.20
CA SER B 117 45.41 -0.03 29.09
C SER B 117 44.12 0.09 29.86
N ASN B 118 43.58 -1.06 30.27
CA ASN B 118 42.53 -1.11 31.29
C ASN B 118 43.25 -1.29 32.60
N TRP B 119 42.95 -0.49 33.60
CA TRP B 119 43.80 -0.56 34.76
C TRP B 119 43.64 -1.81 35.63
N GLN B 120 42.58 -2.58 35.41
CA GLN B 120 42.42 -3.82 36.14
C GLN B 120 43.34 -4.92 35.61
N MET B 121 43.92 -4.67 34.45
CA MET B 121 44.94 -5.54 33.87
C MET B 121 46.30 -5.27 34.50
N HIS B 122 46.42 -4.15 35.21
CA HIS B 122 47.65 -3.83 35.92
C HIS B 122 47.59 -4.23 37.40
N GLY B 123 46.38 -4.54 37.88
CA GLY B 123 46.18 -5.09 39.22
C GLY B 123 45.67 -4.16 40.32
N TYR B 124 45.44 -2.89 39.98
CA TYR B 124 45.02 -1.85 40.93
C TYR B 124 43.71 -2.13 41.68
N ASP B 125 42.70 -2.62 40.95
CA ASP B 125 41.50 -3.23 41.53
C ASP B 125 41.11 -4.40 40.63
N ALA B 126 39.94 -4.98 40.88
CA ALA B 126 39.56 -6.20 40.18
C ALA B 126 38.56 -5.98 39.03
N PRO B 127 38.78 -6.66 37.90
CA PRO B 127 37.75 -6.68 36.87
C PRO B 127 36.55 -7.48 37.37
N ILE B 128 35.36 -6.98 37.10
CA ILE B 128 34.12 -7.66 37.49
C ILE B 128 33.50 -8.34 36.26
N TYR B 129 33.20 -9.63 36.36
CA TYR B 129 32.34 -10.24 35.35
C TYR B 129 30.90 -10.49 35.80
N THR B 130 30.01 -9.62 35.36
CA THR B 130 28.57 -9.80 35.55
C THR B 130 27.82 -9.64 34.22
N ASN B 131 26.88 -10.55 33.99
CA ASN B 131 26.06 -10.54 32.78
C ASN B 131 24.98 -9.46 32.83
N VAL B 132 23.82 -9.81 33.38
CA VAL B 132 22.66 -8.93 33.36
C VAL B 132 22.70 -7.95 34.53
N THR B 133 22.78 -8.48 35.75
CA THR B 133 22.77 -7.66 36.94
C THR B 133 23.88 -6.61 36.85
N TYR B 134 23.50 -5.34 37.09
CA TYR B 134 24.45 -4.23 37.12
C TYR B 134 25.51 -4.48 38.20
N PRO B 135 26.76 -4.07 37.91
CA PRO B 135 27.82 -4.26 38.89
C PRO B 135 27.76 -3.19 39.98
N ILE B 136 26.81 -2.26 39.84
CA ILE B 136 26.56 -1.21 40.82
C ILE B 136 25.10 -1.26 41.28
N THR B 137 24.80 -0.65 42.41
CA THR B 137 23.42 -0.51 42.86
C THR B 137 22.61 0.19 41.77
N VAL B 138 21.43 -0.35 41.48
CA VAL B 138 20.50 0.20 40.51
C VAL B 138 19.76 1.37 41.17
N ASN B 139 20.27 2.57 40.95
CA ASN B 139 19.66 3.80 41.48
C ASN B 139 19.94 5.02 40.58
N PRO B 140 19.35 5.05 39.37
CA PRO B 140 19.63 6.12 38.42
C PRO B 140 19.26 7.50 38.97
N PRO B 141 20.12 8.51 38.72
CA PRO B 141 21.37 8.39 37.95
C PRO B 141 22.62 8.28 38.82
N PHE B 142 22.47 7.76 40.04
CA PHE B 142 23.52 7.79 41.06
C PHE B 142 24.48 6.60 40.97
N VAL B 143 25.75 6.87 41.24
CA VAL B 143 26.76 5.82 41.32
C VAL B 143 27.28 5.77 42.74
N PRO B 144 27.98 4.68 43.11
CA PRO B 144 28.50 4.59 44.48
C PRO B 144 29.49 5.69 44.81
N THR B 145 29.44 6.17 46.04
CA THR B 145 30.42 7.17 46.52
C THR B 145 31.84 6.61 46.54
N GLU B 146 31.96 5.30 46.72
CA GLU B 146 33.25 4.61 46.60
C GLU B 146 33.51 4.21 45.15
N ASN B 147 33.87 5.22 44.35
CA ASN B 147 33.98 5.14 42.90
C ASN B 147 35.47 5.20 42.49
N PRO B 148 36.05 4.01 42.21
CA PRO B 148 37.46 3.93 41.84
C PRO B 148 37.86 4.98 40.80
N THR B 149 38.87 5.77 41.13
CA THR B 149 39.29 6.92 40.34
C THR B 149 40.72 6.73 39.84
N GLY B 150 40.88 6.71 38.52
CA GLY B 150 42.18 6.53 37.88
C GLY B 150 42.78 7.88 37.50
N CYS B 151 43.93 8.19 38.08
CA CYS B 151 44.54 9.47 37.80
C CYS B 151 45.69 9.30 36.83
N TYR B 152 45.50 9.77 35.60
CA TYR B 152 46.53 9.68 34.58
C TYR B 152 47.12 11.05 34.34
N SER B 153 48.42 11.10 34.08
CA SER B 153 49.10 12.33 33.76
C SER B 153 50.22 12.05 32.78
N LEU B 154 50.59 13.07 32.02
CA LEU B 154 51.67 12.95 31.04
C LEU B 154 52.36 14.29 30.86
N THR B 155 53.69 14.26 30.94
CA THR B 155 54.52 15.41 30.68
C THR B 155 55.05 15.16 29.29
N PHE B 156 54.87 16.13 28.40
CA PHE B 156 55.19 15.93 26.99
C PHE B 156 55.54 17.23 26.30
N ASN B 157 56.30 17.12 25.21
CA ASN B 157 56.76 18.27 24.49
C ASN B 157 55.82 18.65 23.35
N VAL B 158 55.67 19.95 23.14
CA VAL B 158 54.96 20.48 21.98
C VAL B 158 55.85 21.52 21.26
N ASP B 159 56.12 21.27 19.98
CA ASP B 159 56.94 22.14 19.15
C ASP B 159 56.30 23.52 18.95
N GLU B 160 57.15 24.53 18.81
CA GLU B 160 56.77 25.91 18.64
C GLU B 160 55.82 26.16 17.46
N SER B 161 56.05 25.46 16.34
CA SER B 161 55.29 25.69 15.12
C SER B 161 53.79 25.33 15.24
N TRP B 162 53.46 24.39 16.13
CA TRP B 162 52.07 23.98 16.40
C TRP B 162 51.25 25.04 17.14
N LEU B 163 51.92 26.03 17.74
CA LEU B 163 51.20 27.04 18.51
C LEU B 163 51.20 28.42 17.86
N GLN B 164 52.17 28.68 16.99
CA GLN B 164 52.27 29.96 16.30
C GLN B 164 51.00 30.24 15.48
N GLU B 165 50.47 29.20 14.84
CA GLU B 165 49.19 29.29 14.15
C GLU B 165 48.51 27.92 14.07
N GLY B 166 47.18 27.91 13.99
CA GLY B 166 46.41 26.68 13.86
C GLY B 166 45.73 26.24 15.14
N GLN B 167 45.06 25.09 15.06
CA GLN B 167 44.29 24.54 16.17
C GLN B 167 44.87 23.19 16.56
N THR B 168 45.16 23.04 17.85
CA THR B 168 45.69 21.77 18.35
C THR B 168 44.68 21.12 19.27
N ARG B 169 44.26 19.90 18.91
CA ARG B 169 43.30 19.16 19.73
C ARG B 169 43.86 17.82 20.20
N ILE B 170 43.38 17.38 21.36
CA ILE B 170 43.69 16.06 21.86
C ILE B 170 42.48 15.18 21.59
N ILE B 171 42.72 13.90 21.31
CA ILE B 171 41.67 12.96 20.97
C ILE B 171 41.80 11.74 21.86
N PHE B 172 40.78 11.51 22.68
CA PHE B 172 40.75 10.32 23.49
C PHE B 172 39.82 9.31 22.86
N ASP B 173 40.39 8.30 22.20
CA ASP B 173 39.59 7.32 21.46
C ASP B 173 38.64 6.47 22.32
N GLY B 174 39.03 6.21 23.57
CA GLY B 174 38.23 5.39 24.46
C GLY B 174 38.62 5.58 25.91
N VAL B 175 37.66 6.07 26.71
CA VAL B 175 37.87 6.26 28.15
C VAL B 175 36.69 5.71 28.92
N ASN B 176 36.96 4.74 29.80
CA ASN B 176 35.93 3.96 30.50
C ASN B 176 35.92 4.30 31.99
N SER B 177 34.85 4.91 32.50
CA SER B 177 33.62 5.24 31.77
C SER B 177 33.38 6.75 31.55
N ALA B 178 34.02 7.59 32.35
CA ALA B 178 33.91 9.04 32.22
C ALA B 178 35.18 9.71 32.76
N PHE B 179 35.36 10.99 32.46
CA PHE B 179 36.61 11.69 32.83
C PHE B 179 36.58 13.20 32.74
N HIS B 180 37.36 13.82 33.60
CA HIS B 180 37.65 15.26 33.53
C HIS B 180 39.08 15.41 33.05
N LEU B 181 39.38 16.53 32.40
CA LEU B 181 40.69 16.70 31.80
C LEU B 181 41.23 18.07 32.08
N TRP B 182 42.50 18.12 32.48
CA TRP B 182 43.23 19.36 32.70
C TRP B 182 44.49 19.37 31.87
N CYS B 183 44.84 20.55 31.40
CA CYS B 183 46.09 20.76 30.68
C CYS B 183 46.87 21.88 31.36
N ASN B 184 48.05 21.53 31.85
CA ASN B 184 48.88 22.45 32.60
C ASN B 184 48.10 23.12 33.72
N GLY B 185 47.36 22.32 34.50
CA GLY B 185 46.63 22.84 35.66
C GLY B 185 45.28 23.48 35.38
N ARG B 186 45.12 24.10 34.22
CA ARG B 186 43.84 24.70 33.84
C ARG B 186 42.85 23.63 33.36
N TRP B 187 41.58 23.80 33.73
CA TRP B 187 40.55 22.81 33.40
C TRP B 187 40.07 22.93 31.95
N VAL B 188 39.93 21.79 31.28
CA VAL B 188 39.59 21.76 29.85
C VAL B 188 38.15 21.32 29.59
N GLY B 189 37.79 20.14 30.09
CA GLY B 189 36.48 19.57 29.77
C GLY B 189 36.15 18.26 30.41
N TYR B 190 35.01 17.69 30.02
CA TYR B 190 34.53 16.45 30.57
C TYR B 190 33.99 15.60 29.44
N GLY B 191 33.86 14.28 29.65
CA GLY B 191 33.39 13.39 28.60
C GLY B 191 32.83 12.05 29.05
N GLN B 192 31.94 11.50 28.23
CA GLN B 192 31.31 10.20 28.49
C GLN B 192 31.16 9.37 27.20
N ASP B 193 30.58 8.18 27.33
CA ASP B 193 30.47 7.20 26.24
C ASP B 193 31.83 6.59 25.98
N SER B 194 32.07 5.43 26.56
CA SER B 194 33.40 4.88 26.61
C SER B 194 33.81 4.13 25.36
N ARG B 195 33.10 4.34 24.26
CA ARG B 195 33.44 3.56 23.08
C ARG B 195 33.52 4.37 21.81
N LEU B 196 33.50 5.70 21.98
CA LEU B 196 33.63 6.69 20.91
C LEU B 196 34.59 7.79 21.35
N PRO B 197 35.29 8.43 20.39
CA PRO B 197 36.30 9.40 20.75
C PRO B 197 35.75 10.72 21.28
N SER B 198 36.30 11.17 22.41
CA SER B 198 36.07 12.52 22.93
C SER B 198 37.28 13.39 22.57
N GLU B 199 37.00 14.59 22.05
CA GLU B 199 38.04 15.49 21.58
C GLU B 199 37.88 16.88 22.19
N PHE B 200 39.00 17.54 22.46
CA PHE B 200 38.99 18.88 23.04
C PHE B 200 40.06 19.74 22.42
N ASP B 201 39.72 21.00 22.20
CA ASP B 201 40.65 22.00 21.68
C ASP B 201 41.59 22.47 22.80
N LEU B 202 42.87 22.17 22.66
CA LEU B 202 43.89 22.54 23.66
C LEU B 202 44.73 23.75 23.29
N SER B 203 44.45 24.34 22.13
CA SER B 203 45.25 25.45 21.59
C SER B 203 45.65 26.49 22.62
N ALA B 204 44.65 26.95 23.37
CA ALA B 204 44.81 28.04 24.32
C ALA B 204 45.48 27.60 25.65
N PHE B 205 45.54 26.30 25.88
CA PHE B 205 46.08 25.76 27.14
C PHE B 205 47.55 25.37 27.06
N LEU B 206 48.05 25.13 25.83
CA LEU B 206 49.42 24.67 25.63
C LEU B 206 50.44 25.81 25.50
N ARG B 207 51.66 25.55 25.94
CA ARG B 207 52.76 26.47 25.73
C ARG B 207 53.91 25.72 25.10
N ALA B 208 54.85 26.46 24.53
CA ALA B 208 56.04 25.86 23.88
C ALA B 208 56.90 25.04 24.86
N GLY B 209 57.39 23.90 24.37
CA GLY B 209 58.19 23.01 25.20
C GLY B 209 57.37 22.03 25.99
N GLU B 210 57.57 22.02 27.30
CA GLU B 210 56.99 21.01 28.17
C GLU B 210 55.59 21.35 28.64
N ASN B 211 54.68 20.39 28.51
CA ASN B 211 53.32 20.54 29.00
C ASN B 211 52.91 19.31 29.81
N ARG B 212 51.84 19.44 30.60
CA ARG B 212 51.33 18.35 31.42
C ARG B 212 49.82 18.11 31.28
N LEU B 213 49.45 16.88 30.92
CA LEU B 213 48.05 16.47 30.89
C LEU B 213 47.66 15.86 32.23
N ALA B 214 46.45 16.17 32.68
CA ALA B 214 45.90 15.53 33.86
C ALA B 214 44.49 15.03 33.54
N VAL B 215 44.35 13.71 33.53
CA VAL B 215 43.09 13.07 33.15
C VAL B 215 42.49 12.29 34.31
N MET B 216 41.36 12.73 34.82
CA MET B 216 40.71 12.03 35.93
C MET B 216 39.61 11.13 35.41
N VAL B 217 39.82 9.83 35.54
CA VAL B 217 38.91 8.83 34.99
C VAL B 217 38.09 8.13 36.08
N LEU B 218 36.78 8.26 35.96
CA LEU B 218 35.86 7.65 36.91
C LEU B 218 35.38 6.31 36.36
N ARG B 219 35.37 5.31 37.23
CA ARG B 219 34.92 3.99 36.83
C ARG B 219 33.42 3.98 36.57
N TRP B 220 32.67 4.65 37.44
CA TRP B 220 31.21 4.64 37.34
C TRP B 220 30.71 6.05 37.16
N SER B 221 29.70 6.19 36.30
CA SER B 221 29.06 7.45 36.03
C SER B 221 27.65 7.12 35.63
N ASP B 222 26.86 8.16 35.35
CA ASP B 222 25.50 7.98 34.86
C ASP B 222 25.52 7.24 33.52
N GLY B 223 26.63 7.42 32.79
CA GLY B 223 26.89 6.71 31.55
C GLY B 223 26.95 5.21 31.72
N SER B 224 27.41 4.76 32.90
CA SER B 224 27.46 3.32 33.21
C SER B 224 26.10 2.65 32.98
N TYR B 225 25.02 3.32 33.40
CA TYR B 225 23.66 2.80 33.20
C TYR B 225 23.30 2.47 31.76
N LEU B 226 24.03 3.04 30.80
CA LEU B 226 23.83 2.73 29.39
C LEU B 226 24.83 1.68 28.87
N GLU B 227 25.72 1.23 29.75
CA GLU B 227 26.83 0.34 29.34
C GLU B 227 26.81 -0.97 30.14
N ASP B 228 25.72 -1.71 30.02
CA ASP B 228 25.57 -2.97 30.74
C ASP B 228 25.71 -4.16 29.82
N GLN B 229 26.76 -4.17 29.01
CA GLN B 229 26.96 -5.31 28.13
C GLN B 229 27.53 -6.50 28.87
N ASP B 230 27.10 -7.68 28.47
CA ASP B 230 27.61 -8.92 29.02
C ASP B 230 29.07 -9.15 28.68
N MET B 231 29.93 -8.47 29.43
CA MET B 231 31.37 -8.54 29.25
C MET B 231 32.01 -8.29 30.61
N TRP B 232 33.34 -8.16 30.63
CA TRP B 232 34.05 -7.72 31.83
C TRP B 232 33.82 -6.23 32.04
N ARG B 233 33.76 -5.83 33.30
CA ARG B 233 33.62 -4.41 33.63
C ARG B 233 34.98 -3.89 34.04
N MET B 234 35.60 -3.18 33.12
CA MET B 234 36.94 -2.66 33.32
C MET B 234 36.87 -1.14 33.27
N SER B 235 38.00 -0.47 33.04
CA SER B 235 38.03 0.99 33.01
C SER B 235 39.40 1.53 32.70
N GLY B 236 39.48 2.84 32.50
CA GLY B 236 40.75 3.50 32.20
C GLY B 236 40.82 4.04 30.79
N ILE B 237 41.99 4.53 30.42
CA ILE B 237 42.24 5.02 29.07
C ILE B 237 42.69 3.81 28.26
N PHE B 238 41.74 3.21 27.55
CA PHE B 238 41.97 1.89 26.98
C PHE B 238 42.08 1.90 25.44
N ARG B 239 42.07 3.09 24.88
CA ARG B 239 42.23 3.25 23.46
C ARG B 239 43.11 4.45 23.26
N ASP B 240 43.75 4.51 22.10
CA ASP B 240 44.70 5.53 21.78
C ASP B 240 44.41 6.89 22.28
N VAL B 241 45.48 7.67 22.39
CA VAL B 241 45.38 9.08 22.66
C VAL B 241 46.23 9.73 21.59
N SER B 242 45.91 10.95 21.22
CA SER B 242 46.67 11.59 20.17
C SER B 242 46.44 13.09 20.09
N LEU B 243 47.35 13.76 19.37
CA LEU B 243 47.25 15.18 19.08
C LEU B 243 47.11 15.43 17.59
N LEU B 244 46.09 16.20 17.21
CA LEU B 244 45.86 16.54 15.82
C LEU B 244 45.91 18.05 15.62
N HIS B 245 46.87 18.50 14.82
CA HIS B 245 46.92 19.90 14.44
C HIS B 245 46.11 20.12 13.17
N LYS B 246 45.17 21.04 13.26
CA LYS B 246 44.38 21.48 12.11
C LYS B 246 44.61 22.98 11.86
N PRO B 247 44.48 23.43 10.60
CA PRO B 247 44.59 24.85 10.35
C PRO B 247 43.34 25.55 10.86
N THR B 248 43.44 26.86 11.07
CA THR B 248 42.31 27.68 11.55
C THR B 248 41.13 27.52 10.59
N THR B 249 41.39 27.72 9.31
CA THR B 249 40.42 27.38 8.30
C THR B 249 40.68 25.94 7.90
N GLN B 250 39.66 25.11 8.11
CA GLN B 250 39.79 23.66 8.09
C GLN B 250 38.52 22.98 7.58
N ILE B 251 38.68 21.77 7.05
CA ILE B 251 37.58 20.86 6.82
C ILE B 251 37.09 20.38 8.19
N SER B 252 35.83 20.68 8.50
CA SER B 252 35.26 20.19 9.75
C SER B 252 34.52 18.87 9.62
N ASP B 253 34.08 18.54 8.40
CA ASP B 253 33.27 17.33 8.15
C ASP B 253 33.17 17.05 6.64
N PHE B 254 32.95 15.78 6.28
CA PHE B 254 32.73 15.38 4.87
C PHE B 254 32.04 14.03 4.78
N HIS B 255 31.04 13.95 3.89
CA HIS B 255 30.30 12.72 3.67
C HIS B 255 30.54 12.22 2.27
N VAL B 256 30.65 10.90 2.14
CA VAL B 256 30.72 10.27 0.83
C VAL B 256 29.48 9.44 0.58
N ALA B 257 28.91 9.61 -0.62
CA ALA B 257 27.74 8.86 -1.07
C ALA B 257 27.99 8.29 -2.48
N THR B 258 27.39 7.14 -2.78
CA THR B 258 27.48 6.54 -4.12
C THR B 258 26.13 5.97 -4.60
N ARG B 259 25.54 6.60 -5.61
CA ARG B 259 24.27 6.15 -6.19
C ARG B 259 24.50 5.42 -7.52
N PHE B 260 23.56 4.55 -7.90
CA PHE B 260 23.75 3.71 -9.07
C PHE B 260 22.51 3.62 -9.96
N ASN B 261 22.74 3.56 -11.27
CA ASN B 261 21.68 3.26 -12.22
C ASN B 261 21.21 1.81 -12.02
N ASP B 262 20.24 1.36 -12.81
CA ASP B 262 19.60 0.04 -12.59
C ASP B 262 20.57 -1.15 -12.49
N ASP B 263 21.62 -1.16 -13.30
CA ASP B 263 22.49 -2.34 -13.41
C ASP B 263 23.89 -2.16 -12.82
N PHE B 264 24.12 -1.02 -12.18
CA PHE B 264 25.41 -0.70 -11.57
C PHE B 264 26.54 -0.57 -12.60
N SER B 265 26.20 -0.10 -13.78
CA SER B 265 27.21 0.13 -14.82
C SER B 265 27.60 1.60 -14.83
N ARG B 266 26.91 2.38 -14.00
CA ARG B 266 27.18 3.81 -13.84
C ARG B 266 26.88 4.23 -12.40
N ALA B 267 27.72 5.12 -11.85
CA ALA B 267 27.52 5.60 -10.48
C ALA B 267 27.81 7.08 -10.35
N VAL B 268 27.19 7.72 -9.37
CA VAL B 268 27.56 9.09 -9.01
C VAL B 268 28.11 9.08 -7.60
N LEU B 269 29.32 9.61 -7.43
CA LEU B 269 29.87 9.78 -6.11
C LEU B 269 29.57 11.19 -5.65
N GLU B 270 28.87 11.29 -4.52
CA GLU B 270 28.53 12.58 -3.93
C GLU B 270 29.30 12.86 -2.65
N ALA B 271 30.01 13.99 -2.66
CA ALA B 271 30.84 14.37 -1.53
C ALA B 271 30.42 15.72 -0.94
N GLU B 272 29.73 15.67 0.19
CA GLU B 272 29.40 16.90 0.93
C GLU B 272 30.54 17.27 1.86
N VAL B 273 31.07 18.48 1.72
CA VAL B 273 32.17 18.95 2.54
C VAL B 273 31.71 20.14 3.35
N GLN B 274 32.10 20.15 4.63
CA GLN B 274 31.81 21.25 5.56
C GLN B 274 33.12 21.80 6.10
N MET B 275 33.10 23.08 6.48
CA MET B 275 34.29 23.78 6.93
C MET B 275 34.03 24.66 8.15
N CYS B 276 35.06 24.82 8.98
CA CYS B 276 35.05 25.81 10.04
C CYS B 276 36.15 26.82 9.73
N GLY B 277 35.98 28.04 10.22
CA GLY B 277 36.97 29.08 10.03
C GLY B 277 36.30 30.29 9.44
N GLU B 278 37.06 31.06 8.65
CA GLU B 278 36.54 32.29 8.05
C GLU B 278 36.37 32.18 6.54
N LEU B 279 35.11 32.26 6.12
CA LEU B 279 34.75 32.13 4.70
C LEU B 279 35.39 33.18 3.84
N ARG B 280 35.98 32.73 2.74
CA ARG B 280 36.59 33.61 1.75
C ARG B 280 36.18 33.18 0.34
N ASP B 281 35.98 34.17 -0.53
CA ASP B 281 35.63 33.90 -1.93
C ASP B 281 36.69 33.07 -2.68
N TYR B 282 37.93 33.11 -2.19
CA TYR B 282 39.04 32.38 -2.83
C TYR B 282 39.17 30.89 -2.43
N LEU B 283 38.53 30.50 -1.32
CA LEU B 283 38.55 29.11 -0.85
C LEU B 283 37.86 28.13 -1.81
N ARG B 284 38.51 26.99 -2.02
CA ARG B 284 38.03 25.98 -2.94
C ARG B 284 38.08 24.62 -2.28
N VAL B 285 37.22 23.72 -2.74
CA VAL B 285 37.29 22.33 -2.37
C VAL B 285 37.42 21.48 -3.63
N THR B 286 38.44 20.63 -3.65
CA THR B 286 38.58 19.66 -4.72
C THR B 286 38.45 18.24 -4.17
N VAL B 287 37.58 17.44 -4.78
CA VAL B 287 37.48 16.03 -4.46
C VAL B 287 37.99 15.25 -5.66
N SER B 288 38.99 14.40 -5.44
CA SER B 288 39.47 13.56 -6.51
C SER B 288 39.34 12.09 -6.11
N LEU B 289 38.93 11.25 -7.06
CA LEU B 289 38.70 9.85 -6.82
C LEU B 289 39.76 9.04 -7.55
N TRP B 290 40.50 8.24 -6.79
CA TRP B 290 41.64 7.50 -7.31
C TRP B 290 41.42 6.00 -7.20
N GLN B 291 41.94 5.26 -8.19
CA GLN B 291 41.96 3.80 -8.15
C GLN B 291 43.37 3.38 -8.46
N GLY B 292 44.08 2.93 -7.44
CA GLY B 292 45.53 2.79 -7.55
C GLY B 292 46.12 4.15 -7.85
N GLU B 293 46.90 4.24 -8.93
CA GLU B 293 47.56 5.48 -9.31
C GLU B 293 46.81 6.22 -10.41
N THR B 294 45.60 5.77 -10.67
CA THR B 294 44.80 6.24 -11.80
C THR B 294 43.72 7.24 -11.35
N GLN B 295 43.88 8.51 -11.71
CA GLN B 295 42.83 9.46 -11.42
C GLN B 295 41.55 9.17 -12.21
N VAL B 296 40.51 8.79 -11.49
CA VAL B 296 39.26 8.40 -12.14
C VAL B 296 38.32 9.57 -12.34
N ALA B 297 38.30 10.49 -11.39
CA ALA B 297 37.45 11.66 -11.51
C ALA B 297 37.91 12.76 -10.58
N SER B 298 37.55 14.00 -10.91
CA SER B 298 37.95 15.16 -10.12
C SER B 298 37.01 16.33 -10.34
N GLY B 299 36.61 16.96 -9.22
CA GLY B 299 35.72 18.11 -9.22
C GLY B 299 36.16 19.19 -8.24
N THR B 300 35.93 20.44 -8.61
CA THR B 300 36.29 21.59 -7.78
C THR B 300 35.14 22.60 -7.73
N ALA B 301 34.88 23.14 -6.54
CA ALA B 301 33.86 24.18 -6.36
C ALA B 301 34.22 25.10 -5.21
N PRO B 302 33.75 26.36 -5.26
CA PRO B 302 33.90 27.26 -4.12
C PRO B 302 32.87 26.92 -3.06
N PHE B 303 32.97 27.49 -1.87
CA PHE B 303 31.97 27.19 -0.84
C PHE B 303 30.68 27.94 -1.09
N GLY B 304 29.56 27.26 -0.82
CA GLY B 304 28.22 27.77 -1.09
C GLY B 304 27.28 26.68 -1.59
N GLY B 305 26.50 26.10 -0.69
CA GLY B 305 25.55 25.04 -1.02
C GLY B 305 24.24 25.56 -1.61
N GLU B 306 23.45 24.63 -2.16
CA GLU B 306 22.18 24.98 -2.78
C GLU B 306 21.20 25.51 -1.75
N ILE B 307 20.19 26.23 -2.23
CA ILE B 307 19.14 26.72 -1.37
C ILE B 307 18.38 25.54 -0.79
N ILE B 308 18.30 25.46 0.54
CA ILE B 308 17.52 24.41 1.16
C ILE B 308 16.19 24.91 1.77
N ASP B 309 16.12 26.19 2.14
CA ASP B 309 14.88 26.76 2.70
C ASP B 309 14.74 28.27 2.48
N GLU B 310 13.74 28.87 3.13
CA GLU B 310 13.40 30.28 2.93
C GLU B 310 14.56 31.24 3.27
N ARG B 311 15.49 30.79 4.10
CA ARG B 311 16.62 31.63 4.53
C ARG B 311 17.93 31.39 3.73
N GLY B 312 17.83 30.67 2.61
CA GLY B 312 19.00 30.38 1.78
C GLY B 312 19.59 29.00 2.02
N GLY B 313 20.91 28.92 1.98
CA GLY B 313 21.59 27.64 2.15
C GLY B 313 22.80 27.70 3.07
N TYR B 314 23.54 26.60 3.06
CA TYR B 314 24.76 26.50 3.85
C TYR B 314 25.92 27.08 3.07
N ALA B 315 26.40 28.24 3.51
CA ALA B 315 27.52 28.91 2.85
C ALA B 315 28.85 28.31 3.29
N ASP B 316 28.81 27.49 4.33
CA ASP B 316 30.01 26.84 4.84
C ASP B 316 30.08 25.39 4.38
N ARG B 317 29.36 25.10 3.30
CA ARG B 317 29.34 23.76 2.72
C ARG B 317 29.37 23.78 1.21
N VAL B 318 29.67 22.63 0.63
CA VAL B 318 29.71 22.46 -0.81
C VAL B 318 29.63 20.97 -1.11
N THR B 319 28.93 20.61 -2.18
CA THR B 319 28.78 19.20 -2.53
C THR B 319 29.37 18.93 -3.91
N LEU B 320 30.25 17.94 -3.98
CA LEU B 320 30.84 17.59 -5.25
C LEU B 320 30.17 16.34 -5.78
N ARG B 321 29.89 16.35 -7.08
CA ARG B 321 29.28 15.21 -7.77
C ARG B 321 30.22 14.72 -8.86
N LEU B 322 30.59 13.45 -8.78
CA LEU B 322 31.49 12.87 -9.76
C LEU B 322 30.84 11.68 -10.45
N ASN B 323 30.94 11.64 -11.78
CA ASN B 323 30.52 10.48 -12.57
C ASN B 323 31.60 9.45 -12.56
N VAL B 324 31.20 8.19 -12.47
CA VAL B 324 32.10 7.06 -12.53
C VAL B 324 31.44 6.02 -13.39
N GLU B 325 32.12 5.64 -14.47
CA GLU B 325 31.58 4.69 -15.42
C GLU B 325 32.11 3.29 -15.13
N ASN B 326 31.21 2.30 -15.19
CA ASN B 326 31.53 0.90 -14.89
C ASN B 326 32.35 0.77 -13.64
N PRO B 327 31.83 1.24 -12.49
CA PRO B 327 32.64 1.20 -11.29
C PRO B 327 32.89 -0.23 -10.83
N LYS B 328 34.09 -0.50 -10.30
CA LYS B 328 34.36 -1.77 -9.63
C LYS B 328 33.68 -1.71 -8.27
N LEU B 329 32.72 -2.62 -8.09
CA LEU B 329 31.84 -2.63 -6.91
C LEU B 329 32.45 -3.32 -5.70
N TRP B 330 32.16 -2.81 -4.51
CA TRP B 330 32.69 -3.35 -3.27
C TRP B 330 31.80 -4.45 -2.73
N SER B 331 32.42 -5.55 -2.28
CA SER B 331 31.71 -6.58 -1.52
C SER B 331 32.67 -7.36 -0.63
N ALA B 332 32.13 -8.15 0.30
CA ALA B 332 32.95 -9.05 1.09
C ALA B 332 33.63 -10.11 0.21
N GLU B 333 33.02 -10.41 -0.92
CA GLU B 333 33.60 -11.33 -1.89
C GLU B 333 34.80 -10.72 -2.62
N ILE B 334 34.63 -9.49 -3.11
CA ILE B 334 35.66 -8.73 -3.80
C ILE B 334 35.66 -7.30 -3.21
N PRO B 335 36.51 -7.06 -2.20
CA PRO B 335 36.46 -5.74 -1.56
C PRO B 335 37.15 -4.61 -2.35
N ASN B 336 36.72 -4.43 -3.61
CA ASN B 336 37.18 -3.35 -4.46
C ASN B 336 37.11 -1.98 -3.82
N LEU B 337 38.24 -1.27 -3.84
CA LEU B 337 38.30 0.05 -3.20
C LEU B 337 38.85 1.13 -4.13
N TYR B 338 38.37 2.35 -3.88
CA TYR B 338 38.90 3.54 -4.49
C TYR B 338 39.35 4.40 -3.33
N ARG B 339 39.93 5.55 -3.64
CA ARG B 339 40.42 6.47 -2.64
C ARG B 339 39.91 7.87 -2.94
N ALA B 340 39.37 8.53 -1.94
CA ALA B 340 38.82 9.85 -2.13
C ALA B 340 39.71 10.86 -1.45
N VAL B 341 40.17 11.87 -2.18
CA VAL B 341 40.88 12.94 -1.53
C VAL B 341 40.10 14.25 -1.63
N VAL B 342 39.86 14.81 -0.44
CA VAL B 342 39.22 16.11 -0.28
C VAL B 342 40.30 17.13 0.08
N GLU B 343 40.55 18.05 -0.85
CA GLU B 343 41.58 19.07 -0.66
C GLU B 343 40.94 20.41 -0.41
N LEU B 344 41.18 20.97 0.77
CA LEU B 344 40.79 22.35 1.01
C LEU B 344 41.91 23.25 0.51
N HIS B 345 41.62 24.10 -0.47
CA HIS B 345 42.65 24.97 -1.06
C HIS B 345 42.17 26.38 -1.45
N THR B 346 43.13 27.24 -1.80
CA THR B 346 42.84 28.58 -2.30
C THR B 346 42.76 28.53 -3.81
N ALA B 347 42.04 29.48 -4.41
CA ALA B 347 41.92 29.58 -5.87
C ALA B 347 43.25 29.40 -6.60
N ASP B 348 44.30 30.10 -6.14
CA ASP B 348 45.59 30.09 -6.82
C ASP B 348 46.35 28.75 -6.73
N GLY B 349 45.81 27.79 -5.99
CA GLY B 349 46.32 26.43 -6.05
C GLY B 349 46.99 25.91 -4.79
N THR B 350 47.28 26.83 -3.87
CA THR B 350 47.92 26.52 -2.59
C THR B 350 47.02 25.68 -1.68
N LEU B 351 47.50 24.50 -1.31
CA LEU B 351 46.77 23.62 -0.42
C LEU B 351 46.78 24.16 1.01
N ILE B 352 45.62 24.16 1.64
CA ILE B 352 45.52 24.50 3.07
C ILE B 352 45.65 23.21 3.87
N GLU B 353 44.85 22.21 3.50
CA GLU B 353 44.89 20.87 4.12
C GLU B 353 44.15 19.84 3.29
N ALA B 354 44.48 18.57 3.52
CA ALA B 354 43.85 17.46 2.81
C ALA B 354 43.29 16.41 3.76
N GLU B 355 42.13 15.88 3.39
CA GLU B 355 41.55 14.76 4.10
C GLU B 355 41.20 13.69 3.09
N ALA B 356 41.15 12.44 3.53
CA ALA B 356 40.87 11.31 2.63
C ALA B 356 40.11 10.15 3.28
N CYS B 357 39.58 9.27 2.45
CA CYS B 357 39.04 8.01 2.92
C CYS B 357 39.00 7.01 1.77
N ASP B 358 38.94 5.73 2.14
CA ASP B 358 38.68 4.64 1.23
C ASP B 358 37.19 4.64 0.90
N VAL B 359 36.88 4.39 -0.36
CA VAL B 359 35.51 4.43 -0.83
C VAL B 359 35.20 3.10 -1.46
N GLY B 360 34.10 2.49 -1.03
CA GLY B 360 33.62 1.25 -1.63
C GLY B 360 32.31 1.50 -2.33
N PHE B 361 32.30 1.33 -3.64
CA PHE B 361 31.06 1.50 -4.39
C PHE B 361 30.11 0.36 -4.11
N ARG B 362 29.11 0.62 -3.27
CA ARG B 362 28.07 -0.39 -2.99
C ARG B 362 26.74 0.17 -2.50
N GLU B 363 25.66 -0.49 -2.90
CA GLU B 363 24.32 -0.14 -2.52
C GLU B 363 23.76 -1.18 -1.58
N VAL B 364 23.19 -0.74 -0.46
CA VAL B 364 22.50 -1.60 0.49
C VAL B 364 21.05 -1.15 0.62
N ARG B 365 20.12 -2.04 0.31
CA ARG B 365 18.69 -1.70 0.46
C ARG B 365 17.82 -2.92 0.68
N ILE B 366 16.68 -2.71 1.32
CA ILE B 366 15.67 -3.76 1.45
C ILE B 366 14.58 -3.54 0.40
N GLU B 367 14.24 -4.62 -0.30
CA GLU B 367 13.29 -4.56 -1.41
C GLU B 367 12.48 -5.83 -1.34
N ASN B 368 11.16 -5.67 -1.30
CA ASN B 368 10.25 -6.80 -1.30
C ASN B 368 10.64 -7.87 -0.25
N GLY B 369 11.00 -7.42 0.96
CA GLY B 369 11.36 -8.33 2.03
C GLY B 369 12.78 -8.89 2.06
N LEU B 370 13.64 -8.49 1.13
CA LEU B 370 15.00 -9.01 1.08
C LEU B 370 16.08 -7.93 1.21
N LEU B 371 17.14 -8.28 1.93
CA LEU B 371 18.31 -7.43 2.04
C LEU B 371 19.23 -7.60 0.82
N LEU B 372 19.32 -6.55 0.00
CA LEU B 372 20.11 -6.60 -1.21
C LEU B 372 21.42 -5.83 -1.09
N LEU B 373 22.52 -6.47 -1.48
CA LEU B 373 23.77 -5.76 -1.68
C LEU B 373 24.07 -5.76 -3.18
N ASN B 374 24.12 -4.58 -3.77
CA ASN B 374 24.24 -4.45 -5.22
C ASN B 374 23.21 -5.31 -5.97
N GLY B 375 21.96 -5.29 -5.46
CA GLY B 375 20.82 -5.93 -6.10
C GLY B 375 20.70 -7.44 -5.92
N LYS B 376 21.59 -8.01 -5.11
CA LYS B 376 21.64 -9.46 -4.89
C LYS B 376 21.41 -9.76 -3.43
N PRO B 377 20.58 -10.80 -3.13
CA PRO B 377 20.18 -11.05 -1.75
C PRO B 377 21.28 -11.74 -0.93
N LEU B 378 21.73 -11.06 0.13
CA LEU B 378 22.82 -11.56 0.97
C LEU B 378 22.45 -12.82 1.74
N LEU B 379 23.48 -13.60 2.05
CA LEU B 379 23.37 -14.64 3.04
C LEU B 379 24.49 -14.40 4.07
N ILE B 380 24.07 -13.84 5.22
CA ILE B 380 24.96 -13.35 6.26
C ILE B 380 25.50 -14.49 7.09
N ARG B 381 26.69 -14.97 6.71
CA ARG B 381 27.49 -15.89 7.53
C ARG B 381 28.22 -15.07 8.58
N GLY B 382 27.49 -14.63 9.60
CA GLY B 382 28.04 -13.69 10.55
C GLY B 382 28.45 -14.25 11.90
N VAL B 383 29.21 -13.45 12.65
CA VAL B 383 29.56 -13.74 14.03
C VAL B 383 29.66 -12.45 14.83
N ASN B 384 29.19 -12.47 16.08
CA ASN B 384 29.38 -11.37 17.01
C ASN B 384 30.83 -11.39 17.48
N ARG B 385 31.43 -10.21 17.62
CA ARG B 385 32.80 -10.09 18.10
C ARG B 385 32.94 -9.00 19.13
N HIS B 386 33.16 -9.39 20.38
CA HIS B 386 33.57 -8.48 21.43
C HIS B 386 35.02 -8.14 21.22
N GLU B 387 35.39 -6.96 21.73
CA GLU B 387 36.77 -6.50 21.72
C GLU B 387 37.47 -7.04 22.94
N HIS B 388 38.18 -8.15 22.77
CA HIS B 388 38.76 -8.88 23.90
C HIS B 388 40.16 -9.46 23.65
N HIS B 389 41.03 -9.24 24.64
CA HIS B 389 42.38 -9.84 24.67
C HIS B 389 42.67 -10.38 26.08
N PRO B 390 43.20 -11.62 26.15
CA PRO B 390 43.40 -12.25 27.48
C PRO B 390 44.51 -11.62 28.35
N LEU B 391 45.39 -10.83 27.74
CA LEU B 391 46.47 -10.18 28.50
C LEU B 391 46.24 -8.70 28.73
N HIS B 392 45.67 -8.03 27.73
CA HIS B 392 45.49 -6.58 27.80
C HIS B 392 44.03 -6.18 28.08
N GLY B 393 43.11 -7.13 28.02
CA GLY B 393 41.72 -6.87 28.38
C GLY B 393 40.80 -6.50 27.22
N GLN B 394 40.47 -5.21 27.16
CA GLN B 394 39.57 -4.70 26.14
C GLN B 394 40.33 -3.72 25.24
N VAL B 395 41.64 -3.67 25.46
CA VAL B 395 42.58 -2.91 24.64
C VAL B 395 42.81 -3.70 23.34
N MET B 396 42.51 -3.06 22.21
CA MET B 396 42.71 -3.70 20.92
C MET B 396 44.00 -3.25 20.26
N ASP B 397 44.65 -4.18 19.56
CA ASP B 397 45.87 -3.87 18.80
C ASP B 397 45.73 -4.41 17.38
N GLU B 398 46.47 -3.82 16.46
CA GLU B 398 46.39 -4.20 15.05
C GLU B 398 46.51 -5.72 14.82
N GLN B 399 47.55 -6.30 15.42
CA GLN B 399 47.90 -7.67 15.15
C GLN B 399 46.70 -8.60 15.38
N THR B 400 46.12 -8.52 16.57
CA THR B 400 45.01 -9.39 16.93
C THR B 400 43.81 -9.19 16.01
N MET B 401 43.57 -7.95 15.60
CA MET B 401 42.44 -7.68 14.71
C MET B 401 42.59 -8.44 13.39
N VAL B 402 43.78 -8.32 12.79
CA VAL B 402 44.08 -9.02 11.55
C VAL B 402 44.00 -10.52 11.78
N GLN B 403 44.47 -10.95 12.95
CA GLN B 403 44.37 -12.37 13.34
C GLN B 403 42.92 -12.85 13.37
N ASP B 404 42.06 -12.04 13.97
CA ASP B 404 40.63 -12.37 14.00
C ASP B 404 40.07 -12.40 12.58
N ILE B 405 40.37 -11.38 11.78
CA ILE B 405 39.77 -11.26 10.45
C ILE B 405 40.16 -12.42 9.54
N LEU B 406 41.46 -12.67 9.43
CA LEU B 406 41.98 -13.87 8.78
C LEU B 406 41.20 -15.12 9.18
N LEU B 407 41.34 -15.50 10.45
CA LEU B 407 40.66 -16.66 11.02
C LEU B 407 39.18 -16.75 10.68
N MET B 408 38.48 -15.62 10.78
CA MET B 408 37.07 -15.53 10.37
C MET B 408 36.87 -15.89 8.90
N LYS B 409 37.56 -15.17 8.01
CA LYS B 409 37.45 -15.38 6.56
C LYS B 409 37.86 -16.79 6.17
N GLN B 410 38.83 -17.35 6.89
CA GLN B 410 39.25 -18.73 6.64
C GLN B 410 38.19 -19.75 7.03
N ASN B 411 37.30 -19.37 7.93
CA ASN B 411 36.24 -20.28 8.35
C ASN B 411 34.88 -19.95 7.77
N ASN B 412 34.90 -19.34 6.60
CA ASN B 412 33.70 -19.01 5.84
C ASN B 412 32.72 -18.06 6.52
N PHE B 413 33.26 -17.11 7.27
CA PHE B 413 32.46 -15.99 7.75
C PHE B 413 32.58 -14.81 6.80
N ASN B 414 31.48 -14.08 6.60
CA ASN B 414 31.51 -12.87 5.78
C ASN B 414 30.94 -11.63 6.44
N ALA B 415 30.54 -11.74 7.69
CA ALA B 415 29.97 -10.59 8.37
C ALA B 415 30.31 -10.60 9.84
N VAL B 416 30.42 -9.42 10.41
CA VAL B 416 30.73 -9.29 11.82
C VAL B 416 29.83 -8.23 12.46
N ARG B 417 29.52 -8.43 13.74
CA ARG B 417 28.71 -7.47 14.50
C ARG B 417 29.51 -6.92 15.67
N CYS B 418 29.50 -5.59 15.77
CA CYS B 418 30.25 -4.90 16.80
C CYS B 418 29.47 -4.87 18.10
N SER B 419 29.19 -6.06 18.61
CA SER B 419 28.49 -6.23 19.86
C SER B 419 29.41 -5.73 20.99
N HIS B 420 29.04 -4.67 21.71
CA HIS B 420 27.80 -3.95 21.57
C HIS B 420 28.10 -2.48 21.68
N TYR B 421 28.96 -1.99 20.80
CA TYR B 421 29.47 -0.64 20.85
C TYR B 421 30.29 -0.39 19.60
N PRO B 422 30.48 0.88 19.24
CA PRO B 422 31.45 1.18 18.20
C PRO B 422 32.84 0.66 18.60
N ASN B 423 33.57 0.15 17.63
CA ASN B 423 34.87 -0.46 17.85
C ASN B 423 36.00 0.51 17.65
N HIS B 424 37.21 0.07 17.98
CA HIS B 424 38.44 0.75 17.65
C HIS B 424 38.46 1.05 16.17
N PRO B 425 38.71 2.30 15.83
CA PRO B 425 38.59 2.82 14.47
C PRO B 425 39.25 2.02 13.40
N LEU B 426 40.30 1.29 13.75
CA LEU B 426 41.05 0.52 12.79
C LEU B 426 40.19 -0.58 12.27
N TRP B 427 39.33 -1.08 13.14
CA TRP B 427 38.58 -2.26 12.81
C TRP B 427 37.78 -2.04 11.52
N TYR B 428 37.28 -0.82 11.33
CA TYR B 428 36.46 -0.52 10.17
C TYR B 428 37.30 -0.47 8.89
N THR B 429 38.51 0.05 9.02
CA THR B 429 39.46 0.08 7.91
C THR B 429 39.80 -1.32 7.44
N LEU B 430 40.04 -2.22 8.39
CA LEU B 430 40.39 -3.60 8.04
C LEU B 430 39.23 -4.31 7.36
N CYS B 431 38.01 -4.09 7.83
CA CYS B 431 36.84 -4.73 7.22
C CYS B 431 36.55 -4.15 5.85
N ASP B 432 36.81 -2.85 5.68
CA ASP B 432 36.80 -2.23 4.36
C ASP B 432 37.76 -2.97 3.46
N ARG B 433 38.97 -3.22 3.94
CA ARG B 433 40.04 -3.71 3.09
C ARG B 433 40.03 -5.20 2.87
N TYR B 434 39.85 -5.97 3.94
CA TYR B 434 39.81 -7.42 3.83
C TYR B 434 38.47 -7.90 3.25
N GLY B 435 37.38 -7.21 3.56
CA GLY B 435 36.07 -7.54 3.01
C GLY B 435 35.19 -8.34 3.95
N LEU B 436 34.58 -7.65 4.91
CA LEU B 436 33.56 -8.22 5.79
C LEU B 436 32.46 -7.20 5.93
N TYR B 437 31.21 -7.64 5.87
CA TYR B 437 30.09 -6.75 6.17
C TYR B 437 30.03 -6.53 7.67
N VAL B 438 29.88 -5.27 8.07
CA VAL B 438 29.87 -4.90 9.48
C VAL B 438 28.50 -4.34 9.87
N VAL B 439 28.05 -4.70 11.07
CA VAL B 439 26.94 -4.02 11.73
C VAL B 439 27.53 -3.17 12.85
N ASP B 440 27.36 -1.86 12.72
CA ASP B 440 27.93 -0.90 13.65
C ASP B 440 26.86 -0.60 14.70
N GLU B 441 27.19 -0.86 15.95
CA GLU B 441 26.18 -0.84 17.03
C GLU B 441 26.48 0.26 18.01
N ALA B 442 25.45 0.99 18.43
CA ALA B 442 25.68 2.08 19.39
C ALA B 442 25.88 1.50 20.77
N ASN B 443 26.62 2.23 21.59
CA ASN B 443 27.00 1.79 22.91
C ASN B 443 25.88 2.09 23.90
N ILE B 444 24.75 1.40 23.72
CA ILE B 444 23.63 1.47 24.65
C ILE B 444 23.20 0.06 24.94
N GLU B 445 23.29 -0.33 26.20
CA GLU B 445 22.65 -1.55 26.69
C GLU B 445 22.25 -1.33 28.14
N THR B 446 21.00 -1.63 28.46
CA THR B 446 20.43 -1.41 29.79
C THR B 446 19.73 -2.69 30.29
N HIS B 447 20.37 -3.82 30.06
CA HIS B 447 19.78 -5.12 30.38
C HIS B 447 19.26 -5.23 31.79
N GLY B 448 20.01 -4.74 32.77
CA GLY B 448 19.66 -4.93 34.18
C GLY B 448 18.48 -4.12 34.69
N MET B 449 17.96 -3.21 33.88
CA MET B 449 16.80 -2.40 34.27
C MET B 449 15.55 -3.25 34.38
N VAL B 450 14.66 -2.90 35.30
CA VAL B 450 13.39 -3.58 35.49
C VAL B 450 12.29 -2.54 35.36
N PRO B 451 11.45 -2.66 34.33
CA PRO B 451 11.61 -3.58 33.22
C PRO B 451 12.69 -3.06 32.27
N MET B 452 13.02 -3.83 31.22
CA MET B 452 14.19 -3.53 30.40
C MET B 452 14.22 -2.13 29.77
N ASN B 453 13.06 -1.54 29.54
CA ASN B 453 13.05 -0.24 28.87
C ASN B 453 12.92 0.98 29.79
N ARG B 454 12.98 0.79 31.10
CA ARG B 454 12.70 1.86 32.06
C ARG B 454 13.38 3.19 31.71
N LEU B 455 14.63 3.11 31.23
CA LEU B 455 15.39 4.27 30.79
C LEU B 455 15.07 4.66 29.35
N THR B 456 15.08 3.68 28.45
CA THR B 456 14.94 3.95 27.02
C THR B 456 13.53 4.40 26.63
N ASP B 457 12.63 4.43 27.61
CA ASP B 457 11.29 4.97 27.39
C ASP B 457 11.09 6.26 28.19
N ASP B 458 12.15 6.70 28.86
CA ASP B 458 12.14 7.90 29.66
C ASP B 458 12.78 9.01 28.84
N PRO B 459 12.01 10.04 28.50
CA PRO B 459 12.49 11.15 27.67
C PRO B 459 13.69 11.93 28.23
N ARG B 460 13.93 11.83 29.53
CA ARG B 460 15.05 12.54 30.15
C ARG B 460 16.38 11.88 29.79
N TRP B 461 16.31 10.63 29.31
CA TRP B 461 17.50 9.88 28.95
C TRP B 461 17.79 9.95 27.44
N LEU B 462 16.85 10.56 26.72
CA LEU B 462 16.93 10.67 25.26
C LEU B 462 18.19 11.39 24.78
N PRO B 463 18.59 12.48 25.46
CA PRO B 463 19.81 13.16 25.04
C PRO B 463 21.06 12.27 25.16
N ALA B 464 21.23 11.59 26.29
CA ALA B 464 22.36 10.70 26.50
C ALA B 464 22.38 9.57 25.48
N MET B 465 21.20 9.02 25.21
CA MET B 465 21.09 7.97 24.21
C MET B 465 21.46 8.49 22.82
N SER B 466 20.90 9.64 22.43
CA SER B 466 21.12 10.18 21.10
C SER B 466 22.61 10.32 20.80
N GLU B 467 23.36 10.91 21.72
CA GLU B 467 24.78 11.16 21.49
C GLU B 467 25.58 9.88 21.27
N ARG B 468 25.10 8.78 21.81
CA ARG B 468 25.69 7.48 21.57
C ARG B 468 25.39 6.96 20.17
N VAL B 469 24.22 7.29 19.64
CA VAL B 469 23.86 6.91 18.28
C VAL B 469 24.42 7.90 17.24
N THR B 470 24.15 9.19 17.44
CA THR B 470 24.51 10.19 16.45
C THR B 470 26.01 10.28 16.22
N ARG B 471 26.78 10.22 17.30
CA ARG B 471 28.23 10.36 17.21
C ARG B 471 28.91 9.12 16.62
N MET B 472 28.26 7.97 16.74
CA MET B 472 28.67 6.79 15.99
C MET B 472 28.45 6.99 14.48
N VAL B 473 27.26 7.46 14.12
CA VAL B 473 26.93 7.67 12.73
C VAL B 473 27.89 8.67 12.13
N GLN B 474 28.07 9.81 12.81
CA GLN B 474 28.93 10.87 12.32
C GLN B 474 30.36 10.35 12.15
N ARG B 475 30.75 9.37 12.97
CA ARG B 475 32.09 8.79 12.87
C ARG B 475 32.27 7.79 11.74
N ASP B 476 31.32 6.89 11.59
CA ASP B 476 31.59 5.72 10.78
C ASP B 476 30.89 5.69 9.42
N ARG B 477 30.05 6.67 9.18
CA ARG B 477 29.20 6.71 8.00
C ARG B 477 29.88 6.56 6.63
N ASN B 478 31.17 6.84 6.54
CA ASN B 478 31.87 6.69 5.25
C ASN B 478 32.52 5.32 5.02
N HIS B 479 32.48 4.44 6.02
CA HIS B 479 33.13 3.15 5.87
C HIS B 479 32.20 2.22 5.13
N PRO B 480 32.59 1.77 3.92
CA PRO B 480 31.77 0.89 3.11
C PRO B 480 31.42 -0.45 3.77
N SER B 481 32.29 -0.94 4.65
CA SER B 481 32.01 -2.22 5.30
C SER B 481 30.80 -2.16 6.25
N VAL B 482 30.50 -0.96 6.75
CA VAL B 482 29.29 -0.76 7.55
C VAL B 482 28.08 -0.70 6.61
N ILE B 483 27.26 -1.76 6.63
CA ILE B 483 26.06 -1.85 5.82
C ILE B 483 24.76 -1.75 6.62
N ILE B 484 24.85 -1.93 7.94
CA ILE B 484 23.70 -1.85 8.82
C ILE B 484 24.08 -1.13 10.09
N TRP B 485 23.22 -0.20 10.51
CA TRP B 485 23.35 0.49 11.80
C TRP B 485 22.52 -0.25 12.86
N SER B 486 23.00 -0.25 14.10
CA SER B 486 22.22 -0.86 15.18
C SER B 486 22.10 0.07 16.37
N LEU B 487 20.88 0.16 16.90
CA LEU B 487 20.55 1.09 17.97
C LEU B 487 21.04 0.67 19.36
N GLY B 488 21.61 -0.53 19.47
CA GLY B 488 22.21 -0.96 20.73
C GLY B 488 21.85 -2.39 21.06
N SER B 489 21.93 -2.74 22.34
CA SER B 489 21.59 -4.08 22.73
C SER B 489 20.61 -4.10 23.88
N GLU B 490 19.68 -5.04 23.82
CA GLU B 490 18.77 -5.34 24.93
C GLU B 490 18.50 -4.15 25.87
N SER B 491 17.60 -3.28 25.46
CA SER B 491 17.17 -2.21 26.30
C SER B 491 15.67 -2.14 26.14
N GLY B 492 15.10 -3.31 25.91
CA GLY B 492 13.69 -3.43 25.50
C GLY B 492 13.38 -2.45 24.39
N HIS B 493 12.12 -2.02 24.32
CA HIS B 493 11.72 -1.04 23.32
C HIS B 493 11.07 0.18 23.93
N GLY B 494 11.62 1.34 23.63
CA GLY B 494 11.13 2.61 24.16
C GLY B 494 11.03 3.74 23.15
N ALA B 495 10.23 4.74 23.47
CA ALA B 495 10.02 5.87 22.59
C ALA B 495 11.33 6.41 22.01
N ASN B 496 12.37 6.41 22.84
CA ASN B 496 13.71 6.87 22.45
C ASN B 496 14.29 6.09 21.29
N HIS B 497 14.08 4.77 21.29
CA HIS B 497 14.47 3.94 20.15
C HIS B 497 13.73 4.39 18.88
N ASP B 498 12.47 4.77 19.01
CA ASP B 498 11.72 5.21 17.85
C ASP B 498 12.28 6.54 17.34
N ALA B 499 12.44 7.51 18.22
CA ALA B 499 13.00 8.77 17.82
C ALA B 499 14.29 8.53 17.05
N LEU B 500 15.21 7.79 17.67
CA LEU B 500 16.56 7.60 17.12
C LEU B 500 16.64 6.78 15.84
N TYR B 501 15.74 5.81 15.69
CA TYR B 501 15.64 5.02 14.47
C TYR B 501 15.33 6.01 13.35
N ARG B 502 14.29 6.82 13.56
CA ARG B 502 13.90 7.79 12.56
C ARG B 502 15.06 8.73 12.24
N TRP B 503 15.73 9.24 13.28
CA TRP B 503 16.88 10.14 13.10
C TRP B 503 17.92 9.62 12.11
N ILE B 504 18.25 8.32 12.19
CA ILE B 504 19.24 7.74 11.30
C ILE B 504 18.67 7.62 9.91
N LYS B 505 17.46 7.12 9.81
CA LYS B 505 16.81 6.95 8.50
C LYS B 505 16.81 8.28 7.77
N SER B 506 16.48 9.34 8.48
CA SER B 506 16.44 10.67 7.89
C SER B 506 17.84 11.07 7.45
N VAL B 507 18.81 10.95 8.35
CA VAL B 507 20.21 11.36 8.13
C VAL B 507 21.01 10.48 7.16
N ASP B 508 20.83 9.17 7.20
CA ASP B 508 21.59 8.29 6.35
C ASP B 508 20.69 7.18 5.83
N PRO B 509 20.02 7.45 4.71
CA PRO B 509 19.21 6.39 4.13
C PRO B 509 20.03 5.36 3.34
N SER B 510 21.36 5.42 3.41
CA SER B 510 22.20 4.49 2.64
C SER B 510 22.22 3.11 3.28
N ARG B 511 21.89 3.05 4.58
CA ARG B 511 21.93 1.82 5.36
C ARG B 511 20.65 1.56 6.17
N PRO B 512 20.24 0.29 6.25
CA PRO B 512 19.16 -0.15 7.11
C PRO B 512 19.50 -0.06 8.59
N VAL B 513 18.50 0.19 9.43
CA VAL B 513 18.69 0.20 10.86
C VAL B 513 17.97 -1.01 11.42
N GLN B 514 18.61 -1.70 12.36
CA GLN B 514 17.96 -2.81 13.06
C GLN B 514 18.07 -2.61 14.56
N TYR B 515 17.20 -3.29 15.31
CA TYR B 515 17.27 -3.32 16.78
C TYR B 515 16.42 -4.44 17.36
N GLU B 516 17.03 -5.24 18.22
CA GLU B 516 16.43 -6.46 18.76
C GLU B 516 15.52 -6.19 19.97
N GLY B 517 15.83 -5.18 20.76
CA GLY B 517 15.08 -4.94 21.98
C GLY B 517 13.58 -4.91 21.80
N GLY B 518 12.87 -5.44 22.80
CA GLY B 518 11.42 -5.38 22.86
C GLY B 518 10.68 -6.31 21.92
N GLY B 519 11.33 -7.40 21.54
CA GLY B 519 10.65 -8.42 20.75
C GLY B 519 11.12 -8.58 19.31
N ALA B 520 12.25 -7.98 18.97
CA ALA B 520 12.95 -8.24 17.71
C ALA B 520 12.22 -7.83 16.42
N ASP B 521 10.99 -7.32 16.55
CA ASP B 521 10.20 -6.96 15.38
C ASP B 521 9.48 -5.62 15.54
N THR B 522 9.97 -4.81 16.48
CA THR B 522 9.37 -3.52 16.79
C THR B 522 9.38 -2.55 15.61
N THR B 523 8.68 -1.43 15.78
CA THR B 523 8.68 -0.37 14.76
C THR B 523 10.05 0.31 14.64
N ALA B 524 10.97 -0.03 15.55
CA ALA B 524 12.33 0.47 15.51
C ALA B 524 13.29 -0.37 14.65
N THR B 525 12.81 -1.41 13.97
CA THR B 525 13.71 -2.26 13.18
C THR B 525 13.31 -2.55 11.71
N ASP B 526 14.27 -2.40 10.80
CA ASP B 526 14.04 -2.68 9.40
C ASP B 526 14.21 -4.17 9.19
N ILE B 527 14.71 -4.84 10.22
CA ILE B 527 15.01 -6.27 10.16
C ILE B 527 14.54 -7.00 11.42
N ILE B 528 13.80 -8.09 11.22
CA ILE B 528 13.47 -8.99 12.31
C ILE B 528 14.76 -9.68 12.73
N CYS B 529 15.32 -9.22 13.84
CA CYS B 529 16.62 -9.67 14.27
C CYS B 529 16.61 -10.40 15.62
N PRO B 530 15.85 -11.49 15.74
CA PRO B 530 15.75 -12.12 17.06
C PRO B 530 17.09 -12.68 17.53
N MET B 531 17.20 -12.93 18.82
CA MET B 531 18.35 -13.62 19.36
C MET B 531 17.95 -15.00 19.86
N TYR B 532 18.62 -16.05 19.36
CA TYR B 532 18.41 -17.43 19.85
C TYR B 532 17.00 -17.99 19.58
N ALA B 533 16.32 -17.44 18.57
CA ALA B 533 15.10 -18.05 18.08
C ALA B 533 15.49 -19.33 17.39
N ARG B 534 14.70 -20.36 17.63
CA ARG B 534 14.98 -21.68 17.12
C ARG B 534 14.38 -21.88 15.74
N VAL B 535 14.86 -22.89 15.04
CA VAL B 535 14.47 -23.10 13.66
C VAL B 535 13.01 -23.52 13.58
N ASP B 536 12.65 -24.57 14.31
CA ASP B 536 11.30 -25.14 14.21
C ASP B 536 10.42 -24.88 15.43
N GLU B 537 11.06 -24.74 16.60
CA GLU B 537 10.36 -24.66 17.88
C GLU B 537 9.98 -23.23 18.27
N ASP B 538 8.70 -23.05 18.59
CA ASP B 538 8.18 -21.79 19.13
C ASP B 538 8.52 -21.72 20.61
N GLN B 539 8.62 -20.50 21.13
CA GLN B 539 8.85 -20.26 22.56
C GLN B 539 8.09 -19.01 22.93
N PRO B 540 6.76 -19.15 23.13
CA PRO B 540 5.96 -17.94 23.25
C PRO B 540 6.07 -17.31 24.64
N PHE B 541 7.17 -16.60 24.89
CA PHE B 541 7.30 -15.77 26.08
C PHE B 541 6.27 -14.65 26.02
N PRO B 542 5.68 -14.26 27.17
CA PRO B 542 4.66 -13.21 27.12
C PRO B 542 5.29 -11.89 26.69
N ALA B 543 4.55 -11.12 25.90
CA ALA B 543 4.93 -9.78 25.42
C ALA B 543 6.07 -9.73 24.39
N VAL B 544 7.00 -10.69 24.47
CA VAL B 544 8.18 -10.69 23.64
C VAL B 544 8.54 -12.10 23.19
N PRO B 545 7.61 -12.79 22.51
CA PRO B 545 7.84 -14.22 22.16
C PRO B 545 9.00 -14.43 21.20
N LYS B 546 9.73 -15.54 21.37
CA LYS B 546 10.72 -15.97 20.39
C LYS B 546 10.15 -17.06 19.49
N TRP B 547 9.53 -16.64 18.39
CA TRP B 547 8.95 -17.56 17.44
C TRP B 547 10.03 -18.32 16.69
N SER B 548 9.71 -19.55 16.31
CA SER B 548 10.43 -20.24 15.25
C SER B 548 10.65 -19.32 14.06
N ILE B 549 11.88 -19.25 13.56
CA ILE B 549 12.19 -18.28 12.51
C ILE B 549 11.34 -18.52 11.25
N LYS B 550 11.15 -19.78 10.87
CA LYS B 550 10.36 -20.12 9.69
C LYS B 550 8.90 -19.69 9.83
N LYS B 551 8.38 -19.69 11.06
CA LYS B 551 7.01 -19.29 11.33
C LYS B 551 6.88 -17.78 11.51
N TRP B 552 7.92 -17.17 12.06
CA TRP B 552 7.94 -15.74 12.36
C TRP B 552 7.75 -14.93 11.07
N LEU B 553 8.39 -15.40 10.01
CA LEU B 553 8.35 -14.72 8.72
C LEU B 553 6.95 -14.47 8.21
N SER B 554 6.08 -15.48 8.36
CA SER B 554 4.79 -15.51 7.71
C SER B 554 3.64 -15.05 8.58
N LEU B 555 3.95 -14.58 9.80
CA LEU B 555 2.92 -14.00 10.67
C LEU B 555 2.11 -12.97 9.91
N PRO B 556 0.81 -12.88 10.19
CA PRO B 556 0.01 -11.98 9.37
C PRO B 556 0.63 -10.59 9.26
N GLY B 557 0.70 -10.09 8.03
CA GLY B 557 1.14 -8.72 7.75
C GLY B 557 2.62 -8.43 7.93
N GLU B 558 3.42 -9.47 8.16
CA GLU B 558 4.87 -9.31 8.31
C GLU B 558 5.54 -9.48 6.96
N THR B 559 6.39 -8.53 6.61
CA THR B 559 7.00 -8.50 5.29
C THR B 559 8.54 -8.48 5.31
N ARG B 560 9.13 -8.21 6.48
CA ARG B 560 10.55 -7.92 6.60
C ARG B 560 11.44 -9.16 6.49
N PRO B 561 12.72 -9.00 6.09
CA PRO B 561 13.71 -10.07 6.20
C PRO B 561 14.03 -10.46 7.65
N LEU B 562 14.65 -11.63 7.81
CA LEU B 562 15.05 -12.13 9.13
C LEU B 562 16.51 -12.60 9.21
N ILE B 563 17.29 -11.88 10.02
CA ILE B 563 18.69 -12.21 10.28
C ILE B 563 18.97 -12.10 11.78
N LEU B 564 19.15 -13.25 12.41
CA LEU B 564 19.34 -13.31 13.85
C LEU B 564 20.55 -12.52 14.21
N CYS B 565 20.42 -11.67 15.23
CA CYS B 565 21.53 -10.84 15.64
C CYS B 565 22.41 -11.68 16.52
N GLU B 566 21.82 -12.68 17.16
CA GLU B 566 22.57 -13.65 17.98
C GLU B 566 21.92 -15.04 17.88
N TYR B 567 22.72 -16.07 17.62
CA TYR B 567 22.22 -17.42 17.52
C TYR B 567 23.38 -18.39 17.66
N ALA B 568 23.05 -19.66 17.91
CA ALA B 568 24.02 -20.72 18.14
C ALA B 568 25.02 -20.36 19.25
N HIS B 569 24.55 -20.35 20.49
CA HIS B 569 25.36 -20.01 21.66
C HIS B 569 26.52 -20.98 21.81
N ALA B 570 27.73 -20.50 21.49
CA ALA B 570 28.92 -21.37 21.43
C ALA B 570 29.65 -21.53 22.77
N MET B 571 28.90 -21.76 23.84
CA MET B 571 29.45 -21.92 25.21
C MET B 571 29.91 -23.36 25.50
N GLY B 572 31.20 -23.51 25.81
CA GLY B 572 31.82 -24.83 26.00
C GLY B 572 31.53 -25.77 24.84
N ASN B 573 31.25 -27.03 25.17
CA ASN B 573 30.95 -28.02 24.16
C ASN B 573 29.56 -27.76 23.59
N SER B 574 29.51 -27.00 22.51
CA SER B 574 28.22 -26.56 21.98
C SER B 574 28.14 -26.57 20.45
N LEU B 575 27.20 -25.78 19.94
CA LEU B 575 26.93 -25.63 18.51
C LEU B 575 26.23 -26.85 17.94
N GLY B 576 25.56 -27.58 18.80
CA GLY B 576 24.71 -28.69 18.36
C GLY B 576 23.46 -28.20 17.65
N GLY B 577 23.13 -28.85 16.55
CA GLY B 577 21.98 -28.48 15.73
C GLY B 577 22.20 -27.18 15.01
N PHE B 578 23.46 -26.86 14.72
CA PHE B 578 23.85 -25.66 13.98
C PHE B 578 23.46 -25.84 12.53
N ALA B 579 23.47 -27.10 12.09
CA ALA B 579 23.22 -27.47 10.70
C ALA B 579 21.78 -27.22 10.32
N LYS B 580 20.92 -27.23 11.32
CA LYS B 580 19.48 -27.04 11.15
C LYS B 580 19.20 -25.60 10.74
N TYR B 581 19.89 -24.66 11.37
CA TYR B 581 19.74 -23.28 10.98
C TYR B 581 20.12 -23.15 9.53
N TRP B 582 21.24 -23.73 9.18
CA TRP B 582 21.82 -23.47 7.89
C TRP B 582 21.07 -24.06 6.71
N GLN B 583 20.36 -25.14 6.98
CA GLN B 583 19.46 -25.76 6.04
C GLN B 583 18.26 -24.83 5.81
N ALA B 584 17.78 -24.24 6.91
CA ALA B 584 16.64 -23.35 6.87
C ALA B 584 16.97 -22.07 6.13
N PHE B 585 18.16 -21.52 6.42
CA PHE B 585 18.66 -20.32 5.75
C PHE B 585 18.66 -20.50 4.23
N ARG B 586 18.92 -21.72 3.76
CA ARG B 586 19.11 -21.93 2.33
C ARG B 586 17.78 -22.12 1.63
N GLN B 587 16.82 -22.68 2.35
CA GLN B 587 15.55 -23.00 1.75
C GLN B 587 14.65 -21.75 1.72
N TYR B 588 14.79 -20.91 2.75
CA TYR B 588 13.95 -19.74 2.94
C TYR B 588 14.61 -18.45 2.44
N PRO B 589 14.08 -17.87 1.33
CA PRO B 589 14.69 -16.63 0.85
C PRO B 589 14.81 -15.57 1.93
N ARG B 590 13.72 -15.24 2.61
CA ARG B 590 13.70 -14.18 3.62
C ARG B 590 14.43 -14.49 4.93
N LEU B 591 14.88 -15.73 5.11
CA LEU B 591 15.87 -16.05 6.15
C LEU B 591 17.27 -15.90 5.56
N GLN B 592 17.96 -14.83 5.95
CA GLN B 592 19.20 -14.44 5.26
C GLN B 592 20.43 -14.59 6.15
N GLY B 593 20.34 -15.46 7.15
CA GLY B 593 21.48 -15.79 7.99
C GLY B 593 21.40 -15.30 9.41
N GLY B 594 22.56 -15.09 10.01
CA GLY B 594 22.65 -14.67 11.40
C GLY B 594 24.06 -14.44 11.87
N PHE B 595 24.20 -14.06 13.12
CA PHE B 595 25.49 -13.81 13.72
C PHE B 595 25.63 -14.78 14.87
N VAL B 596 26.65 -15.64 14.83
CA VAL B 596 26.86 -16.59 15.94
C VAL B 596 27.31 -15.82 17.18
N TRP B 597 26.85 -16.27 18.34
CA TRP B 597 27.36 -15.74 19.60
C TRP B 597 28.28 -16.77 20.29
N ASP B 598 29.57 -16.47 20.39
CA ASP B 598 30.21 -15.32 19.77
C ASP B 598 31.63 -15.72 19.32
N TRP B 599 32.48 -14.74 19.01
CA TRP B 599 33.76 -15.04 18.41
C TRP B 599 34.76 -15.63 19.38
N VAL B 600 34.96 -14.96 20.52
CA VAL B 600 36.07 -15.33 21.40
C VAL B 600 35.72 -15.40 22.89
N ASP B 601 36.14 -16.49 23.53
CA ASP B 601 36.05 -16.66 24.98
C ASP B 601 36.62 -15.43 25.68
N GLN B 602 35.82 -14.83 26.56
CA GLN B 602 36.27 -13.74 27.42
C GLN B 602 36.93 -14.28 28.69
N SER B 603 37.98 -15.09 28.51
CA SER B 603 38.77 -15.60 29.61
C SER B 603 40.07 -14.79 29.75
N LEU B 604 40.33 -14.33 30.96
CA LEU B 604 41.56 -13.58 31.26
C LEU B 604 42.67 -14.48 31.83
N ILE B 605 43.91 -14.03 31.72
CA ILE B 605 45.10 -14.78 32.17
C ILE B 605 45.47 -14.49 33.62
N LYS B 606 45.45 -15.54 34.45
CA LYS B 606 45.95 -15.46 35.81
C LYS B 606 47.22 -16.30 35.97
N TYR B 607 47.96 -16.09 37.06
CA TYR B 607 49.18 -16.86 37.34
C TYR B 607 49.07 -17.58 38.69
N ASP B 608 49.59 -18.80 38.74
CA ASP B 608 49.65 -19.55 40.01
C ASP B 608 50.88 -19.19 40.86
N GLU B 609 51.22 -20.05 41.82
CA GLU B 609 52.39 -19.82 42.70
C GLU B 609 53.71 -19.81 41.93
N ASN B 610 53.86 -20.74 41.00
CA ASN B 610 55.09 -20.92 40.25
C ASN B 610 55.33 -19.89 39.14
N GLY B 611 54.27 -19.17 38.76
CA GLY B 611 54.33 -18.23 37.64
C GLY B 611 53.65 -18.80 36.40
N ASN B 612 53.16 -20.04 36.51
CA ASN B 612 52.39 -20.70 35.46
C ASN B 612 51.02 -20.05 35.22
N PRO B 613 50.67 -19.80 33.93
CA PRO B 613 49.45 -19.08 33.56
C PRO B 613 48.22 -19.98 33.36
N TRP B 614 47.05 -19.46 33.74
CA TRP B 614 45.77 -20.17 33.51
C TRP B 614 44.61 -19.23 33.16
N SER B 615 43.59 -19.80 32.55
CA SER B 615 42.46 -19.02 32.04
C SER B 615 41.36 -18.86 33.10
N ALA B 616 41.09 -17.61 33.45
CA ALA B 616 40.13 -17.29 34.49
C ALA B 616 38.83 -16.70 33.94
N TYR B 617 37.72 -17.07 34.56
CA TYR B 617 36.44 -16.46 34.25
C TYR B 617 35.85 -15.73 35.46
N GLY B 618 34.53 -15.58 35.48
CA GLY B 618 33.87 -14.79 36.51
C GLY B 618 34.04 -15.39 37.89
N GLY B 619 34.43 -14.56 38.85
CA GLY B 619 34.62 -15.02 40.22
C GLY B 619 36.08 -15.13 40.62
N ASP B 620 36.93 -15.36 39.61
CA ASP B 620 38.35 -15.64 39.84
C ASP B 620 39.18 -14.42 40.25
N PHE B 621 38.54 -13.24 40.32
CA PHE B 621 39.25 -12.01 40.74
C PHE B 621 38.74 -11.42 42.06
N GLY B 622 37.84 -12.15 42.72
CA GLY B 622 37.18 -11.67 43.95
C GLY B 622 35.94 -10.88 43.58
N ASP B 623 35.52 -11.00 42.32
CA ASP B 623 34.35 -10.31 41.80
C ASP B 623 33.07 -11.04 42.20
N THR B 624 32.16 -10.27 42.80
CA THR B 624 30.92 -10.81 43.34
C THR B 624 29.93 -9.66 43.57
N PRO B 625 28.66 -9.84 43.14
CA PRO B 625 28.18 -11.03 42.41
C PRO B 625 28.83 -11.17 41.03
N ASN B 626 29.05 -12.41 40.61
CA ASN B 626 29.57 -12.68 39.28
C ASN B 626 28.71 -13.70 38.56
N ASP B 627 29.08 -13.98 37.29
CA ASP B 627 28.35 -14.95 36.47
C ASP B 627 29.26 -16.01 35.82
N ARG B 628 30.24 -16.45 36.62
CA ARG B 628 31.12 -17.58 36.33
C ARG B 628 31.60 -17.70 34.87
N GLN B 629 31.31 -18.81 34.22
CA GLN B 629 31.85 -19.05 32.88
C GLN B 629 30.93 -18.62 31.74
N PHE B 630 29.97 -17.76 32.03
CA PHE B 630 29.08 -17.27 30.98
C PHE B 630 29.77 -16.27 30.03
N CYS B 631 30.92 -15.75 30.45
CA CYS B 631 31.72 -14.86 29.63
C CYS B 631 32.52 -15.62 28.56
N MET B 632 32.55 -16.95 28.66
CA MET B 632 33.25 -17.79 27.68
C MET B 632 32.25 -18.51 26.78
N ASN B 633 32.01 -17.92 25.62
CA ASN B 633 31.02 -18.42 24.67
C ASN B 633 31.55 -18.41 23.24
N GLY B 634 32.87 -18.44 23.09
CA GLY B 634 33.49 -18.18 21.79
C GLY B 634 33.79 -19.40 20.97
N LEU B 635 33.67 -19.26 19.64
CA LEU B 635 34.11 -20.32 18.73
C LEU B 635 35.61 -20.56 18.84
N VAL B 636 36.34 -19.59 19.39
CA VAL B 636 37.77 -19.75 19.66
C VAL B 636 38.12 -19.44 21.12
N PHE B 637 39.20 -20.05 21.62
CA PHE B 637 39.77 -19.74 22.95
C PHE B 637 40.32 -18.31 22.98
N ALA B 638 40.59 -17.79 24.16
CA ALA B 638 41.10 -16.42 24.24
C ALA B 638 42.34 -16.20 23.35
N ASP B 639 43.22 -17.21 23.27
CA ASP B 639 44.47 -17.10 22.49
C ASP B 639 44.24 -17.33 21.01
N ARG B 640 42.99 -17.53 20.63
CA ARG B 640 42.59 -17.72 19.23
C ARG B 640 42.82 -19.12 18.67
N THR B 641 42.97 -20.08 19.56
CA THR B 641 42.93 -21.49 19.20
C THR B 641 41.48 -21.88 18.90
N PRO B 642 41.25 -22.65 17.82
CA PRO B 642 39.89 -23.12 17.53
C PRO B 642 39.31 -24.06 18.60
N HIS B 643 38.07 -23.78 19.03
CA HIS B 643 37.19 -24.79 19.62
C HIS B 643 36.79 -25.73 18.48
N PRO B 644 36.47 -26.99 18.82
CA PRO B 644 35.96 -27.94 17.83
C PRO B 644 34.72 -27.47 17.03
N ALA B 645 33.94 -26.57 17.62
CA ALA B 645 32.74 -26.03 16.97
C ALA B 645 33.02 -25.25 15.68
N LEU B 646 34.16 -24.56 15.65
CA LEU B 646 34.56 -23.73 14.51
C LEU B 646 34.45 -24.46 13.19
N THR B 647 35.05 -25.64 13.12
CA THR B 647 35.01 -26.44 11.90
C THR B 647 33.56 -26.73 11.46
N GLU B 648 32.67 -26.92 12.43
CA GLU B 648 31.24 -27.09 12.12
C GLU B 648 30.68 -25.83 11.46
N ALA B 649 31.02 -24.67 12.02
CA ALA B 649 30.64 -23.42 11.40
C ALA B 649 31.22 -23.35 9.99
N LYS B 650 32.51 -23.65 9.86
CA LYS B 650 33.20 -23.57 8.58
C LYS B 650 32.48 -24.39 7.51
N HIS B 651 32.02 -25.57 7.89
CA HIS B 651 31.43 -26.50 6.94
C HIS B 651 30.04 -26.05 6.53
N GLN B 652 29.26 -25.55 7.50
CA GLN B 652 27.87 -25.19 7.25
C GLN B 652 27.77 -23.92 6.44
N GLN B 653 28.79 -23.07 6.60
CA GLN B 653 28.88 -21.77 5.95
C GLN B 653 29.59 -21.80 4.59
N GLN B 654 29.93 -23.02 4.13
CA GLN B 654 30.49 -23.25 2.80
C GLN B 654 29.79 -22.45 1.71
N PHE B 655 30.58 -21.94 0.77
CA PHE B 655 30.01 -21.19 -0.34
C PHE B 655 29.75 -22.09 -1.55
N PHE B 656 30.10 -23.37 -1.45
CA PHE B 656 29.81 -24.33 -2.51
C PHE B 656 28.91 -25.46 -2.03
N GLN B 657 27.81 -25.67 -2.74
CA GLN B 657 26.92 -26.77 -2.39
C GLN B 657 27.06 -27.89 -3.39
N PHE B 658 26.80 -29.11 -2.92
CA PHE B 658 27.02 -30.30 -3.72
C PHE B 658 25.81 -31.23 -3.73
N ARG B 659 25.61 -31.92 -4.85
CA ARG B 659 24.67 -33.04 -4.94
C ARG B 659 25.31 -34.18 -5.75
N LEU B 660 24.92 -35.41 -5.45
CA LEU B 660 25.46 -36.57 -6.14
C LEU B 660 24.37 -37.39 -6.84
N SER B 661 24.50 -37.54 -8.16
CA SER B 661 23.53 -38.32 -8.93
C SER B 661 24.22 -39.42 -9.75
N GLY B 662 24.24 -40.62 -9.17
CA GLY B 662 24.99 -41.73 -9.74
C GLY B 662 26.47 -41.44 -9.62
N GLN B 663 27.03 -40.79 -10.64
CA GLN B 663 28.44 -40.45 -10.61
C GLN B 663 28.71 -39.06 -11.17
N THR B 664 27.65 -38.28 -11.28
CA THR B 664 27.74 -36.87 -11.63
C THR B 664 27.68 -36.05 -10.35
N ILE B 665 28.71 -35.23 -10.13
CA ILE B 665 28.72 -34.25 -9.05
C ILE B 665 28.21 -32.91 -9.57
N GLU B 666 27.21 -32.37 -8.88
CA GLU B 666 26.67 -31.04 -9.16
C GLU B 666 27.21 -30.05 -8.15
N VAL B 667 28.12 -29.19 -8.62
CA VAL B 667 28.69 -28.14 -7.79
C VAL B 667 27.89 -26.88 -8.02
N THR B 668 27.32 -26.32 -6.95
CA THR B 668 26.54 -25.09 -7.04
C THR B 668 27.20 -23.99 -6.23
N SER B 669 27.46 -22.86 -6.89
CA SER B 669 28.05 -21.70 -6.24
C SER B 669 27.00 -20.91 -5.51
N GLU B 670 27.36 -20.46 -4.32
CA GLU B 670 26.52 -19.56 -3.54
C GLU B 670 27.14 -18.18 -3.47
N TYR B 671 28.19 -17.94 -4.27
CA TYR B 671 28.72 -16.58 -4.40
C TYR B 671 27.74 -15.70 -5.17
N LEU B 672 27.71 -14.42 -4.81
CA LEU B 672 26.78 -13.47 -5.45
C LEU B 672 27.44 -12.77 -6.63
N PHE B 673 28.72 -12.44 -6.50
CA PHE B 673 29.41 -11.63 -7.50
C PHE B 673 30.61 -12.29 -8.18
N ARG B 674 31.35 -13.10 -7.43
CA ARG B 674 32.61 -13.62 -7.98
C ARG B 674 32.43 -14.90 -8.76
N HIS B 675 33.35 -15.08 -9.70
CA HIS B 675 33.51 -16.31 -10.45
C HIS B 675 34.48 -17.19 -9.65
N SER B 676 34.37 -18.50 -9.79
CA SER B 676 35.21 -19.44 -9.02
C SER B 676 36.64 -19.50 -9.58
N ASP B 677 37.34 -18.37 -9.51
CA ASP B 677 38.61 -18.19 -10.20
C ASP B 677 39.85 -18.54 -9.38
N ASN B 678 39.66 -19.18 -8.22
CA ASN B 678 40.78 -19.64 -7.39
C ASN B 678 40.34 -20.88 -6.63
N GLU B 679 39.87 -21.88 -7.38
CA GLU B 679 39.18 -23.02 -6.80
C GLU B 679 39.31 -24.24 -7.70
N LEU B 680 39.83 -25.32 -7.13
CA LEU B 680 39.79 -26.63 -7.80
C LEU B 680 39.18 -27.69 -6.90
N LEU B 681 38.44 -28.61 -7.51
CA LEU B 681 37.79 -29.70 -6.81
C LEU B 681 38.71 -30.90 -6.72
N HIS B 682 38.81 -31.45 -5.53
CA HIS B 682 39.66 -32.56 -5.26
C HIS B 682 38.81 -33.70 -4.81
N TRP B 683 38.82 -34.81 -5.52
CA TRP B 683 37.98 -35.93 -5.14
C TRP B 683 38.78 -37.19 -4.92
N MET B 684 38.38 -37.97 -3.92
CA MET B 684 38.92 -39.32 -3.73
C MET B 684 37.84 -40.30 -3.28
N VAL B 685 38.01 -41.55 -3.68
CA VAL B 685 37.17 -42.64 -3.23
C VAL B 685 38.03 -43.65 -2.45
N ALA B 686 37.63 -43.91 -1.21
CA ALA B 686 38.39 -44.79 -0.31
C ALA B 686 37.52 -45.87 0.30
N LEU B 687 38.03 -47.10 0.29
CA LEU B 687 37.36 -48.24 0.91
C LEU B 687 37.82 -48.36 2.34
N ASP B 688 36.90 -48.14 3.28
CA ASP B 688 37.21 -48.17 4.71
C ASP B 688 38.57 -47.55 5.03
N GLY B 689 38.92 -46.49 4.31
CA GLY B 689 40.18 -45.77 4.56
C GLY B 689 41.27 -45.93 3.52
N LYS B 690 41.20 -47.00 2.74
CA LYS B 690 42.20 -47.30 1.71
C LYS B 690 41.87 -46.60 0.38
N PRO B 691 42.69 -45.60 -0.01
CA PRO B 691 42.43 -44.80 -1.22
C PRO B 691 42.47 -45.64 -2.47
N LEU B 692 41.40 -45.59 -3.25
CA LEU B 692 41.33 -46.28 -4.54
C LEU B 692 41.66 -45.30 -5.66
N ALA B 693 40.73 -44.42 -5.97
CA ALA B 693 40.92 -43.44 -7.04
C ALA B 693 40.82 -42.02 -6.50
N SER B 694 41.76 -41.17 -6.91
CA SER B 694 41.69 -39.77 -6.56
C SER B 694 41.80 -38.92 -7.81
N GLY B 695 41.35 -37.67 -7.72
CA GLY B 695 41.31 -36.80 -8.88
C GLY B 695 41.28 -35.32 -8.61
N GLU B 696 41.41 -34.54 -9.67
CA GLU B 696 41.50 -33.09 -9.59
C GLU B 696 40.81 -32.47 -10.80
N VAL B 697 39.86 -31.57 -10.57
CA VAL B 697 39.25 -30.81 -11.65
C VAL B 697 39.08 -29.35 -11.24
N PRO B 698 39.59 -28.41 -12.07
CA PRO B 698 39.38 -27.00 -11.76
C PRO B 698 37.90 -26.65 -11.75
N LEU B 699 37.54 -25.72 -10.89
CA LEU B 699 36.18 -25.21 -10.87
C LEU B 699 36.05 -23.97 -11.74
N ASP B 700 35.02 -23.97 -12.56
CA ASP B 700 34.68 -22.85 -13.41
C ASP B 700 33.17 -22.52 -13.28
N VAL B 701 32.79 -22.06 -12.09
CA VAL B 701 31.38 -21.76 -11.76
C VAL B 701 31.15 -20.26 -11.61
N ALA B 702 30.19 -19.74 -12.37
CA ALA B 702 29.74 -18.35 -12.27
C ALA B 702 28.93 -18.22 -10.98
N PRO B 703 28.82 -17.00 -10.43
CA PRO B 703 28.01 -16.84 -9.22
C PRO B 703 26.59 -17.35 -9.43
N GLN B 704 26.05 -18.04 -8.43
CA GLN B 704 24.73 -18.69 -8.50
C GLN B 704 24.66 -19.79 -9.56
N GLY B 705 25.74 -20.00 -10.28
CA GLY B 705 25.78 -21.01 -11.35
C GLY B 705 25.99 -22.42 -10.84
N LYS B 706 25.93 -23.38 -11.77
CA LYS B 706 26.19 -24.79 -11.47
C LYS B 706 27.31 -25.35 -12.35
N GLN B 707 27.96 -26.40 -11.87
CA GLN B 707 28.95 -27.12 -12.67
C GLN B 707 28.82 -28.62 -12.43
N LEU B 708 28.71 -29.37 -13.52
CA LEU B 708 28.62 -30.83 -13.47
C LEU B 708 29.97 -31.48 -13.73
N ILE B 709 30.36 -32.38 -12.85
CA ILE B 709 31.63 -33.08 -13.02
C ILE B 709 31.37 -34.57 -13.09
N GLU B 710 31.83 -35.19 -14.18
CA GLU B 710 31.60 -36.60 -14.41
C GLU B 710 32.75 -37.42 -13.90
N LEU B 711 32.51 -38.13 -12.79
CA LEU B 711 33.51 -39.02 -12.22
C LEU B 711 33.80 -40.15 -13.19
N PRO B 712 35.09 -40.48 -13.40
CA PRO B 712 35.45 -41.58 -14.30
C PRO B 712 34.98 -42.91 -13.73
N GLU B 713 34.86 -43.93 -14.59
CA GLU B 713 34.48 -45.27 -14.15
C GLU B 713 35.27 -45.61 -12.89
N LEU B 714 34.54 -45.75 -11.79
CA LEU B 714 35.11 -46.06 -10.48
C LEU B 714 35.28 -47.58 -10.35
N PRO B 715 36.54 -48.08 -10.45
CA PRO B 715 36.75 -49.53 -10.53
C PRO B 715 36.38 -50.23 -9.23
N GLN B 716 35.37 -51.10 -9.30
CA GLN B 716 34.78 -51.74 -8.13
C GLN B 716 35.73 -52.80 -7.55
N PRO B 717 36.10 -52.66 -6.26
CA PRO B 717 36.99 -53.61 -5.61
C PRO B 717 36.28 -54.90 -5.21
N GLU B 718 37.06 -55.95 -4.96
CA GLU B 718 36.54 -57.28 -4.64
C GLU B 718 36.09 -57.45 -3.18
N SER B 719 36.96 -57.05 -2.25
CA SER B 719 36.77 -57.31 -0.82
C SER B 719 35.58 -56.57 -0.19
N ALA B 720 35.26 -56.96 1.04
CA ALA B 720 34.18 -56.37 1.82
C ALA B 720 34.48 -54.93 2.22
N GLY B 721 33.44 -54.13 2.38
CA GLY B 721 33.58 -52.78 2.93
C GLY B 721 32.69 -51.70 2.33
N GLN B 722 32.68 -50.54 2.98
CA GLN B 722 31.97 -49.38 2.47
C GLN B 722 32.92 -48.50 1.65
N LEU B 723 32.47 -48.10 0.46
CA LEU B 723 33.17 -47.09 -0.34
C LEU B 723 32.65 -45.68 -0.04
N TRP B 724 33.57 -44.73 0.08
CA TRP B 724 33.21 -43.35 0.37
C TRP B 724 33.78 -42.35 -0.64
N LEU B 725 32.97 -41.38 -1.02
CA LEU B 725 33.41 -40.27 -1.86
C LEU B 725 33.66 -39.05 -1.00
N THR B 726 34.81 -38.41 -1.20
CA THR B 726 35.16 -37.20 -0.44
C THR B 726 35.64 -36.09 -1.38
N VAL B 727 34.80 -35.10 -1.61
CA VAL B 727 35.23 -33.96 -2.41
C VAL B 727 35.70 -32.89 -1.46
N ARG B 728 36.71 -32.16 -1.87
CA ARG B 728 37.06 -30.92 -1.17
C ARG B 728 37.42 -29.85 -2.19
N VAL B 729 37.13 -28.60 -1.82
CA VAL B 729 37.45 -27.47 -2.66
C VAL B 729 38.73 -26.83 -2.15
N VAL B 730 39.75 -26.81 -3.00
CA VAL B 730 41.05 -26.28 -2.63
C VAL B 730 41.31 -24.98 -3.40
N GLN B 731 41.97 -24.03 -2.75
CA GLN B 731 42.34 -22.78 -3.40
C GLN B 731 43.83 -22.80 -3.73
N PRO B 732 44.15 -22.99 -5.02
CA PRO B 732 45.53 -23.13 -5.52
C PRO B 732 46.43 -21.96 -5.14
N ASN B 733 45.87 -20.76 -5.08
CA ASN B 733 46.65 -19.56 -4.84
C ASN B 733 46.38 -18.93 -3.49
N ALA B 734 47.41 -18.28 -2.96
CA ALA B 734 47.30 -17.44 -1.77
C ALA B 734 46.43 -16.24 -2.07
N THR B 735 45.70 -15.78 -1.06
CA THR B 735 44.91 -14.56 -1.12
C THR B 735 45.38 -13.68 0.04
N ALA B 736 44.74 -12.53 0.25
CA ALA B 736 45.13 -11.67 1.36
C ALA B 736 44.80 -12.32 2.72
N TRP B 737 43.84 -13.24 2.69
CA TRP B 737 43.26 -13.78 3.92
C TRP B 737 43.54 -15.28 4.11
N SER B 738 44.27 -15.87 3.17
CA SER B 738 44.58 -17.31 3.23
C SER B 738 45.81 -17.70 2.40
N GLU B 739 46.38 -18.85 2.76
CA GLU B 739 47.55 -19.43 2.07
C GLU B 739 47.14 -20.28 0.86
N ALA B 740 48.14 -20.65 0.04
CA ALA B 740 47.89 -21.57 -1.08
C ALA B 740 47.48 -22.94 -0.56
N GLY B 741 46.48 -23.53 -1.20
CA GLY B 741 46.01 -24.86 -0.82
C GLY B 741 45.00 -24.86 0.32
N HIS B 742 44.55 -23.66 0.71
CA HIS B 742 43.51 -23.54 1.71
C HIS B 742 42.27 -24.24 1.22
N ILE B 743 41.67 -25.05 2.10
CA ILE B 743 40.43 -25.79 1.80
C ILE B 743 39.23 -25.00 2.29
N SER B 744 38.27 -24.80 1.40
CA SER B 744 37.16 -23.89 1.65
C SER B 744 35.84 -24.62 1.83
N ALA B 745 35.77 -25.85 1.33
CA ALA B 745 34.55 -26.64 1.37
C ALA B 745 34.86 -28.11 1.18
N TRP B 746 34.04 -28.98 1.76
CA TRP B 746 34.12 -30.42 1.50
C TRP B 746 32.76 -31.04 1.69
N GLN B 747 32.65 -32.32 1.31
CA GLN B 747 31.44 -33.10 1.54
C GLN B 747 31.79 -34.56 1.26
N GLN B 748 31.05 -35.48 1.87
CA GLN B 748 31.21 -36.90 1.63
C GLN B 748 29.91 -37.54 1.20
N TRP B 749 30.02 -38.70 0.54
CA TRP B 749 28.86 -39.56 0.24
C TRP B 749 29.28 -41.02 0.40
N ARG B 750 28.36 -41.85 0.84
CA ARG B 750 28.58 -43.27 0.88
C ARG B 750 28.34 -43.79 -0.51
N LEU B 751 29.29 -44.51 -1.10
CA LEU B 751 29.08 -45.07 -2.43
C LEU B 751 28.47 -46.46 -2.39
N ALA B 752 29.13 -47.44 -2.99
CA ALA B 752 28.68 -48.82 -2.87
C ALA B 752 29.19 -49.49 -1.61
N GLU B 753 28.49 -50.54 -1.15
CA GLU B 753 28.92 -51.31 0.01
C GLU B 753 28.91 -52.81 -0.31
N ASN B 754 30.03 -53.47 -0.03
CA ASN B 754 30.11 -54.92 -0.12
C ASN B 754 30.05 -55.52 1.29
N LEU B 755 28.95 -56.18 1.59
CA LEU B 755 28.76 -56.76 2.90
C LEU B 755 29.57 -58.05 3.03
N SER B 756 30.22 -58.22 4.19
CA SER B 756 31.08 -59.38 4.44
C SER B 756 30.29 -60.67 4.66
N VAL B 757 30.51 -61.63 3.77
CA VAL B 757 29.80 -62.91 3.79
C VAL B 757 30.69 -64.11 4.08
N THR B 758 32.00 -63.87 4.19
CA THR B 758 32.94 -64.97 4.43
C THR B 758 33.13 -65.20 5.91
N LEU B 759 33.06 -66.48 6.29
CA LEU B 759 33.21 -66.91 7.68
C LEU B 759 34.65 -66.76 8.13
N PRO B 760 34.86 -66.33 9.39
CA PRO B 760 36.22 -66.28 9.98
C PRO B 760 36.84 -67.68 10.00
N ALA B 761 38.09 -67.79 9.57
CA ALA B 761 38.81 -69.06 9.52
C ALA B 761 38.57 -69.86 10.81
N ALA B 762 37.96 -71.05 10.66
CA ALA B 762 37.51 -71.87 11.78
C ALA B 762 38.52 -71.94 12.94
N SER B 763 38.06 -71.56 14.13
CA SER B 763 38.90 -71.51 15.33
C SER B 763 39.51 -72.86 15.66
N HIS B 764 40.83 -72.95 15.48
CA HIS B 764 41.59 -74.19 15.66
C HIS B 764 41.48 -74.71 17.09
N ALA B 765 41.46 -73.77 18.05
CA ALA B 765 41.53 -74.05 19.48
C ALA B 765 40.16 -73.98 20.17
N ILE B 766 40.19 -73.95 21.51
CA ILE B 766 38.99 -73.96 22.35
C ILE B 766 39.32 -73.37 23.73
N PRO B 767 38.59 -72.30 24.14
CA PRO B 767 38.91 -71.58 25.38
C PRO B 767 38.45 -72.32 26.63
N HIS B 768 39.10 -72.05 27.75
CA HIS B 768 38.92 -72.87 28.95
C HIS B 768 38.30 -72.12 30.13
N LEU B 769 37.23 -72.69 30.67
CA LEU B 769 36.53 -72.10 31.80
C LEU B 769 37.12 -72.56 33.13
N THR B 770 37.20 -71.63 34.08
CA THR B 770 37.68 -71.90 35.44
C THR B 770 36.64 -71.39 36.45
N THR B 771 35.57 -72.16 36.63
CA THR B 771 34.52 -71.80 37.57
C THR B 771 35.04 -71.79 39.01
N SER B 772 34.86 -70.67 39.68
CA SER B 772 35.20 -70.51 41.09
C SER B 772 33.90 -70.11 41.80
N GLU B 773 33.95 -69.87 43.11
CA GLU B 773 32.79 -69.31 43.79
C GLU B 773 32.74 -67.81 43.51
N MET B 774 33.91 -67.20 43.38
CA MET B 774 34.04 -65.74 43.23
C MET B 774 34.24 -65.26 41.79
N ASP B 775 34.93 -66.04 40.96
CA ASP B 775 35.30 -65.58 39.61
C ASP B 775 35.04 -66.60 38.51
N PHE B 776 34.69 -66.11 37.33
CA PHE B 776 34.77 -66.89 36.11
C PHE B 776 36.07 -66.49 35.40
N CYS B 777 37.04 -67.39 35.35
CA CYS B 777 38.30 -67.15 34.65
C CYS B 777 38.26 -67.89 33.31
N ILE B 778 38.70 -67.23 32.26
CA ILE B 778 38.70 -67.81 30.92
C ILE B 778 40.08 -67.65 30.28
N GLU B 779 40.63 -68.77 29.83
CA GLU B 779 42.01 -68.81 29.34
C GLU B 779 42.14 -69.28 27.88
N LEU B 780 42.91 -68.51 27.10
CA LEU B 780 43.29 -68.89 25.72
C LEU B 780 44.69 -68.38 25.38
N GLY B 781 45.63 -69.31 25.17
CA GLY B 781 47.02 -68.94 24.93
C GLY B 781 47.51 -68.10 26.08
N ASN B 782 48.10 -66.95 25.77
CA ASN B 782 48.56 -66.04 26.81
C ASN B 782 47.51 -64.99 27.23
N LYS B 783 46.34 -65.05 26.59
CA LYS B 783 45.22 -64.18 26.95
C LYS B 783 44.36 -64.79 28.06
N ARG B 784 44.07 -63.99 29.09
CA ARG B 784 43.16 -64.40 30.17
C ARG B 784 42.10 -63.33 30.47
N TRP B 785 40.84 -63.76 30.58
CA TRP B 785 39.73 -62.88 30.92
C TRP B 785 39.12 -63.26 32.26
N GLN B 786 38.98 -62.32 33.19
CA GLN B 786 38.35 -62.62 34.47
C GLN B 786 37.05 -61.84 34.68
N PHE B 787 36.00 -62.59 34.98
CA PHE B 787 34.71 -62.01 35.36
C PHE B 787 34.45 -62.17 36.85
N ASN B 788 34.20 -61.05 37.52
CA ASN B 788 33.79 -61.09 38.92
C ASN B 788 32.34 -61.50 39.04
N ARG B 789 32.03 -62.35 40.02
CA ARG B 789 30.69 -62.96 40.14
C ARG B 789 29.76 -62.27 41.14
N GLN B 790 30.34 -61.43 42.01
CA GLN B 790 29.56 -60.66 42.97
C GLN B 790 29.04 -59.35 42.36
N SER B 791 29.80 -58.80 41.42
CA SER B 791 29.39 -57.58 40.72
C SER B 791 28.82 -57.86 39.33
N GLY B 792 29.46 -58.77 38.60
CA GLY B 792 28.96 -59.20 37.28
C GLY B 792 29.69 -58.59 36.08
N PHE B 793 30.77 -57.87 36.35
CA PHE B 793 31.53 -57.17 35.30
C PHE B 793 32.88 -57.82 35.04
N LEU B 794 33.28 -57.85 33.76
CA LEU B 794 34.65 -58.24 33.39
C LEU B 794 35.63 -57.42 34.21
N SER B 795 36.17 -58.03 35.28
CA SER B 795 36.92 -57.28 36.28
C SER B 795 38.41 -57.12 35.98
N GLN B 796 38.96 -58.04 35.19
CA GLN B 796 40.37 -57.99 34.82
C GLN B 796 40.65 -58.78 33.54
N MET B 797 41.72 -58.39 32.86
CA MET B 797 42.18 -59.02 31.64
C MET B 797 43.70 -59.10 31.60
N TRP B 798 44.22 -60.19 31.06
CA TRP B 798 45.67 -60.41 31.01
C TRP B 798 46.14 -60.77 29.63
N ILE B 799 47.28 -60.19 29.25
CA ILE B 799 48.07 -60.63 28.12
C ILE B 799 49.41 -61.06 28.74
N GLY B 800 49.65 -62.37 28.75
CA GLY B 800 50.80 -62.94 29.46
C GLY B 800 50.59 -62.86 30.96
N ASP B 801 51.49 -62.15 31.64
CA ASP B 801 51.37 -61.94 33.08
C ASP B 801 50.85 -60.53 33.36
N LYS B 802 50.61 -59.77 32.29
CA LYS B 802 50.33 -58.32 32.39
C LYS B 802 48.84 -57.93 32.44
N LYS B 803 48.49 -57.17 33.48
CA LYS B 803 47.11 -56.71 33.71
C LYS B 803 46.72 -55.60 32.72
N GLN B 804 45.53 -55.70 32.15
CA GLN B 804 45.06 -54.73 31.15
C GLN B 804 44.21 -53.60 31.72
N LEU B 805 43.46 -53.91 32.78
CA LEU B 805 42.47 -52.98 33.34
C LEU B 805 42.87 -52.47 34.73
N LEU B 806 42.46 -51.24 35.03
CA LEU B 806 42.67 -50.67 36.36
C LEU B 806 41.35 -50.58 37.13
N THR B 807 40.25 -50.44 36.39
CA THR B 807 38.89 -50.60 36.92
C THR B 807 38.09 -51.39 35.88
N PRO B 808 37.14 -52.24 36.33
CA PRO B 808 36.41 -53.17 35.46
C PRO B 808 35.56 -52.50 34.38
N LEU B 809 35.12 -53.29 33.41
CA LEU B 809 34.30 -52.81 32.30
C LEU B 809 32.83 -52.72 32.72
N ARG B 810 32.40 -51.50 33.02
CA ARG B 810 31.07 -51.25 33.56
C ARG B 810 30.25 -50.37 32.63
N ASP B 811 28.94 -50.60 32.61
CA ASP B 811 27.99 -49.75 31.92
C ASP B 811 28.10 -48.33 32.45
N GLN B 812 27.87 -47.37 31.56
CA GLN B 812 27.75 -46.00 31.95
C GLN B 812 26.52 -45.41 31.27
N PHE B 813 25.81 -44.59 32.03
CA PHE B 813 24.60 -43.97 31.52
C PHE B 813 24.63 -42.43 31.63
N THR B 814 25.72 -41.89 32.16
CA THR B 814 25.82 -40.46 32.45
C THR B 814 27.07 -39.84 31.84
N ARG B 815 27.09 -38.51 31.75
CA ARG B 815 28.28 -37.78 31.32
C ARG B 815 28.55 -36.58 32.22
N ALA B 816 29.81 -36.15 32.21
CA ALA B 816 30.19 -34.89 32.84
C ALA B 816 29.41 -33.78 32.13
N PRO B 817 28.50 -33.12 32.85
CA PRO B 817 27.58 -32.17 32.26
C PRO B 817 28.30 -31.04 31.51
N LEU B 818 27.80 -30.77 30.30
CA LEU B 818 28.29 -29.68 29.46
C LEU B 818 27.65 -28.39 29.97
N ASP B 819 28.22 -27.25 29.59
CA ASP B 819 27.62 -25.98 29.96
C ASP B 819 26.14 -25.94 29.55
N ASN B 820 25.83 -26.52 28.40
CA ASN B 820 24.45 -26.66 27.93
C ASN B 820 23.56 -27.57 28.78
N ASP B 821 24.17 -28.56 29.44
CA ASP B 821 23.42 -29.41 30.37
C ASP B 821 23.12 -28.68 31.68
N ILE B 822 23.98 -27.72 32.04
CA ILE B 822 23.84 -27.00 33.31
C ILE B 822 22.91 -25.82 33.18
N GLY B 823 23.00 -25.10 32.06
CA GLY B 823 22.24 -23.87 31.88
C GLY B 823 22.63 -22.87 32.95
N VAL B 824 21.62 -22.22 33.53
CA VAL B 824 21.85 -21.22 34.58
C VAL B 824 21.84 -21.78 36.00
N SER B 825 21.75 -23.10 36.14
CA SER B 825 21.73 -23.72 37.47
C SER B 825 23.05 -23.60 38.23
N GLU B 826 22.94 -23.14 39.48
CA GLU B 826 24.07 -23.05 40.39
C GLU B 826 23.75 -23.84 41.67
N ALA B 827 24.70 -23.87 42.61
CA ALA B 827 24.53 -24.55 43.89
C ALA B 827 23.35 -23.98 44.69
N THR B 828 23.20 -22.65 44.66
CA THR B 828 22.16 -21.95 45.41
C THR B 828 21.07 -21.36 44.50
N ARG B 829 21.19 -21.57 43.18
CA ARG B 829 20.17 -21.18 42.21
C ARG B 829 19.79 -22.36 41.34
N ILE B 830 19.14 -23.36 41.94
CA ILE B 830 18.75 -24.59 41.26
C ILE B 830 17.65 -24.34 40.21
N ASP B 831 17.95 -24.57 38.94
CA ASP B 831 16.91 -24.63 37.92
C ASP B 831 16.57 -26.09 37.58
N PRO B 832 15.47 -26.60 38.16
CA PRO B 832 15.13 -28.01 38.05
C PRO B 832 14.82 -28.44 36.62
N ASN B 833 14.90 -27.50 35.69
CA ASN B 833 14.56 -27.83 34.32
C ASN B 833 15.76 -28.16 33.46
N ALA B 834 16.94 -27.73 33.88
CA ALA B 834 18.19 -28.07 33.21
C ALA B 834 18.41 -29.58 33.19
N TRP B 835 18.95 -30.08 32.07
CA TRP B 835 19.19 -31.50 31.93
C TRP B 835 19.96 -32.10 33.10
N VAL B 836 20.99 -31.40 33.57
CA VAL B 836 21.76 -31.85 34.73
C VAL B 836 20.92 -32.05 36.00
N GLU B 837 20.02 -31.11 36.28
CA GLU B 837 19.16 -31.16 37.47
C GLU B 837 18.08 -32.24 37.40
N ARG B 838 17.63 -32.56 36.18
CA ARG B 838 16.74 -33.70 35.98
C ARG B 838 17.48 -34.99 36.34
N TRP B 839 18.73 -35.09 35.88
CA TRP B 839 19.56 -36.27 36.07
C TRP B 839 19.85 -36.53 37.56
N LYS B 840 20.36 -35.52 38.25
CA LYS B 840 20.65 -35.61 39.69
C LYS B 840 19.43 -36.08 40.49
N ALA B 841 18.33 -35.36 40.35
CA ALA B 841 17.10 -35.65 41.06
C ALA B 841 16.50 -37.04 40.73
N ALA B 842 16.81 -37.57 39.55
CA ALA B 842 16.37 -38.91 39.16
C ALA B 842 17.33 -40.00 39.60
N GLY B 843 18.44 -39.58 40.23
CA GLY B 843 19.43 -40.50 40.77
C GLY B 843 20.44 -41.07 39.79
N HIS B 844 20.40 -40.61 38.55
CA HIS B 844 21.29 -41.15 37.51
C HIS B 844 22.75 -41.24 37.98
N TYR B 845 23.20 -40.24 38.74
CA TYR B 845 24.60 -40.20 39.16
C TYR B 845 24.90 -41.08 40.38
N GLN B 846 23.91 -41.25 41.26
CA GLN B 846 24.08 -42.07 42.47
C GLN B 846 23.91 -43.55 42.18
N ALA B 847 22.92 -43.89 41.37
CA ALA B 847 22.46 -45.27 41.15
C ALA B 847 23.58 -46.30 41.00
N GLU B 848 23.60 -47.27 41.93
CA GLU B 848 24.54 -48.38 41.89
C GLU B 848 23.86 -49.60 41.28
N ALA B 849 24.65 -50.40 40.57
CA ALA B 849 24.15 -51.58 39.85
C ALA B 849 23.88 -52.75 40.78
N ALA B 850 22.69 -53.34 40.67
CA ALA B 850 22.38 -54.56 41.39
C ALA B 850 22.46 -55.69 40.38
N LEU B 851 23.22 -56.74 40.72
CA LEU B 851 23.37 -57.90 39.84
C LEU B 851 22.14 -58.79 39.89
N LEU B 852 21.66 -59.20 38.73
CA LEU B 852 20.45 -60.01 38.64
C LEU B 852 20.71 -61.43 38.14
N GLN B 853 21.84 -61.63 37.46
CA GLN B 853 22.07 -62.89 36.76
C GLN B 853 23.46 -62.97 36.11
N CYS B 854 24.25 -63.94 36.57
CA CYS B 854 25.62 -64.13 36.09
C CYS B 854 25.91 -65.62 35.90
N THR B 855 25.84 -66.07 34.64
CA THR B 855 25.98 -67.48 34.29
C THR B 855 27.05 -67.70 33.24
N ALA B 856 27.58 -68.92 33.19
CA ALA B 856 28.62 -69.30 32.24
C ALA B 856 28.31 -70.64 31.59
N ASP B 857 28.62 -70.77 30.30
CA ASP B 857 28.40 -72.01 29.54
C ASP B 857 29.53 -72.23 28.56
N THR B 858 29.97 -73.48 28.44
CA THR B 858 30.99 -73.83 27.45
C THR B 858 30.30 -74.38 26.19
N LEU B 859 30.66 -73.83 25.04
CA LEU B 859 30.05 -74.19 23.75
C LEU B 859 30.99 -75.06 22.89
N ALA B 860 30.58 -75.28 21.63
CA ALA B 860 31.37 -76.06 20.67
C ALA B 860 32.73 -75.43 20.32
N ASP B 861 32.81 -74.10 20.32
CA ASP B 861 34.06 -73.39 20.03
C ASP B 861 34.25 -72.11 20.84
N ALA B 862 33.48 -71.95 21.93
CA ALA B 862 33.51 -70.72 22.70
C ALA B 862 33.05 -70.87 24.15
N VAL B 863 33.33 -69.84 24.95
CA VAL B 863 32.78 -69.69 26.30
C VAL B 863 31.79 -68.53 26.33
N LEU B 864 30.57 -68.80 26.78
CA LEU B 864 29.50 -67.82 26.75
C LEU B 864 29.16 -67.32 28.15
N ILE B 865 29.37 -66.03 28.39
CA ILE B 865 28.94 -65.40 29.64
C ILE B 865 27.65 -64.61 29.41
N THR B 866 26.72 -64.68 30.36
CA THR B 866 25.46 -63.95 30.27
C THR B 866 25.31 -63.15 31.57
N THR B 867 25.26 -61.82 31.46
CA THR B 867 24.96 -60.98 32.63
C THR B 867 23.68 -60.17 32.46
N ALA B 868 23.12 -59.75 33.60
CA ALA B 868 21.99 -58.84 33.66
C ALA B 868 22.14 -57.95 34.91
N HIS B 869 21.86 -56.66 34.75
CA HIS B 869 21.99 -55.72 35.85
C HIS B 869 20.80 -54.77 35.94
N ALA B 870 20.65 -54.13 37.10
CA ALA B 870 19.60 -53.15 37.31
C ALA B 870 20.08 -52.02 38.21
N TRP B 871 20.05 -50.78 37.70
CA TRP B 871 20.42 -49.60 38.49
C TRP B 871 19.18 -49.03 39.11
N GLN B 872 19.20 -48.90 40.44
CA GLN B 872 18.02 -48.45 41.19
C GLN B 872 18.34 -47.28 42.09
N HIS B 873 17.32 -46.48 42.39
CA HIS B 873 17.45 -45.30 43.26
C HIS B 873 16.13 -45.09 44.00
N GLN B 874 16.19 -44.99 45.33
CA GLN B 874 14.99 -45.02 46.19
C GLN B 874 14.00 -46.07 45.66
N GLY B 875 14.48 -47.30 45.49
CA GLY B 875 13.67 -48.39 44.96
C GLY B 875 12.99 -48.19 43.61
N LYS B 876 13.45 -47.21 42.83
CA LYS B 876 12.99 -47.07 41.44
C LYS B 876 14.06 -47.63 40.50
N THR B 877 13.65 -48.51 39.59
CA THR B 877 14.60 -49.11 38.64
C THR B 877 14.71 -48.22 37.42
N LEU B 878 15.92 -47.75 37.16
CA LEU B 878 16.16 -46.80 36.08
C LEU B 878 16.57 -47.50 34.79
N PHE B 879 17.50 -48.45 34.90
CA PHE B 879 18.07 -49.13 33.74
C PHE B 879 18.19 -50.63 33.97
N ILE B 880 18.10 -51.39 32.89
CA ILE B 880 18.33 -52.84 32.90
C ILE B 880 19.32 -53.18 31.78
N SER B 881 20.43 -53.84 32.14
CA SER B 881 21.49 -54.16 31.19
C SER B 881 21.71 -55.65 31.00
N ARG B 882 21.25 -56.15 29.86
CA ARG B 882 21.34 -57.58 29.55
C ARG B 882 22.42 -57.90 28.50
N LYS B 883 23.56 -58.41 28.98
CA LYS B 883 24.72 -58.66 28.13
C LYS B 883 25.05 -60.15 27.94
N THR B 884 25.72 -60.44 26.82
CA THR B 884 26.31 -61.77 26.56
C THR B 884 27.71 -61.62 25.96
N TYR B 885 28.71 -62.09 26.70
CA TYR B 885 30.07 -62.10 26.23
C TYR B 885 30.35 -63.47 25.62
N ARG B 886 30.89 -63.49 24.40
CA ARG B 886 31.25 -64.72 23.72
C ARG B 886 32.71 -64.65 23.32
N ILE B 887 33.53 -65.46 23.98
CA ILE B 887 34.93 -65.53 23.66
C ILE B 887 35.21 -66.80 22.88
N ASP B 888 35.44 -66.68 21.58
CA ASP B 888 35.76 -67.84 20.75
C ASP B 888 37.25 -68.13 20.71
N GLY B 889 37.63 -69.17 19.96
CA GLY B 889 39.00 -69.67 19.96
C GLY B 889 39.94 -68.85 19.11
N SER B 890 39.38 -67.85 18.41
CA SER B 890 40.17 -66.89 17.68
C SER B 890 40.65 -65.76 18.59
N GLY B 891 40.31 -65.84 19.88
CA GLY B 891 40.76 -64.85 20.87
C GLY B 891 39.98 -63.54 20.86
N GLN B 892 38.80 -63.59 20.23
CA GLN B 892 37.92 -62.44 20.09
C GLN B 892 36.79 -62.52 21.10
N MET B 893 36.41 -61.37 21.66
CA MET B 893 35.31 -61.31 22.61
C MET B 893 34.16 -60.46 22.07
N ALA B 894 33.10 -61.14 21.62
CA ALA B 894 31.90 -60.46 21.12
C ALA B 894 30.92 -60.11 22.25
N ILE B 895 30.93 -58.84 22.68
CA ILE B 895 29.98 -58.32 23.66
C ILE B 895 28.65 -57.91 22.98
N THR B 896 27.53 -58.29 23.60
CA THR B 896 26.20 -57.93 23.14
C THR B 896 25.40 -57.31 24.29
N VAL B 897 25.04 -56.03 24.14
CA VAL B 897 24.39 -55.29 25.22
C VAL B 897 22.97 -54.87 24.83
N ASP B 898 22.02 -55.11 25.74
CA ASP B 898 20.61 -54.73 25.57
C ASP B 898 20.06 -53.98 26.77
N VAL B 899 19.89 -52.66 26.61
CA VAL B 899 19.51 -51.78 27.71
C VAL B 899 18.06 -51.29 27.63
N GLU B 900 17.34 -51.46 28.74
CA GLU B 900 15.99 -50.93 28.90
C GLU B 900 16.03 -49.68 29.75
N VAL B 901 15.36 -48.63 29.30
CA VAL B 901 15.32 -47.36 30.05
C VAL B 901 13.86 -47.06 30.37
N ALA B 902 13.60 -46.72 31.63
CA ALA B 902 12.25 -46.44 32.08
C ALA B 902 11.71 -45.18 31.41
N SER B 903 10.57 -45.34 30.74
CA SER B 903 9.95 -44.26 29.97
C SER B 903 9.79 -42.98 30.78
N ASP B 904 9.51 -43.13 32.07
CA ASP B 904 9.25 -42.00 32.96
C ASP B 904 10.49 -41.40 33.62
N THR B 905 11.67 -41.85 33.24
CA THR B 905 12.90 -41.19 33.69
C THR B 905 13.50 -40.30 32.59
N PRO B 906 14.07 -39.13 32.97
CA PRO B 906 14.74 -38.27 31.98
C PRO B 906 15.68 -39.06 31.10
N HIS B 907 15.56 -38.89 29.79
CA HIS B 907 16.40 -39.63 28.84
C HIS B 907 17.88 -39.43 29.16
N PRO B 908 18.65 -40.53 29.15
CA PRO B 908 20.00 -40.48 29.68
C PRO B 908 20.99 -39.89 28.69
N ALA B 909 22.05 -39.32 29.25
CA ALA B 909 23.13 -38.73 28.47
C ALA B 909 23.72 -39.71 27.46
N ARG B 910 23.90 -40.96 27.90
CA ARG B 910 24.52 -41.98 27.06
C ARG B 910 24.07 -43.38 27.46
N ILE B 911 24.34 -44.33 26.58
CA ILE B 911 24.16 -45.73 26.87
C ILE B 911 25.43 -46.39 26.35
N GLY B 912 26.33 -46.69 27.28
CA GLY B 912 27.64 -47.18 26.91
C GLY B 912 28.35 -47.93 28.01
N LEU B 913 29.57 -48.36 27.70
CA LEU B 913 30.45 -49.02 28.64
C LEU B 913 31.64 -48.11 28.86
N ASN B 914 32.24 -48.21 30.05
CA ASN B 914 33.51 -47.56 30.32
C ASN B 914 34.47 -48.45 31.10
N CYS B 915 35.71 -48.00 31.23
CA CYS B 915 36.75 -48.68 32.02
C CYS B 915 38.05 -47.90 31.98
N GLN B 916 38.89 -48.11 33.00
CA GLN B 916 40.20 -47.45 33.11
C GLN B 916 41.27 -48.42 32.63
N LEU B 917 41.89 -48.13 31.50
CA LEU B 917 42.92 -49.01 30.94
C LEU B 917 44.24 -48.78 31.65
N ALA B 918 44.99 -49.86 31.87
CA ALA B 918 46.30 -49.76 32.50
C ALA B 918 47.30 -49.11 31.56
N GLN B 919 47.28 -49.58 30.31
CA GLN B 919 48.11 -49.05 29.22
C GLN B 919 47.90 -47.55 29.03
N VAL B 920 49.00 -46.83 28.81
CA VAL B 920 48.97 -45.43 28.36
C VAL B 920 49.73 -45.31 27.05
N ALA B 921 49.02 -45.34 25.92
CA ALA B 921 49.68 -45.30 24.61
C ALA B 921 49.87 -43.87 24.08
N GLU B 922 50.59 -43.76 22.96
CA GLU B 922 50.90 -42.48 22.37
C GLU B 922 49.89 -42.07 21.30
N ARG B 923 49.49 -43.03 20.47
CA ARG B 923 48.63 -42.73 19.32
C ARG B 923 47.25 -43.38 19.45
N VAL B 924 46.24 -42.69 18.96
CA VAL B 924 44.90 -43.25 18.82
C VAL B 924 44.57 -43.35 17.32
N ASN B 925 44.09 -44.53 16.92
CA ASN B 925 43.81 -44.85 15.51
C ASN B 925 42.39 -45.41 15.38
N TRP B 926 41.53 -44.68 14.68
CA TRP B 926 40.16 -45.13 14.50
C TRP B 926 39.65 -44.95 13.08
N LEU B 927 38.71 -45.81 12.71
CA LEU B 927 38.01 -45.70 11.45
C LEU B 927 36.63 -45.17 11.84
N GLY B 928 36.30 -43.97 11.33
CA GLY B 928 35.07 -43.29 11.72
C GLY B 928 35.14 -41.78 11.52
N LEU B 929 34.23 -41.06 12.17
CA LEU B 929 34.09 -39.62 11.94
C LEU B 929 35.17 -38.83 12.63
N GLY B 930 35.82 -37.95 11.87
CA GLY B 930 36.85 -37.08 12.44
C GLY B 930 37.48 -36.14 11.42
N PRO B 931 38.70 -35.67 11.70
CA PRO B 931 39.52 -36.01 12.87
C PRO B 931 39.09 -35.38 14.20
N GLN B 932 38.42 -34.22 14.14
CA GLN B 932 38.11 -33.44 15.34
C GLN B 932 36.96 -34.01 16.18
N GLU B 933 36.79 -33.47 17.38
CA GLU B 933 35.66 -33.79 18.25
C GLU B 933 34.31 -33.61 17.52
N ASN B 934 33.47 -34.63 17.53
CA ASN B 934 32.13 -34.52 16.93
C ASN B 934 31.05 -35.28 17.72
N TYR B 935 29.86 -34.68 17.83
CA TYR B 935 28.74 -35.29 18.55
C TYR B 935 27.50 -35.47 17.67
N PRO B 936 26.53 -36.31 18.09
CA PRO B 936 25.46 -36.71 17.17
C PRO B 936 24.73 -35.54 16.49
N ASP B 937 24.49 -34.46 17.24
CA ASP B 937 23.88 -33.26 16.66
C ASP B 937 24.90 -32.22 16.19
N ARG B 938 26.18 -32.60 16.09
CA ARG B 938 27.23 -31.72 15.59
C ARG B 938 28.37 -32.53 14.98
N LEU B 939 28.05 -33.25 13.91
CA LEU B 939 29.02 -34.09 13.25
C LEU B 939 29.00 -33.93 11.74
N THR B 940 28.47 -32.80 11.27
CA THR B 940 28.34 -32.64 9.82
C THR B 940 29.69 -32.32 9.20
N ALA B 941 30.54 -31.66 9.97
CA ALA B 941 31.84 -31.21 9.49
C ALA B 941 32.85 -32.35 9.43
N ALA B 942 32.63 -33.40 10.23
CA ALA B 942 33.59 -34.49 10.32
C ALA B 942 33.47 -35.42 9.12
N CYS B 943 34.60 -35.97 8.71
CA CYS B 943 34.63 -36.92 7.61
C CYS B 943 34.91 -38.32 8.14
N PHE B 944 34.50 -39.33 7.38
CA PHE B 944 34.74 -40.73 7.73
C PHE B 944 36.00 -41.17 7.04
N ASP B 945 37.01 -41.52 7.83
CA ASP B 945 38.28 -41.96 7.29
C ASP B 945 39.09 -42.71 8.33
N ARG B 946 40.31 -43.08 7.97
CA ARG B 946 41.27 -43.66 8.91
C ARG B 946 41.98 -42.49 9.57
N TRP B 947 41.76 -42.33 10.87
CA TRP B 947 42.35 -41.21 11.57
C TRP B 947 43.41 -41.70 12.56
N ASP B 948 44.53 -40.98 12.63
CA ASP B 948 45.61 -41.33 13.55
C ASP B 948 46.14 -40.08 14.22
N LEU B 949 45.79 -39.92 15.49
CA LEU B 949 46.20 -38.74 16.26
C LEU B 949 46.94 -39.11 17.56
N PRO B 950 47.81 -38.21 18.06
CA PRO B 950 48.32 -38.37 19.42
C PRO B 950 47.18 -38.33 20.45
N LEU B 951 47.39 -38.96 21.60
CA LEU B 951 46.35 -39.06 22.63
C LEU B 951 45.83 -37.73 23.11
N SER B 952 46.74 -36.77 23.30
CA SER B 952 46.34 -35.44 23.77
C SER B 952 45.30 -34.74 22.88
N ASP B 953 45.31 -35.03 21.57
CA ASP B 953 44.33 -34.46 20.62
C ASP B 953 42.89 -34.93 20.86
N MET B 954 42.77 -36.11 21.48
CA MET B 954 41.47 -36.72 21.73
C MET B 954 40.81 -36.18 22.99
N TYR B 955 41.35 -35.08 23.50
CA TYR B 955 40.82 -34.37 24.64
C TYR B 955 40.72 -32.89 24.28
N THR B 956 39.53 -32.32 24.47
CA THR B 956 39.34 -30.91 24.18
C THR B 956 39.39 -30.12 25.49
N PRO B 957 40.38 -29.22 25.62
CA PRO B 957 40.63 -28.48 26.86
C PRO B 957 39.69 -27.29 27.10
N TYR B 958 38.38 -27.54 27.12
CA TYR B 958 37.42 -26.49 27.51
C TYR B 958 37.82 -25.97 28.90
N VAL B 959 37.76 -24.64 29.07
CA VAL B 959 38.19 -24.02 30.30
C VAL B 959 37.33 -24.52 31.45
N PHE B 960 36.03 -24.54 31.26
CA PHE B 960 35.17 -25.29 32.18
C PHE B 960 35.13 -26.72 31.67
N PRO B 961 35.71 -27.67 32.43
CA PRO B 961 35.79 -29.05 32.02
C PRO B 961 34.43 -29.73 31.99
N SER B 962 34.25 -30.58 31.01
CA SER B 962 33.03 -31.34 30.81
C SER B 962 33.32 -32.56 29.95
N GLU B 963 32.29 -33.34 29.65
CA GLU B 963 32.45 -34.39 28.65
C GLU B 963 32.95 -33.70 27.37
N ASN B 964 33.87 -34.37 26.70
CA ASN B 964 34.57 -33.80 25.55
C ASN B 964 35.32 -34.87 24.82
N GLY B 965 35.67 -34.59 23.58
CA GLY B 965 36.53 -35.47 22.81
C GLY B 965 35.84 -36.56 22.03
N LEU B 966 34.51 -36.64 22.11
CA LEU B 966 33.80 -37.73 21.46
C LEU B 966 34.01 -37.75 19.93
N ARG B 967 34.10 -38.95 19.38
CA ARG B 967 34.06 -39.18 17.94
C ARG B 967 32.94 -40.18 17.63
N CYS B 968 32.08 -39.87 16.68
CA CYS B 968 30.90 -40.71 16.42
C CYS B 968 31.08 -41.56 15.17
N GLY B 969 30.09 -42.40 14.89
CA GLY B 969 30.09 -43.27 13.71
C GLY B 969 31.42 -43.98 13.51
N THR B 970 32.00 -44.45 14.63
CA THR B 970 33.28 -45.13 14.65
C THR B 970 33.08 -46.65 14.60
N ARG B 971 33.78 -47.29 13.66
CA ARG B 971 33.65 -48.73 13.41
C ARG B 971 34.85 -49.52 13.92
N GLU B 972 35.99 -48.85 14.06
CA GLU B 972 37.21 -49.51 14.51
C GLU B 972 38.03 -48.54 15.33
N LEU B 973 38.38 -48.95 16.56
CA LEU B 973 39.25 -48.16 17.43
C LEU B 973 40.49 -48.96 17.87
N ASN B 974 41.67 -48.39 17.63
CA ASN B 974 42.95 -49.00 18.03
C ASN B 974 43.67 -48.21 19.12
N TYR B 975 44.00 -48.89 20.22
CA TYR B 975 44.80 -48.28 21.28
C TYR B 975 45.81 -49.32 21.75
N GLY B 976 47.09 -49.02 21.52
CA GLY B 976 48.16 -50.01 21.75
C GLY B 976 47.78 -51.39 21.25
N PRO B 977 47.75 -52.38 22.16
CA PRO B 977 47.42 -53.73 21.74
C PRO B 977 45.92 -53.92 21.42
N HIS B 978 45.07 -53.10 22.02
CA HIS B 978 43.62 -53.26 21.96
C HIS B 978 43.00 -52.81 20.65
N GLN B 979 41.98 -53.54 20.22
CA GLN B 979 41.08 -53.12 19.14
C GLN B 979 39.61 -53.35 19.50
N TRP B 980 38.76 -52.40 19.13
CA TRP B 980 37.31 -52.55 19.27
C TRP B 980 36.63 -52.33 17.93
N ARG B 981 35.74 -53.24 17.56
CA ARG B 981 34.98 -53.15 16.32
C ARG B 981 33.48 -53.15 16.58
N GLY B 982 32.74 -52.44 15.72
CA GLY B 982 31.29 -52.26 15.86
C GLY B 982 30.78 -51.01 15.14
N ASP B 983 29.86 -50.30 15.78
CA ASP B 983 29.36 -49.04 15.27
C ASP B 983 28.96 -48.21 16.47
N PHE B 984 29.95 -47.53 17.05
CA PHE B 984 29.79 -46.91 18.33
C PHE B 984 30.31 -45.48 18.32
N GLN B 985 30.10 -44.78 19.43
CA GLN B 985 30.72 -43.49 19.69
C GLN B 985 31.78 -43.77 20.76
N PHE B 986 32.76 -42.88 20.91
CA PHE B 986 33.83 -43.08 21.88
C PHE B 986 34.57 -41.79 22.24
N ASN B 987 35.09 -41.73 23.46
CA ASN B 987 36.15 -40.78 23.77
C ASN B 987 37.26 -41.47 24.59
N ILE B 988 38.43 -40.84 24.65
CA ILE B 988 39.60 -41.51 25.21
C ILE B 988 40.63 -40.52 25.78
N SER B 989 40.73 -40.46 27.11
CA SER B 989 41.61 -39.49 27.75
C SER B 989 42.17 -39.96 29.09
N ARG B 990 43.02 -39.13 29.69
CA ARG B 990 43.63 -39.43 30.97
C ARG B 990 42.76 -38.99 32.14
N TYR B 991 41.51 -38.62 31.86
CA TYR B 991 40.62 -38.08 32.89
C TYR B 991 39.26 -38.79 32.92
N SER B 992 38.85 -39.15 34.13
CA SER B 992 37.55 -39.75 34.41
C SER B 992 36.44 -38.71 34.33
N GLN B 993 35.28 -39.14 33.83
CA GLN B 993 34.08 -38.31 33.83
C GLN B 993 33.85 -37.68 35.20
N GLN B 994 34.14 -38.44 36.25
CA GLN B 994 33.99 -37.96 37.62
C GLN B 994 34.97 -36.82 37.93
N GLN B 995 36.23 -36.97 37.54
CA GLN B 995 37.18 -35.90 37.71
C GLN B 995 36.69 -34.69 36.92
N LEU B 996 36.26 -34.93 35.67
CA LEU B 996 35.80 -33.87 34.77
C LEU B 996 34.63 -33.09 35.38
N MET B 997 33.72 -33.85 35.98
CA MET B 997 32.55 -33.31 36.65
C MET B 997 32.89 -32.42 37.86
N GLU B 998 33.90 -32.83 38.62
CA GLU B 998 34.21 -32.22 39.93
C GLU B 998 35.25 -31.11 39.89
N THR B 999 35.91 -30.95 38.76
CA THR B 999 36.91 -29.90 38.59
C THR B 999 36.29 -28.73 37.84
N SER B 1000 36.42 -27.53 38.42
CA SER B 1000 35.81 -26.31 37.87
C SER B 1000 36.60 -25.66 36.73
N HIS B 1001 37.94 -25.72 36.81
CA HIS B 1001 38.82 -25.13 35.81
C HIS B 1001 39.69 -26.22 35.19
N ARG B 1002 40.03 -26.08 33.91
CA ARG B 1002 40.84 -27.09 33.22
C ARG B 1002 42.22 -27.27 33.87
N HIS B 1003 42.84 -26.17 34.27
CA HIS B 1003 44.23 -26.19 34.77
C HIS B 1003 44.44 -26.98 36.07
N LEU B 1004 43.35 -27.34 36.77
CA LEU B 1004 43.43 -28.11 38.00
C LEU B 1004 43.31 -29.61 37.74
N LEU B 1005 42.96 -30.00 36.51
CA LEU B 1005 42.86 -31.41 36.11
C LEU B 1005 44.23 -32.07 36.18
N HIS B 1006 44.29 -33.26 36.79
CA HIS B 1006 45.53 -34.01 36.84
C HIS B 1006 45.37 -35.34 36.09
N ALA B 1007 46.33 -35.64 35.23
CA ALA B 1007 46.32 -36.88 34.49
C ALA B 1007 46.26 -38.04 35.47
N GLU B 1008 45.28 -38.92 35.28
CA GLU B 1008 45.08 -40.09 36.14
C GLU B 1008 45.95 -41.25 35.65
N GLU B 1009 46.30 -42.15 36.56
CA GLU B 1009 46.99 -43.38 36.18
C GLU B 1009 46.18 -44.01 35.06
N GLY B 1010 46.85 -44.42 33.99
CA GLY B 1010 46.19 -45.08 32.87
C GLY B 1010 45.31 -44.23 31.98
N THR B 1011 44.59 -44.90 31.08
CA THR B 1011 43.75 -44.25 30.06
C THR B 1011 42.28 -44.58 30.25
N TRP B 1012 41.45 -43.57 30.47
CA TRP B 1012 39.99 -43.74 30.53
C TRP B 1012 39.32 -43.85 29.15
N LEU B 1013 38.50 -44.87 28.99
CA LEU B 1013 37.86 -45.17 27.71
C LEU B 1013 36.35 -45.29 27.83
N ASN B 1014 35.66 -44.46 27.07
CA ASN B 1014 34.20 -44.48 27.03
C ASN B 1014 33.74 -44.94 25.66
N ILE B 1015 32.99 -46.03 25.63
CA ILE B 1015 32.45 -46.52 24.36
C ILE B 1015 30.95 -46.55 24.45
N ASP B 1016 30.31 -45.64 23.73
CA ASP B 1016 28.87 -45.50 23.74
C ASP B 1016 28.28 -46.13 22.51
N GLY B 1017 27.24 -46.92 22.72
CA GLY B 1017 26.41 -47.40 21.63
C GLY B 1017 25.55 -46.24 21.14
N PHE B 1018 25.27 -45.32 22.08
CA PHE B 1018 24.44 -44.16 21.83
C PHE B 1018 24.84 -42.98 22.73
N HIS B 1019 24.76 -41.77 22.22
CA HIS B 1019 25.09 -40.58 23.00
C HIS B 1019 24.10 -39.46 22.68
N MET B 1020 23.77 -38.67 23.68
CA MET B 1020 22.78 -37.60 23.54
C MET B 1020 23.39 -36.43 22.82
N GLY B 1021 22.56 -35.71 22.05
CA GLY B 1021 22.94 -34.44 21.44
C GLY B 1021 23.45 -33.43 22.47
N ILE B 1022 24.10 -32.38 21.99
CA ILE B 1022 24.77 -31.42 22.87
C ILE B 1022 24.04 -30.07 23.03
N GLY B 1023 22.99 -29.86 22.23
CA GLY B 1023 22.20 -28.64 22.31
C GLY B 1023 23.00 -27.42 21.86
N GLY B 1024 22.55 -26.23 22.25
CA GLY B 1024 23.29 -25.01 21.93
C GLY B 1024 22.51 -23.83 21.38
N ASP B 1025 21.26 -24.06 20.95
CA ASP B 1025 20.40 -22.98 20.48
C ASP B 1025 20.43 -21.82 21.47
N ASP B 1026 20.50 -22.16 22.74
CA ASP B 1026 21.00 -21.27 23.79
C ASP B 1026 21.57 -22.10 24.93
N SER B 1027 22.09 -21.44 25.96
CA SER B 1027 22.68 -22.16 27.08
C SER B 1027 21.98 -21.89 28.41
N TRP B 1028 20.72 -21.49 28.36
CA TRP B 1028 19.95 -21.23 29.58
C TRP B 1028 18.65 -22.04 29.73
N SER B 1029 18.31 -22.81 28.71
CA SER B 1029 17.17 -23.73 28.79
C SER B 1029 17.44 -24.97 27.91
N PRO B 1030 16.90 -26.15 28.30
CA PRO B 1030 17.20 -27.36 27.53
C PRO B 1030 17.08 -27.09 26.03
N SER B 1031 18.13 -27.44 25.29
CA SER B 1031 18.20 -27.12 23.86
C SER B 1031 18.45 -28.29 22.92
N VAL B 1032 18.58 -29.49 23.47
CA VAL B 1032 18.79 -30.67 22.64
C VAL B 1032 17.48 -31.04 21.97
N SER B 1033 17.49 -31.04 20.65
CA SER B 1033 16.30 -31.39 19.87
C SER B 1033 15.76 -32.79 20.17
N ALA B 1034 14.46 -32.98 20.00
CA ALA B 1034 13.80 -34.26 20.22
C ALA B 1034 14.48 -35.46 19.53
N GLU B 1035 14.88 -35.29 18.27
CA GLU B 1035 15.48 -36.39 17.50
C GLU B 1035 16.85 -36.85 18.02
N PHE B 1036 17.46 -36.07 18.92
CA PHE B 1036 18.79 -36.37 19.44
C PHE B 1036 18.81 -36.81 20.91
N GLN B 1037 17.62 -36.92 21.49
CA GLN B 1037 17.48 -37.41 22.85
C GLN B 1037 17.32 -38.91 22.79
N LEU B 1038 17.75 -39.60 23.85
CA LEU B 1038 17.70 -41.04 23.87
C LEU B 1038 16.42 -41.55 24.53
N SER B 1039 15.39 -41.74 23.72
CA SER B 1039 14.05 -42.00 24.24
C SER B 1039 13.41 -43.28 23.69
N ALA B 1040 14.17 -44.02 22.89
CA ALA B 1040 13.67 -45.24 22.25
C ALA B 1040 13.13 -46.25 23.25
N GLY B 1041 13.77 -46.31 24.43
CA GLY B 1041 13.34 -47.19 25.52
C GLY B 1041 14.08 -48.52 25.53
N ARG B 1042 14.29 -49.09 24.35
CA ARG B 1042 15.05 -50.32 24.21
C ARG B 1042 16.16 -50.10 23.20
N TYR B 1043 17.40 -50.23 23.66
CA TYR B 1043 18.56 -50.01 22.81
C TYR B 1043 19.40 -51.27 22.59
N HIS B 1044 20.08 -51.34 21.44
CA HIS B 1044 20.98 -52.45 21.13
C HIS B 1044 22.32 -52.03 20.51
N TYR B 1045 23.42 -52.50 21.09
CA TYR B 1045 24.74 -52.38 20.47
C TYR B 1045 25.64 -53.56 20.77
N GLN B 1046 26.50 -53.90 19.80
CA GLN B 1046 27.44 -55.01 19.93
C GLN B 1046 28.86 -54.57 19.67
N LEU B 1047 29.80 -55.22 20.35
CA LEU B 1047 31.21 -54.89 20.25
C LEU B 1047 32.05 -56.14 20.10
N VAL B 1048 33.05 -56.09 19.24
CA VAL B 1048 34.09 -57.12 19.23
C VAL B 1048 35.40 -56.52 19.78
N TRP B 1049 35.80 -57.00 20.95
CA TRP B 1049 37.05 -56.60 21.59
C TRP B 1049 38.12 -57.67 21.34
N CYS B 1050 39.17 -57.31 20.62
CA CYS B 1050 40.28 -58.23 20.40
C CYS B 1050 41.63 -57.55 20.59
N GLN B 1051 42.66 -58.35 20.84
CA GLN B 1051 44.03 -57.87 20.79
C GLN B 1051 44.64 -58.43 19.52
N LYS B 1052 44.76 -57.59 18.48
CA LYS B 1052 45.39 -58.03 17.24
C LYS B 1052 46.92 -57.97 17.37
N ARG C 42 31.13 28.12 35.44
CA ARG C 42 30.18 27.57 34.43
C ARG C 42 29.23 28.66 33.96
N ARG C 43 29.04 28.75 32.66
CA ARG C 43 28.10 29.70 32.11
C ARG C 43 27.04 28.89 31.40
N ASP C 44 26.09 28.39 32.19
CA ASP C 44 25.09 27.44 31.70
C ASP C 44 24.18 28.06 30.65
N TRP C 45 23.98 29.37 30.74
CA TRP C 45 23.15 30.10 29.78
C TRP C 45 23.81 30.25 28.40
N GLU C 46 25.03 29.75 28.27
CA GLU C 46 25.72 29.78 26.98
C GLU C 46 26.08 28.38 26.58
N ASN C 47 25.33 27.42 27.08
CA ASN C 47 25.58 26.00 26.79
C ASN C 47 24.30 25.20 26.57
N PRO C 48 24.03 24.81 25.33
CA PRO C 48 22.76 24.18 24.97
C PRO C 48 22.70 22.71 25.40
N GLY C 49 23.77 22.21 26.01
CA GLY C 49 23.82 20.84 26.52
C GLY C 49 23.31 20.82 27.95
N VAL C 50 23.26 22.00 28.56
CA VAL C 50 22.69 22.17 29.87
C VAL C 50 21.47 23.06 29.70
N THR C 51 20.28 22.48 29.85
CA THR C 51 19.04 23.23 29.72
C THR C 51 18.33 23.32 31.05
N GLN C 52 18.82 22.52 32.00
CA GLN C 52 18.34 22.54 33.39
C GLN C 52 19.25 21.76 34.35
N LEU C 53 19.18 22.11 35.62
CA LEU C 53 19.90 21.38 36.66
C LEU C 53 18.98 21.16 37.85
N ASN C 54 18.80 19.88 38.24
CA ASN C 54 17.94 19.52 39.37
C ASN C 54 16.47 19.87 39.18
N ARG C 55 16.03 20.02 37.94
CA ARG C 55 14.62 20.24 37.66
C ARG C 55 13.86 18.92 37.77
N LEU C 56 12.66 18.95 38.35
CA LEU C 56 11.83 17.74 38.47
C LEU C 56 11.12 17.40 37.16
N ALA C 57 10.88 16.10 36.98
CA ALA C 57 10.17 15.59 35.80
C ALA C 57 8.87 16.35 35.54
N ALA C 58 8.62 16.67 34.27
CA ALA C 58 7.35 17.24 33.84
C ALA C 58 6.20 16.23 33.95
N HIS C 59 4.97 16.75 34.04
CA HIS C 59 3.76 15.96 34.32
C HIS C 59 2.55 16.87 34.12
N PRO C 60 1.32 16.30 34.11
CA PRO C 60 0.11 17.14 33.98
C PRO C 60 -0.18 17.95 35.25
N PRO C 61 -1.15 18.90 35.19
CA PRO C 61 -1.56 19.69 36.36
C PRO C 61 -1.83 18.86 37.61
N PHE C 62 -1.10 19.17 38.68
CA PHE C 62 -1.32 18.55 39.98
C PHE C 62 -1.93 19.53 40.96
N ALA C 63 -2.55 19.02 42.01
CA ALA C 63 -3.06 19.86 43.10
C ALA C 63 -2.89 19.22 44.47
N SER C 64 -2.53 17.94 44.47
CA SER C 64 -2.28 17.18 45.71
C SER C 64 -3.38 17.30 46.77
N TRP C 65 -4.64 17.35 46.31
CA TRP C 65 -5.79 17.24 47.19
C TRP C 65 -5.62 16.08 48.17
N ARG C 66 -6.13 16.25 49.38
CA ARG C 66 -6.19 15.13 50.32
C ARG C 66 -7.65 14.82 50.63
N ASN C 67 -8.51 15.13 49.68
CA ASN C 67 -9.93 14.85 49.79
C ASN C 67 -10.57 14.59 48.44
N SER C 68 -11.02 13.35 48.24
CA SER C 68 -11.66 12.91 47.01
C SER C 68 -12.65 13.91 46.42
N GLU C 69 -13.55 14.42 47.27
CA GLU C 69 -14.59 15.32 46.80
C GLU C 69 -13.99 16.58 46.22
N GLU C 70 -13.02 17.14 46.95
CA GLU C 70 -12.36 18.39 46.53
C GLU C 70 -11.77 18.21 45.12
N ALA C 71 -11.09 17.09 44.92
CA ALA C 71 -10.53 16.72 43.64
C ALA C 71 -11.61 16.61 42.58
N ARG C 72 -12.73 15.95 42.92
CA ARG C 72 -13.84 15.75 41.99
C ARG C 72 -14.49 17.07 41.54
N THR C 73 -14.76 17.95 42.49
CA THR C 73 -15.44 19.20 42.18
C THR C 73 -14.47 20.29 41.77
N ASP C 74 -13.17 19.96 41.75
CA ASP C 74 -12.11 20.89 41.31
C ASP C 74 -11.99 22.15 42.19
N ARG C 75 -12.10 21.96 43.51
CA ARG C 75 -12.00 23.06 44.45
C ARG C 75 -10.55 23.46 44.67
N PRO C 76 -10.30 24.67 45.23
CA PRO C 76 -8.94 25.06 45.60
C PRO C 76 -8.31 24.08 46.57
N SER C 77 -6.99 23.92 46.49
CA SER C 77 -6.31 22.95 47.33
C SER C 77 -5.31 23.63 48.26
N GLN C 78 -5.38 23.27 49.54
CA GLN C 78 -4.44 23.75 50.56
C GLN C 78 -3.02 23.42 50.21
N GLN C 79 -2.81 22.29 49.52
CA GLN C 79 -1.45 21.87 49.12
C GLN C 79 -0.90 22.61 47.90
N LEU C 80 -1.72 23.49 47.32
CA LEU C 80 -1.27 24.36 46.26
C LEU C 80 -1.43 25.82 46.65
N ARG C 81 -0.32 26.44 47.06
CA ARG C 81 -0.32 27.85 47.47
C ARG C 81 0.24 28.74 46.36
N SER C 82 -0.50 29.75 45.95
CA SER C 82 0.06 30.77 45.06
C SER C 82 1.05 31.65 45.82
N LEU C 83 2.20 31.92 45.18
CA LEU C 83 3.17 32.86 45.72
C LEU C 83 3.15 34.15 44.92
N ASN C 84 2.17 34.28 44.03
CA ASN C 84 1.99 35.51 43.26
C ASN C 84 1.74 36.67 44.24
N GLY C 85 2.04 37.89 43.81
CA GLY C 85 1.90 39.06 44.66
C GLY C 85 3.12 39.95 44.60
N GLU C 86 3.42 40.62 45.71
CA GLU C 86 4.52 41.57 45.73
C GLU C 86 5.85 40.86 45.93
N TRP C 87 6.83 41.22 45.11
CA TRP C 87 8.18 40.67 45.22
C TRP C 87 9.19 41.81 45.32
N ARG C 88 10.44 41.47 45.62
CA ARG C 88 11.52 42.46 45.64
C ARG C 88 12.46 42.26 44.44
N PHE C 89 12.55 43.28 43.59
CA PHE C 89 13.23 43.18 42.31
C PHE C 89 14.28 44.28 42.12
N ALA C 90 15.43 43.93 41.55
CA ALA C 90 16.44 44.92 41.18
C ALA C 90 17.05 44.55 39.83
N TRP C 91 17.19 45.53 38.96
CA TRP C 91 17.68 45.26 37.62
C TRP C 91 19.20 45.31 37.60
N PHE C 92 19.82 44.62 36.66
CA PHE C 92 21.27 44.70 36.47
C PHE C 92 21.59 44.65 34.98
N PRO C 93 22.79 45.12 34.59
CA PRO C 93 23.12 45.13 33.16
C PRO C 93 23.75 43.81 32.68
N ALA C 94 24.18 42.98 33.62
CA ALA C 94 24.73 41.65 33.33
C ALA C 94 24.77 40.83 34.63
N PRO C 95 25.05 39.52 34.56
CA PRO C 95 25.06 38.78 35.84
C PRO C 95 26.26 39.11 36.71
N GLU C 96 27.42 39.31 36.07
CA GLU C 96 28.65 39.63 36.79
C GLU C 96 28.51 40.87 37.67
N ALA C 97 27.39 41.59 37.52
CA ALA C 97 27.17 42.83 38.26
C ALA C 97 26.23 42.64 39.45
N VAL C 98 25.79 41.41 39.67
CA VAL C 98 24.98 41.10 40.83
C VAL C 98 25.91 40.95 42.04
N PRO C 99 25.71 41.77 43.09
CA PRO C 99 26.50 41.64 44.31
C PRO C 99 26.15 40.38 45.08
N GLU C 100 27.18 39.68 45.57
CA GLU C 100 27.04 38.36 46.21
C GLU C 100 26.19 38.37 47.49
N SER C 101 25.88 39.57 48.00
CA SER C 101 25.09 39.72 49.22
C SER C 101 23.62 39.42 49.01
N TRP C 102 23.18 39.55 47.75
CA TRP C 102 21.78 39.43 47.34
C TRP C 102 21.16 38.05 47.61
N LEU C 103 22.00 37.01 47.62
CA LEU C 103 21.57 35.67 48.01
C LEU C 103 21.14 35.68 49.49
N GLU C 104 21.95 36.34 50.33
CA GLU C 104 21.82 36.27 51.80
C GLU C 104 20.70 37.13 52.37
N CYS C 105 20.66 38.39 51.95
CA CYS C 105 19.61 39.31 52.39
C CYS C 105 19.27 40.32 51.30
N ASP C 106 18.09 40.93 51.45
CA ASP C 106 17.53 41.88 50.49
C ASP C 106 18.50 42.97 50.05
N LEU C 107 18.27 43.52 48.85
CA LEU C 107 18.99 44.70 48.40
C LEU C 107 18.17 45.97 48.69
N PRO C 108 18.79 46.96 49.35
CA PRO C 108 18.09 48.20 49.73
C PRO C 108 17.61 49.00 48.51
N GLU C 109 18.39 48.96 47.43
CA GLU C 109 18.08 49.64 46.19
C GLU C 109 16.87 49.05 45.44
N ALA C 110 16.56 47.79 45.74
CA ALA C 110 15.47 47.06 45.09
C ALA C 110 14.09 47.66 45.33
N ASP C 111 13.25 47.60 44.30
CA ASP C 111 11.87 48.08 44.36
C ASP C 111 10.92 46.93 44.66
N THR C 112 9.68 47.28 44.99
CA THR C 112 8.64 46.28 45.16
C THR C 112 7.73 46.27 43.94
N VAL C 113 7.71 45.13 43.25
CA VAL C 113 6.92 44.97 42.04
C VAL C 113 6.04 43.71 42.11
N VAL C 114 4.97 43.71 41.30
CA VAL C 114 4.01 42.60 41.25
C VAL C 114 4.56 41.46 40.40
N VAL C 115 4.37 40.23 40.88
CA VAL C 115 4.73 39.03 40.13
C VAL C 115 3.48 38.16 39.99
N PRO C 116 3.19 37.65 38.76
CA PRO C 116 3.99 37.73 37.54
C PRO C 116 3.94 39.07 36.83
N SER C 117 4.95 39.30 36.00
CA SER C 117 5.05 40.49 35.17
C SER C 117 6.22 40.31 34.18
N ASN C 118 6.30 41.17 33.17
CA ASN C 118 7.53 41.34 32.42
C ASN C 118 8.14 42.63 32.91
N TRP C 119 9.42 42.59 33.27
CA TRP C 119 10.04 43.78 33.84
C TRP C 119 10.18 44.92 32.84
N GLN C 120 10.06 44.59 31.55
CA GLN C 120 9.96 45.61 30.48
C GLN C 120 8.74 46.51 30.67
N MET C 121 7.70 45.97 31.30
CA MET C 121 6.45 46.68 31.48
C MET C 121 6.50 47.58 32.70
N HIS C 122 7.54 47.44 33.52
CA HIS C 122 7.72 48.36 34.64
C HIS C 122 8.70 49.50 34.30
N GLY C 123 9.48 49.32 33.24
CA GLY C 123 10.35 50.38 32.73
C GLY C 123 11.85 50.18 32.91
N TYR C 124 12.26 48.98 33.32
CA TYR C 124 13.70 48.69 33.59
C TYR C 124 14.59 48.57 32.33
N ASP C 125 14.00 48.09 31.24
CA ASP C 125 14.55 48.29 29.90
C ASP C 125 13.45 48.25 28.84
N ALA C 126 13.87 48.45 27.60
CA ALA C 126 12.96 48.58 26.47
C ALA C 126 12.62 47.22 25.86
N PRO C 127 11.31 46.93 25.72
CA PRO C 127 10.90 45.74 24.96
C PRO C 127 11.30 45.92 23.51
N ILE C 128 11.72 44.83 22.87
CA ILE C 128 12.24 44.90 21.51
C ILE C 128 11.26 44.19 20.58
N TYR C 129 10.75 44.90 19.58
CA TYR C 129 10.02 44.19 18.53
C TYR C 129 10.88 43.92 17.29
N THR C 130 11.04 42.63 17.00
CA THR C 130 11.74 42.16 15.82
C THR C 130 11.05 40.90 15.32
N ASN C 131 11.05 40.76 14.00
CA ASN C 131 10.37 39.67 13.31
C ASN C 131 11.29 38.48 13.03
N VAL C 132 12.20 38.63 12.07
CA VAL C 132 13.09 37.53 11.70
C VAL C 132 14.45 37.66 12.37
N THR C 133 15.13 38.78 12.12
CA THR C 133 16.44 39.08 12.70
C THR C 133 16.43 38.91 14.23
N TYR C 134 17.27 38.01 14.72
CA TYR C 134 17.41 37.78 16.16
C TYR C 134 17.72 39.09 16.88
N PRO C 135 17.13 39.30 18.07
CA PRO C 135 17.36 40.50 18.87
C PRO C 135 18.80 40.59 19.40
N ILE C 136 19.55 39.50 19.22
CA ILE C 136 20.94 39.38 19.65
C ILE C 136 21.79 38.96 18.46
N THR C 137 23.11 39.16 18.56
CA THR C 137 24.03 38.75 17.51
C THR C 137 23.92 37.22 17.27
N VAL C 138 23.96 36.80 16.02
CA VAL C 138 23.85 35.37 15.71
C VAL C 138 25.22 34.69 15.80
N ASN C 139 25.46 34.00 16.91
CA ASN C 139 26.76 33.41 17.24
C ASN C 139 26.58 32.26 18.25
N PRO C 140 25.81 31.21 17.87
CA PRO C 140 25.42 30.13 18.79
C PRO C 140 26.60 29.31 19.33
N PRO C 141 26.58 28.96 20.63
CA PRO C 141 25.50 29.17 21.60
C PRO C 141 25.59 30.45 22.45
N PHE C 142 26.48 31.36 22.09
CA PHE C 142 26.78 32.52 22.93
C PHE C 142 25.71 33.62 22.89
N VAL C 143 25.63 34.37 23.99
CA VAL C 143 24.77 35.54 24.10
C VAL C 143 25.65 36.79 24.31
N PRO C 144 25.05 38.00 24.33
CA PRO C 144 25.89 39.18 24.61
C PRO C 144 26.36 39.20 26.05
N THR C 145 27.61 39.62 26.26
CA THR C 145 28.17 39.80 27.61
C THR C 145 27.30 40.74 28.43
N GLU C 146 26.83 41.81 27.79
CA GLU C 146 25.85 42.69 28.38
C GLU C 146 24.45 42.07 28.26
N ASN C 147 24.05 41.40 29.34
CA ASN C 147 22.86 40.56 29.37
C ASN C 147 21.92 41.05 30.46
N PRO C 148 20.90 41.86 30.09
CA PRO C 148 19.99 42.42 31.09
C PRO C 148 19.50 41.35 32.07
N THR C 149 19.96 41.46 33.33
CA THR C 149 19.65 40.49 34.37
C THR C 149 18.64 41.02 35.37
N GLY C 150 17.56 40.27 35.57
CA GLY C 150 16.53 40.62 36.55
C GLY C 150 16.69 39.82 37.83
N CYS C 151 16.74 40.53 38.96
CA CYS C 151 16.88 39.87 40.26
C CYS C 151 15.59 39.91 41.05
N TYR C 152 14.98 38.74 41.19
CA TYR C 152 13.73 38.60 41.93
C TYR C 152 14.02 37.94 43.26
N SER C 153 13.43 38.48 44.31
CA SER C 153 13.51 37.87 45.65
C SER C 153 12.17 37.97 46.38
N LEU C 154 11.97 37.08 47.34
CA LEU C 154 10.74 37.04 48.11
C LEU C 154 10.94 36.40 49.47
N THR C 155 10.52 37.12 50.51
CA THR C 155 10.51 36.61 51.87
C THR C 155 9.09 36.16 52.16
N PHE C 156 8.94 34.94 52.68
CA PHE C 156 7.64 34.29 52.77
C PHE C 156 7.64 33.19 53.84
N ASN C 157 6.46 32.88 54.34
CA ASN C 157 6.30 31.89 55.37
C ASN C 157 6.14 30.48 54.80
N VAL C 158 6.57 29.49 55.58
CA VAL C 158 6.27 28.08 55.33
C VAL C 158 5.89 27.43 56.65
N ASP C 159 4.73 26.79 56.66
CA ASP C 159 4.15 26.19 57.86
C ASP C 159 4.91 24.95 58.34
N GLU C 160 4.90 24.75 59.66
CA GLU C 160 5.50 23.58 60.31
C GLU C 160 5.11 22.27 59.63
N SER C 161 3.82 22.12 59.29
CA SER C 161 3.29 20.85 58.77
C SER C 161 3.79 20.49 57.37
N TRP C 162 4.30 21.46 56.64
CA TRP C 162 4.83 21.24 55.28
C TRP C 162 6.26 20.69 55.25
N LEU C 163 6.94 20.71 56.39
CA LEU C 163 8.33 20.24 56.46
C LEU C 163 8.54 19.01 57.35
N GLN C 164 7.59 18.75 58.24
CA GLN C 164 7.65 17.59 59.15
C GLN C 164 7.65 16.27 58.40
N GLU C 165 6.81 16.20 57.37
CA GLU C 165 6.83 15.12 56.39
C GLU C 165 6.42 15.66 55.01
N GLY C 166 6.60 14.82 53.98
CA GLY C 166 6.16 15.14 52.62
C GLY C 166 7.19 15.88 51.80
N GLN C 167 6.77 16.31 50.62
CA GLN C 167 7.64 16.93 49.64
C GLN C 167 7.10 18.30 49.34
N THR C 168 7.98 19.30 49.30
CA THR C 168 7.59 20.66 49.05
C THR C 168 8.36 21.16 47.83
N ARG C 169 7.65 21.38 46.73
CA ARG C 169 8.30 21.91 45.54
C ARG C 169 7.85 23.32 45.22
N ILE C 170 8.65 24.04 44.45
CA ILE C 170 8.25 25.33 43.92
C ILE C 170 8.02 25.20 42.40
N ILE C 171 6.99 25.87 41.89
CA ILE C 171 6.64 25.79 40.50
C ILE C 171 6.61 27.16 39.83
N PHE C 172 7.48 27.34 38.84
CA PHE C 172 7.51 28.55 38.02
C PHE C 172 6.90 28.16 36.69
N ASP C 173 5.67 28.60 36.47
CA ASP C 173 4.94 28.25 35.25
C ASP C 173 5.61 28.84 33.97
N GLY C 174 6.30 29.97 34.10
CA GLY C 174 7.00 30.56 32.97
C GLY C 174 8.04 31.56 33.43
N VAL C 175 9.25 31.44 32.87
CA VAL C 175 10.36 32.34 33.18
C VAL C 175 11.20 32.58 31.93
N ASN C 176 11.28 33.84 31.50
CA ASN C 176 11.89 34.21 30.21
C ASN C 176 13.20 34.95 30.42
N SER C 177 14.34 34.40 29.97
CA SER C 177 14.43 33.12 29.21
C SER C 177 15.14 31.96 29.93
N ALA C 178 15.96 32.27 30.92
CA ALA C 178 16.56 31.27 31.80
C ALA C 178 16.79 31.85 33.19
N PHE C 179 16.95 30.99 34.18
CA PHE C 179 17.18 31.47 35.55
C PHE C 179 17.90 30.49 36.43
N HIS C 180 18.63 31.03 37.41
CA HIS C 180 19.16 30.25 38.52
C HIS C 180 18.30 30.50 39.73
N LEU C 181 18.14 29.47 40.55
CA LEU C 181 17.32 29.58 41.75
C LEU C 181 18.13 29.34 43.03
N TRP C 182 17.95 30.25 43.99
CA TRP C 182 18.46 30.07 45.35
C TRP C 182 17.33 30.10 46.34
N CYS C 183 17.54 29.39 47.45
CA CYS C 183 16.60 29.35 48.55
C CYS C 183 17.41 29.44 49.83
N ASN C 184 17.01 30.35 50.71
CA ASN C 184 17.73 30.65 51.94
C ASN C 184 19.26 30.68 51.78
N GLY C 185 19.72 31.30 50.70
CA GLY C 185 21.15 31.43 50.44
C GLY C 185 21.78 30.31 49.62
N ARG C 186 21.37 29.06 49.84
CA ARG C 186 21.96 27.92 49.12
C ARG C 186 21.37 27.83 47.70
N TRP C 187 22.18 27.33 46.77
CA TRP C 187 21.77 27.19 45.37
C TRP C 187 20.96 25.92 45.18
N VAL C 188 19.88 26.04 44.40
CA VAL C 188 18.95 24.94 44.15
C VAL C 188 19.11 24.34 42.76
N GLY C 189 19.07 25.20 41.74
CA GLY C 189 19.04 24.74 40.35
C GLY C 189 18.86 25.79 39.27
N TYR C 190 18.81 25.30 38.03
CA TYR C 190 18.76 26.12 36.83
C TYR C 190 17.69 25.56 35.91
N GLY C 191 17.09 26.43 35.10
CA GLY C 191 16.03 26.04 34.18
C GLY C 191 15.96 26.92 32.96
N GLN C 192 15.62 26.31 31.82
CA GLN C 192 15.39 27.04 30.56
C GLN C 192 13.97 26.79 30.01
N ASP C 193 13.73 27.23 28.78
CA ASP C 193 12.41 27.14 28.12
C ASP C 193 11.37 28.03 28.81
N SER C 194 11.21 29.23 28.30
CA SER C 194 10.38 30.23 28.94
C SER C 194 8.87 30.01 28.79
N ARG C 195 8.43 28.82 28.42
CA ARG C 195 6.99 28.60 28.21
C ARG C 195 6.44 27.32 28.82
N LEU C 196 7.30 26.61 29.54
CA LEU C 196 6.85 25.45 30.32
C LEU C 196 7.29 25.58 31.77
N PRO C 197 6.52 24.99 32.71
CA PRO C 197 6.85 25.23 34.11
C PRO C 197 8.08 24.47 34.58
N SER C 198 9.01 25.20 35.19
CA SER C 198 10.17 24.61 35.81
C SER C 198 9.85 24.33 37.27
N GLU C 199 10.12 23.11 37.72
CA GLU C 199 9.83 22.72 39.10
C GLU C 199 11.02 22.21 39.90
N PHE C 200 11.12 22.64 41.14
CA PHE C 200 12.25 22.24 41.98
C PHE C 200 11.81 21.80 43.37
N ASP C 201 12.44 20.73 43.84
CA ASP C 201 12.20 20.20 45.18
C ASP C 201 12.96 21.03 46.22
N LEU C 202 12.19 21.72 47.05
CA LEU C 202 12.72 22.61 48.07
C LEU C 202 12.78 21.97 49.45
N SER C 203 12.16 20.79 49.60
CA SER C 203 12.05 20.12 50.90
C SER C 203 13.24 20.40 51.82
N ALA C 204 14.44 20.04 51.36
CA ALA C 204 15.65 20.19 52.16
C ALA C 204 16.27 21.61 52.19
N PHE C 205 15.54 22.61 51.73
CA PHE C 205 16.07 23.96 51.71
C PHE C 205 15.31 24.86 52.64
N LEU C 206 14.02 24.54 52.83
CA LEU C 206 13.13 25.38 53.61
C LEU C 206 13.32 25.14 55.10
N ARG C 207 13.02 26.16 55.87
CA ARG C 207 13.05 26.05 57.29
C ARG C 207 11.70 26.55 57.78
N ALA C 208 11.26 26.06 58.93
CA ALA C 208 9.96 26.46 59.47
C ALA C 208 9.91 27.98 59.69
N GLY C 209 8.81 28.59 59.29
CA GLY C 209 8.62 30.01 59.46
C GLY C 209 9.12 30.79 58.26
N GLU C 210 10.12 31.61 58.48
CA GLU C 210 10.56 32.60 57.52
C GLU C 210 11.56 32.01 56.52
N ASN C 211 11.28 32.21 55.23
CA ASN C 211 12.17 31.75 54.14
C ASN C 211 12.41 32.81 53.05
N ARG C 212 13.52 32.71 52.32
CA ARG C 212 13.81 33.68 51.25
C ARG C 212 14.29 33.08 49.92
N LEU C 213 13.54 33.36 48.86
CA LEU C 213 13.89 32.92 47.52
C LEU C 213 14.69 33.99 46.81
N ALA C 214 15.63 33.54 45.99
CA ALA C 214 16.37 34.42 45.13
C ALA C 214 16.36 33.78 43.75
N VAL C 215 15.86 34.53 42.78
CA VAL C 215 15.72 34.03 41.41
C VAL C 215 16.41 35.03 40.52
N MET C 216 17.57 34.65 40.01
CA MET C 216 18.26 35.47 39.04
C MET C 216 17.84 35.03 37.63
N VAL C 217 17.19 35.95 36.93
CA VAL C 217 16.60 35.68 35.62
C VAL C 217 17.42 36.39 34.56
N LEU C 218 17.92 35.62 33.57
CA LEU C 218 18.66 36.21 32.45
C LEU C 218 17.75 36.41 31.24
N ARG C 219 17.83 37.58 30.61
CA ARG C 219 17.03 37.87 29.41
C ARG C 219 17.47 36.98 28.25
N TRP C 220 18.78 36.88 28.06
CA TRP C 220 19.33 36.11 26.96
C TRP C 220 19.98 34.84 27.47
N SER C 221 19.76 33.74 26.74
CA SER C 221 20.45 32.47 26.99
C SER C 221 20.50 31.70 25.69
N ASP C 222 21.17 30.55 25.69
CA ASP C 222 21.22 29.68 24.51
C ASP C 222 19.81 29.24 24.10
N GLY C 223 18.90 29.25 25.07
CA GLY C 223 17.48 29.03 24.84
C GLY C 223 16.88 30.05 23.91
N SER C 224 17.44 31.25 23.89
CA SER C 224 16.91 32.34 23.06
C SER C 224 17.06 32.07 21.57
N TYR C 225 17.95 31.15 21.20
CA TYR C 225 18.12 30.77 19.81
C TYR C 225 16.92 29.97 19.35
N LEU C 226 16.25 29.35 20.31
CA LEU C 226 15.09 28.51 20.04
C LEU C 226 13.79 29.29 20.22
N GLU C 227 13.93 30.57 20.59
CA GLU C 227 12.76 31.38 20.93
C GLU C 227 12.62 32.63 20.06
N ASP C 228 12.79 32.46 18.75
CA ASP C 228 12.75 33.59 17.79
C ASP C 228 11.37 33.85 17.16
N GLN C 229 10.30 33.75 17.96
CA GLN C 229 8.94 34.06 17.48
C GLN C 229 8.78 35.55 17.16
N ASP C 230 7.87 35.84 16.23
CA ASP C 230 7.57 37.22 15.81
C ASP C 230 6.67 37.94 16.80
N MET C 231 7.29 38.47 17.85
CA MET C 231 6.57 39.15 18.91
C MET C 231 7.52 40.09 19.65
N TRP C 232 7.02 40.78 20.66
CA TRP C 232 7.87 41.58 21.51
C TRP C 232 8.81 40.64 22.25
N ARG C 233 10.06 41.05 22.44
CA ARG C 233 11.02 40.24 23.20
C ARG C 233 11.17 40.82 24.60
N MET C 234 10.55 40.14 25.56
CA MET C 234 10.48 40.63 26.93
C MET C 234 11.19 39.62 27.80
N SER C 235 10.93 39.69 29.12
CA SER C 235 11.54 38.76 30.07
C SER C 235 11.00 38.91 31.48
N GLY C 236 11.43 38.00 32.35
CA GLY C 236 11.05 38.06 33.73
C GLY C 236 10.20 36.88 34.14
N ILE C 237 9.69 36.94 35.35
CA ILE C 237 8.79 35.92 35.85
C ILE C 237 7.38 36.35 35.49
N PHE C 238 6.95 35.90 34.32
CA PHE C 238 5.69 36.35 33.73
C PHE C 238 4.54 35.33 33.82
N ARG C 239 4.79 34.21 34.47
CA ARG C 239 3.72 33.26 34.80
C ARG C 239 3.72 32.87 36.28
N ASP C 240 2.60 32.29 36.72
CA ASP C 240 2.40 31.93 38.12
C ASP C 240 3.61 31.29 38.79
N VAL C 241 3.78 31.58 40.08
CA VAL C 241 4.73 30.87 40.93
C VAL C 241 3.94 30.25 42.08
N SER C 242 4.23 28.99 42.41
CA SER C 242 3.52 28.34 43.51
C SER C 242 4.34 27.34 44.32
N LEU C 243 3.76 26.85 45.41
CA LEU C 243 4.34 25.80 46.21
C LEU C 243 3.39 24.62 46.26
N LEU C 244 3.84 23.47 45.80
CA LEU C 244 3.03 22.27 45.85
C LEU C 244 3.60 21.32 46.89
N HIS C 245 2.72 20.86 47.78
CA HIS C 245 3.08 19.87 48.80
C HIS C 245 2.53 18.50 48.43
N LYS C 246 3.44 17.56 48.15
CA LYS C 246 3.06 16.20 47.84
C LYS C 246 3.48 15.31 49.00
N PRO C 247 2.73 14.23 49.26
CA PRO C 247 3.17 13.25 50.24
C PRO C 247 4.42 12.55 49.73
N THR C 248 5.14 11.85 50.60
CA THR C 248 6.34 11.12 50.17
C THR C 248 6.00 10.01 49.17
N THR C 249 4.94 9.26 49.43
CA THR C 249 4.39 8.32 48.46
C THR C 249 3.24 9.01 47.72
N GLN C 250 3.42 9.17 46.42
CA GLN C 250 2.66 10.15 45.64
C GLN C 250 2.33 9.65 44.24
N ILE C 251 1.31 10.26 43.64
CA ILE C 251 1.05 10.12 42.21
C ILE C 251 2.03 11.04 41.47
N SER C 252 2.84 10.44 40.60
CA SER C 252 3.89 11.22 39.94
C SER C 252 3.54 11.58 38.51
N ASP C 253 2.56 10.88 37.94
CA ASP C 253 2.10 11.10 36.58
C ASP C 253 0.86 10.25 36.35
N PHE C 254 -0.02 10.72 35.47
CA PHE C 254 -1.14 9.91 34.97
C PHE C 254 -1.57 10.31 33.56
N HIS C 255 -1.86 9.30 32.74
CA HIS C 255 -2.28 9.51 31.37
C HIS C 255 -3.68 8.94 31.13
N VAL C 256 -4.52 9.69 30.42
CA VAL C 256 -5.90 9.31 30.16
C VAL C 256 -6.12 9.11 28.66
N ALA C 257 -6.70 7.97 28.31
CA ALA C 257 -6.96 7.64 26.91
C ALA C 257 -8.34 7.01 26.73
N THR C 258 -9.01 7.33 25.62
CA THR C 258 -10.34 6.80 25.33
C THR C 258 -10.41 6.19 23.93
N ARG C 259 -10.68 4.87 23.88
CA ARG C 259 -10.85 4.12 22.64
C ARG C 259 -12.32 3.81 22.44
N PHE C 260 -12.78 3.81 21.18
CA PHE C 260 -14.21 3.62 20.89
C PHE C 260 -14.51 2.42 19.98
N ASN C 261 -15.79 2.07 19.85
CA ASN C 261 -16.19 1.08 18.86
C ASN C 261 -16.49 1.77 17.53
N ASP C 262 -17.05 1.05 16.56
CA ASP C 262 -17.34 1.62 15.22
C ASP C 262 -18.28 2.86 15.18
N ASP C 263 -19.28 2.91 16.06
CA ASP C 263 -20.32 3.94 16.02
C ASP C 263 -20.32 4.93 17.18
N PHE C 264 -19.39 4.74 18.12
CA PHE C 264 -19.22 5.60 19.31
C PHE C 264 -20.32 5.45 20.37
N SER C 265 -20.93 4.27 20.40
CA SER C 265 -21.93 3.93 21.40
C SER C 265 -21.24 3.27 22.58
N ARG C 266 -20.06 2.72 22.34
CA ARG C 266 -19.27 2.10 23.41
C ARG C 266 -17.83 2.60 23.46
N ALA C 267 -17.34 2.73 24.69
CA ALA C 267 -16.00 3.26 24.94
C ALA C 267 -15.31 2.55 26.10
N VAL C 268 -13.98 2.45 26.01
CA VAL C 268 -13.13 2.08 27.14
C VAL C 268 -12.21 3.25 27.48
N LEU C 269 -12.30 3.77 28.71
CA LEU C 269 -11.29 4.72 29.22
C LEU C 269 -10.13 3.96 29.85
N GLU C 270 -8.90 4.39 29.56
CA GLU C 270 -7.69 3.76 30.08
C GLU C 270 -6.78 4.73 30.80
N ALA C 271 -6.61 4.53 32.11
CA ALA C 271 -5.76 5.39 32.90
C ALA C 271 -4.54 4.64 33.42
N GLU C 272 -3.37 5.06 32.95
CA GLU C 272 -2.07 4.67 33.50
C GLU C 272 -1.71 5.64 34.60
N VAL C 273 -1.48 5.09 35.78
CA VAL C 273 -1.09 5.86 36.95
C VAL C 273 0.31 5.42 37.37
N GLN C 274 1.17 6.41 37.60
CA GLN C 274 2.56 6.18 37.99
C GLN C 274 2.78 6.76 39.38
N MET C 275 3.73 6.21 40.12
CA MET C 275 4.05 6.73 41.45
C MET C 275 5.54 6.89 41.74
N CYS C 276 5.85 7.74 42.70
CA CYS C 276 7.17 7.84 43.29
C CYS C 276 6.98 7.56 44.78
N GLY C 277 8.04 7.12 45.44
CA GLY C 277 8.01 6.83 46.86
C GLY C 277 8.12 5.34 47.08
N GLU C 278 8.14 4.90 48.33
CA GLU C 278 8.34 3.49 48.59
C GLU C 278 7.07 2.69 48.33
N LEU C 279 7.18 1.77 47.37
CA LEU C 279 6.11 0.82 47.03
C LEU C 279 5.76 -0.06 48.20
N ARG C 280 4.47 -0.35 48.34
CA ARG C 280 3.95 -1.18 49.43
C ARG C 280 2.81 -2.07 48.98
N ASP C 281 2.78 -3.30 49.50
CA ASP C 281 1.75 -4.30 49.16
C ASP C 281 0.33 -3.86 49.52
N TYR C 282 0.20 -2.86 50.39
CA TYR C 282 -1.11 -2.36 50.81
C TYR C 282 -1.60 -1.15 49.99
N LEU C 283 -0.70 -0.53 49.23
CA LEU C 283 -1.07 0.57 48.35
C LEU C 283 -2.05 0.12 47.27
N ARG C 284 -2.97 1.03 46.92
CA ARG C 284 -4.01 0.83 45.89
C ARG C 284 -4.30 2.14 45.13
N VAL C 285 -4.87 1.99 43.94
CA VAL C 285 -5.31 3.11 43.13
C VAL C 285 -6.75 2.86 42.72
N THR C 286 -7.55 3.91 42.76
CA THR C 286 -8.91 3.86 42.25
C THR C 286 -9.06 5.00 41.28
N VAL C 287 -9.53 4.69 40.09
CA VAL C 287 -9.85 5.69 39.10
C VAL C 287 -11.35 5.64 38.93
N SER C 288 -11.97 6.79 39.15
CA SER C 288 -13.44 6.91 39.15
C SER C 288 -13.86 7.98 38.16
N LEU C 289 -14.81 7.65 37.30
CA LEU C 289 -15.30 8.59 36.31
C LEU C 289 -16.70 9.09 36.68
N TRP C 290 -16.82 10.42 36.82
CA TRP C 290 -18.10 11.04 37.17
C TRP C 290 -18.55 11.92 36.03
N GLN C 291 -19.85 11.89 35.76
CA GLN C 291 -20.45 12.90 34.91
C GLN C 291 -21.39 13.76 35.72
N GLY C 292 -21.00 15.00 35.97
CA GLY C 292 -21.73 15.84 36.90
C GLY C 292 -21.64 15.18 38.26
N GLU C 293 -22.79 14.80 38.82
CA GLU C 293 -22.83 14.30 40.18
C GLU C 293 -23.08 12.79 40.29
N THR C 294 -23.27 12.14 39.14
CA THR C 294 -23.41 10.69 39.11
C THR C 294 -22.05 10.06 38.83
N GLN C 295 -21.74 8.97 39.53
CA GLN C 295 -20.53 8.19 39.26
C GLN C 295 -20.85 7.14 38.23
N VAL C 296 -20.23 7.23 37.07
CA VAL C 296 -20.51 6.35 35.94
C VAL C 296 -19.71 5.06 35.96
N ALA C 297 -18.45 5.13 36.37
CA ALA C 297 -17.58 3.95 36.37
C ALA C 297 -16.41 4.10 37.34
N SER C 298 -15.93 2.95 37.82
CA SER C 298 -14.84 2.91 38.80
C SER C 298 -14.01 1.62 38.69
N GLY C 299 -12.72 1.76 38.97
CA GLY C 299 -11.78 0.64 39.01
C GLY C 299 -10.77 0.78 40.13
N THR C 300 -10.52 -0.31 40.85
CA THR C 300 -9.51 -0.29 41.91
C THR C 300 -8.51 -1.41 41.66
N ALA C 301 -7.23 -1.09 41.77
CA ALA C 301 -6.20 -2.10 41.55
C ALA C 301 -4.92 -1.83 42.34
N PRO C 302 -4.17 -2.91 42.65
CA PRO C 302 -2.85 -2.73 43.23
C PRO C 302 -1.82 -2.39 42.14
N PHE C 303 -0.68 -1.84 42.55
CA PHE C 303 0.38 -1.55 41.60
C PHE C 303 0.99 -2.82 41.03
N GLY C 304 1.63 -2.70 39.87
CA GLY C 304 2.21 -3.83 39.15
C GLY C 304 1.58 -3.94 37.78
N GLY C 305 2.21 -3.33 36.78
CA GLY C 305 1.68 -3.31 35.42
C GLY C 305 1.77 -4.66 34.74
N GLU C 306 1.36 -4.74 33.49
CA GLU C 306 1.52 -5.99 32.77
C GLU C 306 2.98 -6.12 32.34
N ILE C 307 3.39 -7.35 32.03
CA ILE C 307 4.74 -7.63 31.56
C ILE C 307 4.96 -6.88 30.24
N ILE C 308 5.99 -6.04 30.20
CA ILE C 308 6.26 -5.29 28.99
C ILE C 308 7.44 -5.83 28.17
N ASP C 309 8.35 -6.56 28.82
CA ASP C 309 9.45 -7.23 28.13
C ASP C 309 10.08 -8.41 28.94
N GLU C 310 11.26 -8.87 28.53
CA GLU C 310 11.95 -9.98 29.20
C GLU C 310 12.23 -9.74 30.69
N ARG C 311 12.40 -8.48 31.09
CA ARG C 311 12.74 -8.13 32.48
C ARG C 311 11.52 -7.91 33.40
N GLY C 312 10.31 -8.17 32.90
CA GLY C 312 9.08 -7.97 33.68
C GLY C 312 8.27 -6.78 33.20
N GLY C 313 7.60 -6.11 34.14
CA GLY C 313 6.75 -4.95 33.83
C GLY C 313 7.10 -3.78 34.71
N TYR C 314 6.26 -2.73 34.70
CA TYR C 314 6.44 -1.60 35.60
C TYR C 314 5.77 -1.85 36.95
N ALA C 315 6.58 -2.14 37.97
CA ALA C 315 6.08 -2.35 39.33
C ALA C 315 5.46 -1.07 39.90
N ASP C 316 6.03 0.09 39.56
CA ASP C 316 5.57 1.39 40.04
C ASP C 316 4.47 2.05 39.20
N ARG C 317 3.63 1.23 38.56
CA ARG C 317 2.58 1.73 37.69
C ARG C 317 1.37 0.82 37.70
N VAL C 318 0.23 1.35 37.26
CA VAL C 318 -1.00 0.57 37.18
C VAL C 318 -1.89 1.15 36.08
N THR C 319 -2.62 0.29 35.38
CA THR C 319 -3.59 0.77 34.40
C THR C 319 -5.00 0.30 34.75
N LEU C 320 -5.93 1.25 34.77
CA LEU C 320 -7.32 0.97 35.10
C LEU C 320 -8.16 1.07 33.84
N ARG C 321 -8.96 0.05 33.59
CA ARG C 321 -9.80 -0.02 32.39
C ARG C 321 -11.27 -0.01 32.74
N LEU C 322 -11.94 1.10 32.44
CA LEU C 322 -13.36 1.26 32.72
C LEU C 322 -14.18 1.23 31.42
N ASN C 323 -15.30 0.50 31.45
CA ASN C 323 -16.24 0.56 30.33
C ASN C 323 -17.23 1.69 30.52
N VAL C 324 -17.57 2.36 29.43
CA VAL C 324 -18.55 3.44 29.46
C VAL C 324 -19.48 3.25 28.28
N GLU C 325 -20.76 2.99 28.56
CA GLU C 325 -21.79 2.82 27.53
C GLU C 325 -22.45 4.15 27.20
N ASN C 326 -22.60 4.43 25.90
CA ASN C 326 -23.22 5.64 25.38
C ASN C 326 -22.62 6.93 25.92
N PRO C 327 -21.29 7.11 25.79
CA PRO C 327 -20.65 8.26 26.38
C PRO C 327 -21.06 9.55 25.66
N LYS C 328 -21.24 10.62 26.43
CA LYS C 328 -21.45 11.93 25.85
C LYS C 328 -20.13 12.41 25.28
N LEU C 329 -20.06 12.45 23.95
CA LEU C 329 -18.83 12.76 23.21
C LEU C 329 -18.49 14.22 23.23
N TRP C 330 -17.21 14.52 23.38
CA TRP C 330 -16.73 15.90 23.43
C TRP C 330 -16.49 16.46 22.01
N SER C 331 -16.89 17.71 21.79
CA SER C 331 -16.55 18.45 20.57
C SER C 331 -16.60 19.93 20.84
N ALA C 332 -16.08 20.74 19.89
CA ALA C 332 -16.22 22.19 19.97
C ALA C 332 -17.68 22.62 19.89
N GLU C 333 -18.53 21.70 19.42
CA GLU C 333 -19.97 21.96 19.26
C GLU C 333 -20.70 21.71 20.56
N ILE C 334 -20.38 20.59 21.23
CA ILE C 334 -20.87 20.30 22.56
C ILE C 334 -19.69 19.77 23.39
N PRO C 335 -19.15 20.61 24.28
CA PRO C 335 -18.01 20.15 25.04
C PRO C 335 -18.41 19.30 26.27
N ASN C 336 -19.15 18.22 26.02
CA ASN C 336 -19.47 17.29 27.09
C ASN C 336 -18.20 16.86 27.78
N LEU C 337 -18.09 17.23 29.06
CA LEU C 337 -16.95 16.79 29.88
C LEU C 337 -17.38 15.81 30.96
N TYR C 338 -16.50 14.87 31.26
CA TYR C 338 -16.61 14.02 32.43
C TYR C 338 -15.47 14.39 33.37
N ARG C 339 -15.44 13.79 34.56
CA ARG C 339 -14.39 14.06 35.54
C ARG C 339 -13.74 12.75 36.02
N ALA C 340 -12.41 12.68 35.92
CA ALA C 340 -11.65 11.51 36.38
C ALA C 340 -10.93 11.80 37.70
N VAL C 341 -11.20 10.98 38.71
CA VAL C 341 -10.52 11.12 39.99
C VAL C 341 -9.59 9.92 40.19
N VAL C 342 -8.32 10.23 40.44
CA VAL C 342 -7.31 9.20 40.63
C VAL C 342 -6.87 9.23 42.08
N GLU C 343 -7.20 8.18 42.80
CA GLU C 343 -6.99 8.14 44.24
C GLU C 343 -5.86 7.18 44.62
N LEU C 344 -4.78 7.71 45.16
CA LEU C 344 -3.77 6.86 45.76
C LEU C 344 -4.16 6.69 47.22
N HIS C 345 -4.28 5.44 47.67
CA HIS C 345 -4.81 5.13 49.01
C HIS C 345 -4.44 3.74 49.47
N THR C 346 -4.66 3.45 50.76
CA THR C 346 -4.37 2.12 51.32
C THR C 346 -5.55 1.15 51.17
N ALA C 347 -5.27 -0.15 51.22
CA ALA C 347 -6.29 -1.19 51.03
C ALA C 347 -7.44 -1.02 52.02
N ASP C 348 -7.09 -0.69 53.25
CA ASP C 348 -8.05 -0.53 54.35
C ASP C 348 -8.93 0.73 54.24
N GLY C 349 -8.73 1.52 53.19
CA GLY C 349 -9.63 2.65 52.93
C GLY C 349 -9.02 4.04 53.00
N THR C 350 -7.89 4.17 53.69
CA THR C 350 -7.28 5.48 53.97
C THR C 350 -6.71 6.17 52.74
N LEU C 351 -7.21 7.37 52.45
CA LEU C 351 -6.75 8.18 51.32
C LEU C 351 -5.37 8.75 51.60
N ILE C 352 -4.48 8.68 50.62
CA ILE C 352 -3.17 9.33 50.73
C ILE C 352 -3.12 10.64 49.96
N GLU C 353 -3.62 10.63 48.71
CA GLU C 353 -3.81 11.84 47.89
C GLU C 353 -4.68 11.51 46.68
N ALA C 354 -5.12 12.57 45.99
CA ALA C 354 -5.98 12.45 44.83
C ALA C 354 -5.70 13.56 43.85
N GLU C 355 -5.57 13.18 42.58
CA GLU C 355 -5.43 14.14 41.48
C GLU C 355 -6.61 13.96 40.56
N ALA C 356 -6.85 14.94 39.70
CA ALA C 356 -7.98 14.86 38.77
C ALA C 356 -7.78 15.66 37.49
N CYS C 357 -8.59 15.35 36.50
CA CYS C 357 -8.69 16.14 35.28
C CYS C 357 -10.10 16.02 34.70
N ASP C 358 -10.47 16.98 33.85
CA ASP C 358 -11.64 16.81 32.99
C ASP C 358 -11.30 15.81 31.87
N VAL C 359 -12.26 14.98 31.51
CA VAL C 359 -12.11 14.09 30.38
C VAL C 359 -13.21 14.32 29.35
N GLY C 360 -12.82 14.65 28.13
CA GLY C 360 -13.74 14.67 27.01
C GLY C 360 -13.57 13.40 26.20
N PHE C 361 -14.66 12.67 25.95
CA PHE C 361 -14.59 11.49 25.12
C PHE C 361 -14.60 11.89 23.66
N ARG C 362 -13.43 11.85 23.02
CA ARG C 362 -13.34 12.11 21.59
C ARG C 362 -12.16 11.39 20.95
N GLU C 363 -12.34 11.00 19.70
CA GLU C 363 -11.30 10.35 18.90
C GLU C 363 -10.82 11.28 17.81
N VAL C 364 -9.50 11.39 17.63
CA VAL C 364 -8.95 12.22 16.56
C VAL C 364 -8.08 11.35 15.66
N ARG C 365 -8.52 11.14 14.42
CA ARG C 365 -7.67 10.39 13.49
C ARG C 365 -7.66 10.96 12.08
N ILE C 366 -6.66 10.54 11.30
CA ILE C 366 -6.62 10.82 9.87
C ILE C 366 -6.84 9.53 9.09
N GLU C 367 -7.82 9.56 8.20
CA GLU C 367 -8.12 8.38 7.40
C GLU C 367 -8.52 8.75 5.99
N ASN C 368 -8.05 7.97 5.03
CA ASN C 368 -8.28 8.23 3.61
C ASN C 368 -8.14 9.72 3.29
N GLY C 369 -7.15 10.38 3.91
CA GLY C 369 -6.82 11.76 3.61
C GLY C 369 -7.60 12.84 4.33
N LEU C 370 -8.51 12.47 5.23
CA LEU C 370 -9.29 13.46 5.98
C LEU C 370 -9.02 13.42 7.49
N LEU C 371 -8.98 14.60 8.12
CA LEU C 371 -8.90 14.72 9.58
C LEU C 371 -10.27 14.55 10.18
N LEU C 372 -10.48 13.45 10.89
CA LEU C 372 -11.76 13.17 11.51
C LEU C 372 -11.72 13.28 13.02
N LEU C 373 -12.84 13.72 13.56
CA LEU C 373 -13.09 13.75 14.99
C LEU C 373 -14.42 13.05 15.23
N ASN C 374 -14.38 11.97 15.99
CA ASN C 374 -15.55 11.12 16.19
C ASN C 374 -16.18 10.68 14.85
N GLY C 375 -15.33 10.31 13.88
CA GLY C 375 -15.79 9.80 12.61
C GLY C 375 -16.22 10.88 11.63
N LYS C 376 -16.14 12.13 12.03
CA LYS C 376 -16.66 13.20 11.19
C LYS C 376 -15.55 14.12 10.72
N PRO C 377 -15.53 14.46 9.41
CA PRO C 377 -14.50 15.34 8.85
C PRO C 377 -14.65 16.79 9.26
N LEU C 378 -13.76 17.26 10.14
CA LEU C 378 -13.80 18.64 10.62
C LEU C 378 -13.65 19.69 9.52
N LEU C 379 -14.18 20.87 9.79
CA LEU C 379 -13.86 22.06 9.01
C LEU C 379 -13.38 23.15 9.97
N ILE C 380 -12.07 23.37 9.97
CA ILE C 380 -11.40 24.23 10.93
C ILE C 380 -11.58 25.71 10.64
N ARG C 381 -12.42 26.36 11.44
CA ARG C 381 -12.51 27.82 11.45
C ARG C 381 -11.63 28.26 12.60
N GLY C 382 -10.34 28.36 12.31
CA GLY C 382 -9.35 28.63 13.34
C GLY C 382 -8.72 30.00 13.31
N VAL C 383 -7.85 30.24 14.28
CA VAL C 383 -7.11 31.48 14.36
C VAL C 383 -5.88 31.26 15.24
N ASN C 384 -4.79 31.94 14.89
CA ASN C 384 -3.62 32.01 15.76
C ASN C 384 -3.85 33.04 16.84
N ARG C 385 -3.27 32.80 18.02
CA ARG C 385 -3.42 33.69 19.14
C ARG C 385 -2.12 33.71 19.90
N HIS C 386 -1.48 34.88 19.94
CA HIS C 386 -0.38 35.09 20.85
C HIS C 386 -0.92 35.42 22.23
N GLU C 387 -0.09 35.22 23.25
CA GLU C 387 -0.39 35.67 24.59
C GLU C 387 0.08 37.12 24.74
N HIS C 388 -0.87 38.06 24.66
CA HIS C 388 -0.56 39.49 24.65
C HIS C 388 -1.65 40.32 25.33
N HIS C 389 -1.20 41.32 26.08
CA HIS C 389 -2.05 42.30 26.72
C HIS C 389 -1.36 43.64 26.54
N PRO C 390 -2.13 44.69 26.21
CA PRO C 390 -1.53 46.02 25.95
C PRO C 390 -0.78 46.64 27.15
N LEU C 391 -1.19 46.31 28.37
CA LEU C 391 -0.58 46.85 29.60
C LEU C 391 0.43 45.90 30.26
N HIS C 392 0.02 44.65 30.43
CA HIS C 392 0.78 43.68 31.22
C HIS C 392 1.84 42.92 30.41
N GLY C 393 1.88 43.18 29.10
CA GLY C 393 2.87 42.56 28.24
C GLY C 393 2.41 41.18 27.85
N GLN C 394 3.19 40.17 28.23
CA GLN C 394 2.87 38.79 27.89
C GLN C 394 2.33 38.00 29.08
N VAL C 395 1.99 38.71 30.14
CA VAL C 395 1.37 38.12 31.33
C VAL C 395 -0.11 37.86 31.09
N MET C 396 -0.52 36.61 31.22
CA MET C 396 -1.92 36.24 30.99
C MET C 396 -2.77 36.18 32.25
N ASP C 397 -4.05 36.51 32.12
CA ASP C 397 -5.01 36.42 33.21
C ASP C 397 -6.30 35.70 32.79
N GLU C 398 -7.08 35.27 33.77
CA GLU C 398 -8.32 34.57 33.49
C GLU C 398 -9.31 35.41 32.67
N GLN C 399 -9.52 36.66 33.09
CA GLN C 399 -10.55 37.49 32.47
C GLN C 399 -10.31 37.71 30.97
N THR C 400 -9.05 37.94 30.60
CA THR C 400 -8.69 38.21 29.20
C THR C 400 -8.83 36.96 28.35
N MET C 401 -8.54 35.80 28.93
CA MET C 401 -8.69 34.54 28.23
C MET C 401 -10.15 34.19 28.05
N VAL C 402 -10.96 34.56 29.02
CA VAL C 402 -12.40 34.34 28.93
C VAL C 402 -12.94 35.28 27.86
N GLN C 403 -12.49 36.54 27.91
CA GLN C 403 -12.83 37.51 26.89
C GLN C 403 -12.53 36.93 25.50
N ASP C 404 -11.26 36.60 25.23
CA ASP C 404 -10.87 36.07 23.94
C ASP C 404 -11.75 34.90 23.46
N ILE C 405 -12.00 33.92 24.32
CA ILE C 405 -12.79 32.76 23.91
C ILE C 405 -14.19 33.13 23.47
N LEU C 406 -14.90 33.91 24.29
CA LEU C 406 -16.24 34.39 23.91
C LEU C 406 -16.23 35.14 22.58
N LEU C 407 -15.27 36.05 22.40
CA LEU C 407 -15.18 36.77 21.13
C LEU C 407 -14.96 35.82 19.97
N MET C 408 -13.97 34.96 20.08
CA MET C 408 -13.72 33.95 19.07
C MET C 408 -15.01 33.18 18.76
N LYS C 409 -15.58 32.56 19.78
CA LYS C 409 -16.77 31.73 19.60
C LYS C 409 -17.97 32.47 19.02
N GLN C 410 -18.16 33.72 19.41
CA GLN C 410 -19.29 34.51 18.92
C GLN C 410 -19.11 34.84 17.45
N ASN C 411 -17.85 34.82 17.01
CA ASN C 411 -17.50 35.17 15.63
C ASN C 411 -17.29 33.95 14.74
N ASN C 412 -17.85 32.83 15.21
CA ASN C 412 -17.85 31.57 14.47
C ASN C 412 -16.48 30.94 14.31
N PHE C 413 -15.59 31.18 15.27
CA PHE C 413 -14.34 30.43 15.36
C PHE C 413 -14.60 29.18 16.19
N ASN C 414 -13.85 28.12 15.88
CA ASN C 414 -14.01 26.87 16.61
C ASN C 414 -12.69 26.19 16.94
N ALA C 415 -11.59 26.80 16.50
CA ALA C 415 -10.25 26.26 16.73
C ALA C 415 -9.24 27.37 16.89
N VAL C 416 -8.24 27.12 17.73
CA VAL C 416 -7.16 28.05 18.02
C VAL C 416 -5.83 27.31 17.93
N ARG C 417 -4.81 28.00 17.44
CA ARG C 417 -3.45 27.47 17.43
C ARG C 417 -2.59 28.29 18.38
N CYS C 418 -1.82 27.62 19.24
CA CYS C 418 -0.95 28.30 20.19
C CYS C 418 0.36 28.74 19.55
N SER C 419 0.29 29.79 18.76
CA SER C 419 1.48 30.36 18.14
C SER C 419 2.28 31.16 19.17
N HIS C 420 3.54 30.82 19.40
CA HIS C 420 4.16 29.60 18.89
C HIS C 420 4.85 28.97 20.07
N TYR C 421 4.07 28.38 20.96
CA TYR C 421 4.56 27.99 22.28
C TYR C 421 3.42 27.47 23.11
N PRO C 422 3.73 26.70 24.16
CA PRO C 422 2.65 26.24 25.01
C PRO C 422 2.11 27.39 25.83
N ASN C 423 0.80 27.36 26.04
CA ASN C 423 0.11 28.45 26.64
C ASN C 423 0.07 28.43 28.15
N HIS C 424 -0.46 29.50 28.72
CA HIS C 424 -0.82 29.49 30.10
C HIS C 424 -1.72 28.30 30.28
N PRO C 425 -1.48 27.53 31.33
CA PRO C 425 -2.17 26.28 31.62
C PRO C 425 -3.69 26.36 31.71
N LEU C 426 -4.20 27.50 32.11
CA LEU C 426 -5.63 27.66 32.28
C LEU C 426 -6.29 27.68 30.91
N TRP C 427 -5.56 28.17 29.92
CA TRP C 427 -6.06 28.29 28.56
C TRP C 427 -6.64 26.97 28.07
N TYR C 428 -5.95 25.88 28.41
CA TYR C 428 -6.40 24.54 28.01
C TYR C 428 -7.67 24.12 28.76
N THR C 429 -7.72 24.40 30.06
CA THR C 429 -8.93 24.20 30.86
C THR C 429 -10.12 24.93 30.23
N LEU C 430 -9.86 26.15 29.75
CA LEU C 430 -10.91 26.98 29.16
C LEU C 430 -11.39 26.47 27.79
N CYS C 431 -10.46 26.09 26.92
CA CYS C 431 -10.84 25.40 25.67
C CYS C 431 -11.52 24.04 25.89
N ASP C 432 -11.09 23.31 26.92
CA ASP C 432 -11.75 22.06 27.29
C ASP C 432 -13.23 22.27 27.59
N ARG C 433 -13.53 23.39 28.24
CA ARG C 433 -14.84 23.61 28.82
C ARG C 433 -15.74 24.44 27.92
N TYR C 434 -15.18 25.40 27.21
CA TYR C 434 -15.97 26.23 26.29
C TYR C 434 -16.15 25.57 24.94
N GLY C 435 -15.22 24.66 24.62
CA GLY C 435 -15.19 24.01 23.31
C GLY C 435 -14.46 24.82 22.27
N LEU C 436 -13.14 24.66 22.20
CA LEU C 436 -12.34 25.08 21.04
C LEU C 436 -11.31 23.99 20.74
N TYR C 437 -11.10 23.70 19.46
CA TYR C 437 -10.04 22.77 19.08
C TYR C 437 -8.70 23.49 19.19
N VAL C 438 -7.76 22.89 19.92
CA VAL C 438 -6.47 23.51 20.15
C VAL C 438 -5.39 22.81 19.36
N VAL C 439 -4.44 23.59 18.84
CA VAL C 439 -3.16 23.06 18.35
C VAL C 439 -2.08 23.44 19.35
N ASP C 440 -1.48 22.45 19.99
CA ASP C 440 -0.44 22.73 20.97
C ASP C 440 0.92 22.74 20.30
N GLU C 441 1.64 23.83 20.41
CA GLU C 441 2.89 23.98 19.66
C GLU C 441 4.11 24.03 20.57
N ALA C 442 5.14 23.25 20.26
CA ALA C 442 6.39 23.31 21.02
C ALA C 442 7.04 24.68 20.95
N ASN C 443 7.71 25.07 22.02
CA ASN C 443 8.39 26.35 22.06
C ASN C 443 9.70 26.27 21.28
N ILE C 444 9.60 26.12 19.96
CA ILE C 444 10.78 26.13 19.11
C ILE C 444 10.55 27.00 17.90
N GLU C 445 11.36 28.05 17.76
CA GLU C 445 11.41 28.82 16.53
C GLU C 445 12.80 29.41 16.31
N THR C 446 13.38 29.13 15.15
CA THR C 446 14.72 29.58 14.77
C THR C 446 14.73 30.33 13.42
N HIS C 447 13.74 31.20 13.21
CA HIS C 447 13.56 31.91 11.94
C HIS C 447 14.83 32.62 11.47
N GLY C 448 15.55 33.24 12.42
CA GLY C 448 16.71 34.06 12.12
C GLY C 448 17.92 33.37 11.52
N MET C 449 18.06 32.07 11.75
CA MET C 449 19.25 31.31 11.28
C MET C 449 19.40 31.25 9.75
N VAL C 450 20.64 31.04 9.31
CA VAL C 450 20.94 30.91 7.88
C VAL C 450 21.76 29.63 7.66
N PRO C 451 21.14 28.60 7.04
CA PRO C 451 19.74 28.58 6.62
C PRO C 451 18.82 28.34 7.83
N MET C 452 17.52 28.33 7.60
CA MET C 452 16.57 28.30 8.71
C MET C 452 16.71 27.06 9.59
N ASN C 453 17.25 25.98 9.03
CA ASN C 453 17.40 24.72 9.76
C ASN C 453 18.80 24.41 10.36
N ARG C 454 19.66 25.42 10.44
CA ARG C 454 21.04 25.24 10.95
C ARG C 454 21.15 24.54 12.31
N LEU C 455 20.29 24.93 13.25
CA LEU C 455 20.30 24.31 14.57
C LEU C 455 19.47 23.04 14.60
N THR C 456 18.31 23.07 13.92
CA THR C 456 17.39 21.93 13.97
C THR C 456 17.89 20.75 13.16
N ASP C 457 18.89 20.97 12.33
CA ASP C 457 19.56 19.87 11.65
C ASP C 457 20.83 19.41 12.40
N ASP C 458 21.20 20.17 13.44
CA ASP C 458 22.39 19.88 14.24
C ASP C 458 22.05 18.96 15.41
N PRO C 459 22.71 17.79 15.47
CA PRO C 459 22.43 16.82 16.52
C PRO C 459 22.75 17.35 17.92
N ARG C 460 23.67 18.32 18.02
CA ARG C 460 24.00 18.90 19.32
C ARG C 460 22.86 19.78 19.81
N TRP C 461 21.90 20.03 18.93
CA TRP C 461 20.74 20.80 19.30
C TRP C 461 19.50 19.93 19.55
N LEU C 462 19.64 18.63 19.28
CA LEU C 462 18.55 17.69 19.48
C LEU C 462 18.07 17.70 20.93
N PRO C 463 19.00 17.55 21.90
CA PRO C 463 18.66 17.62 23.33
C PRO C 463 17.77 18.81 23.68
N ALA C 464 18.26 20.04 23.45
CA ALA C 464 17.47 21.22 23.79
C ALA C 464 16.04 21.19 23.21
N MET C 465 15.92 20.83 21.94
CA MET C 465 14.64 20.75 21.23
C MET C 465 13.71 19.72 21.83
N SER C 466 14.26 18.57 22.20
CA SER C 466 13.44 17.47 22.63
C SER C 466 12.72 17.81 23.93
N GLU C 467 13.41 18.51 24.82
CA GLU C 467 12.79 18.88 26.09
C GLU C 467 11.64 19.83 25.84
N ARG C 468 11.79 20.69 24.84
CA ARG C 468 10.72 21.61 24.46
C ARG C 468 9.49 20.93 23.90
N VAL C 469 9.66 19.72 23.37
CA VAL C 469 8.56 18.92 22.85
C VAL C 469 8.04 17.95 23.92
N THR C 470 8.94 17.15 24.48
CA THR C 470 8.52 16.07 25.39
C THR C 470 7.79 16.61 26.60
N ARG C 471 8.27 17.76 27.11
CA ARG C 471 7.67 18.35 28.30
C ARG C 471 6.30 18.93 27.99
N MET C 472 6.09 19.40 26.75
CA MET C 472 4.79 19.89 26.29
C MET C 472 3.80 18.75 26.34
N VAL C 473 4.14 17.65 25.67
CA VAL C 473 3.26 16.49 25.66
C VAL C 473 3.05 15.98 27.07
N GLN C 474 4.11 15.95 27.87
CA GLN C 474 3.99 15.43 29.22
C GLN C 474 3.06 16.25 30.10
N ARG C 475 2.97 17.55 29.82
CA ARG C 475 2.04 18.43 30.54
C ARG C 475 0.58 18.39 30.02
N ASP C 476 0.42 18.34 28.70
CA ASP C 476 -0.85 18.74 28.11
C ASP C 476 -1.65 17.61 27.47
N ARG C 477 -1.10 16.40 27.51
CA ARG C 477 -1.64 15.24 26.79
C ARG C 477 -3.03 14.81 27.26
N ASN C 478 -3.45 15.35 28.40
CA ASN C 478 -4.71 14.95 29.01
C ASN C 478 -5.91 15.83 28.69
N HIS C 479 -5.66 16.98 28.06
CA HIS C 479 -6.71 17.92 27.71
C HIS C 479 -7.41 17.49 26.42
N PRO C 480 -8.73 17.33 26.49
CA PRO C 480 -9.49 16.95 25.30
C PRO C 480 -9.41 17.99 24.17
N SER C 481 -9.21 19.25 24.52
CA SER C 481 -9.19 20.31 23.52
C SER C 481 -7.96 20.22 22.60
N VAL C 482 -6.88 19.63 23.10
CA VAL C 482 -5.70 19.42 22.29
C VAL C 482 -6.01 18.30 21.31
N ILE C 483 -6.11 18.66 20.04
CA ILE C 483 -6.40 17.67 19.00
C ILE C 483 -5.19 17.40 18.13
N ILE C 484 -4.30 18.38 18.02
CA ILE C 484 -3.11 18.25 17.21
C ILE C 484 -1.90 18.79 17.96
N TRP C 485 -0.77 18.06 17.93
CA TRP C 485 0.51 18.59 18.43
C TRP C 485 1.23 19.24 17.27
N SER C 486 1.94 20.35 17.53
CA SER C 486 2.85 20.93 16.55
C SER C 486 4.30 21.01 17.03
N LEU C 487 5.24 20.79 16.11
CA LEU C 487 6.66 20.69 16.45
C LEU C 487 7.35 22.04 16.57
N GLY C 488 6.60 23.12 16.40
CA GLY C 488 7.19 24.46 16.48
C GLY C 488 6.89 25.28 15.24
N SER C 489 7.74 26.24 14.96
CA SER C 489 7.45 27.15 13.88
C SER C 489 8.72 27.63 13.24
N GLU C 490 8.66 27.83 11.93
CA GLU C 490 9.71 28.51 11.18
C GLU C 490 11.10 28.18 11.70
N SER C 491 11.45 26.92 11.54
CA SER C 491 12.76 26.42 11.96
C SER C 491 13.31 25.49 10.88
N GLY C 492 12.97 25.78 9.63
CA GLY C 492 13.31 24.92 8.50
C GLY C 492 12.86 23.48 8.67
N HIS C 493 13.55 22.55 8.03
CA HIS C 493 13.33 21.12 8.28
C HIS C 493 14.61 20.36 8.52
N GLY C 494 14.70 19.72 9.68
CA GLY C 494 15.91 19.05 10.10
C GLY C 494 15.64 17.67 10.66
N ALA C 495 16.69 16.87 10.76
CA ALA C 495 16.53 15.51 11.22
C ALA C 495 15.95 15.48 12.64
N ASN C 496 16.24 16.52 13.43
CA ASN C 496 15.67 16.62 14.78
C ASN C 496 14.14 16.65 14.76
N HIS C 497 13.55 17.41 13.83
CA HIS C 497 12.10 17.39 13.62
C HIS C 497 11.63 15.96 13.33
N ASP C 498 12.31 15.28 12.41
CA ASP C 498 11.97 13.91 12.07
C ASP C 498 12.00 13.04 13.31
N ALA C 499 13.08 13.13 14.09
CA ALA C 499 13.21 12.34 15.32
C ALA C 499 12.05 12.62 16.28
N LEU C 500 11.78 13.89 16.54
CA LEU C 500 10.75 14.27 17.50
C LEU C 500 9.32 13.90 17.04
N TYR C 501 8.97 14.24 15.79
CA TYR C 501 7.73 13.79 15.17
C TYR C 501 7.49 12.32 15.49
N ARG C 502 8.48 11.49 15.24
CA ARG C 502 8.31 10.07 15.48
C ARG C 502 8.11 9.86 16.96
N TRP C 503 8.88 10.57 17.79
CA TRP C 503 8.74 10.46 19.25
C TRP C 503 7.28 10.62 19.67
N ILE C 504 6.68 11.72 19.26
CA ILE C 504 5.29 11.98 19.59
C ILE C 504 4.40 10.84 19.13
N LYS C 505 4.56 10.44 17.87
CA LYS C 505 3.70 9.40 17.29
C LYS C 505 3.78 8.15 18.16
N SER C 506 5.00 7.86 18.62
CA SER C 506 5.24 6.68 19.43
C SER C 506 4.62 6.76 20.84
N VAL C 507 4.77 7.90 21.52
CA VAL C 507 4.20 8.10 22.86
C VAL C 507 2.70 8.38 22.87
N ASP C 508 2.22 9.23 21.97
CA ASP C 508 0.80 9.59 21.95
C ASP C 508 0.17 9.44 20.57
N PRO C 509 -0.38 8.27 20.28
CA PRO C 509 -0.89 8.04 18.93
C PRO C 509 -2.29 8.60 18.73
N SER C 510 -2.87 9.18 19.78
CA SER C 510 -4.23 9.68 19.73
C SER C 510 -4.37 11.01 18.98
N ARG C 511 -3.25 11.68 18.69
CA ARG C 511 -3.31 12.97 18.02
C ARG C 511 -2.34 13.02 16.84
N PRO C 512 -2.81 13.56 15.69
CA PRO C 512 -1.93 13.83 14.56
C PRO C 512 -0.85 14.87 14.92
N VAL C 513 0.27 14.86 14.18
CA VAL C 513 1.34 15.82 14.41
C VAL C 513 1.55 16.65 13.16
N GLN C 514 1.71 17.97 13.34
CA GLN C 514 1.98 18.86 12.23
C GLN C 514 3.16 19.76 12.49
N TYR C 515 3.75 20.23 11.39
CA TYR C 515 4.86 21.18 11.44
C TYR C 515 5.02 21.74 10.01
N GLU C 516 5.20 23.06 9.92
CA GLU C 516 5.18 23.75 8.65
C GLU C 516 6.54 23.79 7.98
N GLY C 517 7.60 23.91 8.79
CA GLY C 517 8.94 24.20 8.29
C GLY C 517 9.45 23.35 7.14
N GLY C 518 10.28 23.96 6.29
CA GLY C 518 10.92 23.23 5.20
C GLY C 518 9.97 22.75 4.09
N GLY C 519 8.82 23.42 3.99
CA GLY C 519 7.99 23.28 2.79
C GLY C 519 6.54 23.01 3.04
N ALA C 520 6.19 22.81 4.31
CA ALA C 520 4.82 22.57 4.77
C ALA C 520 4.27 21.19 4.50
N ASP C 521 5.05 20.34 3.84
CA ASP C 521 4.61 18.99 3.51
C ASP C 521 5.71 17.93 3.64
N THR C 522 6.68 18.20 4.51
CA THR C 522 7.79 17.26 4.75
C THR C 522 7.33 15.98 5.44
N THR C 523 8.30 15.10 5.70
CA THR C 523 8.06 13.82 6.37
C THR C 523 7.86 13.98 7.88
N ALA C 524 7.91 15.22 8.37
CA ALA C 524 7.69 15.47 9.80
C ALA C 524 6.28 16.00 10.13
N THR C 525 5.33 15.86 9.21
CA THR C 525 3.96 16.38 9.38
C THR C 525 2.88 15.47 8.77
N ASP C 526 1.79 15.26 9.52
CA ASP C 526 0.67 14.44 9.05
C ASP C 526 -0.31 15.26 8.22
N ILE C 527 -0.16 16.58 8.29
CA ILE C 527 -1.09 17.53 7.69
C ILE C 527 -0.27 18.54 6.88
N ILE C 528 -0.67 18.77 5.64
CA ILE C 528 -0.05 19.81 4.83
C ILE C 528 -0.51 21.13 5.41
N CYS C 529 0.40 21.83 6.08
CA CYS C 529 0.03 23.01 6.83
C CYS C 529 0.81 24.22 6.37
N PRO C 530 0.58 24.66 5.12
CA PRO C 530 1.37 25.78 4.66
C PRO C 530 0.99 27.07 5.36
N MET C 531 1.78 28.11 5.14
CA MET C 531 1.44 29.43 5.63
C MET C 531 1.33 30.42 4.47
N TYR C 532 0.12 31.00 4.34
CA TYR C 532 -0.23 32.00 3.32
C TYR C 532 -0.19 31.45 1.87
N ALA C 533 -0.50 30.17 1.74
CA ALA C 533 -0.67 29.60 0.41
C ALA C 533 -1.96 30.16 -0.17
N ARG C 534 -1.86 30.72 -1.36
CA ARG C 534 -3.03 31.27 -2.05
C ARG C 534 -3.97 30.19 -2.61
N VAL C 535 -5.22 30.58 -2.82
CA VAL C 535 -6.26 29.67 -3.27
C VAL C 535 -6.05 29.22 -4.74
N ASP C 536 -5.81 30.16 -5.63
CA ASP C 536 -5.67 29.81 -7.05
C ASP C 536 -4.25 30.01 -7.58
N GLU C 537 -3.55 30.98 -7.02
CA GLU C 537 -2.26 31.40 -7.54
C GLU C 537 -1.10 30.60 -6.91
N ASP C 538 -0.22 30.07 -7.75
CA ASP C 538 0.96 29.35 -7.30
C ASP C 538 2.03 30.36 -6.98
N GLN C 539 2.92 30.00 -6.05
CA GLN C 539 4.11 30.79 -5.74
C GLN C 539 5.30 29.84 -5.68
N PRO C 540 5.89 29.54 -6.86
CA PRO C 540 6.84 28.44 -6.96
C PRO C 540 8.27 28.81 -6.54
N PHE C 541 8.42 29.24 -5.29
CA PHE C 541 9.75 29.51 -4.71
C PHE C 541 10.63 28.26 -4.81
N PRO C 542 11.92 28.43 -5.18
CA PRO C 542 12.88 27.31 -5.17
C PRO C 542 13.04 26.63 -3.81
N ALA C 543 13.13 25.29 -3.86
CA ALA C 543 13.24 24.41 -2.69
C ALA C 543 11.97 24.31 -1.83
N VAL C 544 11.37 25.46 -1.48
CA VAL C 544 10.23 25.50 -0.55
C VAL C 544 9.03 26.26 -1.12
N PRO C 545 8.46 25.75 -2.22
CA PRO C 545 7.39 26.46 -2.93
C PRO C 545 6.06 26.52 -2.15
N LYS C 546 5.34 27.62 -2.30
CA LYS C 546 3.93 27.68 -1.85
C LYS C 546 2.99 27.52 -3.06
N TRP C 547 2.44 26.31 -3.22
CA TRP C 547 1.51 26.00 -4.30
C TRP C 547 0.14 26.49 -3.90
N SER C 548 -0.72 26.70 -4.90
CA SER C 548 -2.13 26.96 -4.64
C SER C 548 -2.69 25.75 -3.95
N ILE C 549 -3.45 25.99 -2.88
CA ILE C 549 -3.93 24.91 -2.04
C ILE C 549 -4.74 23.87 -2.79
N LYS C 550 -5.52 24.31 -3.78
CA LYS C 550 -6.33 23.43 -4.64
C LYS C 550 -5.46 22.54 -5.54
N LYS C 551 -4.33 23.09 -5.99
CA LYS C 551 -3.38 22.29 -6.75
C LYS C 551 -2.50 21.42 -5.85
N TRP C 552 -2.22 21.92 -4.64
CA TRP C 552 -1.30 21.26 -3.73
C TRP C 552 -1.81 19.87 -3.39
N LEU C 553 -3.11 19.79 -3.11
CA LEU C 553 -3.74 18.54 -2.70
C LEU C 553 -3.47 17.36 -3.64
N SER C 554 -3.41 17.62 -4.94
CA SER C 554 -3.47 16.57 -5.95
C SER C 554 -2.15 16.37 -6.70
N LEU C 555 -1.07 16.91 -6.14
CA LEU C 555 0.29 16.64 -6.63
C LEU C 555 0.54 15.14 -6.62
N PRO C 556 1.28 14.64 -7.62
CA PRO C 556 1.49 13.19 -7.71
C PRO C 556 1.94 12.61 -6.38
N GLY C 557 1.21 11.60 -5.90
CA GLY C 557 1.59 10.87 -4.71
C GLY C 557 1.11 11.45 -3.40
N GLU C 558 0.55 12.66 -3.43
CA GLU C 558 0.10 13.34 -2.21
C GLU C 558 -1.29 12.85 -1.79
N THR C 559 -1.47 12.60 -0.49
CA THR C 559 -2.73 12.01 -0.02
C THR C 559 -3.27 12.66 1.25
N ARG C 560 -2.45 13.45 1.93
CA ARG C 560 -2.80 14.04 3.24
C ARG C 560 -3.85 15.14 3.10
N PRO C 561 -4.48 15.52 4.23
CA PRO C 561 -5.34 16.70 4.29
C PRO C 561 -4.53 17.99 4.40
N LEU C 562 -5.11 19.09 3.92
CA LEU C 562 -4.50 20.42 3.98
C LEU C 562 -5.25 21.40 4.88
N ILE C 563 -4.58 21.86 5.93
CA ILE C 563 -5.12 22.86 6.85
C ILE C 563 -4.06 23.90 7.11
N LEU C 564 -4.29 25.13 6.67
CA LEU C 564 -3.29 26.18 6.77
C LEU C 564 -3.00 26.52 8.23
N CYS C 565 -1.73 26.64 8.58
CA CYS C 565 -1.40 26.96 9.96
C CYS C 565 -1.50 28.45 10.14
N GLU C 566 -1.37 29.17 9.02
CA GLU C 566 -1.43 30.63 9.00
C GLU C 566 -1.93 31.09 7.63
N TYR C 567 -3.04 31.82 7.60
CA TYR C 567 -3.56 32.43 6.37
C TYR C 567 -4.31 33.74 6.64
N ALA C 568 -4.58 34.47 5.55
CA ALA C 568 -5.35 35.72 5.61
C ALA C 568 -4.75 36.66 6.66
N HIS C 569 -3.59 37.23 6.31
CA HIS C 569 -2.86 38.14 7.17
C HIS C 569 -3.73 39.36 7.48
N ALA C 570 -4.18 39.46 8.72
CA ALA C 570 -5.13 40.50 9.14
C ALA C 570 -4.46 41.79 9.60
N MET C 571 -3.36 42.14 8.93
CA MET C 571 -2.60 43.36 9.21
C MET C 571 -3.29 44.65 8.70
N GLY C 572 -3.81 45.45 9.64
CA GLY C 572 -4.50 46.70 9.30
C GLY C 572 -5.75 46.48 8.48
N ASN C 573 -5.97 47.33 7.47
CA ASN C 573 -7.10 47.19 6.56
C ASN C 573 -6.87 46.01 5.63
N SER C 574 -7.32 44.83 6.05
CA SER C 574 -7.00 43.62 5.30
C SER C 574 -8.14 42.58 5.27
N LEU C 575 -7.76 41.32 5.08
CA LEU C 575 -8.68 40.18 4.93
C LEU C 575 -9.48 40.24 3.62
N GLY C 576 -8.96 41.01 2.66
CA GLY C 576 -9.47 41.00 1.29
C GLY C 576 -9.18 39.64 0.68
N GLY C 577 -10.14 39.12 -0.07
CA GLY C 577 -10.01 37.78 -0.63
C GLY C 577 -10.30 36.66 0.35
N PHE C 578 -10.90 36.99 1.49
CA PHE C 578 -11.22 35.98 2.50
C PHE C 578 -12.27 34.99 2.04
N ALA C 579 -13.25 35.48 1.28
CA ALA C 579 -14.35 34.66 0.77
C ALA C 579 -13.86 33.53 -0.12
N LYS C 580 -12.82 33.80 -0.90
CA LYS C 580 -12.25 32.81 -1.80
C LYS C 580 -11.77 31.54 -1.06
N TYR C 581 -11.07 31.73 0.06
CA TYR C 581 -10.64 30.62 0.90
C TYR C 581 -11.80 29.77 1.38
N TRP C 582 -12.86 30.42 1.89
CA TRP C 582 -13.96 29.67 2.49
C TRP C 582 -14.83 28.98 1.47
N GLN C 583 -14.81 29.49 0.25
CA GLN C 583 -15.50 28.83 -0.83
C GLN C 583 -14.68 27.61 -1.23
N ALA C 584 -13.36 27.79 -1.28
CA ALA C 584 -12.46 26.69 -1.58
C ALA C 584 -12.54 25.63 -0.50
N PHE C 585 -12.46 26.03 0.78
CA PHE C 585 -12.57 25.04 1.86
C PHE C 585 -13.81 24.20 1.68
N ARG C 586 -14.93 24.86 1.38
CA ARG C 586 -16.24 24.19 1.28
C ARG C 586 -16.36 23.22 0.12
N GLN C 587 -15.73 23.52 -1.00
CA GLN C 587 -15.86 22.71 -2.19
C GLN C 587 -14.97 21.45 -2.11
N TYR C 588 -13.76 21.62 -1.57
CA TYR C 588 -12.74 20.56 -1.49
C TYR C 588 -12.74 19.80 -0.17
N PRO C 589 -13.16 18.53 -0.18
CA PRO C 589 -13.17 17.71 1.03
C PRO C 589 -11.82 17.71 1.78
N ARG C 590 -10.72 17.63 1.05
CA ARG C 590 -9.39 17.60 1.70
C ARG C 590 -8.82 18.99 2.04
N LEU C 591 -9.55 20.05 1.68
CA LEU C 591 -9.27 21.38 2.20
C LEU C 591 -10.11 21.62 3.46
N GLN C 592 -9.52 21.37 4.63
CA GLN C 592 -10.29 21.35 5.87
C GLN C 592 -10.14 22.62 6.72
N GLY C 593 -9.68 23.70 6.10
CA GLY C 593 -9.70 25.02 6.73
C GLY C 593 -8.36 25.67 6.92
N GLY C 594 -8.20 26.34 8.05
CA GLY C 594 -6.94 26.98 8.41
C GLY C 594 -7.06 27.79 9.67
N PHE C 595 -5.97 28.48 10.04
CA PHE C 595 -5.99 29.37 11.18
C PHE C 595 -5.60 30.77 10.71
N VAL C 596 -6.48 31.75 10.94
CA VAL C 596 -6.20 33.12 10.52
C VAL C 596 -5.00 33.70 11.30
N TRP C 597 -4.22 34.56 10.66
CA TRP C 597 -3.17 35.30 11.36
C TRP C 597 -3.40 36.82 11.43
N ASP C 598 -3.56 37.36 12.64
CA ASP C 598 -3.81 36.58 13.86
C ASP C 598 -4.88 37.25 14.69
N TRP C 599 -5.00 36.85 15.96
CA TRP C 599 -6.12 37.27 16.77
C TRP C 599 -6.05 38.74 17.17
N VAL C 600 -5.00 39.11 17.88
CA VAL C 600 -4.92 40.43 18.49
C VAL C 600 -3.67 41.19 18.06
N ASP C 601 -3.86 42.48 17.75
CA ASP C 601 -2.75 43.44 17.53
C ASP C 601 -1.78 43.38 18.72
N GLN C 602 -0.49 43.24 18.45
CA GLN C 602 0.47 43.28 19.55
C GLN C 602 0.96 44.70 19.80
N SER C 603 0.03 45.61 20.03
CA SER C 603 0.38 46.99 20.34
C SER C 603 0.48 47.17 21.85
N LEU C 604 1.45 47.97 22.28
CA LEU C 604 1.62 48.26 23.68
C LEU C 604 1.20 49.70 24.02
N ILE C 605 0.84 49.90 25.29
CA ILE C 605 0.41 51.21 25.78
C ILE C 605 1.58 52.10 26.22
N LYS C 606 1.64 53.29 25.64
CA LYS C 606 2.56 54.34 26.07
C LYS C 606 1.75 55.57 26.42
N TYR C 607 2.38 56.55 27.07
CA TYR C 607 1.71 57.78 27.49
C TYR C 607 2.46 59.02 27.04
N ASP C 608 1.73 60.03 26.56
CA ASP C 608 2.34 61.33 26.24
C ASP C 608 2.46 62.21 27.49
N GLU C 609 2.73 63.50 27.29
CA GLU C 609 2.96 64.46 28.38
C GLU C 609 1.75 64.75 29.28
N ASN C 610 0.54 64.49 28.76
CA ASN C 610 -0.71 64.65 29.51
C ASN C 610 -1.19 63.38 30.21
N GLY C 611 -0.37 62.33 30.17
CA GLY C 611 -0.75 61.03 30.74
C GLY C 611 -1.85 60.35 29.94
N ASN C 612 -1.97 60.73 28.66
CA ASN C 612 -2.91 60.12 27.73
C ASN C 612 -2.33 58.91 27.00
N PRO C 613 -3.06 57.77 27.00
CA PRO C 613 -2.59 56.50 26.44
C PRO C 613 -2.67 56.41 24.90
N TRP C 614 -1.60 55.95 24.26
CA TRP C 614 -1.59 55.71 22.82
C TRP C 614 -0.99 54.35 22.50
N SER C 615 -1.50 53.72 21.44
CA SER C 615 -1.03 52.40 21.01
C SER C 615 0.30 52.50 20.28
N ALA C 616 1.28 51.72 20.73
CA ALA C 616 2.64 51.79 20.21
C ALA C 616 3.07 50.49 19.53
N TYR C 617 3.97 50.59 18.56
CA TYR C 617 4.54 49.40 17.93
C TYR C 617 6.09 49.41 17.88
N GLY C 618 6.69 48.62 16.99
CA GLY C 618 8.15 48.52 16.89
C GLY C 618 8.85 49.87 16.75
N GLY C 619 9.98 50.02 17.45
CA GLY C 619 10.77 51.25 17.40
C GLY C 619 10.34 52.35 18.36
N ASP C 620 9.11 52.25 18.86
CA ASP C 620 8.54 53.28 19.74
C ASP C 620 9.10 53.23 21.17
N PHE C 621 10.00 52.29 21.43
CA PHE C 621 10.64 52.16 22.74
C PHE C 621 12.16 52.38 22.72
N GLY C 622 12.67 52.80 21.56
CA GLY C 622 14.11 52.96 21.36
C GLY C 622 14.73 51.71 20.77
N ASP C 623 13.95 50.63 20.83
CA ASP C 623 14.31 49.33 20.26
C ASP C 623 14.67 49.44 18.78
N THR C 624 15.86 48.94 18.44
CA THR C 624 16.42 49.02 17.10
C THR C 624 17.57 48.01 16.91
N PRO C 625 17.57 47.26 15.78
CA PRO C 625 16.62 47.32 14.65
C PRO C 625 15.26 46.73 14.98
N ASN C 626 14.21 47.26 14.35
CA ASN C 626 12.83 46.84 14.58
C ASN C 626 12.02 46.68 13.30
N ASP C 627 10.91 45.97 13.41
CA ASP C 627 10.01 45.72 12.27
C ASP C 627 8.69 46.51 12.37
N ARG C 628 8.82 47.73 12.90
CA ARG C 628 7.75 48.74 12.96
C ARG C 628 6.37 48.15 13.27
N GLN C 629 5.42 48.33 12.38
CA GLN C 629 4.02 47.96 12.65
C GLN C 629 3.72 46.45 12.50
N PHE C 630 4.70 45.67 12.03
CA PHE C 630 4.48 44.26 11.72
C PHE C 630 4.05 43.35 12.88
N CYS C 631 3.99 43.93 14.08
CA CYS C 631 3.51 43.20 15.26
C CYS C 631 2.00 43.26 15.41
N MET C 632 1.35 44.15 14.69
CA MET C 632 -0.10 44.31 14.80
C MET C 632 -0.80 43.68 13.61
N ASN C 633 -1.13 42.40 13.74
CA ASN C 633 -1.77 41.69 12.64
C ASN C 633 -3.15 41.17 13.03
N GLY C 634 -3.71 41.75 14.08
CA GLY C 634 -4.89 41.19 14.72
C GLY C 634 -6.23 41.46 14.06
N LEU C 635 -7.18 40.56 14.32
CA LEU C 635 -8.58 40.74 13.97
C LEU C 635 -9.21 41.68 14.97
N VAL C 636 -8.55 41.83 16.11
CA VAL C 636 -8.98 42.76 17.15
C VAL C 636 -7.83 43.64 17.59
N PHE C 637 -8.16 44.83 18.08
CA PHE C 637 -7.21 45.74 18.68
C PHE C 637 -6.78 45.14 20.02
N ALA C 638 -5.62 45.59 20.52
CA ALA C 638 -5.09 45.13 21.82
C ALA C 638 -6.12 45.11 22.96
N ASP C 639 -7.02 46.09 22.98
CA ASP C 639 -8.12 46.10 23.96
C ASP C 639 -9.35 45.25 23.56
N ARG C 640 -9.24 44.47 22.47
CA ARG C 640 -10.27 43.49 22.07
C ARG C 640 -11.44 44.07 21.28
N THR C 641 -11.33 45.35 20.96
CA THR C 641 -12.22 46.00 19.99
C THR C 641 -12.05 45.34 18.61
N PRO C 642 -13.17 44.92 17.99
CA PRO C 642 -13.03 44.29 16.68
C PRO C 642 -12.62 45.26 15.59
N HIS C 643 -11.71 44.82 14.72
CA HIS C 643 -11.45 45.46 13.43
C HIS C 643 -12.62 45.15 12.49
N PRO C 644 -12.84 45.97 11.45
CA PRO C 644 -13.90 45.64 10.50
C PRO C 644 -13.71 44.25 9.91
N ALA C 645 -12.47 43.76 9.85
CA ALA C 645 -12.17 42.44 9.28
C ALA C 645 -12.85 41.26 10.00
N LEU C 646 -13.01 41.39 11.32
CA LEU C 646 -13.64 40.36 12.14
C LEU C 646 -15.02 39.97 11.64
N THR C 647 -15.86 40.93 11.26
CA THR C 647 -17.20 40.55 10.81
C THR C 647 -17.19 39.73 9.50
N GLU C 648 -16.21 40.01 8.62
CA GLU C 648 -16.04 39.23 7.40
C GLU C 648 -15.78 37.77 7.75
N ALA C 649 -14.91 37.57 8.74
CA ALA C 649 -14.62 36.25 9.23
C ALA C 649 -15.89 35.60 9.75
N LYS C 650 -16.61 36.29 10.61
CA LYS C 650 -17.83 35.76 11.22
C LYS C 650 -18.80 35.26 10.15
N HIS C 651 -18.98 36.06 9.11
CA HIS C 651 -19.86 35.69 8.02
C HIS C 651 -19.36 34.44 7.32
N GLN C 652 -18.12 34.49 6.83
CA GLN C 652 -17.58 33.41 6.03
C GLN C 652 -17.49 32.06 6.77
N GLN C 653 -17.33 32.13 8.08
CA GLN C 653 -17.18 30.94 8.92
C GLN C 653 -18.51 30.47 9.52
N GLN C 654 -19.62 30.95 8.96
CA GLN C 654 -20.96 30.55 9.41
C GLN C 654 -21.13 29.05 9.38
N PHE C 655 -21.98 28.53 10.25
CA PHE C 655 -22.22 27.09 10.29
C PHE C 655 -23.48 26.70 9.51
N PHE C 656 -24.20 27.70 9.00
CA PHE C 656 -25.40 27.47 8.19
C PHE C 656 -25.22 28.03 6.80
N GLN C 657 -25.59 27.25 5.80
CA GLN C 657 -25.47 27.71 4.42
C GLN C 657 -26.82 27.78 3.75
N PHE C 658 -27.01 28.79 2.91
CA PHE C 658 -28.32 29.09 2.35
C PHE C 658 -28.34 29.15 0.84
N ARG C 659 -29.42 28.66 0.25
CA ARG C 659 -29.70 28.91 -1.15
C ARG C 659 -31.16 29.30 -1.34
N LEU C 660 -31.43 30.03 -2.42
CA LEU C 660 -32.79 30.46 -2.72
C LEU C 660 -33.20 30.02 -4.11
N SER C 661 -34.34 29.34 -4.18
CA SER C 661 -34.91 28.86 -5.42
C SER C 661 -36.40 29.17 -5.41
N GLY C 662 -36.84 29.95 -6.39
CA GLY C 662 -38.21 30.45 -6.44
C GLY C 662 -38.42 31.34 -5.24
N GLN C 663 -39.18 30.83 -4.28
CA GLN C 663 -39.35 31.46 -2.98
C GLN C 663 -39.17 30.41 -1.89
N THR C 664 -38.26 29.48 -2.15
CA THR C 664 -37.86 28.49 -1.18
C THR C 664 -36.44 28.79 -0.68
N ILE C 665 -36.31 28.96 0.63
CA ILE C 665 -35.01 29.08 1.25
C ILE C 665 -34.56 27.69 1.68
N GLU C 666 -33.38 27.29 1.24
CA GLU C 666 -32.80 26.00 1.64
C GLU C 666 -31.66 26.22 2.63
N VAL C 667 -31.92 25.91 3.90
CA VAL C 667 -30.93 26.06 4.97
C VAL C 667 -30.10 24.79 5.10
N THR C 668 -28.78 24.89 5.01
CA THR C 668 -27.91 23.71 5.21
C THR C 668 -27.05 23.83 6.46
N SER C 669 -27.14 22.86 7.35
CA SER C 669 -26.30 22.85 8.56
C SER C 669 -24.90 22.31 8.29
N GLU C 670 -23.88 23.08 8.65
CA GLU C 670 -22.51 22.55 8.58
C GLU C 670 -22.01 22.01 9.92
N TYR C 671 -22.89 21.97 10.92
CA TYR C 671 -22.59 21.33 12.21
C TYR C 671 -22.38 19.84 12.03
N LEU C 672 -21.44 19.29 12.81
CA LEU C 672 -21.08 17.88 12.69
C LEU C 672 -21.85 17.03 13.68
N PHE C 673 -22.12 17.56 14.85
CA PHE C 673 -22.72 16.76 15.93
C PHE C 673 -24.03 17.30 16.50
N ARG C 674 -24.15 18.62 16.62
CA ARG C 674 -25.36 19.22 17.21
C ARG C 674 -26.48 19.39 16.21
N HIS C 675 -27.69 19.27 16.73
CA HIS C 675 -28.92 19.64 16.05
C HIS C 675 -29.07 21.15 16.19
N SER C 676 -29.84 21.81 15.33
CA SER C 676 -30.01 23.27 15.47
C SER C 676 -31.01 23.64 16.59
N ASP C 677 -30.75 23.11 17.77
CA ASP C 677 -31.69 23.14 18.90
C ASP C 677 -31.77 24.46 19.65
N ASN C 678 -31.12 25.49 19.13
CA ASN C 678 -31.14 26.83 19.74
C ASN C 678 -30.99 27.87 18.66
N GLU C 679 -31.79 27.72 17.60
CA GLU C 679 -31.78 28.62 16.46
C GLU C 679 -33.19 28.85 15.91
N LEU C 680 -33.45 30.06 15.46
CA LEU C 680 -34.64 30.35 14.67
C LEU C 680 -34.32 31.36 13.58
N LEU C 681 -34.93 31.15 12.41
CA LEU C 681 -34.65 31.96 11.23
C LEU C 681 -35.53 33.21 11.19
N HIS C 682 -34.92 34.34 10.85
CA HIS C 682 -35.60 35.60 10.83
C HIS C 682 -35.40 36.26 9.47
N TRP C 683 -36.42 36.21 8.63
CA TRP C 683 -36.35 36.86 7.31
C TRP C 683 -37.08 38.20 7.26
N MET C 684 -36.63 39.07 6.36
CA MET C 684 -37.39 40.25 5.96
C MET C 684 -37.10 40.68 4.53
N VAL C 685 -38.11 41.27 3.93
CA VAL C 685 -38.01 41.80 2.59
C VAL C 685 -38.18 43.30 2.67
N ALA C 686 -37.21 44.01 2.09
CA ALA C 686 -37.22 45.46 2.12
C ALA C 686 -36.93 46.04 0.74
N LEU C 687 -37.67 47.09 0.39
CA LEU C 687 -37.49 47.82 -0.84
C LEU C 687 -36.74 49.07 -0.50
N ASP C 688 -35.59 49.28 -1.15
CA ASP C 688 -34.70 50.40 -0.86
C ASP C 688 -34.80 50.86 0.61
N GLY C 689 -34.47 49.95 1.52
CA GLY C 689 -34.48 50.26 2.95
C GLY C 689 -35.79 50.03 3.67
N LYS C 690 -36.91 50.35 3.02
CA LYS C 690 -38.24 50.27 3.65
C LYS C 690 -38.72 48.81 3.79
N PRO C 691 -38.98 48.38 5.04
CA PRO C 691 -39.47 47.02 5.32
C PRO C 691 -40.85 46.79 4.71
N LEU C 692 -41.04 45.67 4.03
CA LEU C 692 -42.35 45.30 3.47
C LEU C 692 -42.99 44.12 4.21
N ALA C 693 -42.22 43.06 4.42
CA ALA C 693 -42.70 41.87 5.12
C ALA C 693 -41.59 41.22 5.93
N SER C 694 -41.95 40.59 7.04
CA SER C 694 -40.99 39.84 7.86
C SER C 694 -41.62 38.58 8.42
N GLY C 695 -40.78 37.64 8.86
CA GLY C 695 -41.26 36.41 9.47
C GLY C 695 -40.26 35.81 10.43
N GLU C 696 -40.68 34.73 11.09
CA GLU C 696 -39.88 34.07 12.12
C GLU C 696 -40.20 32.57 12.08
N VAL C 697 -39.24 31.76 11.66
CA VAL C 697 -39.46 30.31 11.57
C VAL C 697 -38.34 29.58 12.32
N PRO C 698 -38.70 28.77 13.34
CA PRO C 698 -37.68 27.99 14.07
C PRO C 698 -36.86 27.06 13.16
N LEU C 699 -35.60 26.85 13.53
CA LEU C 699 -34.72 25.95 12.78
C LEU C 699 -34.63 24.56 13.41
N ASP C 700 -34.79 23.55 12.56
CA ASP C 700 -34.87 22.16 12.98
C ASP C 700 -34.05 21.28 12.02
N VAL C 701 -32.79 21.64 11.86
CA VAL C 701 -31.91 20.93 10.94
C VAL C 701 -30.97 19.98 11.69
N ALA C 702 -30.88 18.75 11.19
CA ALA C 702 -29.95 17.76 11.69
C ALA C 702 -28.52 18.13 11.26
N PRO C 703 -27.48 17.63 11.98
CA PRO C 703 -26.14 17.93 11.49
C PRO C 703 -26.02 17.46 10.06
N GLN C 704 -25.49 18.31 9.17
CA GLN C 704 -25.32 17.98 7.75
C GLN C 704 -26.64 17.93 6.98
N GLY C 705 -27.71 18.40 7.60
CA GLY C 705 -29.04 18.29 7.03
C GLY C 705 -29.56 19.55 6.36
N LYS C 706 -30.74 19.41 5.78
CA LYS C 706 -31.36 20.49 5.02
C LYS C 706 -32.72 20.82 5.60
N GLN C 707 -33.15 22.06 5.45
CA GLN C 707 -34.50 22.41 5.81
C GLN C 707 -35.00 23.38 4.76
N LEU C 708 -36.15 23.04 4.20
CA LEU C 708 -36.81 23.85 3.20
C LEU C 708 -37.82 24.73 3.91
N ILE C 709 -37.79 26.01 3.58
CA ILE C 709 -38.71 26.98 4.13
C ILE C 709 -39.35 27.75 2.98
N GLU C 710 -40.68 27.75 2.99
CA GLU C 710 -41.49 28.42 1.98
C GLU C 710 -41.92 29.80 2.50
N LEU C 711 -41.44 30.85 1.85
CA LEU C 711 -41.90 32.21 2.14
C LEU C 711 -43.34 32.37 1.68
N PRO C 712 -44.19 33.02 2.49
CA PRO C 712 -45.57 33.28 2.07
C PRO C 712 -45.60 34.13 0.81
N GLU C 713 -46.77 34.24 0.18
CA GLU C 713 -46.91 35.09 -0.99
C GLU C 713 -46.51 36.51 -0.62
N LEU C 714 -45.41 36.98 -1.19
CA LEU C 714 -44.89 38.30 -0.92
C LEU C 714 -45.72 39.35 -1.67
N PRO C 715 -46.27 40.35 -0.94
CA PRO C 715 -47.13 41.35 -1.56
C PRO C 715 -46.35 42.27 -2.49
N GLN C 716 -46.53 42.08 -3.80
CA GLN C 716 -45.76 42.77 -4.82
C GLN C 716 -46.01 44.28 -4.75
N PRO C 717 -44.98 45.07 -4.39
CA PRO C 717 -45.14 46.51 -4.20
C PRO C 717 -45.28 47.25 -5.52
N GLU C 718 -45.71 48.51 -5.44
CA GLU C 718 -46.00 49.33 -6.61
C GLU C 718 -44.76 50.07 -7.14
N SER C 719 -44.13 50.85 -6.26
CA SER C 719 -43.14 51.84 -6.67
C SER C 719 -41.79 51.25 -7.02
N ALA C 720 -41.04 51.99 -7.83
CA ALA C 720 -39.73 51.58 -8.34
C ALA C 720 -38.68 51.30 -7.26
N GLY C 721 -37.79 50.37 -7.55
CA GLY C 721 -36.70 50.03 -6.64
C GLY C 721 -36.40 48.54 -6.56
N GLN C 722 -35.40 48.20 -5.78
CA GLN C 722 -34.94 46.83 -5.64
C GLN C 722 -35.36 46.21 -4.32
N LEU C 723 -36.10 45.11 -4.41
CA LEU C 723 -36.47 44.31 -3.24
C LEU C 723 -35.28 43.47 -2.85
N TRP C 724 -35.01 43.41 -1.54
CA TRP C 724 -33.93 42.62 -0.99
C TRP C 724 -34.45 41.73 0.13
N LEU C 725 -34.20 40.43 0.03
CA LEU C 725 -34.50 39.51 1.12
C LEU C 725 -33.27 39.36 2.01
N THR C 726 -33.46 39.46 3.33
CA THR C 726 -32.39 39.24 4.29
C THR C 726 -32.80 38.18 5.31
N VAL C 727 -32.07 37.08 5.35
CA VAL C 727 -32.27 36.09 6.39
C VAL C 727 -31.19 36.25 7.44
N ARG C 728 -31.52 36.01 8.69
CA ARG C 728 -30.48 35.89 9.70
C ARG C 728 -30.84 34.85 10.74
N VAL C 729 -29.85 34.14 11.25
CA VAL C 729 -30.11 33.11 12.23
C VAL C 729 -29.90 33.68 13.63
N VAL C 730 -30.88 33.46 14.51
CA VAL C 730 -30.83 33.99 15.87
C VAL C 730 -30.85 32.87 16.89
N GLN C 731 -30.09 33.04 17.96
CA GLN C 731 -30.14 32.10 19.09
C GLN C 731 -31.00 32.69 20.22
N PRO C 732 -32.23 32.17 20.40
CA PRO C 732 -33.18 32.73 21.37
C PRO C 732 -32.63 32.70 22.80
N ASN C 733 -31.86 31.65 23.11
CA ASN C 733 -31.34 31.44 24.45
C ASN C 733 -29.86 31.78 24.60
N ALA C 734 -29.53 32.25 25.80
CA ALA C 734 -28.16 32.48 26.19
C ALA C 734 -27.49 31.12 26.33
N THR C 735 -26.19 31.09 26.04
CA THR C 735 -25.38 29.89 26.21
C THR C 735 -24.21 30.28 27.10
N ALA C 736 -23.29 29.36 27.31
CA ALA C 736 -22.09 29.64 28.08
C ALA C 736 -21.24 30.76 27.45
N TRP C 737 -21.45 30.97 26.14
CA TRP C 737 -20.55 31.84 25.34
C TRP C 737 -21.23 33.03 24.67
N SER C 738 -22.55 33.02 24.59
CA SER C 738 -23.27 34.13 23.94
C SER C 738 -24.50 34.59 24.73
N GLU C 739 -24.87 35.84 24.52
CA GLU C 739 -26.08 36.41 25.13
C GLU C 739 -27.31 35.97 24.34
N ALA C 740 -28.46 35.95 24.99
CA ALA C 740 -29.73 35.72 24.30
C ALA C 740 -29.88 36.69 23.11
N GLY C 741 -30.37 36.17 21.99
CA GLY C 741 -30.64 36.98 20.80
C GLY C 741 -29.47 37.17 19.85
N HIS C 742 -28.38 36.44 20.11
CA HIS C 742 -27.14 36.48 19.31
C HIS C 742 -27.34 36.00 17.88
N ILE C 743 -26.82 36.79 16.93
CA ILE C 743 -26.94 36.46 15.52
C ILE C 743 -25.74 35.61 15.12
N SER C 744 -26.00 34.43 14.57
CA SER C 744 -24.93 33.50 14.23
C SER C 744 -24.66 33.38 12.72
N ALA C 745 -25.67 33.72 11.91
CA ALA C 745 -25.57 33.64 10.46
C ALA C 745 -26.53 34.60 9.76
N TRP C 746 -26.19 35.01 8.53
CA TRP C 746 -27.05 35.90 7.73
C TRP C 746 -26.71 35.89 6.25
N GLN C 747 -27.68 36.21 5.39
CA GLN C 747 -27.47 36.31 3.94
C GLN C 747 -28.53 37.16 3.23
N GLN C 748 -28.18 37.69 2.07
CA GLN C 748 -29.10 38.49 1.26
C GLN C 748 -29.21 37.98 -0.18
N TRP C 749 -30.40 38.11 -0.74
CA TRP C 749 -30.59 37.99 -2.19
C TRP C 749 -31.43 39.12 -2.71
N ARG C 750 -31.05 39.61 -3.88
CA ARG C 750 -31.90 40.45 -4.71
C ARG C 750 -33.12 39.64 -5.16
N LEU C 751 -34.30 40.15 -4.86
CA LEU C 751 -35.54 39.59 -5.38
C LEU C 751 -35.95 40.46 -6.56
N ALA C 752 -37.23 40.79 -6.67
CA ALA C 752 -37.71 41.59 -7.78
C ALA C 752 -37.10 43.00 -7.82
N GLU C 753 -36.97 43.51 -9.04
CA GLU C 753 -36.67 44.92 -9.24
C GLU C 753 -37.63 45.52 -10.23
N ASN C 754 -38.23 46.63 -9.85
CA ASN C 754 -38.99 47.47 -10.77
C ASN C 754 -38.14 48.67 -11.07
N LEU C 755 -37.71 48.80 -12.32
CA LEU C 755 -36.90 49.94 -12.73
C LEU C 755 -37.77 51.20 -12.82
N SER C 756 -37.17 52.38 -12.68
CA SER C 756 -37.94 53.62 -12.66
C SER C 756 -38.21 54.20 -14.04
N VAL C 757 -39.48 54.41 -14.35
CA VAL C 757 -39.93 54.77 -15.69
C VAL C 757 -40.72 56.07 -15.77
N THR C 758 -40.93 56.72 -14.62
CA THR C 758 -41.77 57.91 -14.56
C THR C 758 -40.94 59.20 -14.53
N LEU C 759 -41.02 59.97 -15.62
CA LEU C 759 -40.33 61.25 -15.77
C LEU C 759 -40.43 62.11 -14.51
N PRO C 760 -39.35 62.84 -14.17
CA PRO C 760 -39.54 63.85 -13.11
C PRO C 760 -40.35 65.04 -13.66
N ALA C 761 -41.37 65.45 -12.90
CA ALA C 761 -42.28 66.53 -13.31
C ALA C 761 -41.52 67.80 -13.74
N ALA C 762 -41.87 68.32 -14.92
CA ALA C 762 -41.19 69.46 -15.54
C ALA C 762 -41.00 70.65 -14.60
N SER C 763 -39.76 71.14 -14.53
CA SER C 763 -39.36 72.19 -13.57
C SER C 763 -40.14 73.48 -13.70
N HIS C 764 -40.35 74.12 -12.55
CA HIS C 764 -40.98 75.43 -12.51
C HIS C 764 -40.00 76.48 -13.03
N ALA C 765 -38.82 76.53 -12.41
CA ALA C 765 -37.81 77.52 -12.75
C ALA C 765 -36.80 76.97 -13.76
N ILE C 766 -35.91 77.84 -14.21
CA ILE C 766 -34.82 77.48 -15.10
C ILE C 766 -33.53 78.19 -14.62
N PRO C 767 -32.44 77.41 -14.39
CA PRO C 767 -31.18 77.96 -13.88
C PRO C 767 -30.57 79.04 -14.76
N HIS C 768 -29.90 80.00 -14.15
CA HIS C 768 -29.31 81.12 -14.86
C HIS C 768 -27.79 81.05 -14.90
N LEU C 769 -27.24 81.12 -16.12
CA LEU C 769 -25.80 81.16 -16.33
C LEU C 769 -25.24 82.58 -16.28
N THR C 770 -24.14 82.77 -15.54
CA THR C 770 -23.38 84.01 -15.59
C THR C 770 -21.96 83.70 -16.06
N THR C 771 -21.63 84.18 -17.25
CA THR C 771 -20.31 84.00 -17.85
C THR C 771 -19.34 85.07 -17.33
N SER C 772 -18.06 84.73 -17.32
CA SER C 772 -17.02 85.55 -16.73
C SER C 772 -15.70 84.97 -17.24
N GLU C 773 -14.73 85.82 -17.57
CA GLU C 773 -13.44 85.30 -18.05
C GLU C 773 -12.86 84.32 -17.02
N MET C 774 -13.20 84.51 -15.75
CA MET C 774 -12.75 83.66 -14.64
C MET C 774 -13.67 82.50 -14.30
N ASP C 775 -14.97 82.78 -14.20
CA ASP C 775 -15.94 81.80 -13.68
C ASP C 775 -17.16 81.59 -14.59
N PHE C 776 -17.78 80.41 -14.45
CA PHE C 776 -19.15 80.20 -14.84
C PHE C 776 -19.95 80.15 -13.54
N CYS C 777 -20.99 80.98 -13.41
CA CYS C 777 -21.81 80.98 -12.20
C CYS C 777 -23.25 80.54 -12.52
N ILE C 778 -23.67 79.43 -11.90
CA ILE C 778 -25.03 78.92 -12.11
C ILE C 778 -25.88 79.16 -10.87
N GLU C 779 -26.96 79.91 -11.07
CA GLU C 779 -27.84 80.32 -10.00
C GLU C 779 -29.23 79.74 -10.20
N LEU C 780 -29.89 79.47 -9.10
CA LEU C 780 -31.26 78.98 -9.14
C LEU C 780 -31.86 79.01 -7.74
N GLY C 781 -32.85 79.85 -7.54
CA GLY C 781 -33.37 80.11 -6.20
C GLY C 781 -32.23 80.66 -5.37
N ASN C 782 -32.09 80.15 -4.15
CA ASN C 782 -30.99 80.55 -3.30
C ASN C 782 -29.66 79.87 -3.66
N LYS C 783 -29.77 78.70 -4.30
CA LYS C 783 -28.63 77.85 -4.64
C LYS C 783 -27.75 78.43 -5.77
N ARG C 784 -26.43 78.31 -5.61
CA ARG C 784 -25.46 78.82 -6.59
C ARG C 784 -24.34 77.80 -6.79
N TRP C 785 -23.83 77.70 -8.01
CA TRP C 785 -22.74 76.78 -8.35
C TRP C 785 -21.65 77.50 -9.09
N GLN C 786 -20.45 77.51 -8.52
CA GLN C 786 -19.32 78.18 -9.18
C GLN C 786 -18.37 77.16 -9.78
N PHE C 787 -18.10 77.32 -11.07
CA PHE C 787 -17.10 76.52 -11.79
C PHE C 787 -15.95 77.41 -12.23
N ASN C 788 -14.80 77.26 -11.58
CA ASN C 788 -13.62 78.05 -11.93
C ASN C 788 -13.17 77.64 -13.32
N ARG C 789 -13.21 78.58 -14.28
CA ARG C 789 -12.93 78.27 -15.70
C ARG C 789 -11.48 78.01 -16.02
N GLN C 790 -10.59 78.27 -15.05
CA GLN C 790 -9.15 78.09 -15.25
C GLN C 790 -8.60 76.77 -14.67
N SER C 791 -9.15 76.33 -13.54
CA SER C 791 -8.89 74.97 -13.02
C SER C 791 -9.74 73.94 -13.77
N GLY C 792 -11.05 74.14 -13.73
CA GLY C 792 -11.99 73.28 -14.44
C GLY C 792 -12.81 72.42 -13.49
N PHE C 793 -12.87 72.84 -12.22
CA PHE C 793 -13.60 72.10 -11.20
C PHE C 793 -14.67 72.98 -10.56
N LEU C 794 -15.70 72.35 -10.01
CA LEU C 794 -16.68 73.07 -9.23
C LEU C 794 -15.98 73.63 -7.96
N SER C 795 -15.66 74.92 -8.00
CA SER C 795 -14.88 75.53 -6.93
C SER C 795 -15.68 75.82 -5.66
N GLN C 796 -16.93 76.24 -5.82
CA GLN C 796 -17.75 76.55 -4.65
C GLN C 796 -19.25 76.39 -4.92
N MET C 797 -19.96 75.98 -3.87
CA MET C 797 -21.42 75.94 -3.86
C MET C 797 -21.99 76.78 -2.74
N TRP C 798 -23.16 77.38 -2.97
CA TRP C 798 -23.81 78.20 -1.95
C TRP C 798 -25.28 77.82 -1.72
N ILE C 799 -25.69 77.86 -0.46
CA ILE C 799 -27.09 77.77 -0.06
C ILE C 799 -27.42 79.07 0.71
N GLY C 800 -28.09 80.00 0.04
CA GLY C 800 -28.18 81.37 0.53
C GLY C 800 -26.80 82.00 0.39
N ASP C 801 -26.24 82.43 1.52
CA ASP C 801 -24.91 83.03 1.57
C ASP C 801 -23.91 82.17 2.36
N LYS C 802 -24.26 80.89 2.51
CA LYS C 802 -23.42 79.94 3.26
C LYS C 802 -22.54 79.14 2.29
N LYS C 803 -21.23 79.23 2.49
CA LYS C 803 -20.26 78.48 1.71
C LYS C 803 -20.39 76.98 2.01
N GLN C 804 -20.17 76.15 0.99
CA GLN C 804 -20.29 74.70 1.17
C GLN C 804 -18.95 73.99 1.11
N LEU C 805 -18.12 74.41 0.17
CA LEU C 805 -16.87 73.73 -0.12
C LEU C 805 -15.69 74.50 0.45
N LEU C 806 -14.76 73.78 1.06
CA LEU C 806 -13.50 74.36 1.53
C LEU C 806 -12.40 74.18 0.49
N THR C 807 -12.28 72.97 -0.03
CA THR C 807 -11.43 72.73 -1.19
C THR C 807 -12.36 72.27 -2.31
N PRO C 808 -12.07 72.71 -3.56
CA PRO C 808 -12.97 72.39 -4.67
C PRO C 808 -13.09 70.88 -4.90
N LEU C 809 -14.10 70.49 -5.68
CA LEU C 809 -14.35 69.08 -6.01
C LEU C 809 -13.51 68.63 -7.19
N ARG C 810 -12.63 67.66 -6.94
CA ARG C 810 -11.63 67.22 -7.93
C ARG C 810 -11.57 65.70 -7.97
N ASP C 811 -11.18 65.15 -9.13
CA ASP C 811 -10.87 63.72 -9.28
C ASP C 811 -9.78 63.27 -8.30
N GLN C 812 -9.82 62.00 -7.91
CA GLN C 812 -8.75 61.41 -7.14
C GLN C 812 -8.47 59.99 -7.63
N PHE C 813 -7.20 59.70 -7.89
CA PHE C 813 -6.80 58.41 -8.42
C PHE C 813 -5.86 57.65 -7.50
N THR C 814 -5.76 58.09 -6.25
CA THR C 814 -4.85 57.52 -5.24
C THR C 814 -5.56 57.30 -3.92
N ARG C 815 -4.92 56.53 -3.04
CA ARG C 815 -5.38 56.41 -1.66
C ARG C 815 -4.19 56.41 -0.73
N ALA C 816 -4.43 56.71 0.54
CA ALA C 816 -3.41 56.60 1.59
C ALA C 816 -3.06 55.12 1.73
N PRO C 817 -1.79 54.77 1.45
CA PRO C 817 -1.36 53.37 1.39
C PRO C 817 -1.76 52.58 2.61
N LEU C 818 -2.41 51.44 2.38
CA LEU C 818 -2.71 50.50 3.44
C LEU C 818 -1.44 49.74 3.72
N ASP C 819 -1.46 48.92 4.76
CA ASP C 819 -0.32 48.07 5.03
C ASP C 819 -0.03 47.12 3.87
N ASN C 820 -1.06 46.46 3.32
CA ASN C 820 -0.88 45.57 2.16
C ASN C 820 -0.46 46.27 0.88
N ASP C 821 -0.55 47.59 0.87
CA ASP C 821 -0.08 48.43 -0.25
C ASP C 821 1.41 48.70 -0.08
N ILE C 822 1.82 48.85 1.18
CA ILE C 822 3.21 49.11 1.53
C ILE C 822 4.05 47.84 1.51
N GLY C 823 3.57 46.79 2.18
CA GLY C 823 4.32 45.56 2.29
C GLY C 823 5.49 45.71 3.25
N VAL C 824 6.66 45.25 2.82
CA VAL C 824 7.89 45.39 3.61
C VAL C 824 8.78 46.54 3.10
N SER C 825 8.19 47.44 2.32
CA SER C 825 8.92 48.60 1.77
C SER C 825 9.10 49.69 2.84
N GLU C 826 10.33 50.21 2.95
CA GLU C 826 10.67 51.28 3.90
C GLU C 826 11.26 52.49 3.18
N ALA C 827 11.74 53.47 3.94
CA ALA C 827 12.47 54.59 3.35
C ALA C 827 13.87 54.16 2.92
N THR C 828 14.58 53.44 3.79
CA THR C 828 15.94 52.96 3.52
C THR C 828 16.03 51.68 2.66
N ARG C 829 14.96 50.88 2.66
CA ARG C 829 14.88 49.67 1.82
C ARG C 829 13.62 49.68 0.94
N ILE C 830 13.77 50.16 -0.30
CA ILE C 830 12.66 50.26 -1.24
C ILE C 830 12.39 48.89 -1.90
N ASP C 831 11.13 48.43 -1.83
CA ASP C 831 10.69 47.27 -2.62
C ASP C 831 9.85 47.74 -3.81
N PRO C 832 10.46 47.83 -5.00
CA PRO C 832 9.83 48.42 -6.20
C PRO C 832 8.60 47.66 -6.68
N ASN C 833 8.34 46.50 -6.08
CA ASN C 833 7.23 45.67 -6.51
C ASN C 833 5.94 45.86 -5.71
N ALA C 834 6.05 46.34 -4.47
CA ALA C 834 4.89 46.68 -3.63
C ALA C 834 4.03 47.76 -4.29
N TRP C 835 2.72 47.73 -4.08
CA TRP C 835 1.82 48.68 -4.73
C TRP C 835 2.18 50.18 -4.51
N VAL C 836 2.37 50.58 -3.25
CA VAL C 836 2.73 51.97 -2.92
C VAL C 836 3.92 52.50 -3.73
N GLU C 837 4.88 51.62 -4.01
CA GLU C 837 6.09 52.00 -4.71
C GLU C 837 5.92 52.08 -6.21
N ARG C 838 5.05 51.23 -6.77
CA ARG C 838 4.73 51.33 -8.20
C ARG C 838 3.97 52.64 -8.46
N TRP C 839 3.07 53.00 -7.55
CA TRP C 839 2.30 54.24 -7.68
C TRP C 839 3.19 55.46 -7.54
N LYS C 840 4.06 55.45 -6.53
CA LYS C 840 5.02 56.54 -6.33
C LYS C 840 5.89 56.77 -7.55
N ALA C 841 6.56 55.73 -8.04
CA ALA C 841 7.49 55.85 -9.16
C ALA C 841 6.84 56.29 -10.48
N ALA C 842 5.54 56.06 -10.63
CA ALA C 842 4.84 56.44 -11.85
C ALA C 842 4.16 57.79 -11.74
N GLY C 843 4.26 58.40 -10.56
CA GLY C 843 3.82 59.78 -10.34
C GLY C 843 2.36 59.96 -9.97
N HIS C 844 1.72 58.90 -9.52
CA HIS C 844 0.31 58.98 -9.15
C HIS C 844 0.08 60.01 -8.05
N TYR C 845 1.04 60.10 -7.14
CA TYR C 845 0.95 61.04 -6.06
C TYR C 845 1.46 62.46 -6.44
N GLN C 846 2.32 62.55 -7.45
CA GLN C 846 2.85 63.85 -7.92
C GLN C 846 2.07 64.43 -9.12
N ALA C 847 1.02 63.73 -9.55
CA ALA C 847 0.29 64.13 -10.74
C ALA C 847 -0.52 65.38 -10.52
N GLU C 848 -0.45 66.32 -11.46
CA GLU C 848 -1.29 67.51 -11.40
C GLU C 848 -2.20 67.61 -12.63
N ALA C 849 -3.45 67.97 -12.37
CA ALA C 849 -4.48 68.07 -13.41
C ALA C 849 -4.18 69.21 -14.39
N ALA C 850 -4.13 68.90 -15.68
CA ALA C 850 -3.99 69.92 -16.70
C ALA C 850 -5.30 70.07 -17.47
N LEU C 851 -5.87 71.28 -17.42
CA LEU C 851 -7.16 71.54 -18.05
C LEU C 851 -7.06 71.46 -19.58
N LEU C 852 -7.98 70.71 -20.16
CA LEU C 852 -8.02 70.56 -21.61
C LEU C 852 -9.16 71.36 -22.24
N GLN C 853 -10.27 71.47 -21.53
CA GLN C 853 -11.54 71.96 -22.09
C GLN C 853 -12.53 72.33 -20.99
N CYS C 854 -13.05 73.56 -21.04
CA CYS C 854 -14.12 74.02 -20.15
C CYS C 854 -15.11 74.87 -20.95
N THR C 855 -16.33 74.36 -21.12
CA THR C 855 -17.36 75.06 -21.90
C THR C 855 -18.67 75.07 -21.15
N ALA C 856 -19.45 76.14 -21.35
CA ALA C 856 -20.81 76.21 -20.80
C ALA C 856 -21.85 76.34 -21.92
N ASP C 857 -22.94 75.61 -21.76
CA ASP C 857 -24.04 75.66 -22.72
C ASP C 857 -25.40 75.76 -22.03
N THR C 858 -26.26 76.59 -22.58
CA THR C 858 -27.59 76.79 -22.04
C THR C 858 -28.57 75.89 -22.78
N LEU C 859 -29.29 75.07 -22.01
CA LEU C 859 -30.30 74.17 -22.55
C LEU C 859 -31.71 74.69 -22.26
N ALA C 860 -32.70 74.00 -22.82
CA ALA C 860 -34.11 74.32 -22.59
C ALA C 860 -34.40 74.54 -21.10
N ASP C 861 -33.97 73.62 -20.24
CA ASP C 861 -34.32 73.67 -18.82
C ASP C 861 -33.15 73.46 -17.87
N ALA C 862 -31.93 73.51 -18.40
CA ALA C 862 -30.72 73.27 -17.61
C ALA C 862 -29.49 73.99 -18.16
N VAL C 863 -28.45 74.09 -17.33
CA VAL C 863 -27.14 74.52 -17.80
C VAL C 863 -26.23 73.29 -17.84
N LEU C 864 -25.40 73.21 -18.88
CA LEU C 864 -24.50 72.08 -19.08
C LEU C 864 -23.05 72.56 -19.19
N ILE C 865 -22.24 72.15 -18.20
CA ILE C 865 -20.80 72.38 -18.23
C ILE C 865 -20.08 71.10 -18.68
N THR C 866 -19.25 71.21 -19.70
CA THR C 866 -18.40 70.10 -20.13
C THR C 866 -16.94 70.41 -19.78
N THR C 867 -16.32 69.54 -18.97
CA THR C 867 -14.90 69.69 -18.56
C THR C 867 -14.07 68.49 -18.98
N ALA C 868 -12.81 68.76 -19.30
CA ALA C 868 -11.82 67.72 -19.61
C ALA C 868 -10.46 68.01 -18.97
N HIS C 869 -9.89 67.00 -18.32
CA HIS C 869 -8.56 67.11 -17.71
C HIS C 869 -7.60 65.98 -18.12
N ALA C 870 -6.31 66.27 -18.07
CA ALA C 870 -5.30 65.24 -18.20
C ALA C 870 -4.33 65.36 -17.05
N TRP C 871 -4.14 64.27 -16.30
CA TRP C 871 -3.11 64.22 -15.27
C TRP C 871 -1.83 63.73 -15.90
N GLN C 872 -0.71 64.39 -15.61
CA GLN C 872 0.56 64.03 -16.23
C GLN C 872 1.70 63.97 -15.21
N HIS C 873 2.83 63.40 -15.62
CA HIS C 873 4.04 63.30 -14.80
C HIS C 873 5.21 62.94 -15.71
N GLN C 874 6.31 63.70 -15.60
CA GLN C 874 7.42 63.67 -16.58
C GLN C 874 6.91 63.47 -18.01
N GLY C 875 5.88 64.24 -18.38
CA GLY C 875 5.33 64.23 -19.74
C GLY C 875 4.59 62.95 -20.15
N LYS C 876 4.22 62.14 -19.17
CA LYS C 876 3.45 60.92 -19.40
C LYS C 876 2.01 61.16 -18.95
N THR C 877 1.07 61.05 -19.89
CA THR C 877 -0.34 61.22 -19.54
C THR C 877 -0.84 59.98 -18.78
N LEU C 878 -1.12 60.15 -17.49
CA LEU C 878 -1.54 59.04 -16.67
C LEU C 878 -3.05 58.82 -16.74
N PHE C 879 -3.82 59.89 -16.55
CA PHE C 879 -5.28 59.80 -16.57
C PHE C 879 -5.92 60.93 -17.36
N ILE C 880 -7.03 60.64 -18.00
CA ILE C 880 -7.85 61.65 -18.67
C ILE C 880 -9.23 61.57 -18.02
N SER C 881 -9.76 62.72 -17.64
CA SER C 881 -11.05 62.80 -16.97
C SER C 881 -12.03 63.71 -17.73
N ARG C 882 -13.03 63.12 -18.35
CA ARG C 882 -14.01 63.89 -19.11
C ARG C 882 -15.35 63.90 -18.38
N LYS C 883 -15.76 65.07 -17.89
CA LYS C 883 -16.99 65.17 -17.12
C LYS C 883 -18.02 66.09 -17.75
N THR C 884 -19.27 65.92 -17.33
CA THR C 884 -20.32 66.90 -17.60
C THR C 884 -21.14 67.12 -16.33
N TYR C 885 -21.44 68.38 -16.04
CA TYR C 885 -22.35 68.72 -14.95
C TYR C 885 -23.63 69.32 -15.51
N ARG C 886 -24.76 68.77 -15.07
CA ARG C 886 -26.05 69.12 -15.65
C ARG C 886 -26.97 69.62 -14.53
N ILE C 887 -27.21 70.92 -14.50
CA ILE C 887 -28.03 71.48 -13.43
C ILE C 887 -29.39 71.96 -13.97
N ASP C 888 -30.46 71.29 -13.53
CA ASP C 888 -31.82 71.60 -13.96
C ASP C 888 -32.63 72.39 -12.93
N GLY C 889 -33.84 72.79 -13.34
CA GLY C 889 -34.69 73.67 -12.54
C GLY C 889 -35.05 73.17 -11.16
N SER C 890 -35.08 71.86 -11.00
CA SER C 890 -35.36 71.22 -9.73
C SER C 890 -34.19 71.34 -8.77
N GLY C 891 -33.09 71.95 -9.22
CA GLY C 891 -31.93 72.16 -8.36
C GLY C 891 -31.15 70.89 -8.11
N GLN C 892 -31.06 70.05 -9.14
CA GLN C 892 -30.31 68.82 -9.06
C GLN C 892 -29.19 68.83 -10.08
N MET C 893 -27.99 68.50 -9.62
CA MET C 893 -26.80 68.51 -10.44
C MET C 893 -26.38 67.08 -10.78
N ALA C 894 -26.23 66.80 -12.07
CA ALA C 894 -25.88 65.46 -12.54
C ALA C 894 -24.49 65.42 -13.15
N ILE C 895 -23.58 64.77 -12.44
CA ILE C 895 -22.19 64.64 -12.86
C ILE C 895 -21.98 63.34 -13.63
N THR C 896 -21.37 63.45 -14.80
CA THR C 896 -21.03 62.28 -15.60
C THR C 896 -19.54 62.19 -15.72
N VAL C 897 -18.93 61.17 -15.12
CA VAL C 897 -17.48 61.01 -15.21
C VAL C 897 -17.10 59.87 -16.16
N ASP C 898 -16.11 60.13 -17.01
CA ASP C 898 -15.59 59.11 -17.90
C ASP C 898 -14.07 59.18 -17.87
N VAL C 899 -13.45 58.21 -17.20
CA VAL C 899 -12.00 58.24 -17.02
C VAL C 899 -11.28 57.30 -17.99
N GLU C 900 -10.15 57.75 -18.51
CA GLU C 900 -9.24 56.90 -19.26
C GLU C 900 -8.00 56.65 -18.41
N VAL C 901 -7.45 55.44 -18.50
CA VAL C 901 -6.19 55.12 -17.79
C VAL C 901 -5.22 54.46 -18.77
N ALA C 902 -3.99 54.93 -18.76
CA ALA C 902 -3.00 54.41 -19.70
C ALA C 902 -2.72 52.95 -19.34
N SER C 903 -2.78 52.09 -20.35
CA SER C 903 -2.58 50.65 -20.17
C SER C 903 -1.28 50.29 -19.45
N ASP C 904 -0.24 51.11 -19.63
CA ASP C 904 1.09 50.79 -19.09
C ASP C 904 1.37 51.42 -17.72
N THR C 905 0.37 52.06 -17.12
CA THR C 905 0.59 52.60 -15.80
C THR C 905 0.05 51.64 -14.75
N PRO C 906 0.72 51.54 -13.57
CA PRO C 906 0.20 50.67 -12.52
C PRO C 906 -1.25 51.00 -12.24
N HIS C 907 -2.09 49.97 -12.17
CA HIS C 907 -3.51 50.19 -12.01
C HIS C 907 -3.81 51.06 -10.77
N PRO C 908 -4.65 52.09 -10.94
CA PRO C 908 -4.88 53.11 -9.90
C PRO C 908 -5.63 52.59 -8.69
N ALA C 909 -5.34 53.16 -7.53
CA ALA C 909 -5.94 52.70 -6.28
C ALA C 909 -7.43 52.97 -6.24
N ARG C 910 -7.85 54.02 -6.93
CA ARG C 910 -9.28 54.34 -7.03
C ARG C 910 -9.54 55.25 -8.21
N ILE C 911 -10.81 55.31 -8.62
CA ILE C 911 -11.24 56.29 -9.58
C ILE C 911 -12.49 56.96 -8.99
N GLY C 912 -12.35 58.23 -8.63
CA GLY C 912 -13.44 58.95 -7.99
C GLY C 912 -13.29 60.45 -7.94
N LEU C 913 -14.06 61.07 -7.06
CA LEU C 913 -14.02 62.50 -6.83
C LEU C 913 -13.84 62.72 -5.34
N ASN C 914 -13.20 63.82 -4.99
CA ASN C 914 -13.15 64.25 -3.60
C ASN C 914 -13.23 65.76 -3.47
N CYS C 915 -13.67 66.19 -2.29
CA CYS C 915 -13.70 67.59 -1.89
C CYS C 915 -13.77 67.66 -0.37
N GLN C 916 -13.46 68.84 0.16
CA GLN C 916 -13.63 69.08 1.57
C GLN C 916 -14.87 69.94 1.77
N LEU C 917 -15.89 69.36 2.39
CA LEU C 917 -17.11 70.09 2.71
C LEU C 917 -16.92 70.92 3.98
N ALA C 918 -17.40 72.16 3.96
CA ALA C 918 -17.36 73.03 5.13
C ALA C 918 -18.27 72.51 6.25
N GLN C 919 -19.46 72.08 5.87
CA GLN C 919 -20.40 71.44 6.77
C GLN C 919 -19.71 70.36 7.63
N VAL C 920 -20.05 70.32 8.91
CA VAL C 920 -19.72 69.18 9.77
C VAL C 920 -20.99 68.77 10.47
N ALA C 921 -21.50 67.60 10.11
CA ALA C 921 -22.72 67.09 10.72
C ALA C 921 -22.41 66.00 11.72
N GLU C 922 -23.44 65.51 12.40
CA GLU C 922 -23.27 64.52 13.45
C GLU C 922 -23.56 63.10 12.96
N ARG C 923 -24.38 62.98 11.92
CA ARG C 923 -24.79 61.68 11.40
C ARG C 923 -24.37 61.46 9.95
N VAL C 924 -24.26 60.18 9.56
CA VAL C 924 -24.16 59.76 8.15
C VAL C 924 -25.24 58.70 7.87
N ASN C 925 -26.03 58.97 6.83
CA ASN C 925 -27.17 58.13 6.50
C ASN C 925 -26.96 57.67 5.07
N TRP C 926 -27.07 56.36 4.82
CA TRP C 926 -26.82 55.83 3.47
C TRP C 926 -27.59 54.57 3.08
N LEU C 927 -27.90 54.48 1.78
CA LEU C 927 -28.50 53.27 1.23
C LEU C 927 -27.47 52.48 0.45
N GLY C 928 -26.99 51.40 1.08
CA GLY C 928 -25.88 50.60 0.56
C GLY C 928 -25.36 49.55 1.53
N LEU C 929 -24.16 49.05 1.24
CA LEU C 929 -23.59 47.98 2.04
C LEU C 929 -23.04 48.54 3.34
N GLY C 930 -23.46 47.93 4.43
CA GLY C 930 -23.03 48.35 5.75
C GLY C 930 -23.40 47.27 6.74
N PRO C 931 -23.33 47.59 8.04
CA PRO C 931 -22.97 48.92 8.50
C PRO C 931 -21.46 49.18 8.60
N GLN C 932 -20.66 48.12 8.81
CA GLN C 932 -19.22 48.29 9.04
C GLN C 932 -18.48 48.60 7.75
N GLU C 933 -17.26 49.12 7.88
CA GLU C 933 -16.34 49.29 6.75
C GLU C 933 -16.33 48.08 5.80
N ASN C 934 -16.37 48.33 4.50
CA ASN C 934 -16.36 47.24 3.52
C ASN C 934 -15.75 47.66 2.20
N TYR C 935 -14.87 46.79 1.67
CA TYR C 935 -14.14 47.02 0.41
C TYR C 935 -14.52 45.96 -0.63
N PRO C 936 -14.20 46.21 -1.92
CA PRO C 936 -14.67 45.29 -2.96
C PRO C 936 -14.37 43.83 -2.69
N ASP C 937 -13.12 43.51 -2.35
CA ASP C 937 -12.77 42.12 -2.01
C ASP C 937 -12.97 41.78 -0.52
N ARG C 938 -13.62 42.68 0.21
CA ARG C 938 -14.08 42.39 1.57
C ARG C 938 -15.44 43.08 1.82
N LEU C 939 -16.49 42.56 1.18
CA LEU C 939 -17.84 43.15 1.32
C LEU C 939 -18.93 42.10 1.47
N THR C 940 -18.54 40.83 1.55
CA THR C 940 -19.52 39.75 1.65
C THR C 940 -20.32 39.84 2.95
N ALA C 941 -19.66 40.20 4.04
CA ALA C 941 -20.32 40.27 5.34
C ALA C 941 -21.29 41.43 5.48
N ALA C 942 -21.10 42.47 4.65
CA ALA C 942 -21.95 43.66 4.67
C ALA C 942 -23.32 43.41 4.04
N CYS C 943 -24.34 44.07 4.59
CA CYS C 943 -25.73 44.00 4.09
C CYS C 943 -26.19 45.32 3.46
N PHE C 944 -27.00 45.19 2.40
CA PHE C 944 -27.64 46.33 1.75
C PHE C 944 -28.88 46.73 2.56
N ASP C 945 -28.92 47.99 2.96
CA ASP C 945 -30.01 48.49 3.80
C ASP C 945 -29.81 49.99 4.01
N ARG C 946 -30.72 50.59 4.79
CA ARG C 946 -30.60 51.98 5.19
C ARG C 946 -29.82 52.01 6.49
N TRP C 947 -28.69 52.71 6.47
CA TRP C 947 -27.79 52.76 7.61
C TRP C 947 -27.61 54.17 8.14
N ASP C 948 -27.86 54.31 9.44
CA ASP C 948 -27.66 55.57 10.14
C ASP C 948 -26.57 55.33 11.18
N LEU C 949 -25.52 56.16 11.14
CA LEU C 949 -24.41 56.04 12.09
C LEU C 949 -23.80 57.40 12.43
N PRO C 950 -23.27 57.55 13.65
CA PRO C 950 -22.54 58.78 13.94
C PRO C 950 -21.30 58.88 13.07
N LEU C 951 -21.00 60.09 12.61
CA LEU C 951 -19.83 60.35 11.78
C LEU C 951 -18.58 59.57 12.21
N SER C 952 -18.31 59.56 13.52
CA SER C 952 -17.11 58.93 14.08
C SER C 952 -16.95 57.47 13.67
N ASP C 953 -18.07 56.77 13.50
CA ASP C 953 -18.06 55.34 13.09
C ASP C 953 -17.75 55.14 11.61
N MET C 954 -17.59 56.23 10.86
CA MET C 954 -17.23 56.14 9.45
C MET C 954 -15.73 56.27 9.26
N TYR C 955 -15.02 56.35 10.37
CA TYR C 955 -13.56 56.31 10.40
C TYR C 955 -13.14 55.08 11.19
N THR C 956 -12.13 54.37 10.71
CA THR C 956 -11.59 53.18 11.40
C THR C 956 -10.18 53.46 11.94
N PRO C 957 -10.04 53.45 13.29
CA PRO C 957 -8.80 53.82 13.94
C PRO C 957 -7.72 52.74 13.84
N TYR C 958 -7.24 52.51 12.62
CA TYR C 958 -6.10 51.63 12.43
C TYR C 958 -4.91 52.34 13.05
N VAL C 959 -4.15 51.61 13.87
CA VAL C 959 -3.06 52.23 14.63
C VAL C 959 -2.05 52.88 13.71
N PHE C 960 -1.64 52.17 12.66
CA PHE C 960 -1.04 52.83 11.52
C PHE C 960 -2.22 53.27 10.64
N PRO C 961 -2.36 54.59 10.44
CA PRO C 961 -3.50 55.03 9.66
C PRO C 961 -3.30 54.83 8.16
N SER C 962 -4.38 54.41 7.50
CA SER C 962 -4.43 54.27 6.04
C SER C 962 -5.81 54.64 5.53
N GLU C 963 -6.00 54.55 4.20
CA GLU C 963 -7.35 54.65 3.63
C GLU C 963 -8.28 53.73 4.41
N ASN C 964 -9.42 54.27 4.84
CA ASN C 964 -10.29 53.54 5.74
C ASN C 964 -11.73 54.00 5.66
N GLY C 965 -12.63 53.11 6.04
CA GLY C 965 -14.03 53.48 6.29
C GLY C 965 -14.91 53.45 5.06
N LEU C 966 -14.39 52.92 3.96
CA LEU C 966 -15.16 52.87 2.74
C LEU C 966 -16.35 51.94 2.91
N ARG C 967 -17.45 52.32 2.29
CA ARG C 967 -18.61 51.46 2.17
C ARG C 967 -18.90 51.32 0.69
N CYS C 968 -19.35 50.14 0.28
CA CYS C 968 -19.52 49.83 -1.12
C CYS C 968 -20.98 49.66 -1.52
N GLY C 969 -21.24 49.74 -2.82
CA GLY C 969 -22.58 49.59 -3.38
C GLY C 969 -23.58 50.56 -2.79
N THR C 970 -23.16 51.80 -2.61
CA THR C 970 -24.04 52.82 -2.06
C THR C 970 -24.82 53.53 -3.17
N ARG C 971 -26.15 53.54 -3.03
CA ARG C 971 -27.01 54.17 -4.03
C ARG C 971 -27.39 55.57 -3.62
N GLU C 972 -27.39 55.82 -2.31
CA GLU C 972 -27.77 57.12 -1.75
C GLU C 972 -26.96 57.38 -0.50
N LEU C 973 -26.30 58.53 -0.47
CA LEU C 973 -25.58 59.02 0.72
C LEU C 973 -26.17 60.35 1.21
N ASN C 974 -26.30 60.47 2.53
CA ASN C 974 -26.84 61.69 3.14
C ASN C 974 -25.94 62.28 4.24
N TYR C 975 -25.52 63.52 4.03
CA TYR C 975 -24.71 64.20 5.00
C TYR C 975 -25.23 65.63 5.20
N GLY C 976 -25.80 65.88 6.38
CA GLY C 976 -26.38 67.17 6.69
C GLY C 976 -27.42 67.54 5.65
N PRO C 977 -27.17 68.63 4.91
CA PRO C 977 -28.11 69.04 3.86
C PRO C 977 -27.95 68.24 2.56
N HIS C 978 -26.76 67.67 2.36
CA HIS C 978 -26.39 67.09 1.07
C HIS C 978 -26.88 65.68 0.84
N GLN C 979 -27.17 65.37 -0.42
CA GLN C 979 -27.51 64.02 -0.84
C GLN C 979 -26.91 63.71 -2.20
N TRP C 980 -26.16 62.62 -2.26
CA TRP C 980 -25.63 62.10 -3.52
C TRP C 980 -26.31 60.78 -3.87
N ARG C 981 -26.70 60.65 -5.13
CA ARG C 981 -27.29 59.40 -5.63
C ARG C 981 -26.45 58.84 -6.78
N GLY C 982 -26.48 57.53 -6.95
CA GLY C 982 -25.76 56.85 -8.04
C GLY C 982 -25.51 55.38 -7.73
N ASP C 983 -24.30 54.91 -8.07
CA ASP C 983 -23.84 53.57 -7.68
C ASP C 983 -22.34 53.67 -7.45
N PHE C 984 -21.97 53.80 -6.18
CA PHE C 984 -20.62 54.18 -5.84
C PHE C 984 -20.12 53.65 -4.48
N GLN C 985 -18.83 53.86 -4.23
CA GLN C 985 -18.24 53.60 -2.93
C GLN C 985 -17.87 54.97 -2.41
N PHE C 986 -17.81 55.09 -1.08
CA PHE C 986 -17.45 56.35 -0.44
C PHE C 986 -16.83 56.12 0.94
N ASN C 987 -15.99 57.05 1.39
CA ASN C 987 -15.66 57.16 2.81
C ASN C 987 -15.78 58.62 3.19
N ILE C 988 -15.98 58.88 4.48
CA ILE C 988 -16.30 60.23 4.97
C ILE C 988 -15.79 60.45 6.39
N SER C 989 -14.95 61.48 6.57
CA SER C 989 -14.27 61.68 7.84
C SER C 989 -13.66 63.08 7.99
N ARG C 990 -13.05 63.30 9.16
CA ARG C 990 -12.41 64.56 9.48
C ARG C 990 -10.91 64.55 9.16
N TYR C 991 -10.44 63.48 8.51
CA TYR C 991 -9.04 63.41 8.06
C TYR C 991 -8.95 63.33 6.55
N SER C 992 -8.02 64.08 5.97
CA SER C 992 -7.78 63.99 4.54
C SER C 992 -7.02 62.70 4.24
N GLN C 993 -7.00 62.32 2.96
CA GLN C 993 -6.15 61.22 2.49
C GLN C 993 -4.69 61.57 2.71
N GLN C 994 -4.34 62.84 2.47
CA GLN C 994 -2.98 63.32 2.64
C GLN C 994 -2.51 63.22 4.10
N GLN C 995 -3.39 63.54 5.05
CA GLN C 995 -3.01 63.47 6.45
C GLN C 995 -2.76 62.03 6.87
N LEU C 996 -3.73 61.14 6.62
CA LEU C 996 -3.60 59.72 6.93
C LEU C 996 -2.29 59.14 6.37
N MET C 997 -1.95 59.60 5.16
CA MET C 997 -0.74 59.17 4.48
C MET C 997 0.51 59.62 5.24
N GLU C 998 0.50 60.86 5.71
CA GLU C 998 1.69 61.48 6.30
C GLU C 998 1.86 61.22 7.80
N THR C 999 0.88 60.56 8.43
CA THR C 999 0.93 60.32 9.86
C THR C 999 1.18 58.84 10.18
N SER C 1000 2.13 58.59 11.08
CA SER C 1000 2.58 57.24 11.41
C SER C 1000 1.69 56.54 12.45
N HIS C 1001 1.18 57.30 13.42
CA HIS C 1001 0.33 56.74 14.46
C HIS C 1001 -1.01 57.44 14.48
N ARG C 1002 -2.05 56.73 14.88
CA ARG C 1002 -3.38 57.31 14.95
C ARG C 1002 -3.47 58.48 15.95
N HIS C 1003 -2.76 58.36 17.08
CA HIS C 1003 -2.86 59.34 18.16
C HIS C 1003 -2.32 60.73 17.77
N LEU C 1004 -1.71 60.85 16.60
CA LEU C 1004 -1.17 62.10 16.10
C LEU C 1004 -2.02 62.74 15.02
N LEU C 1005 -3.20 62.18 14.78
CA LEU C 1005 -4.10 62.74 13.77
C LEU C 1005 -4.97 63.82 14.41
N HIS C 1006 -5.08 64.95 13.71
CA HIS C 1006 -5.97 66.03 14.13
C HIS C 1006 -7.17 66.14 13.18
N ALA C 1007 -8.36 66.33 13.74
CA ALA C 1007 -9.54 66.64 12.93
C ALA C 1007 -9.25 67.89 12.11
N GLU C 1008 -9.65 67.88 10.85
CA GLU C 1008 -9.45 69.04 9.99
C GLU C 1008 -10.73 69.88 9.91
N GLU C 1009 -10.59 71.12 9.45
CA GLU C 1009 -11.73 72.02 9.23
C GLU C 1009 -12.67 71.37 8.22
N GLY C 1010 -13.92 71.17 8.61
CA GLY C 1010 -14.93 70.59 7.72
C GLY C 1010 -14.86 69.08 7.66
N THR C 1011 -15.48 68.51 6.62
CA THR C 1011 -15.55 67.05 6.40
C THR C 1011 -15.08 66.63 5.00
N TRP C 1012 -14.12 65.70 4.96
CA TRP C 1012 -13.60 65.15 3.71
C TRP C 1012 -14.44 64.01 3.16
N LEU C 1013 -14.81 64.13 1.89
CA LEU C 1013 -15.61 63.13 1.23
C LEU C 1013 -14.92 62.59 0.00
N ASN C 1014 -14.78 61.26 -0.05
CA ASN C 1014 -14.27 60.59 -1.23
C ASN C 1014 -15.37 59.73 -1.84
N ILE C 1015 -15.75 60.06 -3.08
CA ILE C 1015 -16.79 59.30 -3.80
C ILE C 1015 -16.18 58.59 -4.99
N ASP C 1016 -16.05 57.28 -4.83
CA ASP C 1016 -15.35 56.47 -5.79
C ASP C 1016 -16.34 55.80 -6.72
N GLY C 1017 -16.13 55.93 -8.02
CA GLY C 1017 -16.87 55.11 -8.96
C GLY C 1017 -16.37 53.68 -8.84
N PHE C 1018 -15.06 53.55 -8.64
CA PHE C 1018 -14.38 52.27 -8.55
C PHE C 1018 -13.24 52.36 -7.53
N HIS C 1019 -13.08 51.32 -6.73
CA HIS C 1019 -11.99 51.26 -5.74
C HIS C 1019 -11.27 49.93 -5.84
N MET C 1020 -9.94 49.97 -5.79
CA MET C 1020 -9.13 48.75 -5.86
C MET C 1020 -9.38 47.90 -4.63
N GLY C 1021 -9.13 46.60 -4.72
CA GLY C 1021 -9.23 45.71 -3.57
C GLY C 1021 -8.11 45.94 -2.56
N ILE C 1022 -8.17 45.23 -1.45
CA ILE C 1022 -7.27 45.51 -0.36
C ILE C 1022 -6.24 44.42 -0.08
N GLY C 1023 -6.30 43.33 -0.85
CA GLY C 1023 -5.39 42.20 -0.66
C GLY C 1023 -5.41 41.61 0.74
N GLY C 1024 -4.35 40.88 1.09
CA GLY C 1024 -4.20 40.32 2.42
C GLY C 1024 -3.99 38.84 2.54
N ASP C 1025 -3.74 38.14 1.42
CA ASP C 1025 -3.34 36.73 1.44
C ASP C 1025 -1.99 36.64 2.19
N ASP C 1026 -1.22 37.70 2.02
CA ASP C 1026 -0.08 38.05 2.86
C ASP C 1026 0.14 39.56 2.73
N SER C 1027 1.06 40.09 3.53
CA SER C 1027 1.28 41.53 3.54
C SER C 1027 2.68 41.92 3.09
N TRP C 1028 3.40 41.00 2.46
CA TRP C 1028 4.79 41.27 2.06
C TRP C 1028 5.07 41.17 0.56
N SER C 1029 4.05 40.81 -0.21
CA SER C 1029 4.10 40.96 -1.66
C SER C 1029 2.70 41.34 -2.16
N PRO C 1030 2.60 41.90 -3.37
CA PRO C 1030 1.27 42.24 -3.86
C PRO C 1030 0.31 41.07 -3.72
N SER C 1031 -0.89 41.34 -3.23
CA SER C 1031 -1.85 40.28 -2.95
C SER C 1031 -3.26 40.60 -3.42
N VAL C 1032 -3.42 41.70 -4.15
CA VAL C 1032 -4.75 42.04 -4.66
C VAL C 1032 -5.01 41.25 -5.91
N SER C 1033 -5.97 40.31 -5.80
CA SER C 1033 -6.31 39.44 -6.91
C SER C 1033 -6.75 40.22 -8.16
N ALA C 1034 -6.35 39.72 -9.33
CA ALA C 1034 -6.54 40.41 -10.63
C ALA C 1034 -7.94 41.01 -10.86
N GLU C 1035 -8.97 40.27 -10.49
CA GLU C 1035 -10.36 40.72 -10.69
C GLU C 1035 -10.76 41.93 -9.83
N PHE C 1036 -9.84 42.38 -8.96
CA PHE C 1036 -10.09 43.56 -8.08
C PHE C 1036 -9.11 44.72 -8.28
N GLN C 1037 -8.30 44.63 -9.32
CA GLN C 1037 -7.43 45.73 -9.72
C GLN C 1037 -8.18 46.49 -10.80
N LEU C 1038 -8.02 47.80 -10.84
CA LEU C 1038 -8.75 48.57 -11.83
C LEU C 1038 -7.98 48.62 -13.14
N SER C 1039 -8.19 47.60 -13.98
CA SER C 1039 -7.44 47.44 -15.22
C SER C 1039 -8.24 47.75 -16.49
N ALA C 1040 -9.53 48.00 -16.34
CA ALA C 1040 -10.44 48.18 -17.49
C ALA C 1040 -9.94 49.13 -18.59
N GLY C 1041 -9.31 50.24 -18.19
CA GLY C 1041 -8.78 51.21 -19.14
C GLY C 1041 -9.68 52.42 -19.29
N ARG C 1042 -10.98 52.17 -19.38
CA ARG C 1042 -11.99 53.19 -19.54
C ARG C 1042 -13.04 52.94 -18.48
N TYR C 1043 -13.35 53.95 -17.69
CA TYR C 1043 -14.29 53.81 -16.59
C TYR C 1043 -15.42 54.83 -16.66
N HIS C 1044 -16.59 54.43 -16.18
CA HIS C 1044 -17.75 55.30 -16.21
C HIS C 1044 -18.55 55.25 -14.90
N TYR C 1045 -18.82 56.43 -14.35
CA TYR C 1045 -19.75 56.57 -13.25
C TYR C 1045 -20.47 57.90 -13.34
N GLN C 1046 -21.63 57.97 -12.69
CA GLN C 1046 -22.48 59.14 -12.73
C GLN C 1046 -23.08 59.40 -11.36
N LEU C 1047 -23.13 60.67 -10.99
CA LEU C 1047 -23.67 61.10 -9.71
C LEU C 1047 -24.82 62.08 -9.88
N VAL C 1048 -25.70 62.12 -8.89
CA VAL C 1048 -26.63 63.24 -8.79
C VAL C 1048 -26.41 63.84 -7.42
N TRP C 1049 -26.09 65.13 -7.39
CA TRP C 1049 -25.93 65.91 -6.16
C TRP C 1049 -27.07 66.92 -6.00
N CYS C 1050 -27.76 66.84 -4.87
CA CYS C 1050 -28.83 67.79 -4.53
C CYS C 1050 -28.87 68.12 -3.03
N GLN C 1051 -29.46 69.26 -2.71
CA GLN C 1051 -29.70 69.63 -1.31
C GLN C 1051 -31.18 69.41 -0.99
N LYS C 1052 -31.46 68.39 -0.19
CA LYS C 1052 -32.84 68.08 0.22
C LYS C 1052 -33.28 68.93 1.42
N ARG D 42 -33.66 -20.70 -37.99
CA ARG D 42 -32.54 -20.00 -37.28
C ARG D 42 -32.46 -18.56 -37.77
N ARG D 43 -32.54 -17.63 -36.85
CA ARG D 43 -32.29 -16.21 -37.12
C ARG D 43 -31.14 -15.78 -36.21
N ASP D 44 -29.93 -15.87 -36.76
CA ASP D 44 -28.68 -15.66 -36.03
C ASP D 44 -28.45 -14.18 -35.74
N TRP D 45 -29.20 -13.35 -36.45
CA TRP D 45 -29.16 -11.92 -36.26
C TRP D 45 -30.09 -11.45 -35.16
N GLU D 46 -30.83 -12.38 -34.56
CA GLU D 46 -31.62 -12.08 -33.37
C GLU D 46 -31.19 -12.95 -32.22
N ASN D 47 -29.87 -13.13 -32.10
CA ASN D 47 -29.31 -14.03 -31.08
C ASN D 47 -27.90 -13.62 -30.75
N PRO D 48 -27.71 -13.06 -29.54
CA PRO D 48 -26.41 -12.54 -29.13
C PRO D 48 -25.46 -13.63 -28.62
N GLY D 49 -25.94 -14.88 -28.61
CA GLY D 49 -25.07 -16.04 -28.38
C GLY D 49 -24.41 -16.52 -29.67
N VAL D 50 -24.92 -16.05 -30.80
CA VAL D 50 -24.32 -16.31 -32.11
C VAL D 50 -23.89 -14.98 -32.71
N THR D 51 -22.59 -14.79 -32.84
CA THR D 51 -22.05 -13.52 -33.35
C THR D 51 -21.23 -13.77 -34.59
N GLN D 52 -20.92 -15.04 -34.81
CA GLN D 52 -20.30 -15.48 -36.06
C GLN D 52 -20.51 -16.98 -36.28
N LEU D 53 -20.30 -17.43 -37.51
CA LEU D 53 -20.21 -18.86 -37.80
C LEU D 53 -19.07 -19.11 -38.79
N ASN D 54 -18.17 -20.02 -38.43
CA ASN D 54 -17.01 -20.40 -39.27
C ASN D 54 -16.04 -19.24 -39.55
N ARG D 55 -16.07 -18.22 -38.69
CA ARG D 55 -15.15 -17.09 -38.80
C ARG D 55 -13.78 -17.46 -38.24
N LEU D 56 -12.74 -17.17 -39.03
CA LEU D 56 -11.35 -17.43 -38.65
C LEU D 56 -10.90 -16.52 -37.52
N ALA D 57 -9.87 -16.98 -36.80
CA ALA D 57 -9.28 -16.21 -35.71
C ALA D 57 -8.78 -14.84 -36.15
N ALA D 58 -9.01 -13.83 -35.31
CA ALA D 58 -8.52 -12.48 -35.58
C ALA D 58 -7.00 -12.38 -35.39
N HIS D 59 -6.40 -11.34 -35.98
CA HIS D 59 -4.95 -11.23 -36.02
C HIS D 59 -4.49 -9.83 -36.48
N PRO D 60 -3.18 -9.50 -36.30
CA PRO D 60 -2.59 -8.30 -36.88
C PRO D 60 -2.62 -8.34 -38.43
N PRO D 61 -2.36 -7.18 -39.08
CA PRO D 61 -2.44 -7.12 -40.54
C PRO D 61 -1.49 -8.08 -41.31
N PHE D 62 -2.09 -9.00 -42.06
CA PHE D 62 -1.39 -10.03 -42.83
C PHE D 62 -1.39 -9.75 -44.33
N ALA D 63 -0.33 -10.18 -45.00
CA ALA D 63 -0.16 -9.92 -46.43
C ALA D 63 0.48 -11.11 -47.16
N SER D 64 1.03 -12.04 -46.37
CA SER D 64 1.68 -13.24 -46.87
C SER D 64 2.61 -12.93 -48.02
N TRP D 65 3.62 -12.10 -47.74
CA TRP D 65 4.69 -11.86 -48.68
C TRP D 65 5.49 -13.13 -48.89
N ARG D 66 6.03 -13.29 -50.09
CA ARG D 66 6.88 -14.45 -50.42
C ARG D 66 8.26 -13.97 -50.82
N ASN D 67 8.50 -12.69 -50.68
CA ASN D 67 9.83 -12.15 -50.83
C ASN D 67 10.10 -11.21 -49.63
N SER D 68 11.18 -11.50 -48.92
CA SER D 68 11.55 -10.78 -47.71
C SER D 68 11.78 -9.30 -47.95
N GLU D 69 12.26 -8.97 -49.14
CA GLU D 69 12.54 -7.59 -49.50
C GLU D 69 11.23 -6.80 -49.73
N GLU D 70 10.23 -7.47 -50.29
CA GLU D 70 8.94 -6.82 -50.52
C GLU D 70 8.32 -6.47 -49.18
N ALA D 71 8.43 -7.39 -48.22
CA ALA D 71 7.88 -7.24 -46.89
C ALA D 71 8.52 -6.09 -46.14
N ARG D 72 9.84 -6.04 -46.17
CA ARG D 72 10.60 -5.00 -45.48
C ARG D 72 10.25 -3.63 -46.03
N THR D 73 10.18 -3.54 -47.35
CA THR D 73 9.88 -2.27 -47.99
C THR D 73 8.38 -1.99 -47.97
N ASP D 74 7.60 -2.95 -47.49
CA ASP D 74 6.14 -2.80 -47.37
C ASP D 74 5.43 -2.64 -48.73
N ARG D 75 6.00 -3.24 -49.76
CA ARG D 75 5.47 -3.10 -51.11
C ARG D 75 4.26 -4.00 -51.32
N PRO D 76 3.50 -3.80 -52.43
CA PRO D 76 2.37 -4.67 -52.74
C PRO D 76 2.73 -6.16 -52.69
N SER D 77 1.78 -6.98 -52.22
CA SER D 77 1.99 -8.42 -52.11
C SER D 77 1.10 -9.22 -53.07
N GLN D 78 1.74 -10.02 -53.90
CA GLN D 78 1.04 -10.85 -54.87
C GLN D 78 -0.04 -11.78 -54.26
N GLN D 79 -0.01 -11.98 -52.95
CA GLN D 79 -0.94 -12.89 -52.27
C GLN D 79 -2.10 -12.18 -51.59
N LEU D 80 -2.12 -10.85 -51.68
CA LEU D 80 -3.25 -10.07 -51.20
C LEU D 80 -3.87 -9.28 -52.35
N ARG D 81 -5.16 -9.48 -52.55
CA ARG D 81 -5.86 -8.89 -53.68
C ARG D 81 -7.06 -8.10 -53.21
N SER D 82 -7.22 -6.88 -53.71
CA SER D 82 -8.43 -6.11 -53.41
C SER D 82 -9.56 -6.53 -54.34
N LEU D 83 -10.72 -6.81 -53.74
CA LEU D 83 -11.95 -7.05 -54.51
C LEU D 83 -12.80 -5.77 -54.58
N ASN D 84 -12.17 -4.63 -54.32
CA ASN D 84 -12.89 -3.37 -54.36
C ASN D 84 -13.13 -2.98 -55.82
N GLY D 85 -14.26 -2.35 -56.08
CA GLY D 85 -14.65 -2.00 -57.43
C GLY D 85 -16.12 -2.26 -57.64
N GLU D 86 -16.45 -2.67 -58.86
CA GLU D 86 -17.84 -2.82 -59.25
C GLU D 86 -18.45 -4.13 -58.77
N TRP D 87 -19.53 -4.00 -58.02
CA TRP D 87 -20.26 -5.13 -57.46
C TRP D 87 -21.71 -5.05 -57.94
N ARG D 88 -22.45 -6.14 -57.81
CA ARG D 88 -23.87 -6.15 -58.12
C ARG D 88 -24.64 -6.12 -56.81
N PHE D 89 -25.62 -5.23 -56.72
CA PHE D 89 -26.36 -5.01 -55.49
C PHE D 89 -27.85 -4.90 -55.73
N ALA D 90 -28.64 -5.32 -54.75
CA ALA D 90 -30.10 -5.15 -54.78
C ALA D 90 -30.69 -5.06 -53.38
N TRP D 91 -31.58 -4.09 -53.19
CA TRP D 91 -32.21 -3.83 -51.91
C TRP D 91 -33.51 -4.62 -51.73
N PHE D 92 -33.79 -5.01 -50.49
CA PHE D 92 -35.03 -5.70 -50.16
C PHE D 92 -35.54 -5.21 -48.81
N PRO D 93 -36.86 -5.32 -48.57
CA PRO D 93 -37.43 -4.90 -47.28
C PRO D 93 -37.12 -5.82 -46.09
N ALA D 94 -36.85 -7.10 -46.36
CA ALA D 94 -36.59 -8.13 -45.35
C ALA D 94 -35.69 -9.22 -45.93
N PRO D 95 -35.09 -10.09 -45.08
CA PRO D 95 -34.34 -11.21 -45.66
C PRO D 95 -35.26 -12.29 -46.24
N GLU D 96 -36.47 -12.40 -45.71
CA GLU D 96 -37.45 -13.36 -46.18
C GLU D 96 -37.91 -13.05 -47.61
N ALA D 97 -37.65 -11.84 -48.08
CA ALA D 97 -38.01 -11.42 -49.43
C ALA D 97 -36.92 -11.72 -50.45
N VAL D 98 -35.78 -12.22 -49.97
CA VAL D 98 -34.67 -12.55 -50.86
C VAL D 98 -34.98 -13.85 -51.63
N PRO D 99 -35.05 -13.73 -52.97
CA PRO D 99 -35.36 -14.87 -53.83
C PRO D 99 -34.20 -15.83 -53.87
N GLU D 100 -34.49 -17.14 -53.80
CA GLU D 100 -33.45 -18.16 -53.80
C GLU D 100 -32.52 -18.10 -55.02
N SER D 101 -33.08 -17.83 -56.20
CA SER D 101 -32.29 -17.67 -57.43
C SER D 101 -30.98 -16.91 -57.19
N TRP D 102 -31.02 -15.93 -56.29
CA TRP D 102 -29.89 -15.04 -56.02
C TRP D 102 -28.61 -15.73 -55.54
N LEU D 103 -28.76 -16.86 -54.84
CA LEU D 103 -27.61 -17.64 -54.39
C LEU D 103 -26.84 -18.21 -55.56
N GLU D 104 -27.59 -18.71 -56.55
CA GLU D 104 -27.03 -19.46 -57.68
C GLU D 104 -26.50 -18.54 -58.79
N CYS D 105 -27.33 -17.63 -59.28
CA CYS D 105 -26.91 -16.62 -60.28
C CYS D 105 -27.52 -15.22 -60.11
N ASP D 106 -26.96 -14.26 -60.83
CA ASP D 106 -27.22 -12.83 -60.69
C ASP D 106 -28.68 -12.46 -60.86
N LEU D 107 -29.11 -11.42 -60.16
CA LEU D 107 -30.45 -10.86 -60.36
C LEU D 107 -30.44 -9.84 -61.50
N PRO D 108 -31.37 -9.99 -62.47
CA PRO D 108 -31.43 -9.01 -63.55
C PRO D 108 -31.98 -7.66 -63.07
N GLU D 109 -32.75 -7.69 -61.98
CA GLU D 109 -33.28 -6.49 -61.31
C GLU D 109 -32.23 -5.69 -60.52
N ALA D 110 -31.08 -6.30 -60.28
CA ALA D 110 -29.99 -5.65 -59.53
C ALA D 110 -29.31 -4.55 -60.32
N ASP D 111 -28.65 -3.63 -59.60
CA ASP D 111 -27.88 -2.55 -60.22
C ASP D 111 -26.39 -2.83 -60.05
N THR D 112 -25.56 -1.98 -60.65
CA THR D 112 -24.11 -2.09 -60.54
C THR D 112 -23.53 -0.93 -59.72
N VAL D 113 -23.08 -1.24 -58.51
CA VAL D 113 -22.63 -0.24 -57.56
C VAL D 113 -21.15 -0.43 -57.20
N VAL D 114 -20.52 0.64 -56.71
CA VAL D 114 -19.17 0.60 -56.19
C VAL D 114 -19.19 -0.05 -54.80
N VAL D 115 -18.20 -0.89 -54.54
CA VAL D 115 -17.86 -1.34 -53.21
C VAL D 115 -16.42 -0.88 -52.90
N PRO D 116 -16.16 -0.42 -51.66
CA PRO D 116 -17.10 -0.37 -50.55
C PRO D 116 -18.01 0.87 -50.63
N SER D 117 -19.16 0.77 -49.98
CA SER D 117 -20.10 1.88 -49.90
C SER D 117 -21.10 1.66 -48.79
N ASN D 118 -21.85 2.71 -48.47
CA ASN D 118 -23.08 2.60 -47.70
C ASN D 118 -24.26 2.76 -48.64
N TRP D 119 -25.20 1.81 -48.60
CA TRP D 119 -26.29 1.81 -49.56
C TRP D 119 -27.27 2.99 -49.45
N GLN D 120 -27.33 3.60 -48.27
CA GLN D 120 -28.11 4.83 -48.04
C GLN D 120 -27.53 6.00 -48.85
N MET D 121 -26.23 5.90 -49.16
CA MET D 121 -25.54 6.89 -49.98
C MET D 121 -25.79 6.69 -51.47
N HIS D 122 -26.38 5.56 -51.83
CA HIS D 122 -26.81 5.35 -53.21
C HIS D 122 -28.32 5.61 -53.34
N GLY D 123 -29.02 5.60 -52.21
CA GLY D 123 -30.41 6.04 -52.14
C GLY D 123 -31.45 4.94 -52.02
N TYR D 124 -31.03 3.74 -51.66
CA TYR D 124 -31.95 2.60 -51.53
C TYR D 124 -32.77 2.63 -50.25
N ASP D 125 -32.39 3.50 -49.32
CA ASP D 125 -33.20 3.85 -48.15
C ASP D 125 -32.55 5.03 -47.45
N ALA D 126 -33.14 5.45 -46.34
CA ALA D 126 -32.72 6.67 -45.67
C ALA D 126 -31.68 6.39 -44.57
N PRO D 127 -30.58 7.18 -44.56
CA PRO D 127 -29.73 7.24 -43.38
C PRO D 127 -30.54 7.83 -42.22
N ILE D 128 -30.33 7.34 -41.00
CA ILE D 128 -31.07 7.84 -39.84
C ILE D 128 -30.12 8.43 -38.81
N TYR D 129 -30.31 9.71 -38.50
CA TYR D 129 -29.55 10.30 -37.42
C TYR D 129 -30.32 10.30 -36.09
N THR D 130 -29.86 9.44 -35.19
CA THR D 130 -30.35 9.46 -33.82
C THR D 130 -29.19 9.43 -32.82
N ASN D 131 -29.33 10.25 -31.78
CA ASN D 131 -28.32 10.41 -30.74
C ASN D 131 -28.35 9.29 -29.70
N VAL D 132 -29.44 9.21 -28.93
CA VAL D 132 -29.48 8.29 -27.81
C VAL D 132 -30.48 7.18 -28.08
N THR D 133 -31.74 7.55 -28.31
CA THR D 133 -32.82 6.60 -28.56
C THR D 133 -32.42 5.67 -29.68
N TYR D 134 -32.50 4.37 -29.42
CA TYR D 134 -32.17 3.35 -30.43
C TYR D 134 -33.04 3.54 -31.67
N PRO D 135 -32.45 3.39 -32.87
CA PRO D 135 -33.19 3.51 -34.13
C PRO D 135 -34.30 2.45 -34.31
N ILE D 136 -34.25 1.39 -33.51
CA ILE D 136 -35.22 0.30 -33.55
C ILE D 136 -35.99 0.25 -32.22
N THR D 137 -37.02 -0.60 -32.13
CA THR D 137 -37.76 -0.76 -30.88
C THR D 137 -36.85 -1.47 -29.88
N VAL D 138 -36.80 -0.95 -28.65
CA VAL D 138 -35.90 -1.49 -27.65
C VAL D 138 -36.51 -2.73 -27.01
N ASN D 139 -36.25 -3.86 -27.65
CA ASN D 139 -36.77 -5.16 -27.24
C ASN D 139 -35.72 -6.24 -27.52
N PRO D 140 -34.66 -6.31 -26.69
CA PRO D 140 -33.54 -7.22 -26.92
C PRO D 140 -33.91 -8.68 -26.70
N PRO D 141 -33.36 -9.60 -27.53
CA PRO D 141 -32.41 -9.38 -28.60
C PRO D 141 -33.09 -9.32 -29.97
N PHE D 142 -34.32 -8.80 -29.99
CA PHE D 142 -35.11 -8.81 -31.20
C PHE D 142 -34.95 -7.53 -32.02
N VAL D 143 -35.14 -7.66 -33.32
CA VAL D 143 -35.10 -6.53 -34.25
C VAL D 143 -36.40 -6.44 -35.06
N PRO D 144 -36.59 -5.35 -35.83
CA PRO D 144 -37.78 -5.25 -36.69
C PRO D 144 -37.88 -6.40 -37.67
N THR D 145 -39.09 -6.93 -37.88
CA THR D 145 -39.31 -7.97 -38.89
C THR D 145 -39.18 -7.41 -40.34
N GLU D 146 -39.31 -6.09 -40.46
CA GLU D 146 -38.92 -5.41 -41.68
C GLU D 146 -37.49 -4.89 -41.54
N ASN D 147 -36.54 -5.74 -41.93
CA ASN D 147 -35.12 -5.48 -41.76
C ASN D 147 -34.40 -5.25 -43.10
N PRO D 148 -34.20 -3.96 -43.47
CA PRO D 148 -33.59 -3.63 -44.75
C PRO D 148 -32.37 -4.49 -45.07
N THR D 149 -32.47 -5.25 -46.16
CA THR D 149 -31.48 -6.26 -46.52
C THR D 149 -30.78 -5.93 -47.84
N GLY D 150 -29.45 -5.89 -47.78
CA GLY D 150 -28.64 -5.57 -48.96
C GLY D 150 -28.02 -6.81 -49.54
N CYS D 151 -28.37 -7.10 -50.79
CA CYS D 151 -27.87 -8.28 -51.45
C CYS D 151 -26.70 -7.90 -52.35
N TYR D 152 -25.52 -8.30 -51.94
CA TYR D 152 -24.30 -7.99 -52.65
C TYR D 152 -23.80 -9.28 -53.27
N SER D 153 -23.15 -9.16 -54.41
CA SER D 153 -22.65 -10.32 -55.14
C SER D 153 -21.51 -9.93 -56.06
N LEU D 154 -20.67 -10.90 -56.41
CA LEU D 154 -19.55 -10.63 -57.30
C LEU D 154 -19.09 -11.84 -58.12
N THR D 155 -19.12 -11.67 -59.45
CA THR D 155 -18.52 -12.62 -60.38
C THR D 155 -17.05 -12.26 -60.54
N PHE D 156 -16.16 -13.22 -60.27
CA PHE D 156 -14.72 -12.93 -60.23
C PHE D 156 -13.81 -14.12 -60.53
N ASN D 157 -12.60 -13.79 -60.96
CA ASN D 157 -11.60 -14.78 -61.38
C ASN D 157 -10.59 -15.13 -60.27
N VAL D 158 -10.30 -16.42 -60.13
CA VAL D 158 -9.21 -16.87 -59.24
C VAL D 158 -8.18 -17.68 -60.00
N ASP D 159 -6.91 -17.47 -59.64
CA ASP D 159 -5.79 -18.11 -60.30
C ASP D 159 -5.64 -19.60 -59.95
N GLU D 160 -5.21 -20.39 -60.94
CA GLU D 160 -5.00 -21.83 -60.80
C GLU D 160 -4.07 -22.19 -59.63
N SER D 161 -2.98 -21.44 -59.51
CA SER D 161 -1.98 -21.63 -58.44
C SER D 161 -2.59 -21.58 -57.04
N TRP D 162 -3.59 -20.72 -56.87
CA TRP D 162 -4.29 -20.55 -55.59
C TRP D 162 -5.19 -21.73 -55.22
N LEU D 163 -5.48 -22.60 -56.19
CA LEU D 163 -6.41 -23.70 -55.96
C LEU D 163 -5.75 -25.05 -55.73
N GLN D 164 -4.62 -25.29 -56.41
CA GLN D 164 -3.88 -26.54 -56.29
C GLN D 164 -3.22 -26.71 -54.92
N GLU D 165 -2.83 -25.59 -54.31
CA GLU D 165 -2.09 -25.56 -53.04
C GLU D 165 -2.49 -24.35 -52.20
N GLY D 166 -2.46 -24.50 -50.88
CA GLY D 166 -2.59 -23.36 -49.97
C GLY D 166 -3.99 -23.02 -49.49
N GLN D 167 -4.07 -21.97 -48.68
CA GLN D 167 -5.34 -21.51 -48.11
C GLN D 167 -5.73 -20.14 -48.71
N THR D 168 -6.99 -20.02 -49.10
CA THR D 168 -7.49 -18.77 -49.65
C THR D 168 -8.66 -18.34 -48.81
N ARG D 169 -8.52 -17.18 -48.20
CA ARG D 169 -9.55 -16.64 -47.34
C ARG D 169 -9.98 -15.29 -47.89
N ILE D 170 -11.21 -14.93 -47.58
CA ILE D 170 -11.75 -13.63 -47.91
C ILE D 170 -11.80 -12.77 -46.63
N ILE D 171 -11.63 -11.46 -46.80
CA ILE D 171 -11.58 -10.56 -45.67
C ILE D 171 -12.51 -9.37 -45.89
N PHE D 172 -13.54 -9.33 -45.06
CA PHE D 172 -14.45 -8.19 -45.02
C PHE D 172 -13.99 -7.29 -43.86
N ASP D 173 -13.36 -6.17 -44.19
CA ASP D 173 -12.85 -5.25 -43.19
C ASP D 173 -13.96 -4.61 -42.39
N GLY D 174 -15.15 -4.52 -42.98
CA GLY D 174 -16.29 -3.92 -42.29
C GLY D 174 -17.61 -4.10 -43.01
N VAL D 175 -18.55 -4.73 -42.30
CA VAL D 175 -19.89 -4.93 -42.83
C VAL D 175 -20.91 -4.57 -41.76
N ASN D 176 -21.73 -3.56 -42.08
CA ASN D 176 -22.72 -2.97 -41.15
C ASN D 176 -24.14 -3.45 -41.46
N SER D 177 -24.80 -4.15 -40.51
CA SER D 177 -24.23 -4.54 -39.24
C SER D 177 -23.92 -6.05 -39.14
N ALA D 178 -24.65 -6.88 -39.87
CA ALA D 178 -24.38 -8.31 -39.89
C ALA D 178 -24.52 -8.92 -41.29
N PHE D 179 -23.94 -10.10 -41.51
CA PHE D 179 -24.05 -10.74 -42.82
C PHE D 179 -23.96 -12.26 -42.83
N HIS D 180 -24.52 -12.86 -43.90
CA HIS D 180 -24.32 -14.26 -44.27
C HIS D 180 -23.55 -14.29 -45.59
N LEU D 181 -22.68 -15.29 -45.76
CA LEU D 181 -21.83 -15.39 -46.95
C LEU D 181 -22.00 -16.71 -47.69
N TRP D 182 -22.22 -16.61 -49.00
CA TRP D 182 -22.28 -17.79 -49.87
C TRP D 182 -21.22 -17.67 -50.95
N CYS D 183 -20.46 -18.73 -51.14
CA CYS D 183 -19.53 -18.76 -52.24
C CYS D 183 -19.96 -19.87 -53.21
N ASN D 184 -20.08 -19.50 -54.48
CA ASN D 184 -20.53 -20.41 -55.53
C ASN D 184 -21.85 -21.14 -55.25
N GLY D 185 -22.66 -20.60 -54.34
CA GLY D 185 -23.95 -21.20 -54.02
C GLY D 185 -23.94 -22.02 -52.73
N ARG D 186 -22.75 -22.40 -52.29
CA ARG D 186 -22.62 -23.05 -50.99
C ARG D 186 -22.46 -22.00 -49.87
N TRP D 187 -23.13 -22.24 -48.75
CA TRP D 187 -23.00 -21.38 -47.58
C TRP D 187 -21.61 -21.52 -46.95
N VAL D 188 -21.04 -20.37 -46.57
CA VAL D 188 -19.72 -20.29 -45.95
C VAL D 188 -19.82 -19.95 -44.46
N GLY D 189 -20.56 -18.90 -44.11
CA GLY D 189 -20.65 -18.48 -42.71
C GLY D 189 -21.28 -17.13 -42.45
N TYR D 190 -21.13 -16.65 -41.22
CA TYR D 190 -21.88 -15.50 -40.73
C TYR D 190 -21.02 -14.61 -39.83
N GLY D 191 -21.34 -13.31 -39.77
CA GLY D 191 -20.55 -12.35 -38.99
C GLY D 191 -21.24 -11.10 -38.42
N GLN D 192 -20.78 -10.68 -37.24
CA GLN D 192 -21.27 -9.48 -36.55
C GLN D 192 -20.12 -8.59 -36.00
N ASP D 193 -20.47 -7.41 -35.50
CA ASP D 193 -19.53 -6.33 -35.19
C ASP D 193 -19.07 -5.69 -36.50
N SER D 194 -19.63 -4.53 -36.77
CA SER D 194 -19.47 -3.89 -38.06
C SER D 194 -18.21 -3.06 -38.19
N ARG D 195 -17.27 -3.23 -37.28
CA ARG D 195 -16.10 -2.37 -37.31
C ARG D 195 -14.78 -3.13 -37.23
N LEU D 196 -14.85 -4.45 -37.38
CA LEU D 196 -13.65 -5.31 -37.38
C LEU D 196 -13.72 -6.35 -38.52
N PRO D 197 -12.57 -6.81 -39.01
CA PRO D 197 -12.64 -7.67 -40.17
C PRO D 197 -13.16 -9.08 -39.87
N SER D 198 -14.22 -9.47 -40.56
CA SER D 198 -14.67 -10.85 -40.60
C SER D 198 -13.94 -11.63 -41.72
N GLU D 199 -13.25 -12.71 -41.34
CA GLU D 199 -12.48 -13.50 -42.27
C GLU D 199 -12.98 -14.94 -42.33
N PHE D 200 -13.08 -15.48 -43.55
CA PHE D 200 -13.61 -16.82 -43.74
C PHE D 200 -12.78 -17.57 -44.75
N ASP D 201 -12.59 -18.86 -44.48
CA ASP D 201 -11.81 -19.71 -45.36
C ASP D 201 -12.66 -20.14 -46.54
N LEU D 202 -12.27 -19.74 -47.74
CA LEU D 202 -12.98 -20.09 -48.97
C LEU D 202 -12.37 -21.25 -49.71
N SER D 203 -11.23 -21.76 -49.23
CA SER D 203 -10.43 -22.76 -49.95
C SER D 203 -11.26 -23.90 -50.55
N ALA D 204 -12.15 -24.49 -49.75
CA ALA D 204 -12.94 -25.65 -50.19
C ALA D 204 -14.13 -25.31 -51.13
N PHE D 205 -14.35 -24.03 -51.37
CA PHE D 205 -15.53 -23.53 -52.08
C PHE D 205 -15.16 -23.04 -53.48
N LEU D 206 -13.89 -22.74 -53.66
CA LEU D 206 -13.42 -22.12 -54.87
C LEU D 206 -13.25 -23.12 -56.02
N ARG D 207 -13.30 -22.57 -57.23
CA ARG D 207 -13.30 -23.31 -58.48
C ARG D 207 -12.53 -22.49 -59.50
N ALA D 208 -11.82 -23.17 -60.40
CA ALA D 208 -11.04 -22.49 -61.43
C ALA D 208 -11.94 -21.75 -62.42
N GLY D 209 -11.51 -20.57 -62.84
CA GLY D 209 -12.27 -19.75 -63.76
C GLY D 209 -13.15 -18.73 -63.07
N GLU D 210 -14.47 -18.92 -63.16
CA GLU D 210 -15.45 -17.97 -62.63
C GLU D 210 -16.06 -18.45 -61.31
N ASN D 211 -16.01 -17.61 -60.29
CA ASN D 211 -16.66 -17.91 -59.03
C ASN D 211 -17.65 -16.82 -58.65
N ARG D 212 -18.56 -17.13 -57.74
CA ARG D 212 -19.55 -16.15 -57.30
C ARG D 212 -19.75 -16.04 -55.78
N LEU D 213 -19.51 -14.83 -55.27
CA LEU D 213 -19.78 -14.49 -53.89
C LEU D 213 -21.16 -13.89 -53.75
N ALA D 214 -21.89 -14.37 -52.75
CA ALA D 214 -23.23 -13.89 -52.44
C ALA D 214 -23.27 -13.49 -50.99
N VAL D 215 -23.35 -12.18 -50.76
CA VAL D 215 -23.30 -11.62 -49.42
C VAL D 215 -24.63 -10.97 -49.04
N MET D 216 -25.32 -11.54 -48.06
CA MET D 216 -26.55 -10.96 -47.56
C MET D 216 -26.24 -10.17 -46.28
N VAL D 217 -26.25 -8.84 -46.40
CA VAL D 217 -25.97 -7.94 -45.30
C VAL D 217 -27.29 -7.48 -44.66
N LEU D 218 -27.42 -7.72 -43.36
CA LEU D 218 -28.59 -7.25 -42.62
C LEU D 218 -28.31 -5.88 -42.05
N ARG D 219 -29.30 -4.98 -42.12
CA ARG D 219 -29.15 -3.66 -41.50
C ARG D 219 -29.17 -3.74 -39.97
N TRP D 220 -30.20 -4.38 -39.41
CA TRP D 220 -30.36 -4.51 -37.96
C TRP D 220 -30.10 -5.93 -37.50
N SER D 221 -29.52 -6.06 -36.30
CA SER D 221 -29.22 -7.36 -35.72
C SER D 221 -29.12 -7.23 -34.21
N ASP D 222 -28.88 -8.34 -33.53
CA ASP D 222 -28.68 -8.35 -32.09
C ASP D 222 -27.41 -7.55 -31.77
N GLY D 223 -26.60 -7.34 -32.81
CA GLY D 223 -25.40 -6.53 -32.72
C GLY D 223 -25.68 -5.04 -32.80
N SER D 224 -26.90 -4.66 -33.19
CA SER D 224 -27.24 -3.24 -33.22
C SER D 224 -27.39 -2.67 -31.82
N TYR D 225 -27.59 -3.56 -30.84
CA TYR D 225 -27.81 -3.13 -29.46
C TYR D 225 -26.52 -2.63 -28.81
N LEU D 226 -25.39 -3.11 -29.34
CA LEU D 226 -24.09 -2.68 -28.86
C LEU D 226 -23.49 -1.61 -29.77
N GLU D 227 -24.27 -1.15 -30.74
CA GLU D 227 -23.76 -0.14 -31.68
C GLU D 227 -24.56 1.16 -31.68
N ASP D 228 -24.85 1.69 -30.50
CA ASP D 228 -25.69 2.90 -30.36
C ASP D 228 -24.91 4.22 -30.29
N GLN D 229 -23.85 4.36 -31.10
CA GLN D 229 -23.06 5.59 -31.13
C GLN D 229 -23.88 6.74 -31.73
N ASP D 230 -23.60 7.96 -31.28
CA ASP D 230 -24.31 9.15 -31.76
C ASP D 230 -23.78 9.59 -33.11
N MET D 231 -24.38 9.04 -34.17
CA MET D 231 -23.94 9.28 -35.55
C MET D 231 -25.06 8.88 -36.48
N TRP D 232 -24.86 9.04 -37.79
CA TRP D 232 -25.76 8.44 -38.80
C TRP D 232 -25.74 6.93 -38.69
N ARG D 233 -26.90 6.32 -38.90
CA ARG D 233 -27.02 4.88 -38.84
C ARG D 233 -27.18 4.37 -40.24
N MET D 234 -26.09 3.84 -40.79
CA MET D 234 -26.07 3.38 -42.17
C MET D 234 -25.87 1.88 -42.19
N SER D 235 -25.50 1.33 -43.35
CA SER D 235 -25.28 -0.10 -43.50
C SER D 235 -24.73 -0.44 -44.86
N GLY D 236 -24.33 -1.71 -45.01
CA GLY D 236 -23.72 -2.20 -46.24
C GLY D 236 -22.30 -2.69 -46.05
N ILE D 237 -21.63 -2.95 -47.16
CA ILE D 237 -20.22 -3.35 -47.14
C ILE D 237 -19.37 -2.10 -47.32
N PHE D 238 -19.11 -1.42 -46.20
CA PHE D 238 -18.50 -0.09 -46.22
C PHE D 238 -16.98 -0.06 -46.03
N ARG D 239 -16.34 -1.23 -46.01
CA ARG D 239 -14.87 -1.29 -45.89
C ARG D 239 -14.29 -2.36 -46.78
N ASP D 240 -13.03 -2.16 -47.17
CA ASP D 240 -12.30 -3.06 -48.09
C ASP D 240 -12.72 -4.52 -48.01
N VAL D 241 -12.79 -5.16 -49.18
CA VAL D 241 -12.94 -6.61 -49.27
C VAL D 241 -11.70 -7.11 -49.98
N SER D 242 -11.16 -8.24 -49.53
CA SER D 242 -9.88 -8.72 -50.07
C SER D 242 -9.66 -10.21 -49.90
N LEU D 243 -8.88 -10.78 -50.83
CA LEU D 243 -8.46 -12.16 -50.72
C LEU D 243 -7.00 -12.24 -50.31
N LEU D 244 -6.73 -13.18 -49.42
CA LEU D 244 -5.39 -13.43 -48.95
C LEU D 244 -5.07 -14.92 -49.09
N HIS D 245 -3.93 -15.21 -49.71
CA HIS D 245 -3.48 -16.58 -49.90
C HIS D 245 -2.23 -16.91 -49.06
N LYS D 246 -2.45 -17.61 -47.96
CA LYS D 246 -1.38 -18.06 -47.07
C LYS D 246 -0.90 -19.41 -47.60
N PRO D 247 0.30 -19.86 -47.17
CA PRO D 247 0.64 -21.27 -47.32
C PRO D 247 -0.12 -22.09 -46.29
N THR D 248 -0.01 -23.42 -46.36
CA THR D 248 -0.65 -24.29 -45.38
C THR D 248 0.12 -24.30 -44.06
N THR D 249 1.44 -24.21 -44.17
CA THR D 249 2.30 -23.93 -43.04
C THR D 249 2.44 -22.40 -43.00
N GLN D 250 1.85 -21.78 -41.99
CA GLN D 250 1.69 -20.33 -41.99
C GLN D 250 1.95 -19.67 -40.64
N ILE D 251 2.43 -18.44 -40.68
CA ILE D 251 2.45 -17.51 -39.55
C ILE D 251 1.00 -17.14 -39.25
N SER D 252 0.50 -17.54 -38.08
CA SER D 252 -0.92 -17.33 -37.77
C SER D 252 -1.16 -16.17 -36.80
N ASP D 253 -0.10 -15.78 -36.10
CA ASP D 253 -0.16 -14.66 -35.18
C ASP D 253 1.23 -14.26 -34.74
N PHE D 254 1.39 -12.98 -34.40
CA PHE D 254 2.65 -12.45 -33.85
C PHE D 254 2.48 -11.14 -33.06
N HIS D 255 3.15 -11.06 -31.91
CA HIS D 255 3.03 -9.88 -31.06
C HIS D 255 4.39 -9.26 -30.83
N VAL D 256 4.48 -7.95 -31.04
CA VAL D 256 5.71 -7.22 -30.80
C VAL D 256 5.59 -6.41 -29.51
N ALA D 257 6.62 -6.52 -28.66
CA ALA D 257 6.71 -5.79 -27.39
C ALA D 257 8.11 -5.19 -27.28
N THR D 258 8.22 -4.02 -26.65
CA THR D 258 9.54 -3.44 -26.38
C THR D 258 9.65 -2.98 -24.93
N ARG D 259 10.68 -3.46 -24.23
CA ARG D 259 11.01 -3.00 -22.87
C ARG D 259 12.33 -2.22 -22.87
N PHE D 260 12.55 -1.43 -21.81
CA PHE D 260 13.68 -0.52 -21.73
C PHE D 260 14.35 -0.53 -20.35
N ASN D 261 15.61 -0.11 -20.29
CA ASN D 261 16.30 0.16 -19.03
C ASN D 261 15.86 1.51 -18.47
N ASP D 262 16.42 1.93 -17.34
CA ASP D 262 15.95 3.15 -16.66
C ASP D 262 15.96 4.45 -17.50
N ASP D 263 16.87 4.54 -18.48
CA ASP D 263 17.01 5.78 -19.25
C ASP D 263 16.77 5.65 -20.75
N PHE D 264 16.29 4.49 -21.18
CA PHE D 264 15.88 4.25 -22.58
C PHE D 264 17.06 4.22 -23.55
N SER D 265 18.24 3.99 -23.01
CA SER D 265 19.45 3.83 -23.80
C SER D 265 19.57 2.40 -24.34
N ARG D 266 18.87 1.46 -23.68
CA ARG D 266 18.94 0.03 -24.05
C ARG D 266 17.55 -0.59 -24.06
N ALA D 267 17.25 -1.32 -25.13
CA ALA D 267 15.93 -1.91 -25.33
C ALA D 267 15.98 -3.38 -25.80
N VAL D 268 14.96 -4.13 -25.42
CA VAL D 268 14.79 -5.51 -25.84
C VAL D 268 13.47 -5.62 -26.62
N LEU D 269 13.55 -6.03 -27.88
CA LEU D 269 12.34 -6.32 -28.65
C LEU D 269 11.99 -7.79 -28.50
N GLU D 270 10.72 -8.06 -28.21
CA GLU D 270 10.22 -9.42 -28.00
C GLU D 270 9.11 -9.76 -28.99
N ALA D 271 9.39 -10.68 -29.90
CA ALA D 271 8.41 -11.12 -30.87
C ALA D 271 7.96 -12.54 -30.58
N GLU D 272 6.70 -12.69 -30.20
CA GLU D 272 6.09 -14.01 -30.09
C GLU D 272 5.47 -14.32 -31.44
N VAL D 273 5.67 -15.52 -31.93
CA VAL D 273 5.16 -15.90 -33.24
C VAL D 273 4.42 -17.23 -33.10
N GLN D 274 3.20 -17.25 -33.62
CA GLN D 274 2.39 -18.48 -33.65
C GLN D 274 2.18 -18.95 -35.09
N MET D 275 1.95 -20.25 -35.23
CA MET D 275 1.73 -20.84 -36.53
C MET D 275 0.55 -21.82 -36.54
N CYS D 276 0.03 -22.06 -37.74
CA CYS D 276 -0.89 -23.16 -37.98
C CYS D 276 -0.26 -24.07 -39.04
N GLY D 277 -0.70 -25.33 -39.07
CA GLY D 277 -0.19 -26.27 -40.07
C GLY D 277 0.58 -27.41 -39.46
N GLU D 278 1.44 -28.03 -40.26
CA GLU D 278 2.16 -29.17 -39.75
C GLU D 278 3.56 -28.76 -39.28
N LEU D 279 3.88 -29.13 -38.04
CA LEU D 279 5.20 -28.87 -37.46
C LEU D 279 6.26 -29.73 -38.10
N ARG D 280 7.43 -29.16 -38.34
CA ARG D 280 8.55 -29.95 -38.83
C ARG D 280 9.83 -29.49 -38.15
N ASP D 281 10.78 -30.40 -37.99
CA ASP D 281 12.02 -30.08 -37.31
C ASP D 281 12.91 -29.11 -38.10
N TYR D 282 12.58 -28.90 -39.36
CA TYR D 282 13.36 -27.97 -40.19
C TYR D 282 12.82 -26.52 -40.15
N LEU D 283 11.61 -26.36 -39.62
CA LEU D 283 11.00 -25.04 -39.50
C LEU D 283 11.76 -24.12 -38.55
N ARG D 284 11.78 -22.84 -38.92
CA ARG D 284 12.44 -21.81 -38.16
C ARG D 284 11.67 -20.50 -38.36
N VAL D 285 11.82 -19.59 -37.41
CA VAL D 285 11.28 -18.24 -37.53
C VAL D 285 12.40 -17.24 -37.30
N THR D 286 12.58 -16.33 -38.24
CA THR D 286 13.57 -15.28 -38.09
C THR D 286 12.92 -13.90 -38.02
N VAL D 287 13.20 -13.20 -36.92
CA VAL D 287 12.74 -11.84 -36.78
C VAL D 287 13.96 -10.93 -36.87
N SER D 288 13.92 -10.04 -37.85
CA SER D 288 15.00 -9.11 -38.10
C SER D 288 14.45 -7.69 -38.03
N LEU D 289 15.25 -6.78 -37.48
CA LEU D 289 14.81 -5.42 -37.24
C LEU D 289 15.58 -4.44 -38.09
N TRP D 290 14.85 -3.78 -38.98
CA TRP D 290 15.45 -2.86 -39.94
C TRP D 290 15.09 -1.43 -39.61
N GLN D 291 16.12 -0.60 -39.51
CA GLN D 291 15.92 0.84 -39.43
C GLN D 291 16.41 1.35 -40.76
N GLY D 292 15.50 1.87 -41.58
CA GLY D 292 15.84 2.25 -42.94
C GLY D 292 16.33 1.02 -43.68
N GLU D 293 17.46 1.14 -44.37
CA GLU D 293 17.99 -0.02 -45.08
C GLU D 293 19.11 -0.72 -44.31
N THR D 294 19.24 -0.39 -43.03
CA THR D 294 20.17 -1.07 -42.14
C THR D 294 19.47 -2.06 -41.23
N GLN D 295 19.98 -3.29 -41.20
CA GLN D 295 19.55 -4.32 -40.27
C GLN D 295 20.23 -4.05 -38.93
N VAL D 296 19.43 -3.76 -37.91
CA VAL D 296 19.97 -3.39 -36.61
C VAL D 296 20.18 -4.64 -35.75
N ALA D 297 19.23 -5.56 -35.84
CA ALA D 297 19.28 -6.78 -35.05
C ALA D 297 18.46 -7.89 -35.68
N SER D 298 18.78 -9.13 -35.29
CA SER D 298 18.17 -10.32 -35.87
C SER D 298 18.21 -11.51 -34.91
N GLY D 299 17.12 -12.26 -34.89
CA GLY D 299 17.06 -13.50 -34.12
C GLY D 299 16.40 -14.63 -34.89
N THR D 300 16.94 -15.83 -34.72
CA THR D 300 16.42 -17.03 -35.36
C THR D 300 16.32 -18.18 -34.35
N ALA D 301 15.18 -18.86 -34.31
CA ALA D 301 15.01 -20.02 -33.44
C ALA D 301 13.91 -20.96 -33.97
N PRO D 302 13.96 -22.24 -33.57
CA PRO D 302 12.93 -23.19 -33.98
C PRO D 302 11.72 -23.11 -33.06
N PHE D 303 10.65 -23.80 -33.45
CA PHE D 303 9.44 -23.79 -32.67
C PHE D 303 9.55 -24.61 -31.39
N GLY D 304 8.84 -24.16 -30.37
CA GLY D 304 8.90 -24.76 -29.06
C GLY D 304 9.22 -23.67 -28.07
N GLY D 305 8.16 -23.00 -27.60
CA GLY D 305 8.26 -22.01 -26.55
C GLY D 305 8.52 -22.63 -25.19
N GLU D 306 8.89 -21.81 -24.22
CA GLU D 306 9.26 -22.26 -22.89
C GLU D 306 8.13 -23.06 -22.21
N ILE D 307 8.50 -23.85 -21.22
CA ILE D 307 7.52 -24.60 -20.42
C ILE D 307 6.65 -23.62 -19.61
N ILE D 308 5.34 -23.62 -19.87
CA ILE D 308 4.45 -22.67 -19.20
C ILE D 308 3.62 -23.23 -18.04
N ASP D 309 3.27 -24.51 -18.11
CA ASP D 309 2.63 -25.20 -16.96
C ASP D 309 2.97 -26.68 -16.90
N GLU D 310 2.21 -27.42 -16.09
CA GLU D 310 2.43 -28.85 -15.86
C GLU D 310 2.47 -29.70 -17.14
N ARG D 311 1.70 -29.31 -18.14
CA ARG D 311 1.60 -30.09 -19.39
C ARG D 311 2.61 -29.67 -20.49
N GLY D 312 3.55 -28.80 -20.14
CA GLY D 312 4.58 -28.37 -21.07
C GLY D 312 4.38 -26.96 -21.57
N GLY D 313 4.58 -26.77 -22.87
CA GLY D 313 4.47 -25.44 -23.45
C GLY D 313 3.87 -25.49 -24.83
N TYR D 314 3.72 -24.33 -25.44
CA TYR D 314 3.21 -24.26 -26.81
C TYR D 314 4.27 -24.71 -27.81
N ALA D 315 4.08 -25.89 -28.39
CA ALA D 315 5.00 -26.39 -29.42
C ALA D 315 4.85 -25.66 -30.76
N ASP D 316 3.70 -24.97 -30.92
CA ASP D 316 3.41 -24.19 -32.12
C ASP D 316 3.81 -22.72 -32.00
N ARG D 317 4.74 -22.41 -31.11
CA ARG D 317 5.11 -21.03 -30.83
C ARG D 317 6.59 -20.85 -30.59
N VAL D 318 7.06 -19.63 -30.82
CA VAL D 318 8.44 -19.26 -30.51
C VAL D 318 8.53 -17.77 -30.18
N THR D 319 9.44 -17.42 -29.28
CA THR D 319 9.63 -16.03 -28.88
C THR D 319 11.07 -15.60 -29.08
N LEU D 320 11.25 -14.61 -29.94
CA LEU D 320 12.56 -14.08 -30.25
C LEU D 320 12.84 -12.83 -29.40
N ARG D 321 14.03 -12.77 -28.82
CA ARG D 321 14.46 -11.57 -28.10
C ARG D 321 15.65 -10.94 -28.79
N LEU D 322 15.51 -9.69 -29.22
CA LEU D 322 16.60 -8.96 -29.87
C LEU D 322 16.96 -7.74 -29.05
N ASN D 323 18.26 -7.59 -28.76
CA ASN D 323 18.77 -6.42 -28.06
C ASN D 323 18.93 -5.27 -29.03
N VAL D 324 18.46 -4.10 -28.62
CA VAL D 324 18.66 -2.87 -29.39
C VAL D 324 19.36 -1.82 -28.52
N GLU D 325 20.54 -1.39 -28.97
CA GLU D 325 21.30 -0.36 -28.27
C GLU D 325 20.94 1.01 -28.82
N ASN D 326 20.71 1.97 -27.92
CA ASN D 326 20.36 3.35 -28.28
C ASN D 326 19.27 3.45 -29.34
N PRO D 327 18.09 2.91 -29.02
CA PRO D 327 17.02 2.89 -29.97
C PRO D 327 16.45 4.28 -30.16
N LYS D 328 16.18 4.65 -31.41
CA LYS D 328 15.44 5.87 -31.70
C LYS D 328 14.00 5.69 -31.19
N LEU D 329 13.58 6.58 -30.29
CA LEU D 329 12.28 6.44 -29.62
C LEU D 329 11.10 7.03 -30.38
N TRP D 330 9.94 6.42 -30.21
CA TRP D 330 8.75 6.84 -30.92
C TRP D 330 7.92 7.80 -30.07
N SER D 331 7.43 8.86 -30.70
CA SER D 331 6.53 9.80 -30.08
C SER D 331 5.72 10.50 -31.15
N ALA D 332 4.71 11.26 -30.73
CA ALA D 332 3.97 12.14 -31.62
C ALA D 332 4.88 13.26 -32.12
N GLU D 333 5.86 13.63 -31.33
CA GLU D 333 6.76 14.72 -31.65
C GLU D 333 7.77 14.29 -32.71
N ILE D 334 8.20 13.04 -32.61
CA ILE D 334 9.17 12.43 -33.51
C ILE D 334 8.76 10.98 -33.69
N PRO D 335 8.06 10.68 -34.79
CA PRO D 335 7.57 9.32 -35.00
C PRO D 335 8.60 8.38 -35.63
N ASN D 336 9.75 8.25 -34.97
CA ASN D 336 10.76 7.27 -35.34
C ASN D 336 10.20 5.85 -35.43
N LEU D 337 10.40 5.22 -36.58
CA LEU D 337 9.94 3.84 -36.77
C LEU D 337 11.05 2.90 -37.18
N TYR D 338 10.82 1.62 -36.92
CA TYR D 338 11.71 0.57 -37.34
C TYR D 338 10.86 -0.40 -38.14
N ARG D 339 11.50 -1.25 -38.93
CA ARG D 339 10.79 -2.27 -39.67
C ARG D 339 11.08 -3.67 -39.12
N ALA D 340 10.01 -4.38 -38.73
CA ALA D 340 10.14 -5.74 -38.21
C ALA D 340 9.72 -6.76 -39.26
N VAL D 341 10.62 -7.66 -39.64
CA VAL D 341 10.25 -8.72 -40.60
C VAL D 341 10.20 -10.11 -39.91
N VAL D 342 9.03 -10.75 -39.98
CA VAL D 342 8.83 -12.10 -39.46
C VAL D 342 8.84 -13.12 -40.60
N GLU D 343 9.89 -13.93 -40.65
CA GLU D 343 10.07 -14.95 -41.72
C GLU D 343 9.83 -16.37 -41.23
N LEU D 344 8.78 -17.03 -41.74
CA LEU D 344 8.61 -18.47 -41.53
C LEU D 344 9.40 -19.17 -42.61
N HIS D 345 10.46 -19.87 -42.21
CA HIS D 345 11.36 -20.49 -43.18
C HIS D 345 11.90 -21.85 -42.75
N THR D 346 12.85 -22.35 -43.51
CA THR D 346 13.48 -23.61 -43.21
C THR D 346 14.96 -23.41 -42.88
N ALA D 347 15.45 -24.22 -41.95
CA ALA D 347 16.85 -24.20 -41.49
C ALA D 347 17.88 -24.10 -42.62
N ASP D 348 17.57 -24.71 -43.77
CA ASP D 348 18.48 -24.74 -44.93
C ASP D 348 18.42 -23.48 -45.81
N GLY D 349 17.42 -22.62 -45.56
CA GLY D 349 17.38 -21.34 -46.24
C GLY D 349 16.12 -20.95 -47.01
N THR D 350 15.13 -21.84 -47.06
CA THR D 350 13.95 -21.59 -47.90
C THR D 350 12.80 -20.88 -47.17
N LEU D 351 12.44 -19.71 -47.70
CA LEU D 351 11.30 -18.94 -47.20
C LEU D 351 9.99 -19.65 -47.47
N ILE D 352 9.14 -19.71 -46.45
CA ILE D 352 7.79 -20.22 -46.62
C ILE D 352 6.86 -19.05 -46.73
N GLU D 353 6.99 -18.09 -45.82
CA GLU D 353 6.25 -16.83 -45.93
C GLU D 353 6.80 -15.75 -45.01
N ALA D 354 6.43 -14.51 -45.28
CA ALA D 354 6.88 -13.38 -44.50
C ALA D 354 5.72 -12.48 -44.10
N GLU D 355 5.78 -11.93 -42.89
CA GLU D 355 4.91 -10.83 -42.44
C GLU D 355 5.76 -9.72 -41.82
N ALA D 356 5.16 -8.57 -41.53
CA ALA D 356 5.93 -7.41 -41.07
C ALA D 356 5.05 -6.34 -40.42
N CYS D 357 5.68 -5.37 -39.78
CA CYS D 357 4.98 -4.24 -39.18
C CYS D 357 5.96 -3.13 -38.87
N ASP D 358 5.45 -1.92 -38.77
CA ASP D 358 6.28 -0.81 -38.30
C ASP D 358 6.37 -0.95 -36.79
N VAL D 359 7.57 -0.80 -36.26
CA VAL D 359 7.79 -0.88 -34.82
C VAL D 359 8.19 0.48 -34.30
N GLY D 360 7.48 0.93 -33.27
CA GLY D 360 7.86 2.14 -32.55
C GLY D 360 8.35 1.75 -31.17
N PHE D 361 9.62 2.04 -30.88
CA PHE D 361 10.13 1.82 -29.53
C PHE D 361 9.61 2.90 -28.57
N ARG D 362 8.66 2.52 -27.71
CA ARG D 362 8.09 3.44 -26.74
C ARG D 362 7.49 2.68 -25.57
N GLU D 363 7.48 3.30 -24.38
CA GLU D 363 6.92 2.71 -23.17
C GLU D 363 5.82 3.61 -22.61
N VAL D 364 4.64 3.02 -22.38
CA VAL D 364 3.48 3.78 -21.90
C VAL D 364 3.08 3.25 -20.52
N ARG D 365 3.39 4.00 -19.46
CA ARG D 365 2.96 3.56 -18.12
C ARG D 365 2.41 4.70 -17.26
N ILE D 366 1.71 4.32 -16.22
CA ILE D 366 1.19 5.25 -15.26
C ILE D 366 1.96 5.05 -13.97
N GLU D 367 2.83 6.00 -13.64
CA GLU D 367 3.51 5.97 -12.37
C GLU D 367 3.10 7.18 -11.56
N ASN D 368 2.89 6.94 -10.26
CA ASN D 368 2.64 7.98 -9.29
C ASN D 368 1.53 8.98 -9.70
N GLY D 369 0.51 8.47 -10.37
CA GLY D 369 -0.63 9.29 -10.74
C GLY D 369 -0.51 10.05 -12.04
N LEU D 370 0.61 9.86 -12.75
CA LEU D 370 0.85 10.54 -14.01
C LEU D 370 1.02 9.54 -15.16
N LEU D 371 0.58 9.94 -16.36
CA LEU D 371 0.71 9.10 -17.55
C LEU D 371 1.96 9.49 -18.30
N LEU D 372 2.91 8.55 -18.37
CA LEU D 372 4.23 8.80 -18.96
C LEU D 372 4.48 8.07 -20.29
N LEU D 373 5.12 8.77 -21.22
CA LEU D 373 5.56 8.16 -22.46
C LEU D 373 7.06 8.31 -22.50
N ASN D 374 7.78 7.18 -22.50
CA ASN D 374 9.22 7.21 -22.37
C ASN D 374 9.60 8.03 -21.13
N GLY D 375 8.83 7.86 -20.05
CA GLY D 375 9.14 8.44 -18.76
C GLY D 375 8.88 9.93 -18.62
N LYS D 376 8.17 10.53 -19.57
CA LYS D 376 7.80 11.94 -19.48
C LYS D 376 6.30 12.11 -19.45
N PRO D 377 5.79 13.06 -18.63
CA PRO D 377 4.36 13.23 -18.53
C PRO D 377 3.77 13.90 -19.76
N LEU D 378 2.86 13.18 -20.41
CA LEU D 378 2.13 13.67 -21.58
C LEU D 378 1.12 14.76 -21.27
N LEU D 379 0.91 15.62 -22.26
CA LEU D 379 -0.16 16.59 -22.26
C LEU D 379 -1.00 16.41 -23.54
N ILE D 380 -2.12 15.70 -23.40
CA ILE D 380 -2.98 15.32 -24.53
C ILE D 380 -3.75 16.48 -25.16
N ARG D 381 -3.21 17.01 -26.26
CA ARG D 381 -3.97 17.89 -27.13
C ARG D 381 -4.73 17.03 -28.13
N GLY D 382 -5.86 16.48 -27.68
CA GLY D 382 -6.53 15.42 -28.41
C GLY D 382 -7.83 15.87 -29.02
N VAL D 383 -8.46 14.98 -29.79
CA VAL D 383 -9.74 15.24 -30.41
C VAL D 383 -10.39 13.92 -30.79
N ASN D 384 -11.68 13.78 -30.50
CA ASN D 384 -12.48 12.67 -31.01
C ASN D 384 -12.73 12.83 -32.50
N ARG D 385 -12.64 11.72 -33.23
CA ARG D 385 -12.84 11.72 -34.67
C ARG D 385 -13.72 10.56 -35.07
N HIS D 386 -14.90 10.88 -35.61
CA HIS D 386 -15.73 9.89 -36.25
C HIS D 386 -15.23 9.68 -37.67
N GLU D 387 -15.51 8.51 -38.22
CA GLU D 387 -15.18 8.25 -39.60
C GLU D 387 -16.33 8.75 -40.47
N HIS D 388 -16.21 10.01 -40.92
CA HIS D 388 -17.29 10.67 -41.68
C HIS D 388 -16.85 11.33 -43.00
N HIS D 389 -17.65 11.12 -44.04
CA HIS D 389 -17.46 11.81 -45.33
C HIS D 389 -18.81 12.34 -45.87
N PRO D 390 -18.85 13.62 -46.31
CA PRO D 390 -20.15 14.21 -46.71
C PRO D 390 -20.83 13.55 -47.91
N LEU D 391 -20.05 12.96 -48.81
CA LEU D 391 -20.56 12.28 -50.00
C LEU D 391 -20.60 10.78 -49.83
N HIS D 392 -19.52 10.20 -49.28
CA HIS D 392 -19.37 8.74 -49.20
C HIS D 392 -19.89 8.09 -47.92
N GLY D 393 -20.29 8.91 -46.95
CA GLY D 393 -20.83 8.41 -45.70
C GLY D 393 -19.73 7.97 -44.76
N GLN D 394 -19.82 6.72 -44.30
CA GLN D 394 -18.86 6.19 -43.35
C GLN D 394 -17.77 5.37 -44.03
N VAL D 395 -17.65 5.53 -45.35
CA VAL D 395 -16.60 4.87 -46.11
C VAL D 395 -15.34 5.71 -46.05
N MET D 396 -14.28 5.14 -45.51
CA MET D 396 -13.01 5.86 -45.42
C MET D 396 -12.06 5.60 -46.59
N ASP D 397 -11.46 6.68 -47.11
CA ASP D 397 -10.43 6.62 -48.14
C ASP D 397 -9.11 7.25 -47.66
N GLU D 398 -7.99 6.88 -48.28
CA GLU D 398 -6.68 7.39 -47.85
C GLU D 398 -6.58 8.91 -47.89
N GLN D 399 -6.94 9.51 -49.01
CA GLN D 399 -6.81 10.95 -49.19
C GLN D 399 -7.45 11.75 -48.02
N THR D 400 -8.64 11.36 -47.59
CA THR D 400 -9.36 12.05 -46.51
C THR D 400 -8.68 11.89 -45.15
N MET D 401 -8.11 10.71 -44.91
CA MET D 401 -7.35 10.44 -43.69
C MET D 401 -6.12 11.31 -43.60
N VAL D 402 -5.33 11.33 -44.68
CA VAL D 402 -4.14 12.15 -44.76
C VAL D 402 -4.51 13.62 -44.53
N GLN D 403 -5.53 14.07 -45.24
CA GLN D 403 -6.10 15.40 -45.04
C GLN D 403 -6.38 15.69 -43.56
N ASP D 404 -7.10 14.80 -42.88
CA ASP D 404 -7.37 15.02 -41.45
C ASP D 404 -6.09 15.13 -40.59
N ILE D 405 -5.15 14.22 -40.81
CA ILE D 405 -3.93 14.20 -40.03
C ILE D 405 -3.10 15.47 -40.23
N LEU D 406 -3.08 15.96 -41.46
CA LEU D 406 -2.38 17.23 -41.74
C LEU D 406 -3.01 18.39 -40.94
N LEU D 407 -4.33 18.56 -41.02
CA LEU D 407 -5.01 19.64 -40.29
C LEU D 407 -4.90 19.51 -38.78
N MET D 408 -5.00 18.28 -38.29
CA MET D 408 -4.87 18.00 -36.87
C MET D 408 -3.51 18.42 -36.35
N LYS D 409 -2.45 17.83 -36.91
CA LYS D 409 -1.10 18.18 -36.53
C LYS D 409 -0.79 19.65 -36.77
N GLN D 410 -1.41 20.26 -37.78
CA GLN D 410 -1.18 21.66 -38.10
C GLN D 410 -1.82 22.59 -37.10
N ASN D 411 -2.83 22.08 -36.40
CA ASN D 411 -3.53 22.89 -35.41
C ASN D 411 -3.17 22.46 -34.01
N ASN D 412 -1.98 21.90 -33.89
CA ASN D 412 -1.39 21.57 -32.61
C ASN D 412 -2.13 20.47 -31.85
N PHE D 413 -2.68 19.51 -32.58
CA PHE D 413 -3.25 18.33 -32.00
C PHE D 413 -2.17 17.29 -32.06
N ASN D 414 -2.18 16.38 -31.09
CA ASN D 414 -1.17 15.33 -31.03
C ASN D 414 -1.78 13.98 -30.69
N ALA D 415 -3.07 13.97 -30.39
CA ALA D 415 -3.73 12.74 -30.03
C ALA D 415 -5.14 12.69 -30.61
N VAL D 416 -5.61 11.47 -30.91
CA VAL D 416 -6.96 11.29 -31.42
C VAL D 416 -7.63 10.10 -30.75
N ARG D 417 -8.94 10.18 -30.56
CA ARG D 417 -9.72 9.10 -29.99
C ARG D 417 -10.62 8.48 -31.06
N CYS D 418 -10.48 7.17 -31.25
CA CYS D 418 -11.33 6.43 -32.19
C CYS D 418 -12.76 6.29 -31.64
N SER D 419 -13.52 7.38 -31.71
CA SER D 419 -14.89 7.35 -31.24
C SER D 419 -15.81 6.79 -32.33
N HIS D 420 -16.57 5.74 -32.02
CA HIS D 420 -16.37 4.90 -30.85
C HIS D 420 -16.27 3.45 -31.32
N TYR D 421 -15.22 3.14 -32.08
CA TYR D 421 -15.10 1.84 -32.72
C TYR D 421 -13.71 1.72 -33.29
N PRO D 422 -13.20 0.50 -33.46
CA PRO D 422 -11.94 0.35 -34.17
C PRO D 422 -12.07 0.92 -35.59
N ASN D 423 -10.98 1.46 -36.11
CA ASN D 423 -11.05 2.19 -37.35
C ASN D 423 -10.59 1.44 -38.55
N HIS D 424 -10.77 2.07 -39.71
CA HIS D 424 -10.18 1.60 -40.94
C HIS D 424 -8.68 1.38 -40.69
N PRO D 425 -8.19 0.16 -40.96
CA PRO D 425 -6.86 -0.28 -40.59
C PRO D 425 -5.78 0.74 -40.92
N LEU D 426 -5.88 1.35 -42.10
CA LEU D 426 -4.88 2.29 -42.57
C LEU D 426 -4.73 3.48 -41.63
N TRP D 427 -5.79 3.77 -40.87
CA TRP D 427 -5.76 4.86 -39.92
C TRP D 427 -4.56 4.70 -38.96
N TYR D 428 -4.37 3.49 -38.48
CA TYR D 428 -3.30 3.22 -37.52
C TYR D 428 -1.91 3.38 -38.13
N THR D 429 -1.72 2.88 -39.33
CA THR D 429 -0.46 3.01 -40.06
C THR D 429 -0.11 4.50 -40.23
N LEU D 430 -1.10 5.31 -40.57
CA LEU D 430 -0.89 6.75 -40.73
C LEU D 430 -0.51 7.44 -39.42
N CYS D 431 -1.17 7.06 -38.33
CA CYS D 431 -0.82 7.59 -37.01
C CYS D 431 0.59 7.15 -36.59
N ASP D 432 0.90 5.89 -36.84
CA ASP D 432 2.25 5.38 -36.70
C ASP D 432 3.30 6.24 -37.43
N ARG D 433 3.00 6.66 -38.66
CA ARG D 433 4.00 7.37 -39.50
C ARG D 433 4.03 8.88 -39.37
N TYR D 434 2.86 9.51 -39.24
CA TYR D 434 2.81 10.96 -39.03
C TYR D 434 3.05 11.34 -37.59
N GLY D 435 2.59 10.49 -36.67
CA GLY D 435 2.78 10.68 -35.23
C GLY D 435 1.58 11.30 -34.54
N LEU D 436 0.63 10.46 -34.14
CA LEU D 436 -0.46 10.87 -33.22
C LEU D 436 -0.74 9.76 -32.23
N TYR D 437 -0.81 10.12 -30.95
CA TYR D 437 -1.23 9.21 -29.89
C TYR D 437 -2.69 8.80 -30.13
N VAL D 438 -2.97 7.50 -30.13
CA VAL D 438 -4.32 7.05 -30.44
C VAL D 438 -4.93 6.29 -29.29
N VAL D 439 -6.22 6.49 -29.08
CA VAL D 439 -7.03 5.67 -28.18
C VAL D 439 -7.87 4.74 -29.03
N ASP D 440 -7.70 3.43 -28.84
CA ASP D 440 -8.44 2.46 -29.65
C ASP D 440 -9.63 1.99 -28.87
N GLU D 441 -10.82 2.28 -29.39
CA GLU D 441 -12.04 2.01 -28.67
C GLU D 441 -12.80 0.80 -29.19
N ALA D 442 -13.19 -0.11 -28.29
CA ALA D 442 -14.10 -1.20 -28.63
C ALA D 442 -15.40 -0.71 -29.26
N ASN D 443 -15.93 -1.45 -30.23
CA ASN D 443 -17.23 -1.13 -30.82
C ASN D 443 -18.38 -1.50 -29.89
N ILE D 444 -18.50 -0.82 -28.75
CA ILE D 444 -19.57 -1.08 -27.79
C ILE D 444 -20.17 0.22 -27.24
N GLU D 445 -21.44 0.46 -27.53
CA GLU D 445 -22.17 1.58 -26.94
C GLU D 445 -23.61 1.19 -26.78
N THR D 446 -24.13 1.30 -25.55
CA THR D 446 -25.52 0.99 -25.24
C THR D 446 -26.23 2.16 -24.55
N HIS D 447 -26.17 3.34 -25.15
CA HIS D 447 -26.66 4.59 -24.53
C HIS D 447 -28.17 4.58 -24.32
N GLY D 448 -28.89 4.04 -25.29
CA GLY D 448 -30.35 4.08 -25.26
C GLY D 448 -31.03 3.06 -24.35
N MET D 449 -30.23 2.27 -23.62
CA MET D 449 -30.80 1.28 -22.70
C MET D 449 -31.24 1.96 -21.42
N VAL D 450 -32.09 1.31 -20.63
CA VAL D 450 -32.58 1.91 -19.40
C VAL D 450 -32.61 0.87 -18.26
N PRO D 451 -31.73 1.05 -17.24
CA PRO D 451 -30.67 2.06 -17.16
C PRO D 451 -29.54 1.73 -18.13
N MET D 452 -28.50 2.56 -18.18
CA MET D 452 -27.53 2.50 -19.28
C MET D 452 -26.78 1.19 -19.33
N ASN D 453 -26.69 0.54 -18.16
CA ASN D 453 -25.90 -0.67 -18.03
C ASN D 453 -26.69 -1.97 -18.12
N ARG D 454 -27.96 -1.89 -18.52
CA ARG D 454 -28.84 -3.06 -18.52
C ARG D 454 -28.21 -4.25 -19.24
N LEU D 455 -27.61 -3.99 -20.40
CA LEU D 455 -26.99 -5.07 -21.13
C LEU D 455 -25.61 -5.45 -20.56
N THR D 456 -24.76 -4.44 -20.31
CA THR D 456 -23.38 -4.67 -19.89
C THR D 456 -23.25 -5.33 -18.53
N ASP D 457 -24.31 -5.29 -17.73
CA ASP D 457 -24.29 -5.96 -16.45
C ASP D 457 -24.90 -7.37 -16.51
N ASP D 458 -25.24 -7.79 -17.72
CA ASP D 458 -25.90 -9.07 -17.94
C ASP D 458 -24.88 -10.09 -18.49
N PRO D 459 -24.55 -11.12 -17.69
CA PRO D 459 -23.63 -12.17 -18.15
C PRO D 459 -23.97 -12.68 -19.55
N ARG D 460 -25.24 -12.65 -19.92
CA ARG D 460 -25.69 -13.13 -21.23
C ARG D 460 -25.12 -12.29 -22.39
N TRP D 461 -24.61 -11.11 -22.07
CA TRP D 461 -24.05 -10.21 -23.08
C TRP D 461 -22.51 -10.15 -23.09
N LEU D 462 -21.89 -10.85 -22.14
CA LEU D 462 -20.43 -10.92 -22.04
C LEU D 462 -19.76 -11.51 -23.29
N PRO D 463 -20.34 -12.58 -23.88
CA PRO D 463 -19.74 -13.09 -25.10
C PRO D 463 -19.61 -12.06 -26.22
N ALA D 464 -20.73 -11.43 -26.57
CA ALA D 464 -20.77 -10.44 -27.64
C ALA D 464 -19.80 -9.28 -27.35
N MET D 465 -19.83 -8.78 -26.13
CA MET D 465 -18.97 -7.69 -25.73
C MET D 465 -17.50 -8.09 -25.73
N SER D 466 -17.20 -9.30 -25.30
CA SER D 466 -15.80 -9.72 -25.25
C SER D 466 -15.22 -9.76 -26.65
N GLU D 467 -16.01 -10.27 -27.60
CA GLU D 467 -15.56 -10.38 -28.99
C GLU D 467 -15.27 -9.03 -29.62
N ARG D 468 -15.93 -8.01 -29.13
CA ARG D 468 -15.70 -6.65 -29.60
C ARG D 468 -14.45 -6.02 -28.98
N VAL D 469 -14.02 -6.53 -27.83
CA VAL D 469 -12.79 -6.06 -27.19
C VAL D 469 -11.57 -6.91 -27.56
N THR D 470 -11.69 -8.23 -27.46
CA THR D 470 -10.54 -9.10 -27.65
C THR D 470 -10.04 -9.05 -29.09
N ARG D 471 -10.98 -9.03 -30.04
CA ARG D 471 -10.61 -8.99 -31.45
C ARG D 471 -10.02 -7.62 -31.88
N MET D 472 -10.38 -6.55 -31.17
CA MET D 472 -9.73 -5.26 -31.31
C MET D 472 -8.25 -5.36 -30.93
N VAL D 473 -8.00 -5.85 -29.72
CA VAL D 473 -6.63 -6.03 -29.24
C VAL D 473 -5.83 -6.94 -30.21
N GLN D 474 -6.40 -8.08 -30.55
CA GLN D 474 -5.74 -9.06 -31.42
C GLN D 474 -5.28 -8.46 -32.74
N ARG D 475 -6.09 -7.54 -33.29
CA ARG D 475 -5.82 -6.87 -34.57
C ARG D 475 -4.77 -5.76 -34.45
N ASP D 476 -4.88 -4.96 -33.39
CA ASP D 476 -4.25 -3.64 -33.33
C ASP D 476 -3.10 -3.52 -32.36
N ARG D 477 -2.79 -4.61 -31.66
CA ARG D 477 -1.85 -4.58 -30.54
C ARG D 477 -0.40 -4.29 -30.91
N ASN D 478 -0.09 -4.24 -32.19
CA ASN D 478 1.26 -3.96 -32.62
C ASN D 478 1.50 -2.52 -33.08
N HIS D 479 0.43 -1.73 -33.18
CA HIS D 479 0.54 -0.37 -33.69
C HIS D 479 1.03 0.55 -32.58
N PRO D 480 2.26 1.07 -32.72
CA PRO D 480 2.87 1.92 -31.70
C PRO D 480 2.02 3.14 -31.32
N SER D 481 1.27 3.68 -32.27
CA SER D 481 0.50 4.90 -32.02
C SER D 481 -0.62 4.69 -31.02
N VAL D 482 -1.08 3.45 -30.90
CA VAL D 482 -2.12 3.12 -29.92
C VAL D 482 -1.48 3.08 -28.56
N ILE D 483 -1.83 4.03 -27.71
CA ILE D 483 -1.28 4.09 -26.36
C ILE D 483 -2.27 3.68 -25.27
N ILE D 484 -3.57 3.75 -25.57
CA ILE D 484 -4.61 3.51 -24.58
C ILE D 484 -5.73 2.69 -25.22
N TRP D 485 -6.17 1.64 -24.54
CA TRP D 485 -7.32 0.86 -24.99
C TRP D 485 -8.56 1.37 -24.31
N SER D 486 -9.64 1.51 -25.06
CA SER D 486 -10.89 1.93 -24.45
C SER D 486 -11.93 0.83 -24.57
N LEU D 487 -12.66 0.61 -23.48
CA LEU D 487 -13.65 -0.47 -23.42
C LEU D 487 -14.94 -0.16 -24.15
N GLY D 488 -15.04 1.02 -24.73
CA GLY D 488 -16.27 1.41 -25.40
C GLY D 488 -16.77 2.76 -24.96
N SER D 489 -18.05 3.03 -25.22
CA SER D 489 -18.63 4.32 -24.96
C SER D 489 -20.03 4.18 -24.37
N GLU D 490 -20.34 5.09 -23.46
CA GLU D 490 -21.67 5.23 -22.85
C GLU D 490 -22.47 3.95 -22.83
N SER D 491 -22.07 3.03 -21.96
CA SER D 491 -22.78 1.79 -21.79
C SER D 491 -22.91 1.52 -20.31
N GLY D 492 -22.96 2.60 -19.52
CA GLY D 492 -22.96 2.53 -18.05
C GLY D 492 -21.74 1.76 -17.54
N HIS D 493 -21.83 1.30 -16.29
CA HIS D 493 -20.82 0.39 -15.75
C HIS D 493 -21.39 -0.98 -15.38
N GLY D 494 -20.93 -2.00 -16.09
CA GLY D 494 -21.41 -3.36 -15.87
C GLY D 494 -20.29 -4.27 -15.41
N ALA D 495 -20.66 -5.47 -14.93
CA ALA D 495 -19.67 -6.42 -14.48
C ALA D 495 -18.82 -6.86 -15.65
N ASN D 496 -19.44 -6.90 -16.83
CA ASN D 496 -18.74 -7.24 -18.06
C ASN D 496 -17.55 -6.32 -18.32
N HIS D 497 -17.74 -5.03 -18.08
CA HIS D 497 -16.65 -4.06 -18.16
C HIS D 497 -15.47 -4.47 -17.27
N ASP D 498 -15.76 -4.94 -16.06
CA ASP D 498 -14.69 -5.28 -15.13
C ASP D 498 -13.89 -6.46 -15.66
N ALA D 499 -14.60 -7.53 -15.99
CA ALA D 499 -14.02 -8.69 -16.63
C ALA D 499 -13.12 -8.27 -17.79
N LEU D 500 -13.68 -7.57 -18.77
CA LEU D 500 -12.94 -7.22 -19.97
C LEU D 500 -11.81 -6.21 -19.71
N TYR D 501 -11.91 -5.43 -18.65
CA TYR D 501 -10.79 -4.59 -18.25
C TYR D 501 -9.66 -5.51 -17.84
N ARG D 502 -9.94 -6.39 -16.89
CA ARG D 502 -8.90 -7.25 -16.37
C ARG D 502 -8.33 -8.08 -17.51
N TRP D 503 -9.15 -8.42 -18.50
CA TRP D 503 -8.69 -9.26 -19.58
C TRP D 503 -7.60 -8.54 -20.35
N ILE D 504 -7.87 -7.30 -20.72
CA ILE D 504 -6.86 -6.50 -21.41
C ILE D 504 -5.60 -6.39 -20.57
N LYS D 505 -5.77 -6.03 -19.30
CA LYS D 505 -4.64 -5.83 -18.38
C LYS D 505 -3.77 -7.07 -18.31
N SER D 506 -4.40 -8.23 -18.45
CA SER D 506 -3.68 -9.49 -18.39
C SER D 506 -3.00 -9.84 -19.71
N VAL D 507 -3.66 -9.55 -20.83
CA VAL D 507 -3.12 -9.86 -22.17
C VAL D 507 -2.08 -8.85 -22.62
N ASP D 508 -2.29 -7.56 -22.33
CA ASP D 508 -1.40 -6.51 -22.79
C ASP D 508 -1.13 -5.53 -21.66
N PRO D 509 -0.13 -5.84 -20.82
CA PRO D 509 0.28 -4.89 -19.79
C PRO D 509 0.89 -3.59 -20.33
N SER D 510 1.29 -3.55 -21.60
CA SER D 510 2.00 -2.39 -22.17
C SER D 510 1.20 -1.06 -22.26
N ARG D 511 -0.13 -1.15 -22.27
CA ARG D 511 -1.02 0.02 -22.37
C ARG D 511 -2.04 0.08 -21.22
N PRO D 512 -2.35 1.29 -20.73
CA PRO D 512 -3.43 1.43 -19.79
C PRO D 512 -4.78 1.25 -20.48
N VAL D 513 -5.79 0.92 -19.69
CA VAL D 513 -7.16 0.78 -20.20
C VAL D 513 -8.03 1.83 -19.54
N GLN D 514 -8.88 2.46 -20.35
CA GLN D 514 -9.76 3.50 -19.85
C GLN D 514 -11.17 3.19 -20.31
N TYR D 515 -12.13 3.67 -19.54
CA TYR D 515 -13.53 3.64 -19.92
C TYR D 515 -14.25 4.66 -19.05
N GLU D 516 -15.14 5.45 -19.65
CA GLU D 516 -15.80 6.56 -18.94
C GLU D 516 -17.09 6.15 -18.24
N GLY D 517 -17.73 5.08 -18.73
CA GLY D 517 -19.06 4.67 -18.27
C GLY D 517 -19.25 4.50 -16.77
N GLY D 518 -20.45 4.83 -16.29
CA GLY D 518 -20.83 4.56 -14.91
C GLY D 518 -20.12 5.40 -13.86
N GLY D 519 -19.70 6.61 -14.24
CA GLY D 519 -19.10 7.56 -13.31
C GLY D 519 -17.74 8.11 -13.66
N ALA D 520 -17.09 7.49 -14.65
CA ALA D 520 -15.77 7.92 -15.17
C ALA D 520 -14.55 7.58 -14.29
N ASP D 521 -14.81 7.08 -13.08
CA ASP D 521 -13.76 6.68 -12.13
C ASP D 521 -13.96 5.28 -11.54
N THR D 522 -14.74 4.44 -12.21
CA THR D 522 -15.00 3.07 -11.75
C THR D 522 -13.75 2.21 -11.70
N THR D 523 -13.90 1.00 -11.16
CA THR D 523 -12.80 0.05 -11.07
C THR D 523 -12.37 -0.45 -12.44
N ALA D 524 -13.17 -0.11 -13.46
CA ALA D 524 -12.89 -0.52 -14.82
C ALA D 524 -11.93 0.39 -15.61
N THR D 525 -11.37 1.41 -14.96
CA THR D 525 -10.56 2.40 -15.70
C THR D 525 -9.29 2.89 -14.97
N ASP D 526 -8.16 2.89 -15.68
CA ASP D 526 -6.87 3.32 -15.12
C ASP D 526 -6.73 4.83 -15.06
N ILE D 527 -7.58 5.52 -15.81
CA ILE D 527 -7.53 6.96 -16.01
C ILE D 527 -8.90 7.55 -15.69
N ILE D 528 -8.96 8.64 -14.94
CA ILE D 528 -10.23 9.32 -14.72
C ILE D 528 -10.53 10.06 -16.00
N CYS D 529 -11.62 9.69 -16.65
CA CYS D 529 -11.83 10.15 -18.03
C CYS D 529 -13.24 10.71 -18.27
N PRO D 530 -13.60 11.76 -17.51
CA PRO D 530 -14.96 12.27 -17.59
C PRO D 530 -15.26 12.90 -18.96
N MET D 531 -16.54 13.00 -19.28
CA MET D 531 -16.96 13.78 -20.44
C MET D 531 -17.65 15.07 -20.01
N TYR D 532 -17.15 16.19 -20.51
CA TYR D 532 -17.78 17.50 -20.34
C TYR D 532 -17.79 17.97 -18.89
N ALA D 533 -16.97 17.33 -18.04
CA ALA D 533 -16.71 17.85 -16.69
C ALA D 533 -16.17 19.25 -16.81
N ARG D 534 -16.70 20.15 -16.01
CA ARG D 534 -16.23 21.53 -16.04
C ARG D 534 -14.95 21.72 -15.22
N VAL D 535 -14.34 22.89 -15.32
CA VAL D 535 -13.05 23.16 -14.70
C VAL D 535 -13.15 23.57 -13.22
N ASP D 536 -14.05 24.50 -12.92
CA ASP D 536 -14.25 24.95 -11.54
C ASP D 536 -15.62 24.56 -10.97
N GLU D 537 -16.60 24.37 -11.86
CA GLU D 537 -18.00 24.16 -11.46
C GLU D 537 -18.33 22.67 -11.35
N ASP D 538 -18.75 22.25 -10.17
CA ASP D 538 -19.16 20.87 -9.95
C ASP D 538 -20.57 20.71 -10.46
N GLN D 539 -20.86 19.58 -11.11
CA GLN D 539 -22.24 19.24 -11.52
C GLN D 539 -22.62 17.92 -10.86
N PRO D 540 -23.08 18.00 -9.60
CA PRO D 540 -23.19 16.80 -8.76
C PRO D 540 -24.46 16.03 -9.05
N PHE D 541 -24.50 15.38 -10.20
CA PHE D 541 -25.58 14.45 -10.50
C PHE D 541 -25.57 13.31 -9.48
N PRO D 542 -26.76 12.77 -9.15
CA PRO D 542 -26.82 11.61 -8.27
C PRO D 542 -26.16 10.42 -8.94
N ALA D 543 -25.41 9.66 -8.12
CA ALA D 543 -24.74 8.39 -8.50
C ALA D 543 -23.63 8.50 -9.53
N VAL D 544 -23.67 9.53 -10.37
CA VAL D 544 -22.71 9.71 -11.46
C VAL D 544 -22.29 11.18 -11.63
N PRO D 545 -21.78 11.80 -10.55
CA PRO D 545 -21.57 13.24 -10.58
C PRO D 545 -20.43 13.61 -11.53
N LYS D 546 -20.50 14.80 -12.12
CA LYS D 546 -19.34 15.33 -12.85
C LYS D 546 -18.76 16.41 -11.96
N TRP D 547 -17.71 16.03 -11.24
CA TRP D 547 -16.97 16.98 -10.42
C TRP D 547 -16.13 17.84 -11.31
N SER D 548 -15.92 19.10 -10.91
CA SER D 548 -14.95 19.94 -11.56
C SER D 548 -13.60 19.23 -11.49
N ILE D 549 -12.88 19.27 -12.61
CA ILE D 549 -11.70 18.43 -12.79
C ILE D 549 -10.58 18.69 -11.79
N LYS D 550 -10.40 19.95 -11.39
CA LYS D 550 -9.43 20.34 -10.36
C LYS D 550 -9.83 19.74 -9.01
N LYS D 551 -11.12 19.62 -8.76
CA LYS D 551 -11.60 19.00 -7.54
C LYS D 551 -11.46 17.47 -7.58
N TRP D 552 -11.66 16.90 -8.76
CA TRP D 552 -11.81 15.46 -8.95
C TRP D 552 -10.55 14.70 -8.61
N LEU D 553 -9.41 15.28 -8.98
CA LEU D 553 -8.12 14.69 -8.70
C LEU D 553 -7.84 14.50 -7.21
N SER D 554 -8.43 15.33 -6.36
CA SER D 554 -8.00 15.45 -4.96
C SER D 554 -8.96 14.82 -3.98
N LEU D 555 -10.00 14.18 -4.51
CA LEU D 555 -10.97 13.46 -3.70
C LEU D 555 -10.28 12.42 -2.81
N PRO D 556 -10.78 12.23 -1.58
CA PRO D 556 -10.14 11.30 -0.68
C PRO D 556 -9.88 10.00 -1.38
N GLY D 557 -8.61 9.59 -1.40
CA GLY D 557 -8.20 8.28 -1.87
C GLY D 557 -7.91 8.22 -3.35
N GLU D 558 -8.20 9.31 -4.05
CA GLU D 558 -8.07 9.35 -5.50
C GLU D 558 -6.65 9.68 -5.93
N THR D 559 -6.06 8.81 -6.75
CA THR D 559 -4.65 8.95 -7.11
C THR D 559 -4.38 8.95 -8.61
N ARG D 560 -5.39 8.61 -9.42
CA ARG D 560 -5.19 8.43 -10.86
C ARG D 560 -5.09 9.76 -11.60
N PRO D 561 -4.44 9.76 -12.79
CA PRO D 561 -4.44 10.95 -13.64
C PRO D 561 -5.80 11.11 -14.34
N LEU D 562 -6.08 12.32 -14.79
CA LEU D 562 -7.36 12.63 -15.40
C LEU D 562 -7.18 13.22 -16.78
N ILE D 563 -7.79 12.57 -17.78
CA ILE D 563 -7.78 13.03 -19.17
C ILE D 563 -9.20 12.92 -19.73
N LEU D 564 -9.87 14.07 -19.92
CA LEU D 564 -11.27 14.08 -20.37
C LEU D 564 -11.40 13.35 -21.69
N CYS D 565 -12.27 12.35 -21.74
CA CYS D 565 -12.44 11.58 -22.96
C CYS D 565 -13.29 12.35 -23.96
N GLU D 566 -14.05 13.31 -23.46
CA GLU D 566 -14.75 14.27 -24.31
C GLU D 566 -14.90 15.58 -23.55
N TYR D 567 -14.45 16.68 -24.16
CA TYR D 567 -14.69 18.01 -23.58
C TYR D 567 -14.85 19.02 -24.69
N ALA D 568 -15.29 20.23 -24.34
CA ALA D 568 -15.45 21.34 -25.28
C ALA D 568 -16.29 20.99 -26.51
N HIS D 569 -17.60 20.83 -26.31
CA HIS D 569 -18.54 20.48 -27.38
C HIS D 569 -18.58 21.51 -28.50
N ALA D 570 -17.95 21.17 -29.64
CA ALA D 570 -17.76 22.12 -30.76
C ALA D 570 -18.99 22.37 -31.64
N MET D 571 -20.18 22.35 -31.05
CA MET D 571 -21.45 22.52 -31.77
C MET D 571 -21.73 23.97 -32.21
N GLY D 572 -21.72 24.20 -33.52
CA GLY D 572 -22.02 25.51 -34.09
C GLY D 572 -21.03 26.54 -33.62
N ASN D 573 -21.54 27.69 -33.22
CA ASN D 573 -20.71 28.74 -32.62
C ASN D 573 -20.39 28.37 -31.18
N SER D 574 -19.19 27.83 -30.96
CA SER D 574 -18.86 27.21 -29.67
C SER D 574 -17.38 27.26 -29.33
N LEU D 575 -16.98 26.42 -28.38
CA LEU D 575 -15.62 26.38 -27.79
C LEU D 575 -15.35 27.65 -27.00
N GLY D 576 -16.36 28.07 -26.25
CA GLY D 576 -16.26 29.21 -25.35
C GLY D 576 -15.85 28.67 -24.00
N GLY D 577 -14.83 29.26 -23.42
CA GLY D 577 -14.28 28.81 -22.16
C GLY D 577 -13.10 27.88 -22.41
N PHE D 578 -12.69 27.78 -23.66
CA PHE D 578 -11.63 26.83 -24.02
C PHE D 578 -10.32 27.09 -23.28
N ALA D 579 -9.91 28.35 -23.21
CA ALA D 579 -8.68 28.75 -22.53
C ALA D 579 -8.65 28.30 -21.08
N LYS D 580 -9.84 28.28 -20.45
CA LYS D 580 -9.93 27.91 -19.04
C LYS D 580 -9.42 26.49 -18.79
N TYR D 581 -9.72 25.58 -19.72
CA TYR D 581 -9.24 24.20 -19.63
C TYR D 581 -7.73 24.17 -19.69
N TRP D 582 -7.18 24.75 -20.75
CA TRP D 582 -5.74 24.69 -21.01
C TRP D 582 -4.89 25.36 -19.92
N GLN D 583 -5.45 26.38 -19.31
CA GLN D 583 -4.83 26.99 -18.14
C GLN D 583 -4.77 25.91 -17.04
N ALA D 584 -5.90 25.27 -16.81
CA ALA D 584 -6.00 24.27 -15.74
C ALA D 584 -5.11 23.07 -16.03
N PHE D 585 -5.02 22.68 -17.29
CA PHE D 585 -4.16 21.59 -17.71
C PHE D 585 -2.70 21.88 -17.36
N ARG D 586 -2.25 23.09 -17.69
CA ARG D 586 -0.84 23.46 -17.51
C ARG D 586 -0.47 23.67 -16.06
N GLN D 587 -1.43 24.06 -15.24
CA GLN D 587 -1.16 24.26 -13.82
C GLN D 587 -1.11 22.95 -13.03
N TYR D 588 -1.96 21.99 -13.39
CA TYR D 588 -2.08 20.75 -12.62
C TYR D 588 -1.37 19.59 -13.30
N PRO D 589 -0.34 19.03 -12.63
CA PRO D 589 0.39 17.90 -13.21
C PRO D 589 -0.53 16.74 -13.58
N ARG D 590 -1.51 16.42 -12.74
CA ARG D 590 -2.39 15.28 -13.02
C ARG D 590 -3.55 15.60 -13.98
N LEU D 591 -3.80 16.88 -14.27
CA LEU D 591 -4.67 17.20 -15.38
C LEU D 591 -3.81 17.10 -16.64
N GLN D 592 -4.03 16.05 -17.43
CA GLN D 592 -3.15 15.75 -18.57
C GLN D 592 -3.84 15.85 -19.92
N GLY D 593 -4.95 16.60 -19.95
CA GLY D 593 -5.50 17.09 -21.20
C GLY D 593 -6.85 16.51 -21.49
N GLY D 594 -7.13 16.28 -22.77
CA GLY D 594 -8.39 15.69 -23.17
C GLY D 594 -8.59 15.59 -24.68
N PHE D 595 -9.75 15.07 -25.06
CA PHE D 595 -10.10 14.97 -26.45
C PHE D 595 -11.34 15.83 -26.73
N VAL D 596 -11.17 16.82 -27.61
CA VAL D 596 -12.24 17.76 -27.96
C VAL D 596 -13.38 17.02 -28.68
N TRP D 597 -14.63 17.43 -28.44
CA TRP D 597 -15.74 16.85 -29.20
C TRP D 597 -16.43 17.86 -30.13
N ASP D 598 -16.32 17.65 -31.43
CA ASP D 598 -15.41 16.66 -32.01
C ASP D 598 -14.74 17.21 -33.26
N TRP D 599 -14.24 16.31 -34.10
CA TRP D 599 -13.40 16.75 -35.19
C TRP D 599 -14.18 17.38 -36.32
N VAL D 600 -15.08 16.60 -36.93
CA VAL D 600 -15.74 17.00 -38.18
C VAL D 600 -17.26 16.84 -38.11
N ASP D 601 -17.97 17.89 -38.50
CA ASP D 601 -19.44 17.87 -38.63
C ASP D 601 -19.93 16.66 -39.42
N GLN D 602 -20.95 15.98 -38.89
CA GLN D 602 -21.53 14.80 -39.55
C GLN D 602 -22.69 15.19 -40.46
N SER D 603 -22.39 16.06 -41.41
CA SER D 603 -23.37 16.51 -42.38
C SER D 603 -23.25 15.75 -43.70
N LEU D 604 -24.39 15.40 -44.27
CA LEU D 604 -24.46 14.75 -45.56
C LEU D 604 -24.93 15.73 -46.64
N ILE D 605 -24.36 15.60 -47.83
CA ILE D 605 -24.72 16.41 -49.00
C ILE D 605 -26.04 15.94 -49.60
N LYS D 606 -26.92 16.89 -49.88
CA LYS D 606 -28.14 16.63 -50.64
C LYS D 606 -28.14 17.52 -51.87
N TYR D 607 -29.17 17.42 -52.69
CA TYR D 607 -29.32 18.29 -53.88
C TYR D 607 -30.76 18.80 -54.01
N ASP D 608 -30.89 20.06 -54.47
CA ASP D 608 -32.20 20.68 -54.64
C ASP D 608 -32.71 20.50 -56.08
N GLU D 609 -33.69 21.31 -56.46
CA GLU D 609 -34.32 21.24 -57.79
C GLU D 609 -33.33 21.41 -58.96
N ASN D 610 -32.34 22.28 -58.76
CA ASN D 610 -31.37 22.61 -59.80
C ASN D 610 -30.11 21.73 -59.76
N GLY D 611 -30.03 20.85 -58.76
CA GLY D 611 -28.85 20.01 -58.54
C GLY D 611 -27.73 20.75 -57.82
N ASN D 612 -28.12 21.71 -56.99
CA ASN D 612 -27.17 22.46 -56.16
C ASN D 612 -26.99 21.75 -54.82
N PRO D 613 -25.73 21.46 -54.44
CA PRO D 613 -25.43 20.71 -53.22
C PRO D 613 -25.59 21.53 -51.95
N TRP D 614 -26.27 20.97 -50.94
CA TRP D 614 -26.39 21.64 -49.64
C TRP D 614 -26.17 20.68 -48.47
N SER D 615 -25.84 21.24 -47.30
CA SER D 615 -25.47 20.45 -46.12
C SER D 615 -26.69 20.08 -45.30
N ALA D 616 -26.82 18.80 -44.99
CA ALA D 616 -27.99 18.26 -44.28
C ALA D 616 -27.66 17.61 -42.94
N TYR D 617 -28.58 17.73 -41.98
CA TYR D 617 -28.49 17.01 -40.72
C TYR D 617 -29.66 16.04 -40.49
N GLY D 618 -29.84 15.59 -39.25
CA GLY D 618 -30.94 14.68 -38.92
C GLY D 618 -32.29 15.28 -39.26
N GLY D 619 -33.13 14.50 -39.92
CA GLY D 619 -34.48 14.92 -40.26
C GLY D 619 -34.59 15.37 -41.70
N ASP D 620 -33.45 15.36 -42.40
CA ASP D 620 -33.43 15.78 -43.79
C ASP D 620 -33.65 14.65 -44.79
N PHE D 621 -33.84 13.43 -44.28
CA PHE D 621 -34.05 12.28 -45.16
C PHE D 621 -35.37 11.58 -44.86
N GLY D 622 -36.22 12.29 -44.12
CA GLY D 622 -37.50 11.75 -43.66
C GLY D 622 -37.28 10.84 -42.47
N ASP D 623 -36.09 10.93 -41.88
CA ASP D 623 -35.75 10.12 -40.72
C ASP D 623 -36.38 10.69 -39.46
N THR D 624 -37.12 9.83 -38.76
CA THR D 624 -37.88 10.25 -37.58
C THR D 624 -38.23 9.05 -36.68
N PRO D 625 -38.03 9.18 -35.34
CA PRO D 625 -37.47 10.32 -34.62
C PRO D 625 -36.00 10.58 -34.99
N ASN D 626 -35.59 11.83 -34.84
CA ASN D 626 -34.22 12.23 -35.14
C ASN D 626 -33.75 13.32 -34.19
N ASP D 627 -32.45 13.58 -34.18
CA ASP D 627 -31.92 14.61 -33.31
C ASP D 627 -31.33 15.82 -34.08
N ARG D 628 -32.13 16.31 -35.02
CA ARG D 628 -31.80 17.52 -35.81
C ARG D 628 -30.30 17.78 -36.01
N GLN D 629 -29.77 18.87 -35.45
CA GLN D 629 -28.42 19.33 -35.77
C GLN D 629 -27.33 18.88 -34.80
N PHE D 630 -27.67 17.97 -33.88
CA PHE D 630 -26.71 17.45 -32.90
C PHE D 630 -25.58 16.60 -33.52
N CYS D 631 -25.69 16.27 -34.80
CA CYS D 631 -24.68 15.49 -35.50
C CYS D 631 -23.58 16.41 -36.06
N MET D 632 -23.62 17.68 -35.70
CA MET D 632 -22.61 18.65 -36.15
C MET D 632 -21.92 19.32 -34.97
N ASN D 633 -20.82 18.74 -34.54
CA ASN D 633 -20.11 19.22 -33.37
C ASN D 633 -18.63 19.43 -33.70
N GLY D 634 -18.34 19.65 -34.98
CA GLY D 634 -16.98 19.65 -35.47
C GLY D 634 -16.21 20.96 -35.33
N LEU D 635 -14.89 20.82 -35.23
CA LEU D 635 -14.03 21.98 -35.34
C LEU D 635 -13.83 22.29 -36.81
N VAL D 636 -14.20 21.35 -37.69
CA VAL D 636 -14.23 21.60 -39.13
C VAL D 636 -15.55 21.18 -39.76
N PHE D 637 -15.97 21.93 -40.79
CA PHE D 637 -17.11 21.54 -41.65
C PHE D 637 -16.87 20.18 -42.34
N ALA D 638 -17.91 19.63 -42.96
CA ALA D 638 -17.80 18.35 -43.68
C ALA D 638 -16.67 18.30 -44.73
N ASP D 639 -16.53 19.35 -45.53
CA ASP D 639 -15.47 19.42 -46.55
C ASP D 639 -14.09 19.77 -45.96
N ARG D 640 -14.01 19.81 -44.62
CA ARG D 640 -12.76 20.08 -43.89
C ARG D 640 -12.32 21.55 -43.92
N THR D 641 -13.23 22.42 -44.33
CA THR D 641 -13.08 23.85 -44.09
C THR D 641 -13.18 24.09 -42.58
N PRO D 642 -12.25 24.86 -42.01
CA PRO D 642 -12.26 25.08 -40.56
C PRO D 642 -13.48 25.82 -40.06
N HIS D 643 -13.80 25.65 -38.78
CA HIS D 643 -14.74 26.52 -38.08
C HIS D 643 -13.87 27.58 -37.44
N PRO D 644 -14.45 28.76 -37.13
CA PRO D 644 -13.67 29.74 -36.38
C PRO D 644 -13.05 29.10 -35.13
N ALA D 645 -13.75 28.11 -34.58
CA ALA D 645 -13.35 27.48 -33.33
C ALA D 645 -11.99 26.78 -33.39
N LEU D 646 -11.58 26.38 -34.59
CA LEU D 646 -10.34 25.61 -34.76
C LEU D 646 -9.13 26.36 -34.29
N THR D 647 -9.08 27.64 -34.64
CA THR D 647 -7.93 28.50 -34.36
C THR D 647 -7.73 28.78 -32.85
N GLU D 648 -8.85 28.87 -32.11
CA GLU D 648 -8.76 29.01 -30.67
C GLU D 648 -8.07 27.78 -30.08
N ALA D 649 -8.42 26.60 -30.61
CA ALA D 649 -7.79 25.33 -30.19
C ALA D 649 -6.32 25.28 -30.58
N LYS D 650 -6.03 25.71 -31.81
CA LYS D 650 -4.66 25.87 -32.26
C LYS D 650 -3.85 26.75 -31.32
N HIS D 651 -4.42 27.89 -30.96
CA HIS D 651 -3.73 28.83 -30.12
C HIS D 651 -3.50 28.22 -28.75
N GLN D 652 -4.53 27.59 -28.21
CA GLN D 652 -4.43 27.14 -26.82
C GLN D 652 -3.54 25.90 -26.66
N GLN D 653 -3.51 25.07 -27.69
CA GLN D 653 -2.71 23.84 -27.68
C GLN D 653 -1.27 24.06 -28.17
N GLN D 654 -0.82 25.32 -28.16
CA GLN D 654 0.54 25.66 -28.57
C GLN D 654 1.55 24.90 -27.74
N PHE D 655 2.70 24.62 -28.35
CA PHE D 655 3.79 23.90 -27.67
C PHE D 655 4.84 24.83 -27.12
N PHE D 656 4.69 26.12 -27.42
CA PHE D 656 5.55 27.16 -26.87
C PHE D 656 4.75 28.14 -26.02
N GLN D 657 5.23 28.41 -24.81
CA GLN D 657 4.59 29.40 -23.95
C GLN D 657 5.49 30.61 -23.74
N PHE D 658 4.90 31.78 -23.57
CA PHE D 658 5.62 33.04 -23.55
C PHE D 658 5.36 33.91 -22.33
N ARG D 659 6.41 34.55 -21.82
CA ARG D 659 6.27 35.61 -20.81
C ARG D 659 6.98 36.88 -21.28
N LEU D 660 6.55 38.04 -20.78
CA LEU D 660 7.21 39.29 -21.08
C LEU D 660 7.56 40.08 -19.82
N SER D 661 8.84 40.38 -19.64
CA SER D 661 9.31 41.13 -18.49
C SER D 661 10.26 42.21 -18.96
N GLY D 662 9.81 43.46 -18.90
CA GLY D 662 10.56 44.57 -19.48
C GLY D 662 10.60 44.41 -20.98
N GLN D 663 11.77 44.06 -21.51
CA GLN D 663 11.85 43.71 -22.94
C GLN D 663 12.53 42.38 -23.18
N THR D 664 12.36 41.49 -22.23
CA THR D 664 12.80 40.14 -22.37
C THR D 664 11.58 39.27 -22.67
N ILE D 665 11.63 38.57 -23.80
CA ILE D 665 10.65 37.52 -24.06
C ILE D 665 11.21 36.19 -23.57
N GLU D 666 10.55 35.62 -22.57
CA GLU D 666 10.87 34.28 -22.08
C GLU D 666 10.02 33.23 -22.82
N VAL D 667 10.66 32.53 -23.75
CA VAL D 667 10.09 31.42 -24.48
C VAL D 667 10.31 30.11 -23.71
N THR D 668 9.24 29.35 -23.50
CA THR D 668 9.31 28.10 -22.78
C THR D 668 8.78 26.96 -23.66
N SER D 669 9.56 25.89 -23.82
CA SER D 669 9.10 24.76 -24.62
C SER D 669 8.34 23.74 -23.79
N GLU D 670 7.16 23.38 -24.29
CA GLU D 670 6.36 22.34 -23.67
C GLU D 670 6.59 21.00 -24.35
N TYR D 671 7.52 20.95 -25.31
CA TYR D 671 7.93 19.69 -25.95
C TYR D 671 8.62 18.77 -24.94
N LEU D 672 8.40 17.45 -25.08
CA LEU D 672 8.98 16.45 -24.18
C LEU D 672 10.30 15.88 -24.68
N PHE D 673 10.43 15.72 -25.99
CA PHE D 673 11.59 15.04 -26.57
C PHE D 673 12.35 15.85 -27.59
N ARG D 674 11.67 16.54 -28.49
CA ARG D 674 12.37 17.27 -29.56
C ARG D 674 12.94 18.62 -29.13
N HIS D 675 14.09 18.96 -29.71
CA HIS D 675 14.69 20.28 -29.62
C HIS D 675 13.96 21.15 -30.63
N SER D 676 13.87 22.44 -30.37
CA SER D 676 13.18 23.34 -31.29
C SER D 676 14.03 23.59 -32.54
N ASP D 677 14.20 22.55 -33.35
CA ASP D 677 15.20 22.58 -34.43
C ASP D 677 14.65 23.06 -35.80
N ASN D 678 13.42 23.53 -35.81
CA ASN D 678 12.78 24.01 -37.02
C ASN D 678 11.81 25.16 -36.70
N GLU D 679 12.34 26.17 -36.03
CA GLU D 679 11.54 27.26 -35.47
C GLU D 679 12.33 28.54 -35.39
N LEU D 680 11.69 29.66 -35.71
CA LEU D 680 12.26 30.98 -35.41
C LEU D 680 11.20 31.93 -34.87
N LEU D 681 11.57 32.72 -33.87
CA LEU D 681 10.66 33.72 -33.34
C LEU D 681 10.69 34.94 -34.22
N HIS D 682 9.53 35.55 -34.36
CA HIS D 682 9.34 36.69 -35.24
C HIS D 682 8.56 37.71 -34.49
N TRP D 683 9.19 38.82 -34.16
CA TRP D 683 8.49 39.87 -33.43
C TRP D 683 8.18 41.08 -34.31
N MET D 684 7.11 41.77 -33.97
CA MET D 684 6.75 43.06 -34.56
C MET D 684 6.06 43.95 -33.52
N VAL D 685 6.39 45.23 -33.52
CA VAL D 685 5.70 46.20 -32.68
C VAL D 685 4.98 47.20 -33.57
N ALA D 686 3.67 47.32 -33.37
CA ALA D 686 2.83 48.21 -34.14
C ALA D 686 2.09 49.16 -33.21
N LEU D 687 1.94 50.41 -33.65
CA LEU D 687 1.09 51.37 -32.96
C LEU D 687 -0.23 51.40 -33.70
N ASP D 688 -1.33 51.16 -32.98
CA ASP D 688 -2.66 51.07 -33.58
C ASP D 688 -2.60 50.59 -35.04
N GLY D 689 -1.87 49.51 -35.28
CA GLY D 689 -1.83 48.86 -36.60
C GLY D 689 -0.68 49.20 -37.53
N LYS D 690 -0.05 50.35 -37.30
CA LYS D 690 1.08 50.77 -38.11
C LYS D 690 2.37 50.14 -37.61
N PRO D 691 3.06 49.37 -38.47
CA PRO D 691 4.35 48.73 -38.16
C PRO D 691 5.39 49.75 -37.75
N LEU D 692 6.17 49.43 -36.73
CA LEU D 692 7.24 50.30 -36.25
C LEU D 692 8.60 49.64 -36.38
N ALA D 693 8.72 48.46 -35.77
CA ALA D 693 9.96 47.72 -35.75
C ALA D 693 9.64 46.24 -35.87
N SER D 694 10.51 45.48 -36.51
CA SER D 694 10.36 44.02 -36.51
C SER D 694 11.70 43.28 -36.44
N GLY D 695 11.64 42.00 -36.09
CA GLY D 695 12.85 41.18 -35.98
C GLY D 695 12.60 39.71 -36.22
N GLU D 696 13.59 38.89 -35.88
CA GLU D 696 13.61 37.50 -36.28
C GLU D 696 14.79 36.81 -35.63
N VAL D 697 14.53 36.02 -34.59
CA VAL D 697 15.58 35.30 -33.85
C VAL D 697 15.33 33.79 -33.91
N PRO D 698 16.36 33.00 -34.30
CA PRO D 698 16.16 31.54 -34.32
C PRO D 698 15.91 30.97 -32.92
N LEU D 699 14.96 30.05 -32.81
CA LEU D 699 14.70 29.37 -31.54
C LEU D 699 15.57 28.14 -31.36
N ASP D 700 16.29 28.14 -30.25
CA ASP D 700 17.17 27.05 -29.89
C ASP D 700 16.79 26.66 -28.45
N VAL D 701 15.74 25.86 -28.30
CA VAL D 701 15.25 25.47 -26.99
C VAL D 701 15.20 23.96 -26.83
N ALA D 702 15.85 23.47 -25.77
CA ALA D 702 15.75 22.06 -25.37
C ALA D 702 14.32 21.76 -24.93
N PRO D 703 13.89 20.49 -25.04
CA PRO D 703 12.59 20.17 -24.48
C PRO D 703 12.51 20.67 -23.03
N GLN D 704 11.38 21.25 -22.66
CA GLN D 704 11.18 21.78 -21.30
C GLN D 704 12.06 22.98 -20.99
N GLY D 705 12.82 23.44 -21.97
CA GLY D 705 13.80 24.52 -21.78
C GLY D 705 13.25 25.92 -21.87
N LYS D 706 14.04 26.89 -21.45
CA LYS D 706 13.67 28.30 -21.49
C LYS D 706 14.69 29.06 -22.31
N GLN D 707 14.23 29.88 -23.25
CA GLN D 707 15.13 30.75 -23.99
C GLN D 707 14.76 32.21 -23.76
N LEU D 708 15.76 33.06 -23.54
CA LEU D 708 15.53 34.48 -23.32
C LEU D 708 15.89 35.27 -24.57
N ILE D 709 15.01 36.20 -24.94
CA ILE D 709 15.19 36.99 -26.14
C ILE D 709 15.17 38.47 -25.80
N GLU D 710 16.32 39.11 -26.02
CA GLU D 710 16.46 40.51 -25.68
C GLU D 710 16.03 41.37 -26.86
N LEU D 711 14.90 42.04 -26.69
CA LEU D 711 14.42 42.98 -27.69
C LEU D 711 15.29 44.22 -27.72
N PRO D 712 15.56 44.73 -28.95
CA PRO D 712 16.28 45.99 -29.09
C PRO D 712 15.52 47.16 -28.48
N GLU D 713 16.19 48.30 -28.40
CA GLU D 713 15.62 49.54 -27.88
C GLU D 713 14.39 49.94 -28.71
N LEU D 714 13.21 49.76 -28.11
CA LEU D 714 11.93 50.07 -28.74
C LEU D 714 11.80 51.58 -28.93
N PRO D 715 11.81 52.05 -30.19
CA PRO D 715 11.81 53.49 -30.43
C PRO D 715 10.44 54.09 -30.14
N GLN D 716 10.36 54.84 -29.03
CA GLN D 716 9.12 55.48 -28.59
C GLN D 716 8.47 56.26 -29.73
N PRO D 717 7.14 56.16 -29.86
CA PRO D 717 6.51 57.02 -30.83
C PRO D 717 6.04 58.31 -30.17
N GLU D 718 5.91 59.35 -30.98
CA GLU D 718 5.39 60.64 -30.54
C GLU D 718 3.86 60.57 -30.46
N SER D 719 3.24 60.17 -31.57
CA SER D 719 1.79 60.26 -31.77
C SER D 719 0.98 59.37 -30.84
N ALA D 720 -0.31 59.70 -30.75
CA ALA D 720 -1.26 59.01 -29.90
C ALA D 720 -1.40 57.55 -30.32
N GLY D 721 -1.66 56.70 -29.34
CA GLY D 721 -1.98 55.30 -29.62
C GLY D 721 -1.47 54.30 -28.61
N GLN D 722 -1.67 53.03 -28.95
CA GLN D 722 -1.20 51.93 -28.13
C GLN D 722 -0.20 51.10 -28.96
N LEU D 723 0.95 50.80 -28.38
CA LEU D 723 1.89 49.89 -29.02
C LEU D 723 1.50 48.45 -28.70
N TRP D 724 1.53 47.60 -29.72
CA TRP D 724 1.32 46.15 -29.52
C TRP D 724 2.53 45.33 -29.98
N LEU D 725 3.01 44.46 -29.09
CA LEU D 725 4.02 43.47 -29.48
C LEU D 725 3.34 42.17 -29.85
N THR D 726 3.68 41.65 -31.02
CA THR D 726 3.15 40.39 -31.54
C THR D 726 4.33 39.45 -31.81
N VAL D 727 4.38 38.31 -31.11
CA VAL D 727 5.35 37.27 -31.47
C VAL D 727 4.66 36.09 -32.11
N ARG D 728 5.35 35.46 -33.07
CA ARG D 728 4.87 34.23 -33.66
C ARG D 728 6.01 33.25 -33.90
N VAL D 729 5.69 31.96 -33.94
CA VAL D 729 6.71 30.97 -34.20
C VAL D 729 6.49 30.42 -35.61
N VAL D 730 7.51 30.58 -36.45
CA VAL D 730 7.44 30.11 -37.83
C VAL D 730 8.38 28.94 -37.98
N GLN D 731 7.97 27.97 -38.80
CA GLN D 731 8.80 26.82 -39.10
C GLN D 731 9.36 26.99 -40.52
N PRO D 732 10.64 27.40 -40.64
CA PRO D 732 11.22 27.73 -41.95
C PRO D 732 11.12 26.60 -42.98
N ASN D 733 11.29 25.35 -42.54
CA ASN D 733 11.33 24.18 -43.44
C ASN D 733 10.06 23.35 -43.44
N ALA D 734 9.70 22.82 -44.60
CA ALA D 734 8.58 21.90 -44.72
C ALA D 734 8.79 20.65 -43.86
N THR D 735 7.70 19.94 -43.54
CA THR D 735 7.76 18.63 -42.87
C THR D 735 6.78 17.72 -43.56
N ALA D 736 6.68 16.48 -43.10
CA ALA D 736 5.69 15.53 -43.61
C ALA D 736 4.27 16.06 -43.46
N TRP D 737 4.07 16.94 -42.49
CA TRP D 737 2.72 17.40 -42.13
C TRP D 737 2.44 18.88 -42.42
N SER D 738 3.47 19.63 -42.83
CA SER D 738 3.35 21.08 -42.96
C SER D 738 4.25 21.67 -44.04
N GLU D 739 3.75 22.73 -44.67
CA GLU D 739 4.52 23.52 -45.65
C GLU D 739 5.47 24.53 -44.97
N ALA D 740 6.41 25.07 -45.75
CA ALA D 740 7.35 26.06 -45.22
C ALA D 740 6.60 27.31 -44.77
N GLY D 741 7.07 27.90 -43.69
CA GLY D 741 6.47 29.13 -43.20
C GLY D 741 5.17 28.90 -42.43
N HIS D 742 4.89 27.65 -42.08
CA HIS D 742 3.77 27.34 -41.22
C HIS D 742 3.98 28.00 -39.85
N ILE D 743 2.91 28.58 -39.32
CA ILE D 743 2.94 29.27 -38.03
C ILE D 743 2.42 28.32 -36.97
N SER D 744 3.21 28.07 -35.94
CA SER D 744 2.83 27.06 -34.94
C SER D 744 2.37 27.67 -33.62
N ALA D 745 2.63 28.96 -33.42
CA ALA D 745 2.33 29.63 -32.15
C ALA D 745 2.44 31.13 -32.27
N TRP D 746 1.53 31.84 -31.58
CA TRP D 746 1.59 33.30 -31.48
C TRP D 746 1.14 33.81 -30.11
N GLN D 747 1.22 35.13 -29.92
CA GLN D 747 0.90 35.81 -28.66
C GLN D 747 1.17 37.33 -28.75
N GLN D 748 0.36 38.13 -28.05
CA GLN D 748 0.52 39.57 -28.05
C GLN D 748 0.68 40.14 -26.66
N TRP D 749 1.21 41.35 -26.57
CA TRP D 749 1.17 42.13 -25.34
C TRP D 749 0.96 43.60 -25.69
N ARG D 750 0.22 44.29 -24.83
CA ARG D 750 0.18 45.75 -24.83
C ARG D 750 1.50 46.26 -24.28
N LEU D 751 2.14 47.17 -25.00
CA LEU D 751 3.32 47.82 -24.47
C LEU D 751 2.95 49.20 -23.93
N ALA D 752 3.61 50.25 -24.42
CA ALA D 752 3.31 51.62 -23.99
C ALA D 752 2.02 52.09 -24.65
N GLU D 753 1.28 52.93 -23.93
CA GLU D 753 0.13 53.60 -24.50
C GLU D 753 0.29 55.08 -24.26
N ASN D 754 0.26 55.85 -25.34
CA ASN D 754 0.17 57.31 -25.26
C ASN D 754 -1.26 57.73 -25.55
N LEU D 755 -1.95 58.19 -24.51
CA LEU D 755 -3.33 58.65 -24.64
C LEU D 755 -3.38 59.99 -25.38
N SER D 756 -4.33 60.13 -26.31
CA SER D 756 -4.54 61.39 -27.02
C SER D 756 -5.08 62.48 -26.10
N VAL D 757 -4.46 63.64 -26.17
CA VAL D 757 -4.82 64.77 -25.33
C VAL D 757 -5.16 66.00 -26.16
N THR D 758 -4.79 65.98 -27.43
CA THR D 758 -5.00 67.15 -28.27
C THR D 758 -6.44 67.25 -28.75
N LEU D 759 -7.05 68.41 -28.52
CA LEU D 759 -8.37 68.75 -29.04
C LEU D 759 -8.30 68.83 -30.57
N PRO D 760 -9.37 68.35 -31.26
CA PRO D 760 -9.41 68.53 -32.71
C PRO D 760 -9.65 70.00 -33.04
N ALA D 761 -9.05 70.47 -34.15
CA ALA D 761 -9.12 71.88 -34.55
C ALA D 761 -10.57 72.37 -34.64
N ALA D 762 -10.85 73.49 -33.99
CA ALA D 762 -12.21 74.05 -33.87
C ALA D 762 -12.97 74.12 -35.20
N SER D 763 -14.27 73.88 -35.14
CA SER D 763 -15.14 73.73 -36.31
C SER D 763 -15.35 75.01 -37.11
N HIS D 764 -15.24 74.88 -38.43
CA HIS D 764 -15.52 75.97 -39.36
C HIS D 764 -17.03 76.25 -39.39
N ALA D 765 -17.83 75.19 -39.48
CA ALA D 765 -19.28 75.29 -39.62
C ALA D 765 -20.04 75.13 -38.30
N ILE D 766 -21.36 74.96 -38.39
CA ILE D 766 -22.23 74.82 -37.23
C ILE D 766 -23.60 74.24 -37.64
N PRO D 767 -24.03 73.13 -37.00
CA PRO D 767 -25.23 72.40 -37.43
C PRO D 767 -26.56 73.14 -37.22
N HIS D 768 -27.45 73.01 -38.21
CA HIS D 768 -28.78 73.66 -38.20
C HIS D 768 -29.90 72.68 -37.86
N LEU D 769 -30.78 73.08 -36.94
CA LEU D 769 -31.93 72.26 -36.52
C LEU D 769 -33.26 72.66 -37.20
N THR D 770 -34.03 71.66 -37.62
CA THR D 770 -35.35 71.90 -38.21
C THR D 770 -36.41 71.06 -37.49
N THR D 771 -37.20 71.72 -36.64
CA THR D 771 -38.16 71.06 -35.77
C THR D 771 -39.51 70.89 -36.47
N SER D 772 -40.14 69.76 -36.20
CA SER D 772 -41.45 69.43 -36.75
C SER D 772 -42.09 68.55 -35.69
N GLU D 773 -43.39 68.29 -35.80
CA GLU D 773 -44.07 67.52 -34.74
C GLU D 773 -43.53 66.10 -34.70
N MET D 774 -43.25 65.57 -35.89
CA MET D 774 -42.74 64.21 -36.07
C MET D 774 -41.23 64.07 -36.06
N ASP D 775 -40.51 65.16 -36.31
CA ASP D 775 -39.09 65.04 -36.63
C ASP D 775 -38.19 66.12 -36.09
N PHE D 776 -36.98 65.72 -35.73
CA PHE D 776 -35.88 66.62 -35.54
C PHE D 776 -34.94 66.34 -36.69
N CYS D 777 -34.91 67.23 -37.68
CA CYS D 777 -33.93 67.11 -38.76
C CYS D 777 -32.72 67.97 -38.38
N ILE D 778 -31.52 67.44 -38.59
CA ILE D 778 -30.27 68.19 -38.36
C ILE D 778 -29.49 68.24 -39.68
N GLU D 779 -28.95 69.41 -40.01
CA GLU D 779 -28.34 69.62 -41.32
C GLU D 779 -27.02 70.38 -41.23
N LEU D 780 -25.99 69.81 -41.87
CA LEU D 780 -24.67 70.41 -41.93
C LEU D 780 -24.05 70.03 -43.26
N GLY D 781 -23.83 71.02 -44.12
CA GLY D 781 -23.40 70.77 -45.50
C GLY D 781 -24.41 69.92 -46.26
N ASN D 782 -23.92 68.87 -46.91
CA ASN D 782 -24.80 67.92 -47.58
C ASN D 782 -25.15 66.72 -46.69
N LYS D 783 -24.62 66.74 -45.46
CA LYS D 783 -24.92 65.73 -44.44
C LYS D 783 -26.22 66.09 -43.73
N ARG D 784 -27.08 65.08 -43.52
CA ARG D 784 -28.39 65.25 -42.88
C ARG D 784 -28.75 64.06 -42.00
N TRP D 785 -29.21 64.36 -40.78
CA TRP D 785 -29.66 63.34 -39.83
C TRP D 785 -31.09 63.63 -39.42
N GLN D 786 -31.91 62.60 -39.37
CA GLN D 786 -33.28 62.80 -38.94
C GLN D 786 -33.70 61.85 -37.84
N PHE D 787 -34.17 62.42 -36.74
CA PHE D 787 -34.59 61.65 -35.57
C PHE D 787 -36.12 61.65 -35.45
N ASN D 788 -36.74 60.47 -35.54
CA ASN D 788 -38.20 60.35 -35.39
C ASN D 788 -38.66 60.60 -33.96
N ARG D 789 -39.55 61.58 -33.78
CA ARG D 789 -39.97 62.05 -32.46
C ARG D 789 -41.06 61.22 -31.82
N GLN D 790 -41.56 60.23 -32.55
CA GLN D 790 -42.57 59.31 -32.04
C GLN D 790 -41.91 58.03 -31.56
N SER D 791 -40.99 57.50 -32.35
CA SER D 791 -40.22 56.34 -31.96
C SER D 791 -39.04 56.73 -31.07
N GLY D 792 -38.35 57.82 -31.43
CA GLY D 792 -37.19 58.28 -30.67
C GLY D 792 -35.85 57.75 -31.16
N PHE D 793 -35.83 57.26 -32.41
CA PHE D 793 -34.63 56.69 -33.00
C PHE D 793 -34.16 57.45 -34.24
N LEU D 794 -32.86 57.42 -34.49
CA LEU D 794 -32.32 57.98 -35.72
C LEU D 794 -32.92 57.16 -36.86
N SER D 795 -33.85 57.77 -37.58
CA SER D 795 -34.62 57.06 -38.62
C SER D 795 -34.01 57.14 -40.01
N GLN D 796 -33.35 58.25 -40.33
CA GLN D 796 -32.68 58.35 -41.62
C GLN D 796 -31.43 59.21 -41.55
N MET D 797 -30.55 59.02 -42.51
CA MET D 797 -29.32 59.79 -42.65
C MET D 797 -29.13 60.09 -44.13
N TRP D 798 -28.75 61.31 -44.47
CA TRP D 798 -28.50 61.67 -45.87
C TRP D 798 -27.09 62.11 -46.14
N ILE D 799 -26.58 61.70 -47.29
CA ILE D 799 -25.42 62.32 -47.93
C ILE D 799 -25.92 62.76 -49.30
N GLY D 800 -26.01 64.09 -49.48
CA GLY D 800 -26.65 64.69 -50.63
C GLY D 800 -28.12 64.28 -50.65
N ASP D 801 -28.52 63.61 -51.73
CA ASP D 801 -29.89 63.11 -51.86
C ASP D 801 -29.93 61.57 -51.78
N LYS D 802 -28.93 60.99 -51.13
CA LYS D 802 -28.86 59.55 -50.96
C LYS D 802 -29.06 59.14 -49.50
N LYS D 803 -30.04 58.29 -49.26
CA LYS D 803 -30.33 57.74 -47.92
C LYS D 803 -29.19 56.81 -47.48
N GLN D 804 -29.03 56.63 -46.18
CA GLN D 804 -28.00 55.73 -45.67
C GLN D 804 -28.57 54.52 -44.95
N LEU D 805 -29.79 54.66 -44.42
CA LEU D 805 -30.41 53.62 -43.61
C LEU D 805 -31.64 53.04 -44.29
N LEU D 806 -31.79 51.72 -44.18
CA LEU D 806 -32.97 51.02 -44.70
C LEU D 806 -33.91 50.64 -43.57
N THR D 807 -33.36 50.56 -42.36
CA THR D 807 -34.15 50.52 -41.12
C THR D 807 -33.49 51.40 -40.05
N PRO D 808 -34.30 52.04 -39.18
CA PRO D 808 -33.76 52.89 -38.12
C PRO D 808 -32.73 52.22 -37.20
N LEU D 809 -31.86 53.03 -36.59
CA LEU D 809 -30.88 52.57 -35.61
C LEU D 809 -31.58 52.40 -34.27
N ARG D 810 -31.73 51.15 -33.85
CA ARG D 810 -32.44 50.82 -32.62
C ARG D 810 -31.57 49.98 -31.69
N ASP D 811 -31.84 50.06 -30.38
CA ASP D 811 -31.18 49.23 -29.38
C ASP D 811 -31.50 47.76 -29.61
N GLN D 812 -30.56 46.88 -29.29
CA GLN D 812 -30.79 45.45 -29.40
C GLN D 812 -30.25 44.72 -28.18
N PHE D 813 -31.08 43.88 -27.58
CA PHE D 813 -30.70 43.11 -26.40
C PHE D 813 -30.80 41.61 -26.63
N THR D 814 -30.96 41.21 -27.89
CA THR D 814 -31.10 39.79 -28.20
C THR D 814 -30.21 39.39 -29.36
N ARG D 815 -29.99 38.09 -29.48
CA ARG D 815 -29.27 37.53 -30.62
C ARG D 815 -29.98 36.29 -31.17
N ALA D 816 -29.74 36.04 -32.46
CA ALA D 816 -30.23 34.85 -33.14
C ALA D 816 -29.58 33.64 -32.48
N PRO D 817 -30.37 32.85 -31.73
CA PRO D 817 -29.90 31.90 -30.74
C PRO D 817 -28.84 30.93 -31.26
N LEU D 818 -27.77 30.76 -30.47
CA LEU D 818 -26.72 29.81 -30.79
C LEU D 818 -27.16 28.39 -30.41
N ASP D 819 -26.48 27.39 -30.96
CA ASP D 819 -26.71 26.01 -30.55
C ASP D 819 -26.63 25.84 -29.02
N ASN D 820 -25.57 26.37 -28.38
CA ASN D 820 -25.49 26.34 -26.92
C ASN D 820 -26.59 27.13 -26.20
N ASP D 821 -27.13 28.14 -26.89
CA ASP D 821 -28.26 28.94 -26.36
C ASP D 821 -29.54 28.11 -26.26
N ILE D 822 -29.77 27.26 -27.28
CA ILE D 822 -30.95 26.41 -27.38
C ILE D 822 -30.82 25.17 -26.51
N GLY D 823 -29.74 24.41 -26.73
CA GLY D 823 -29.50 23.19 -25.95
C GLY D 823 -30.31 22.05 -26.52
N VAL D 824 -31.02 21.35 -25.64
CA VAL D 824 -31.92 20.26 -26.07
C VAL D 824 -33.36 20.72 -26.33
N SER D 825 -33.61 22.03 -26.25
CA SER D 825 -34.97 22.55 -26.40
C SER D 825 -35.53 22.43 -27.83
N GLU D 826 -36.78 21.97 -27.92
CA GLU D 826 -37.52 21.88 -29.17
C GLU D 826 -38.88 22.55 -28.97
N ALA D 827 -39.66 22.69 -30.05
CA ALA D 827 -41.03 23.23 -29.94
C ALA D 827 -41.97 22.27 -29.18
N THR D 828 -41.75 20.97 -29.37
CA THR D 828 -42.56 19.92 -28.75
C THR D 828 -42.03 19.46 -27.38
N ARG D 829 -40.83 19.92 -27.03
CA ARG D 829 -40.27 19.71 -25.70
C ARG D 829 -39.48 20.95 -25.29
N ILE D 830 -40.03 21.68 -24.33
CA ILE D 830 -39.40 22.89 -23.82
C ILE D 830 -38.56 22.57 -22.58
N ASP D 831 -37.26 22.85 -22.65
CA ASP D 831 -36.39 22.87 -21.47
C ASP D 831 -36.35 24.31 -20.93
N PRO D 832 -37.15 24.59 -19.90
CA PRO D 832 -37.33 25.98 -19.46
C PRO D 832 -36.03 26.61 -18.94
N ASN D 833 -35.01 25.78 -18.78
CA ASN D 833 -33.74 26.21 -18.20
C ASN D 833 -32.72 26.75 -19.22
N ALA D 834 -32.86 26.37 -20.49
CA ALA D 834 -32.00 26.85 -21.57
C ALA D 834 -32.09 28.37 -21.76
N TRP D 835 -30.98 28.99 -22.16
CA TRP D 835 -30.93 30.46 -22.29
C TRP D 835 -32.05 31.03 -23.19
N VAL D 836 -32.12 30.51 -24.41
CA VAL D 836 -33.15 30.94 -25.36
C VAL D 836 -34.56 30.90 -24.72
N GLU D 837 -34.83 29.83 -23.98
CA GLU D 837 -36.10 29.64 -23.33
C GLU D 837 -36.34 30.58 -22.16
N ARG D 838 -35.27 31.12 -21.57
CA ARG D 838 -35.42 32.13 -20.53
C ARG D 838 -35.74 33.47 -21.18
N TRP D 839 -35.06 33.77 -22.29
CA TRP D 839 -35.24 35.04 -22.99
C TRP D 839 -36.63 35.12 -23.61
N LYS D 840 -37.06 34.02 -24.22
CA LYS D 840 -38.39 33.96 -24.83
C LYS D 840 -39.45 34.17 -23.77
N ALA D 841 -39.27 33.49 -22.64
CA ALA D 841 -40.23 33.55 -21.56
C ALA D 841 -40.25 34.91 -20.86
N ALA D 842 -39.10 35.58 -20.82
CA ALA D 842 -39.02 36.89 -20.19
C ALA D 842 -39.61 37.97 -21.08
N GLY D 843 -39.67 37.67 -22.38
CA GLY D 843 -40.24 38.56 -23.38
C GLY D 843 -39.21 39.42 -24.11
N HIS D 844 -37.94 39.05 -23.99
CA HIS D 844 -36.87 39.79 -24.65
C HIS D 844 -37.09 39.87 -26.16
N TYR D 845 -37.61 38.80 -26.74
CA TYR D 845 -37.83 38.81 -28.17
C TYR D 845 -39.08 39.60 -28.54
N GLN D 846 -40.02 39.68 -27.61
CA GLN D 846 -41.33 40.29 -27.85
C GLN D 846 -41.44 41.73 -27.35
N ALA D 847 -40.47 42.19 -26.56
CA ALA D 847 -40.55 43.52 -25.91
C ALA D 847 -40.47 44.68 -26.89
N GLU D 848 -41.41 45.62 -26.77
CA GLU D 848 -41.43 46.83 -27.64
C GLU D 848 -41.02 48.11 -26.90
N ALA D 849 -40.20 48.91 -27.59
CA ALA D 849 -39.72 50.18 -27.05
C ALA D 849 -40.88 51.15 -26.78
N ALA D 850 -40.89 51.76 -25.59
CA ALA D 850 -41.81 52.86 -25.32
C ALA D 850 -41.01 54.13 -25.09
N LEU D 851 -41.42 55.22 -25.74
CA LEU D 851 -40.65 56.46 -25.69
C LEU D 851 -40.96 57.23 -24.43
N LEU D 852 -39.92 57.58 -23.68
CA LEU D 852 -40.10 58.30 -22.41
C LEU D 852 -39.70 59.74 -22.56
N GLN D 853 -38.82 60.03 -23.51
CA GLN D 853 -38.17 61.32 -23.62
C GLN D 853 -37.49 61.44 -24.97
N CYS D 854 -37.61 62.61 -25.59
CA CYS D 854 -36.99 62.88 -26.87
C CYS D 854 -36.94 64.38 -27.04
N THR D 855 -35.77 64.97 -26.76
CA THR D 855 -35.56 66.41 -26.79
C THR D 855 -34.43 66.82 -27.73
N ALA D 856 -34.47 68.08 -28.15
CA ALA D 856 -33.44 68.67 -29.01
C ALA D 856 -32.97 69.97 -28.38
N ASP D 857 -31.66 70.22 -28.45
CA ASP D 857 -31.09 71.47 -27.93
C ASP D 857 -30.02 71.99 -28.90
N THR D 858 -29.97 73.30 -29.10
CA THR D 858 -28.90 73.87 -29.92
C THR D 858 -27.80 74.43 -29.03
N LEU D 859 -26.59 73.95 -29.26
CA LEU D 859 -25.44 74.38 -28.48
C LEU D 859 -24.65 75.40 -29.29
N ALA D 860 -23.47 75.76 -28.77
CA ALA D 860 -22.61 76.73 -29.42
C ALA D 860 -22.12 76.21 -30.77
N ASP D 861 -21.67 74.96 -30.79
CA ASP D 861 -21.10 74.37 -32.02
C ASP D 861 -21.67 72.98 -32.35
N ALA D 862 -22.78 72.62 -31.72
CA ALA D 862 -23.39 71.30 -31.91
C ALA D 862 -24.90 71.33 -31.73
N VAL D 863 -25.57 70.28 -32.19
CA VAL D 863 -26.94 70.02 -31.76
C VAL D 863 -26.93 68.75 -30.90
N LEU D 864 -27.64 68.79 -29.78
CA LEU D 864 -27.70 67.65 -28.88
C LEU D 864 -29.12 67.07 -28.78
N ILE D 865 -29.24 65.80 -29.11
CA ILE D 865 -30.51 65.08 -29.03
C ILE D 865 -30.44 64.17 -27.83
N THR D 866 -31.51 64.14 -27.04
CA THR D 866 -31.51 63.37 -25.82
C THR D 866 -32.72 62.47 -25.79
N THR D 867 -32.50 61.16 -25.76
CA THR D 867 -33.61 60.20 -25.76
C THR D 867 -33.59 59.28 -24.56
N ALA D 868 -34.75 58.70 -24.27
CA ALA D 868 -34.88 57.70 -23.23
C ALA D 868 -36.02 56.71 -23.54
N HIS D 869 -35.68 55.43 -23.66
CA HIS D 869 -36.64 54.36 -23.98
C HIS D 869 -36.76 53.32 -22.87
N ALA D 870 -37.94 52.73 -22.78
CA ALA D 870 -38.17 51.58 -21.92
C ALA D 870 -38.61 50.41 -22.80
N TRP D 871 -38.01 49.24 -22.59
CA TRP D 871 -38.51 48.02 -23.23
C TRP D 871 -39.31 47.25 -22.22
N GLN D 872 -40.54 46.91 -22.60
CA GLN D 872 -41.45 46.29 -21.64
C GLN D 872 -42.13 45.05 -22.16
N HIS D 873 -42.55 44.19 -21.22
CA HIS D 873 -43.33 42.99 -21.53
C HIS D 873 -44.25 42.64 -20.36
N GLN D 874 -45.55 42.62 -20.65
CA GLN D 874 -46.61 42.41 -19.67
C GLN D 874 -46.47 43.41 -18.53
N GLY D 875 -46.30 44.68 -18.88
CA GLY D 875 -46.14 45.75 -17.88
C GLY D 875 -44.97 45.54 -16.92
N LYS D 876 -43.98 44.76 -17.37
CA LYS D 876 -42.69 44.63 -16.71
C LYS D 876 -41.61 45.30 -17.57
N THR D 877 -40.84 46.17 -16.94
CA THR D 877 -39.80 46.91 -17.62
C THR D 877 -38.50 46.12 -17.56
N LEU D 878 -37.99 45.74 -18.72
CA LEU D 878 -36.78 44.93 -18.81
C LEU D 878 -35.53 45.78 -18.95
N PHE D 879 -35.56 46.72 -19.88
CA PHE D 879 -34.39 47.51 -20.19
C PHE D 879 -34.77 48.97 -20.35
N ILE D 880 -33.94 49.85 -19.81
CA ILE D 880 -34.04 51.29 -20.05
C ILE D 880 -32.79 51.76 -20.77
N SER D 881 -32.97 52.64 -21.75
CA SER D 881 -31.91 53.03 -22.63
C SER D 881 -31.93 54.54 -22.74
N ARG D 882 -31.00 55.18 -22.05
CA ARG D 882 -30.87 56.64 -22.06
C ARG D 882 -29.71 57.04 -22.94
N LYS D 883 -30.00 57.74 -24.02
CA LYS D 883 -28.97 58.14 -24.98
C LYS D 883 -28.76 59.66 -25.06
N THR D 884 -27.63 60.06 -25.66
CA THR D 884 -27.44 61.43 -26.14
C THR D 884 -26.74 61.32 -27.48
N TYR D 885 -27.12 62.19 -28.41
CA TYR D 885 -26.47 62.27 -29.70
C TYR D 885 -25.94 63.67 -29.85
N ARG D 886 -24.66 63.80 -30.17
CA ARG D 886 -24.04 65.11 -30.26
C ARG D 886 -23.36 65.32 -31.62
N ILE D 887 -24.01 66.14 -32.45
CA ILE D 887 -23.54 66.42 -33.81
C ILE D 887 -22.99 67.83 -33.83
N ASP D 888 -21.70 67.95 -34.11
CA ASP D 888 -21.02 69.23 -34.14
C ASP D 888 -20.60 69.61 -35.56
N GLY D 889 -19.91 70.75 -35.67
CA GLY D 889 -19.53 71.33 -36.94
C GLY D 889 -18.65 70.47 -37.82
N SER D 890 -17.90 69.54 -37.20
CA SER D 890 -17.05 68.62 -37.96
C SER D 890 -17.86 67.56 -38.69
N GLY D 891 -19.11 67.35 -38.25
CA GLY D 891 -19.99 66.35 -38.87
C GLY D 891 -19.96 64.98 -38.22
N GLN D 892 -19.41 64.91 -37.02
CA GLN D 892 -19.30 63.66 -36.26
C GLN D 892 -20.49 63.54 -35.32
N MET D 893 -21.05 62.33 -35.24
CA MET D 893 -22.16 62.08 -34.33
C MET D 893 -21.67 61.31 -33.11
N ALA D 894 -21.70 61.97 -31.95
CA ALA D 894 -21.25 61.36 -30.71
C ALA D 894 -22.41 60.71 -29.97
N ILE D 895 -22.53 59.40 -30.13
CA ILE D 895 -23.56 58.63 -29.45
C ILE D 895 -23.05 58.22 -28.06
N THR D 896 -23.92 58.37 -27.06
CA THR D 896 -23.64 57.92 -25.71
C THR D 896 -24.85 57.10 -25.27
N VAL D 897 -24.62 55.87 -24.84
CA VAL D 897 -25.71 54.98 -24.43
C VAL D 897 -25.55 54.47 -23.00
N ASP D 898 -26.64 54.54 -22.26
CA ASP D 898 -26.65 54.17 -20.85
C ASP D 898 -27.83 53.26 -20.52
N VAL D 899 -27.58 51.96 -20.48
CA VAL D 899 -28.63 50.96 -20.35
C VAL D 899 -28.78 50.44 -18.92
N GLU D 900 -30.03 50.30 -18.48
CA GLU D 900 -30.36 49.70 -17.18
C GLU D 900 -31.01 48.34 -17.44
N VAL D 901 -30.65 47.32 -16.67
CA VAL D 901 -31.20 45.98 -16.88
C VAL D 901 -31.77 45.44 -15.57
N ALA D 902 -33.09 45.30 -15.51
CA ALA D 902 -33.74 44.78 -14.32
C ALA D 902 -32.96 43.59 -13.73
N SER D 903 -32.67 43.64 -12.43
CA SER D 903 -31.90 42.58 -11.80
C SER D 903 -32.54 41.21 -11.94
N ASP D 904 -33.87 41.17 -11.99
CA ASP D 904 -34.60 39.88 -11.98
C ASP D 904 -34.96 39.37 -13.37
N THR D 905 -34.48 40.02 -14.42
CA THR D 905 -34.62 39.45 -15.76
C THR D 905 -33.41 38.56 -16.10
N PRO D 906 -33.61 37.50 -16.92
CA PRO D 906 -32.44 36.70 -17.27
C PRO D 906 -31.51 37.51 -18.14
N HIS D 907 -30.23 37.55 -17.78
CA HIS D 907 -29.25 38.44 -18.41
C HIS D 907 -29.29 38.43 -19.94
N PRO D 908 -29.22 39.61 -20.57
CA PRO D 908 -29.39 39.66 -22.02
C PRO D 908 -28.22 39.04 -22.78
N ALA D 909 -28.47 38.69 -24.02
CA ALA D 909 -27.46 38.18 -24.92
C ALA D 909 -26.48 39.27 -25.34
N ARG D 910 -26.97 40.52 -25.40
CA ARG D 910 -26.13 41.66 -25.78
C ARG D 910 -26.74 42.99 -25.33
N ILE D 911 -25.94 44.04 -25.42
CA ILE D 911 -26.41 45.40 -25.20
C ILE D 911 -25.77 46.23 -26.29
N GLY D 912 -26.56 46.56 -27.30
CA GLY D 912 -26.02 47.26 -28.46
C GLY D 912 -27.06 47.87 -29.39
N LEU D 913 -26.57 48.46 -30.47
CA LEU D 913 -27.42 49.07 -31.49
C LEU D 913 -27.33 48.27 -32.76
N ASN D 914 -28.46 48.14 -33.47
CA ASN D 914 -28.41 47.65 -34.84
C ASN D 914 -29.11 48.58 -35.83
N CYS D 915 -28.76 48.45 -37.10
CA CYS D 915 -29.45 49.17 -38.18
C CYS D 915 -29.10 48.53 -39.52
N GLN D 916 -30.04 48.57 -40.46
CA GLN D 916 -29.79 48.06 -41.80
C GLN D 916 -29.29 49.22 -42.67
N LEU D 917 -28.01 49.19 -43.03
CA LEU D 917 -27.41 50.19 -43.90
C LEU D 917 -27.89 49.99 -45.33
N ALA D 918 -28.02 51.10 -46.06
CA ALA D 918 -28.38 51.05 -47.49
C ALA D 918 -27.20 50.55 -48.32
N GLN D 919 -26.01 50.99 -47.92
CA GLN D 919 -24.75 50.69 -48.57
C GLN D 919 -24.51 49.18 -48.66
N VAL D 920 -23.96 48.74 -49.79
CA VAL D 920 -23.43 47.39 -49.88
C VAL D 920 -22.00 47.50 -50.39
N ALA D 921 -21.05 47.50 -49.46
CA ALA D 921 -19.63 47.64 -49.80
C ALA D 921 -18.93 46.27 -49.91
N GLU D 922 -17.81 46.24 -50.63
CA GLU D 922 -17.14 44.98 -50.91
C GLU D 922 -16.20 44.53 -49.79
N ARG D 923 -15.63 45.49 -49.09
CA ARG D 923 -14.62 45.21 -48.09
C ARG D 923 -15.13 45.60 -46.71
N VAL D 924 -14.50 45.08 -45.66
CA VAL D 924 -14.71 45.57 -44.29
C VAL D 924 -13.35 45.74 -43.62
N ASN D 925 -13.21 46.85 -42.89
CA ASN D 925 -11.90 47.26 -42.37
C ASN D 925 -12.04 47.72 -40.92
N TRP D 926 -11.32 47.06 -40.01
CA TRP D 926 -11.46 47.39 -38.60
C TRP D 926 -10.18 47.30 -37.80
N LEU D 927 -10.09 48.14 -36.77
CA LEU D 927 -8.98 48.11 -35.85
C LEU D 927 -9.43 47.42 -34.57
N GLY D 928 -9.01 46.16 -34.42
CA GLY D 928 -9.44 45.29 -33.32
C GLY D 928 -9.03 43.83 -33.48
N LEU D 929 -9.65 42.97 -32.67
CA LEU D 929 -9.32 41.54 -32.63
C LEU D 929 -9.80 40.84 -33.88
N GLY D 930 -8.88 40.16 -34.56
CA GLY D 930 -9.21 39.42 -35.77
C GLY D 930 -8.10 38.47 -36.16
N PRO D 931 -8.11 37.99 -37.42
CA PRO D 931 -9.10 38.30 -38.46
C PRO D 931 -10.41 37.51 -38.37
N GLN D 932 -10.38 36.36 -37.68
CA GLN D 932 -11.51 35.44 -37.65
C GLN D 932 -12.58 35.88 -36.64
N GLU D 933 -13.71 35.20 -36.66
CA GLU D 933 -14.78 35.41 -35.69
C GLU D 933 -14.26 35.18 -34.28
N ASN D 934 -14.50 36.13 -33.38
CA ASN D 934 -14.11 35.96 -31.97
C ASN D 934 -15.14 36.55 -31.01
N TYR D 935 -15.39 35.84 -29.91
CA TYR D 935 -16.36 36.25 -28.89
C TYR D 935 -15.67 36.40 -27.51
N PRO D 936 -16.35 36.99 -26.51
CA PRO D 936 -15.70 37.29 -25.22
C PRO D 936 -15.00 36.10 -24.57
N ASP D 937 -15.68 34.95 -24.52
CA ASP D 937 -15.09 33.71 -23.97
C ASP D 937 -14.39 32.89 -25.03
N ARG D 938 -14.17 33.49 -26.20
CA ARG D 938 -13.39 32.86 -27.26
C ARG D 938 -12.70 33.91 -28.11
N LEU D 939 -11.74 34.63 -27.50
CA LEU D 939 -10.98 35.65 -28.19
C LEU D 939 -9.48 35.59 -27.92
N THR D 940 -8.99 34.51 -27.33
CA THR D 940 -7.55 34.44 -27.09
C THR D 940 -6.76 34.22 -28.37
N ALA D 941 -7.34 33.45 -29.29
CA ALA D 941 -6.72 33.18 -30.60
C ALA D 941 -6.59 34.41 -31.51
N ALA D 942 -7.49 35.38 -31.37
CA ALA D 942 -7.46 36.56 -32.22
C ALA D 942 -6.38 37.57 -31.78
N CYS D 943 -5.79 38.28 -32.75
CA CYS D 943 -4.78 39.33 -32.49
C CYS D 943 -5.35 40.73 -32.78
N PHE D 944 -4.89 41.73 -32.02
CA PHE D 944 -5.26 43.13 -32.25
C PHE D 944 -4.41 43.76 -33.35
N ASP D 945 -5.05 44.15 -34.43
CA ASP D 945 -4.36 44.74 -35.58
C ASP D 945 -5.42 45.36 -36.51
N ARG D 946 -4.94 45.99 -37.58
CA ARG D 946 -5.78 46.57 -38.62
C ARG D 946 -6.06 45.46 -39.62
N TRP D 947 -7.34 45.12 -39.77
CA TRP D 947 -7.76 44.00 -40.61
C TRP D 947 -8.66 44.45 -41.76
N ASP D 948 -8.41 43.91 -42.95
CA ASP D 948 -9.20 44.20 -44.15
C ASP D 948 -9.60 42.88 -44.77
N LEU D 949 -10.90 42.62 -44.76
CA LEU D 949 -11.42 41.39 -45.35
C LEU D 949 -12.56 41.68 -46.33
N PRO D 950 -12.87 40.72 -47.22
CA PRO D 950 -14.10 40.91 -47.98
C PRO D 950 -15.28 40.69 -47.05
N LEU D 951 -16.42 41.31 -47.40
CA LEU D 951 -17.64 41.21 -46.60
C LEU D 951 -18.07 39.77 -46.28
N SER D 952 -17.94 38.87 -47.26
CA SER D 952 -18.37 37.48 -47.07
C SER D 952 -17.55 36.74 -46.00
N ASP D 953 -16.37 37.26 -45.67
CA ASP D 953 -15.56 36.70 -44.59
C ASP D 953 -16.05 37.10 -43.20
N MET D 954 -16.96 38.08 -43.14
CA MET D 954 -17.54 38.54 -41.87
C MET D 954 -18.78 37.74 -41.50
N TYR D 955 -19.06 36.70 -42.28
CA TYR D 955 -20.18 35.81 -42.03
C TYR D 955 -19.69 34.37 -41.95
N THR D 956 -20.10 33.68 -40.88
CA THR D 956 -19.69 32.28 -40.70
C THR D 956 -20.82 31.31 -41.06
N PRO D 957 -20.63 30.54 -42.15
CA PRO D 957 -21.67 29.67 -42.70
C PRO D 957 -22.02 28.45 -41.86
N TYR D 958 -22.32 28.66 -40.57
CA TYR D 958 -22.77 27.56 -39.71
C TYR D 958 -23.99 26.95 -40.36
N VAL D 959 -23.92 25.64 -40.58
CA VAL D 959 -24.98 24.91 -41.25
C VAL D 959 -26.33 25.24 -40.62
N PHE D 960 -26.38 25.23 -39.29
CA PHE D 960 -27.52 25.79 -38.60
C PHE D 960 -27.26 27.28 -38.28
N PRO D 961 -27.99 28.19 -38.95
CA PRO D 961 -27.85 29.63 -38.81
C PRO D 961 -28.08 30.15 -37.40
N SER D 962 -27.14 30.98 -36.94
CA SER D 962 -27.23 31.68 -35.67
C SER D 962 -26.44 32.98 -35.73
N GLU D 963 -26.38 33.63 -34.58
CA GLU D 963 -25.51 34.77 -34.33
C GLU D 963 -24.07 34.34 -34.65
N ASN D 964 -23.36 35.19 -35.39
CA ASN D 964 -22.03 34.85 -35.92
C ASN D 964 -21.25 36.03 -36.45
N GLY D 965 -19.93 35.90 -36.44
CA GLY D 965 -19.06 36.81 -37.18
C GLY D 965 -18.72 38.04 -36.40
N LEU D 966 -19.01 37.98 -35.10
CA LEU D 966 -18.64 39.03 -34.18
C LEU D 966 -17.14 39.11 -34.11
N ARG D 967 -16.65 40.33 -34.05
CA ARG D 967 -15.28 40.61 -33.68
C ARG D 967 -15.34 41.47 -32.41
N CYS D 968 -14.41 41.23 -31.49
CA CYS D 968 -14.40 41.95 -30.23
C CYS D 968 -13.25 42.94 -30.15
N GLY D 969 -13.29 43.78 -29.10
CA GLY D 969 -12.23 44.76 -28.84
C GLY D 969 -11.92 45.62 -30.04
N THR D 970 -12.97 46.08 -30.71
CA THR D 970 -12.80 46.92 -31.88
C THR D 970 -12.82 48.41 -31.51
N ARG D 971 -11.82 49.15 -31.98
CA ARG D 971 -11.72 50.59 -31.71
C ARG D 971 -12.08 51.46 -32.93
N GLU D 972 -12.16 50.84 -34.10
CA GLU D 972 -12.46 51.53 -35.35
C GLU D 972 -13.06 50.56 -36.34
N LEU D 973 -14.19 50.94 -36.93
CA LEU D 973 -14.83 50.11 -37.96
C LEU D 973 -15.13 50.91 -39.24
N ASN D 974 -14.66 50.41 -40.37
CA ASN D 974 -14.82 51.08 -41.66
C ASN D 974 -15.66 50.26 -42.62
N TYR D 975 -16.72 50.89 -43.12
CA TYR D 975 -17.55 50.27 -44.14
C TYR D 975 -18.02 51.31 -45.13
N GLY D 976 -17.61 51.14 -46.39
CA GLY D 976 -17.91 52.08 -47.46
C GLY D 976 -17.49 53.50 -47.08
N PRO D 977 -18.47 54.41 -46.99
CA PRO D 977 -18.23 55.78 -46.54
C PRO D 977 -18.29 55.93 -45.00
N HIS D 978 -18.78 54.93 -44.29
CA HIS D 978 -19.02 55.05 -42.85
C HIS D 978 -17.83 54.67 -41.98
N GLN D 979 -17.75 55.30 -40.82
CA GLN D 979 -16.76 54.91 -39.83
C GLN D 979 -17.28 55.09 -38.41
N TRP D 980 -17.19 54.01 -37.63
CA TRP D 980 -17.55 54.04 -36.23
C TRP D 980 -16.30 53.90 -35.39
N ARG D 981 -16.15 54.78 -34.39
CA ARG D 981 -15.03 54.70 -33.43
C ARG D 981 -15.55 54.58 -31.99
N GLY D 982 -14.83 53.80 -31.19
CA GLY D 982 -15.15 53.61 -29.78
C GLY D 982 -14.50 52.35 -29.25
N ASP D 983 -15.19 51.64 -28.37
CA ASP D 983 -14.67 50.42 -27.79
C ASP D 983 -15.79 49.38 -27.74
N PHE D 984 -15.94 48.60 -28.80
CA PHE D 984 -17.14 47.76 -28.94
C PHE D 984 -16.87 46.39 -29.55
N GLN D 985 -17.96 45.62 -29.73
CA GLN D 985 -17.96 44.38 -30.49
C GLN D 985 -18.95 44.60 -31.61
N PHE D 986 -18.77 43.96 -32.76
CA PHE D 986 -19.66 44.17 -33.88
C PHE D 986 -19.71 42.96 -34.78
N ASN D 987 -20.80 42.84 -35.54
CA ASN D 987 -20.82 42.01 -36.73
C ASN D 987 -21.53 42.72 -37.87
N ILE D 988 -21.27 42.28 -39.09
CA ILE D 988 -21.77 42.96 -40.25
C ILE D 988 -21.92 41.95 -41.37
N SER D 989 -23.16 41.78 -41.84
CA SER D 989 -23.47 40.75 -42.83
C SER D 989 -24.72 41.09 -43.63
N ARG D 990 -25.03 40.29 -44.64
CA ARG D 990 -26.24 40.48 -45.45
C ARG D 990 -27.48 39.81 -44.85
N TYR D 991 -27.40 39.39 -43.59
CA TYR D 991 -28.51 38.67 -42.94
C TYR D 991 -28.83 39.26 -41.58
N SER D 992 -30.09 39.66 -41.42
CA SER D 992 -30.60 40.15 -40.14
C SER D 992 -30.57 39.05 -39.07
N GLN D 993 -30.60 39.46 -37.81
CA GLN D 993 -30.71 38.52 -36.73
C GLN D 993 -32.01 37.73 -36.90
N GLN D 994 -33.09 38.44 -37.20
CA GLN D 994 -34.38 37.81 -37.45
C GLN D 994 -34.26 36.67 -38.48
N GLN D 995 -33.66 36.96 -39.64
CA GLN D 995 -33.58 35.93 -40.67
C GLN D 995 -32.83 34.72 -40.16
N LEU D 996 -31.64 34.95 -39.59
CA LEU D 996 -30.84 33.87 -38.98
C LEU D 996 -31.65 33.04 -37.96
N MET D 997 -32.32 33.71 -37.04
CA MET D 997 -33.18 33.08 -36.06
C MET D 997 -34.28 32.19 -36.70
N GLU D 998 -34.88 32.66 -37.78
CA GLU D 998 -36.02 31.97 -38.40
C GLU D 998 -35.62 30.92 -39.43
N THR D 999 -34.36 30.91 -39.85
CA THR D 999 -33.87 29.95 -40.84
C THR D 999 -33.16 28.76 -40.19
N SER D 1000 -33.58 27.56 -40.56
CA SER D 1000 -33.02 26.32 -39.99
C SER D 1000 -31.79 25.81 -40.73
N HIS D 1001 -31.60 26.26 -41.97
CA HIS D 1001 -30.48 25.81 -42.80
C HIS D 1001 -29.78 26.97 -43.48
N ARG D 1002 -28.45 26.88 -43.58
CA ARG D 1002 -27.68 27.94 -44.23
C ARG D 1002 -28.09 28.13 -45.67
N HIS D 1003 -28.40 27.04 -46.36
CA HIS D 1003 -28.66 27.11 -47.79
C HIS D 1003 -29.97 27.82 -48.13
N LEU D 1004 -30.86 27.95 -47.15
CA LEU D 1004 -32.13 28.62 -47.39
C LEU D 1004 -32.04 30.13 -47.14
N LEU D 1005 -30.88 30.61 -46.68
CA LEU D 1005 -30.66 32.03 -46.37
C LEU D 1005 -30.51 32.85 -47.64
N HIS D 1006 -31.06 34.05 -47.64
CA HIS D 1006 -30.94 34.90 -48.80
C HIS D 1006 -30.46 36.29 -48.44
N ALA D 1007 -29.63 36.86 -49.31
CA ALA D 1007 -29.08 38.17 -49.11
C ALA D 1007 -30.17 39.22 -48.98
N GLU D 1008 -30.20 39.94 -47.87
CA GLU D 1008 -31.15 41.04 -47.71
C GLU D 1008 -30.65 42.32 -48.41
N GLU D 1009 -31.58 43.18 -48.85
CA GLU D 1009 -31.21 44.47 -49.45
C GLU D 1009 -30.40 45.23 -48.42
N GLY D 1010 -29.30 45.85 -48.84
CA GLY D 1010 -28.42 46.56 -47.90
C GLY D 1010 -27.60 45.65 -46.98
N THR D 1011 -27.00 46.23 -45.95
CA THR D 1011 -26.09 45.49 -45.06
C THR D 1011 -26.51 45.66 -43.60
N TRP D 1012 -26.69 44.55 -42.90
CA TRP D 1012 -27.03 44.59 -41.47
C TRP D 1012 -25.80 44.72 -40.58
N LEU D 1013 -25.80 45.76 -39.75
CA LEU D 1013 -24.72 46.03 -38.81
C LEU D 1013 -25.20 45.88 -37.37
N ASN D 1014 -24.47 45.08 -36.60
CA ASN D 1014 -24.72 44.94 -35.16
C ASN D 1014 -23.54 45.43 -34.36
N ILE D 1015 -23.73 46.53 -33.64
CA ILE D 1015 -22.67 47.10 -32.82
C ILE D 1015 -23.05 46.94 -31.36
N ASP D 1016 -22.19 46.26 -30.60
CA ASP D 1016 -22.46 45.99 -29.21
C ASP D 1016 -21.46 46.60 -28.26
N GLY D 1017 -21.98 47.30 -27.26
CA GLY D 1017 -21.16 47.70 -26.13
C GLY D 1017 -20.73 46.43 -25.42
N PHE D 1018 -21.65 45.47 -25.33
CA PHE D 1018 -21.43 44.26 -24.56
C PHE D 1018 -22.10 43.06 -25.19
N HIS D 1019 -21.45 41.91 -25.08
CA HIS D 1019 -21.94 40.66 -25.65
C HIS D 1019 -21.66 39.47 -24.74
N MET D 1020 -22.72 38.73 -24.42
CA MET D 1020 -22.62 37.52 -23.62
C MET D 1020 -21.71 36.48 -24.26
N GLY D 1021 -21.00 35.73 -23.43
CA GLY D 1021 -20.18 34.61 -23.89
C GLY D 1021 -20.99 33.53 -24.57
N ILE D 1022 -20.32 32.58 -25.19
CA ILE D 1022 -21.00 31.64 -26.09
C ILE D 1022 -21.14 30.21 -25.55
N GLY D 1023 -20.60 29.95 -24.36
CA GLY D 1023 -20.68 28.62 -23.77
C GLY D 1023 -19.89 27.59 -24.58
N GLY D 1024 -20.12 26.31 -24.30
CA GLY D 1024 -19.39 25.26 -24.98
C GLY D 1024 -19.01 24.07 -24.13
N ASP D 1025 -18.84 24.28 -22.82
CA ASP D 1025 -18.52 23.16 -21.92
C ASP D 1025 -19.42 21.94 -22.22
N ASP D 1026 -20.67 22.21 -22.55
CA ASP D 1026 -21.51 21.27 -23.28
C ASP D 1026 -22.57 22.04 -24.08
N SER D 1027 -23.49 21.33 -24.73
CA SER D 1027 -24.52 21.97 -25.53
C SER D 1027 -25.93 21.53 -25.16
N TRP D 1028 -26.10 21.10 -23.90
CA TRP D 1028 -27.41 20.67 -23.41
C TRP D 1028 -27.80 21.30 -22.07
N SER D 1029 -26.91 22.10 -21.51
CA SER D 1029 -27.24 22.89 -20.33
C SER D 1029 -26.56 24.25 -20.42
N PRO D 1030 -27.05 25.23 -19.63
CA PRO D 1030 -26.38 26.52 -19.61
C PRO D 1030 -24.90 26.32 -19.30
N SER D 1031 -24.05 26.87 -20.17
CA SER D 1031 -22.61 26.65 -20.06
C SER D 1031 -21.80 27.94 -20.20
N VAL D 1032 -22.47 29.08 -20.28
CA VAL D 1032 -21.74 30.35 -20.28
C VAL D 1032 -21.40 30.67 -18.84
N SER D 1033 -20.09 30.73 -18.56
CA SER D 1033 -19.57 31.00 -17.22
C SER D 1033 -19.97 32.39 -16.72
N ALA D 1034 -20.04 32.55 -15.41
CA ALA D 1034 -20.57 33.76 -14.78
C ALA D 1034 -19.90 35.08 -15.21
N GLU D 1035 -18.59 35.05 -15.44
CA GLU D 1035 -17.87 36.28 -15.79
C GLU D 1035 -18.10 36.74 -17.24
N PHE D 1036 -18.82 35.94 -18.02
CA PHE D 1036 -19.16 36.35 -19.38
C PHE D 1036 -20.67 36.56 -19.56
N GLN D 1037 -21.36 36.63 -18.43
CA GLN D 1037 -22.79 36.90 -18.40
C GLN D 1037 -22.99 38.39 -18.15
N LEU D 1038 -23.94 38.99 -18.85
CA LEU D 1038 -24.14 40.42 -18.76
C LEU D 1038 -25.04 40.71 -17.56
N SER D 1039 -24.43 40.90 -16.41
CA SER D 1039 -25.20 41.00 -15.17
C SER D 1039 -24.93 42.26 -14.34
N ALA D 1040 -24.04 43.13 -14.83
CA ALA D 1040 -23.65 44.35 -14.13
C ALA D 1040 -24.86 45.25 -13.76
N GLY D 1041 -25.94 45.13 -14.52
CA GLY D 1041 -27.17 45.86 -14.24
C GLY D 1041 -27.21 47.19 -14.96
N ARG D 1042 -26.10 47.92 -14.89
CA ARG D 1042 -25.98 49.19 -15.60
C ARG D 1042 -24.76 49.13 -16.51
N TYR D 1043 -24.94 49.52 -17.77
CA TYR D 1043 -23.90 49.42 -18.79
C TYR D 1043 -23.75 50.70 -19.56
N HIS D 1044 -22.51 51.04 -19.89
CA HIS D 1044 -22.19 52.25 -20.64
C HIS D 1044 -21.28 51.99 -21.85
N TYR D 1045 -21.64 52.60 -22.97
CA TYR D 1045 -20.73 52.64 -24.12
C TYR D 1045 -21.00 53.87 -24.96
N GLN D 1046 -19.92 54.39 -25.56
CA GLN D 1046 -20.00 55.60 -26.37
C GLN D 1046 -19.43 55.36 -27.76
N LEU D 1047 -20.17 55.80 -28.78
CA LEU D 1047 -19.70 55.69 -30.14
C LEU D 1047 -19.54 57.04 -30.79
N VAL D 1048 -18.75 57.07 -31.85
CA VAL D 1048 -18.64 58.24 -32.71
C VAL D 1048 -18.83 57.76 -34.13
N TRP D 1049 -19.86 58.30 -34.79
CA TRP D 1049 -20.20 57.95 -36.18
C TRP D 1049 -19.95 59.12 -37.12
N CYS D 1050 -18.94 58.97 -37.97
CA CYS D 1050 -18.65 59.99 -38.98
C CYS D 1050 -18.65 59.42 -40.39
N GLN D 1051 -18.75 60.31 -41.37
CA GLN D 1051 -18.43 59.97 -42.74
C GLN D 1051 -17.12 60.67 -43.08
N LYS D 1052 -16.02 59.91 -43.00
CA LYS D 1052 -14.69 60.37 -43.39
C LYS D 1052 -14.57 60.47 -44.92
C1 GTZ E . -4.30 -35.06 -9.99
C2 GTZ E . -5.36 -34.08 -9.64
C3 GTZ E . -6.52 -34.70 -8.83
C4 GTZ E . -6.67 -36.23 -8.96
C5 GTZ E . -5.37 -37.03 -8.81
C6 GTZ E . -5.53 -38.50 -9.21
N1 GTZ E . -3.16 -34.87 -10.72
O2 GTZ E . -4.75 -33.04 -8.88
O3 GTZ E . -7.76 -34.07 -9.22
O4 GTZ E . -7.27 -36.51 -10.23
N5 GTZ E . -4.32 -36.34 -9.62
O6 GTZ E . -6.13 -39.22 -8.12
NA GTZ E . -3.20 -37.04 -10.08
NB GTZ E . -2.45 -36.08 -10.79
MG MG F . -7.41 -33.89 -13.50
NA NA G . -8.17 -40.13 -9.01
NA NA H . -3.37 -22.16 11.47
S DMS I . -18.25 -31.51 14.53
O DMS I . -18.11 -29.92 15.39
C1 DMS I . -17.50 -31.35 12.87
C2 DMS I . -17.15 -32.73 15.32
S DMS J . -36.24 -24.29 -2.58
O DMS J . -37.48 -25.16 -3.57
C1 DMS J . -36.97 -22.87 -1.73
C2 DMS J . -35.78 -25.33 -1.15
S DMS K . -37.55 -1.01 3.43
O DMS K . -36.64 -2.46 2.90
C1 DMS K . -39.30 -1.19 2.99
C2 DMS K . -37.69 -1.01 5.24
S DMS L . -49.70 -10.59 0.62
O DMS L . -49.43 -10.60 2.39
C1 DMS L . -50.97 -11.81 0.19
C2 DMS L . -50.61 -9.07 0.23
S DMS M . -33.75 -50.01 -15.51
O DMS M . -34.00 -48.36 -16.17
C1 DMS M . -32.45 -50.86 -16.44
C2 DMS M . -33.03 -49.87 -13.86
S DMS N . -3.92 -14.06 -26.69
O DMS N . -5.62 -13.95 -27.28
C1 DMS N . -3.96 -14.46 -24.92
C2 DMS N . -3.08 -15.51 -27.38
C1 GTZ O . 22.04 -12.99 26.31
C2 GTZ O . 22.40 -11.93 25.34
C3 GTZ O . 23.87 -11.99 24.88
C4 GTZ O . 24.82 -12.79 25.80
C5 GTZ O . 24.27 -14.16 26.19
C6 GTZ O . 25.19 -14.84 27.19
N1 GTZ O . 20.87 -13.18 26.99
O2 GTZ O . 21.54 -12.08 24.20
O3 GTZ O . 24.43 -10.68 24.66
O4 GTZ O . 25.07 -12.02 26.98
N5 GTZ O . 22.88 -13.95 26.67
O6 GTZ O . 26.23 -15.43 26.41
NA GTZ O . 22.29 -14.83 27.62
NB GTZ O . 21.00 -14.31 27.82
MG MG P . 23.31 -8.49 28.04
MG MG Q . 27.02 12.75 33.34
NA NA R . 28.08 -14.46 27.59
NA NA S . 17.86 -17.48 2.49
S DMS T . 30.90 4.44 0.93
O DMS T . 32.26 3.34 0.56
C1 DMS T . 29.66 4.34 -0.39
C2 DMS T . 29.90 3.77 2.28
S DMS U . 35.61 -16.41 1.82
O DMS U . 34.32 -16.43 0.56
C1 DMS U . 34.95 -15.72 3.36
C2 DMS U . 36.00 -18.11 2.28
S DMS V . 42.52 8.04 7.86
O DMS V . 42.41 8.02 6.05
C1 DMS V . 43.88 6.95 8.40
C2 DMS V . 43.13 9.64 8.44
S DMS W . 31.09 19.14 -10.00
O DMS W . 31.01 18.26 -8.43
C1 DMS W . 31.99 20.70 -9.77
C2 DMS W . 32.20 18.30 -11.16
S DMS X . 46.64 -20.73 29.10
O DMS X . 45.37 -20.01 30.15
C1 DMS X . 48.06 -19.60 29.04
C2 DMS X . 47.39 -22.18 29.92
S DMS Y . 26.94 22.64 -4.92
O DMS Y . 27.35 22.54 -3.17
C1 DMS Y . 26.14 24.24 -5.31
C2 DMS Y . 28.45 22.76 -5.92
S DMS Z . 52.96 -1.92 32.98
O DMS Z . 52.52 -0.48 31.98
C1 DMS Z . 52.10 -1.85 34.58
C2 DMS Z . 52.23 -3.41 32.24
S DMS AA . 32.96 14.91 -13.14
O DMS AA . 32.16 13.30 -13.12
C1 DMS AA . 34.55 14.77 -14.01
C2 DMS AA . 32.05 16.00 -14.28
C1 GTZ BA . 5.70 35.20 8.73
C2 GTZ BA . 5.25 34.14 9.66
C3 GTZ BA . 4.24 34.68 10.72
C4 GTZ BA . 4.30 36.19 10.97
C5 GTZ BA . 4.21 37.01 9.69
C6 GTZ BA . 4.36 38.52 9.93
N1 GTZ BA . 6.62 35.11 7.73
O2 GTZ BA . 4.65 33.10 8.90
O3 GTZ BA . 4.42 33.99 11.98
O4 GTZ BA . 5.51 36.50 11.68
N5 GTZ BA . 5.24 36.44 8.76
O6 GTZ BA . 3.15 38.97 10.57
NA GTZ BA . 5.83 37.24 7.77
NB GTZ BA . 6.73 36.37 7.12
MG MG CA . 8.98 34.01 12.49
MG MG DA . 22.11 26.28 28.58
NA NA EA . 3.67 39.79 12.78
NA NA FA . -13.33 20.95 2.94
S DMS GA . -8.85 12.98 26.84
O DMS GA . -9.79 14.15 27.83
C1 DMS GA . -9.82 12.40 25.42
C2 DMS GA . -7.49 13.80 25.96
S DMS HA . -21.01 31.79 3.40
O DMS HA . -20.54 31.51 5.12
C1 DMS HA . -20.68 33.51 2.99
C2 DMS HA . -19.87 30.97 2.26
S DMS IA . -20.41 28.43 17.59
O DMS IA . -20.90 27.04 16.57
C1 DMS IA . -18.61 28.46 17.80
C2 DMS IA . -20.69 29.96 16.66
S DMS JA . -10.00 -2.89 36.52
O DMS JA . -9.54 -1.20 36.07
C1 DMS JA . -10.58 -2.95 38.24
C2 DMS JA . -11.53 -3.30 35.61
S DMS KA . -5.86 53.34 23.19
O DMS KA . -4.23 53.39 22.43
C1 DMS KA . -5.88 52.26 24.66
C2 DMS KA . -6.26 54.96 23.94
S DMS LA . 4.84 47.64 40.25
O DMS LA . 3.91 46.28 39.54
C1 DMS LA . 4.78 49.09 39.16
C2 DMS LA . 3.94 48.29 41.70
S DMS MA . -7.99 24.08 41.75
O DMS MA . -7.95 25.87 41.53
C1 DMS MA . -7.48 23.29 40.20
C2 DMS MA . -6.59 23.59 42.80
S DMS NA . 0.13 19.12 54.59
O DMS NA . 1.79 19.78 54.67
C1 DMS NA . -0.37 18.55 56.24
C2 DMS NA . -1.03 20.49 54.31
C1 GTZ OA . -23.10 12.85 -25.55
C2 GTZ OA . -21.93 11.98 -25.81
C3 GTZ OA . -21.13 12.42 -27.05
C4 GTZ OA . -21.85 13.31 -28.09
C5 GTZ OA . -22.72 14.43 -27.51
C6 GTZ OA . -23.74 14.97 -28.53
N1 GTZ OA . -24.02 12.75 -24.57
O2 GTZ OA . -21.06 12.04 -24.68
O3 GTZ OA . -20.67 11.23 -27.72
O4 GTZ OA . -22.65 12.45 -28.92
N5 GTZ OA . -23.41 13.91 -26.30
O6 GTZ OA . -23.09 15.77 -29.51
NA GTZ OA . -24.57 14.54 -25.83
NB GTZ OA . -24.96 13.79 -24.71
MG MG PA . -23.91 8.54 -27.18
NA NA QA . -23.21 14.56 -31.58
NA NA RA . -0.83 18.99 -16.63
S DMS SA . 5.32 -1.30 -30.58
O DMS SA . 5.64 -0.34 -32.07
C1 DMS SA . 6.11 -0.54 -29.14
C2 DMS SA . 3.60 -1.14 -30.07
S DMS TA . 3.28 19.92 -33.89
O DMS TA . 4.45 19.52 -32.57
C1 DMS TA . 1.68 19.15 -33.52
C2 DMS TA . 2.92 21.69 -33.82
S DMS UA . 17.19 -15.52 -29.68
O DMS UA . 15.41 -15.27 -29.63
C1 DMS UA . 17.61 -16.69 -31.00
C2 DMS UA . 18.06 -14.04 -30.28
S DMS VA . 15.49 -17.27 -44.52
O DMS VA . 16.89 -18.38 -44.29
C1 DMS VA . 16.07 -15.55 -44.41
C2 DMS VA . 14.88 -17.35 -46.23
S DMS WA . -13.05 -7.00 -58.91
O DMS WA . -14.29 -6.70 -57.64
C1 DMS WA . -11.46 -6.28 -58.43
C2 DMS WA . -12.63 -8.77 -59.01
S DMS XA . -21.72 22.69 -49.45
O DMS XA . -23.10 21.67 -48.90
C1 DMS XA . -20.28 21.63 -49.80
C2 DMS XA . -22.07 23.36 -51.11
S DMS YA . 0.65 -3.64 -48.84
O DMS YA . -0.33 -2.82 -50.09
C1 DMS YA . 1.24 -2.40 -47.65
C2 DMS YA . -0.39 -4.66 -47.76
#